data_9H8Q
#
_entry.id   9H8Q
#
_cell.length_a   90.439
_cell.length_b   110.197
_cell.length_c   117.536
_cell.angle_alpha   89.87
_cell.angle_beta   89.34
_cell.angle_gamma   68.51
#
_symmetry.space_group_name_H-M   'P 1'
#
loop_
_entity.id
_entity.type
_entity.pdbx_description
1 polymer 'Probable vanillyl-alcohol oxidase'
2 non-polymer 'FLAVIN-ADENINE DINUCLEOTIDE'
3 non-polymer 2-[3-(2-HYDROXY-1,1-DIHYDROXYMETHYL-ETHYLAMINO)-PROPYLAMINO]-2-HYDROXYMETHYL-PROPANE-1,3-DIOL
4 non-polymer (4S)-2-METHYL-2,4-PENTANEDIOL
5 non-polymer 'CHLORIDE ION'
6 water water
#
_entity_poly.entity_id   1
_entity_poly.type   'polypeptide(L)'
_entity_poly.pdbx_seq_one_letter_code
;MTRTLPPGVSDERFDAALQRFRDVVGDKWVLSTADELEAFRDPYPVGAAEANLPSAVVSPESTEQVQDIVRIANEYGIPL
HPVSTGKNNGYGGAAPRLSGSVIVKTGERMNRILEVNEKYGYALLEPGVTYFDLYEYLQSHDSGLMLDCPDLGWGSVVGN
TLDRGVGYTPYGDHFMWQTGLEVVLPQGEVMRTGMGALPGSDAWQLFPYGFGPFPDGMFTQSNLGIVTKMGIALMQRPPA
SQSFLITFDKEEDLEQIVDIMLPLRINMAPLQNVPVLRNIFMDAAAVSKRTEWFDGDGPMPAEAIERMKKDLDLGFWNFY
GTLYGPPPLIEMYYGMIKEAFGKIPGARFFTHEERDDRGGHVLQDRHKINNGIPSLDELQLLDWVPNGGHIGFVPVSAPD
GREAMKQFEMVRNRANEYNKDYMAGFTIGLREMYHVCLFIYDTADPEAREEILQMTKVLVREAAEAGYGEYRTHNALMDD
VMATFNWGDGALLKFHEKIKDALDPNGIIAPGKSGIWPQRFRGQNL
;
_entity_poly.pdbx_strand_id   A,B,C,D,E,F,G,H
#
# COMPACT_ATOMS: atom_id res chain seq x y z
N THR A 2 -0.89 -71.06 -36.00
CA THR A 2 -1.41 -70.70 -37.35
C THR A 2 -0.52 -69.61 -37.95
N ARG A 3 -0.32 -69.67 -39.26
CA ARG A 3 0.69 -68.86 -39.91
C ARG A 3 0.31 -67.37 -39.88
N THR A 4 1.27 -66.52 -39.52
CA THR A 4 1.02 -65.09 -39.46
C THR A 4 1.10 -64.51 -40.88
N LEU A 5 0.02 -63.86 -41.33
CA LEU A 5 -0.02 -63.26 -42.67
C LEU A 5 -0.24 -61.77 -42.61
N PRO A 6 0.27 -60.98 -43.59
CA PRO A 6 -0.10 -59.58 -43.66
C PRO A 6 -1.61 -59.40 -43.84
N PRO A 7 -2.22 -58.37 -43.21
CA PRO A 7 -3.64 -58.15 -43.37
C PRO A 7 -4.08 -58.06 -44.83
N GLY A 8 -5.09 -58.86 -45.19
CA GLY A 8 -5.65 -58.82 -46.53
C GLY A 8 -4.83 -59.59 -47.57
N VAL A 9 -3.73 -60.22 -47.17
CA VAL A 9 -2.85 -60.91 -48.10
C VAL A 9 -3.02 -62.43 -47.91
N SER A 10 -3.42 -63.14 -48.98
CA SER A 10 -3.65 -64.57 -48.89
C SER A 10 -2.33 -65.32 -48.67
N ASP A 11 -2.42 -66.57 -48.20
CA ASP A 11 -1.24 -67.41 -48.05
C ASP A 11 -0.49 -67.50 -49.38
N GLU A 12 -1.25 -67.69 -50.47
CA GLU A 12 -0.65 -67.91 -51.78
C GLU A 12 0.04 -66.63 -52.28
N ARG A 13 -0.61 -65.48 -52.11
CA ARG A 13 -0.02 -64.21 -52.52
C ARG A 13 1.21 -63.90 -51.65
N PHE A 14 1.15 -64.24 -50.36
CA PHE A 14 2.28 -63.98 -49.49
C PHE A 14 3.47 -64.85 -49.92
N ASP A 15 3.24 -66.12 -50.22
CA ASP A 15 4.31 -66.98 -50.72
C ASP A 15 4.96 -66.39 -51.99
N ALA A 16 4.13 -65.85 -52.89
CA ALA A 16 4.64 -65.22 -54.10
C ALA A 16 5.48 -63.99 -53.76
N ALA A 17 5.01 -63.17 -52.82
CA ALA A 17 5.74 -61.98 -52.39
C ALA A 17 7.06 -62.38 -51.75
N LEU A 18 7.07 -63.44 -50.93
CA LEU A 18 8.33 -63.90 -50.33
C LEU A 18 9.35 -64.27 -51.40
N GLN A 19 8.91 -64.92 -52.47
CA GLN A 19 9.83 -65.27 -53.53
C GLN A 19 10.37 -64.02 -54.21
N ARG A 20 9.52 -63.01 -54.42
CA ARG A 20 9.96 -61.73 -54.96
C ARG A 20 11.03 -61.11 -54.05
N PHE A 21 10.80 -61.14 -52.73
CA PHE A 21 11.78 -60.60 -51.79
C PHE A 21 13.08 -61.40 -51.86
N ARG A 22 12.99 -62.72 -51.96
CA ARG A 22 14.19 -63.56 -52.05
C ARG A 22 14.97 -63.23 -53.33
N ASP A 23 14.28 -62.91 -54.42
CA ASP A 23 14.94 -62.53 -55.67
C ASP A 23 15.74 -61.25 -55.51
N VAL A 24 15.31 -60.37 -54.58
CA VAL A 24 16.02 -59.13 -54.35
C VAL A 24 17.22 -59.33 -53.43
N VAL A 25 17.03 -59.98 -52.27
CA VAL A 25 18.05 -59.98 -51.23
C VAL A 25 18.83 -61.28 -51.16
N GLY A 26 18.33 -62.34 -51.80
CA GLY A 26 18.92 -63.67 -51.68
C GLY A 26 18.09 -64.56 -50.75
N ASP A 27 18.04 -65.87 -51.06
CA ASP A 27 17.19 -66.80 -50.35
C ASP A 27 17.45 -66.84 -48.86
N LYS A 28 18.72 -66.81 -48.46
CA LYS A 28 19.04 -66.98 -47.05
C LYS A 28 18.75 -65.71 -46.24
N TRP A 29 18.40 -64.62 -46.89
CA TRP A 29 18.18 -63.35 -46.21
C TRP A 29 16.69 -62.98 -46.10
N VAL A 30 15.82 -63.98 -46.28
CA VAL A 30 14.41 -63.88 -45.98
C VAL A 30 14.05 -65.02 -45.02
N LEU A 31 13.58 -64.65 -43.82
CA LEU A 31 13.15 -65.58 -42.79
C LEU A 31 11.62 -65.60 -42.72
N SER A 32 11.00 -66.78 -42.66
CA SER A 32 9.56 -66.87 -42.60
C SER A 32 9.02 -68.11 -41.89
N THR A 33 9.85 -68.93 -41.24
CA THR A 33 9.33 -70.05 -40.48
C THR A 33 9.04 -69.61 -39.05
N ALA A 34 8.09 -70.30 -38.40
CA ALA A 34 7.70 -69.96 -37.04
C ALA A 34 8.93 -69.88 -36.14
N ASP A 35 9.80 -70.91 -36.20
CA ASP A 35 10.99 -70.94 -35.36
C ASP A 35 11.96 -69.82 -35.69
N GLU A 36 12.15 -69.47 -36.96
CA GLU A 36 13.02 -68.36 -37.32
C GLU A 36 12.49 -67.04 -36.76
N LEU A 37 11.16 -66.87 -36.74
CA LEU A 37 10.55 -65.60 -36.38
C LEU A 37 10.50 -65.41 -34.86
N GLU A 38 10.66 -66.48 -34.09
CA GLU A 38 10.56 -66.42 -32.63
C GLU A 38 11.50 -65.38 -32.06
N ALA A 39 12.71 -65.26 -32.64
CA ALA A 39 13.69 -64.33 -32.08
C ALA A 39 13.33 -62.87 -32.39
N PHE A 40 12.32 -62.64 -33.23
CA PHE A 40 11.93 -61.29 -33.63
C PHE A 40 10.63 -60.90 -32.95
N ARG A 41 10.06 -61.78 -32.14
CA ARG A 41 8.91 -61.42 -31.33
C ARG A 41 9.48 -60.51 -30.23
N ASP A 42 8.61 -59.65 -29.69
CA ASP A 42 8.98 -58.82 -28.56
C ASP A 42 9.56 -59.70 -27.46
N PRO A 43 10.80 -59.49 -27.00
CA PRO A 43 11.33 -60.31 -25.89
C PRO A 43 10.65 -60.03 -24.57
N TYR A 44 10.05 -58.84 -24.44
CA TYR A 44 9.41 -58.39 -23.21
C TYR A 44 7.94 -58.12 -23.51
N PRO A 45 7.14 -59.17 -23.84
CA PRO A 45 5.78 -58.97 -24.31
C PRO A 45 4.90 -58.33 -23.25
N VAL A 46 3.96 -57.53 -23.74
CA VAL A 46 2.99 -56.84 -22.91
C VAL A 46 1.61 -57.34 -23.33
N GLY A 47 0.76 -57.65 -22.36
CA GLY A 47 -0.54 -58.25 -22.61
C GLY A 47 -0.44 -59.77 -22.64
N ALA A 48 -1.48 -60.44 -22.15
CA ALA A 48 -1.49 -61.90 -22.15
C ALA A 48 -1.61 -62.41 -23.60
N ALA A 49 -2.51 -61.80 -24.38
CA ALA A 49 -2.78 -62.27 -25.73
C ALA A 49 -1.59 -61.95 -26.63
N GLU A 50 -1.36 -62.78 -27.64
CA GLU A 50 -0.29 -62.54 -28.58
C GLU A 50 -0.60 -61.27 -29.35
N ALA A 51 0.47 -60.51 -29.65
CA ALA A 51 0.32 -59.29 -30.41
C ALA A 51 1.66 -59.02 -31.10
N ASN A 52 1.63 -58.12 -32.07
CA ASN A 52 2.86 -57.61 -32.68
C ASN A 52 3.64 -58.74 -33.33
N LEU A 53 2.95 -59.57 -34.12
CA LEU A 53 3.56 -60.74 -34.69
C LEU A 53 4.10 -60.42 -36.08
N PRO A 54 5.42 -60.65 -36.35
CA PRO A 54 5.93 -60.48 -37.70
C PRO A 54 5.57 -61.66 -38.60
N SER A 55 5.40 -61.38 -39.89
CA SER A 55 5.13 -62.42 -40.89
C SER A 55 6.41 -62.92 -41.55
N ALA A 56 7.44 -62.09 -41.56
CA ALA A 56 8.73 -62.43 -42.15
C ALA A 56 9.74 -61.37 -41.73
N VAL A 57 11.02 -61.68 -42.00
CA VAL A 57 12.12 -60.73 -41.86
C VAL A 57 12.92 -60.74 -43.16
N VAL A 58 13.21 -59.55 -43.69
CA VAL A 58 14.00 -59.39 -44.91
C VAL A 58 15.20 -58.52 -44.59
N SER A 59 16.39 -58.98 -44.97
CA SER A 59 17.66 -58.36 -44.65
C SER A 59 18.34 -57.85 -45.92
N PRO A 60 18.10 -56.58 -46.31
CA PRO A 60 18.73 -56.04 -47.51
C PRO A 60 20.19 -55.69 -47.31
N GLU A 61 20.93 -55.66 -48.42
CA GLU A 61 22.36 -55.34 -48.39
C GLU A 61 22.66 -53.91 -48.82
N SER A 62 21.69 -53.22 -49.44
CA SER A 62 21.93 -51.91 -50.03
C SER A 62 20.66 -51.08 -50.09
N THR A 63 20.84 -49.77 -50.31
CA THR A 63 19.74 -48.86 -50.51
C THR A 63 18.87 -49.31 -51.69
N GLU A 64 19.51 -49.74 -52.79
CA GLU A 64 18.75 -50.19 -53.95
C GLU A 64 17.85 -51.37 -53.59
N GLN A 65 18.37 -52.31 -52.81
CA GLN A 65 17.56 -53.44 -52.39
C GLN A 65 16.39 -52.97 -51.53
N VAL A 66 16.61 -52.00 -50.62
CA VAL A 66 15.51 -51.44 -49.85
C VAL A 66 14.44 -50.85 -50.77
N GLN A 67 14.85 -50.13 -51.83
CA GLN A 67 13.90 -49.55 -52.75
C GLN A 67 13.08 -50.67 -53.41
N ASP A 68 13.74 -51.75 -53.82
CA ASP A 68 13.05 -52.86 -54.47
C ASP A 68 12.07 -53.56 -53.51
N ILE A 69 12.46 -53.73 -52.25
CA ILE A 69 11.58 -54.31 -51.24
C ILE A 69 10.33 -53.44 -51.07
N VAL A 70 10.52 -52.12 -50.98
CA VAL A 70 9.42 -51.21 -50.85
C VAL A 70 8.49 -51.29 -52.05
N ARG A 71 9.06 -51.37 -53.27
CA ARG A 71 8.23 -51.48 -54.47
C ARG A 71 7.38 -52.74 -54.44
N ILE A 72 7.99 -53.87 -54.05
CA ILE A 72 7.25 -55.13 -53.95
C ILE A 72 6.12 -54.99 -52.92
N ALA A 73 6.42 -54.38 -51.77
CA ALA A 73 5.43 -54.26 -50.72
C ALA A 73 4.24 -53.42 -51.19
N ASN A 74 4.51 -52.38 -51.98
CA ASN A 74 3.44 -51.57 -52.53
C ASN A 74 2.58 -52.39 -53.49
N GLU A 75 3.20 -53.25 -54.30
CA GLU A 75 2.46 -54.04 -55.28
C GLU A 75 1.50 -55.02 -54.57
N TYR A 76 1.94 -55.61 -53.44
CA TYR A 76 1.15 -56.61 -52.75
C TYR A 76 0.33 -56.06 -51.58
N GLY A 77 0.53 -54.79 -51.20
CA GLY A 77 -0.10 -54.24 -50.00
C GLY A 77 0.43 -54.87 -48.70
N ILE A 78 1.72 -55.15 -48.63
CA ILE A 78 2.34 -55.74 -47.45
C ILE A 78 2.95 -54.65 -46.59
N PRO A 79 2.58 -54.54 -45.30
CA PRO A 79 3.21 -53.56 -44.42
C PRO A 79 4.64 -53.96 -44.07
N LEU A 80 5.50 -52.94 -43.95
CA LEU A 80 6.93 -53.09 -43.66
C LEU A 80 7.25 -52.36 -42.37
N HIS A 81 7.93 -53.04 -41.44
CA HIS A 81 8.42 -52.41 -40.23
C HIS A 81 9.94 -52.34 -40.30
N PRO A 82 10.52 -51.17 -40.62
CA PRO A 82 11.96 -51.04 -40.69
C PRO A 82 12.60 -50.90 -39.32
N VAL A 83 13.69 -51.67 -39.12
CA VAL A 83 14.50 -51.54 -37.95
C VAL A 83 15.95 -51.46 -38.40
N SER A 84 16.80 -51.10 -37.44
CA SER A 84 18.24 -51.10 -37.64
C SER A 84 18.80 -52.39 -37.03
N THR A 85 18.96 -52.45 -35.70
CA THR A 85 19.37 -53.69 -35.04
C THR A 85 18.20 -54.35 -34.31
N GLY A 86 17.07 -53.67 -34.16
CA GLY A 86 15.89 -54.31 -33.57
C GLY A 86 16.04 -54.68 -32.08
N LYS A 87 16.72 -53.84 -31.33
CA LYS A 87 16.96 -54.00 -29.91
C LYS A 87 16.21 -52.97 -29.11
N ASN A 88 15.01 -52.55 -29.59
CA ASN A 88 14.19 -51.53 -28.93
C ASN A 88 13.43 -52.14 -27.75
N ASN A 89 14.18 -52.82 -26.89
CA ASN A 89 13.62 -53.60 -25.81
C ASN A 89 13.14 -52.64 -24.72
N GLY A 90 11.90 -52.90 -24.25
CA GLY A 90 11.18 -51.97 -23.41
C GLY A 90 10.08 -51.22 -24.19
N TYR A 91 10.18 -51.22 -25.52
CA TYR A 91 9.23 -50.52 -26.38
C TYR A 91 8.73 -51.42 -27.51
N GLY A 92 9.08 -52.72 -27.48
CA GLY A 92 8.56 -53.66 -28.45
C GLY A 92 9.64 -54.52 -29.10
N GLY A 93 10.91 -54.27 -28.84
CA GLY A 93 11.98 -55.03 -29.46
C GLY A 93 12.02 -54.77 -30.96
N ALA A 94 12.06 -55.84 -31.76
CA ALA A 94 12.01 -55.70 -33.21
C ALA A 94 10.57 -55.79 -33.73
N ALA A 95 9.62 -56.09 -32.84
CA ALA A 95 8.28 -56.48 -33.28
C ALA A 95 7.49 -55.32 -33.86
N PRO A 96 6.70 -55.56 -34.92
CA PRO A 96 5.91 -54.50 -35.56
C PRO A 96 4.69 -54.11 -34.73
N ARG A 97 4.31 -52.84 -34.78
CA ARG A 97 3.05 -52.44 -34.18
C ARG A 97 1.89 -53.24 -34.78
N LEU A 98 1.87 -53.36 -36.10
CA LEU A 98 0.79 -54.02 -36.81
C LEU A 98 1.19 -55.48 -37.06
N SER A 99 0.45 -56.40 -36.46
CA SER A 99 0.66 -57.83 -36.68
C SER A 99 0.53 -58.16 -38.16
N GLY A 100 1.44 -59.04 -38.61
CA GLY A 100 1.46 -59.47 -39.99
C GLY A 100 2.43 -58.67 -40.86
N SER A 101 3.02 -57.63 -40.31
CA SER A 101 4.00 -56.82 -41.01
C SER A 101 5.30 -57.63 -41.19
N VAL A 102 6.00 -57.31 -42.27
CA VAL A 102 7.33 -57.83 -42.55
C VAL A 102 8.36 -56.88 -41.93
N ILE A 103 9.29 -57.43 -41.17
CA ILE A 103 10.38 -56.64 -40.60
C ILE A 103 11.44 -56.48 -41.68
N VAL A 104 11.87 -55.24 -41.90
CA VAL A 104 13.00 -54.98 -42.80
C VAL A 104 14.21 -54.68 -41.93
N LYS A 105 15.06 -55.67 -41.73
CA LYS A 105 16.18 -55.54 -40.80
C LYS A 105 17.38 -54.98 -41.55
N THR A 106 17.45 -53.64 -41.60
CA THR A 106 18.45 -52.96 -42.42
C THR A 106 19.84 -53.25 -41.88
N GLY A 107 19.97 -53.45 -40.58
CA GLY A 107 21.27 -53.47 -39.92
C GLY A 107 22.04 -54.76 -40.08
N GLU A 108 21.35 -55.84 -40.45
CA GLU A 108 22.01 -57.13 -40.56
C GLU A 108 23.18 -57.04 -41.55
N ARG A 109 22.93 -56.46 -42.73
CA ARG A 109 23.93 -56.41 -43.77
C ARG A 109 24.35 -54.99 -44.12
N MET A 110 23.53 -53.99 -43.80
CA MET A 110 23.87 -52.59 -44.01
C MET A 110 24.49 -52.11 -42.71
N ASN A 111 25.78 -52.50 -42.51
CA ASN A 111 26.41 -52.34 -41.21
C ASN A 111 27.77 -51.68 -41.31
N ARG A 112 28.01 -50.88 -42.36
CA ARG A 112 29.31 -50.25 -42.57
C ARG A 112 29.41 -48.89 -41.89
N ILE A 113 30.57 -48.63 -41.32
CA ILE A 113 30.99 -47.28 -40.99
C ILE A 113 31.51 -46.65 -42.29
N LEU A 114 30.76 -45.67 -42.82
CA LEU A 114 31.07 -45.10 -44.13
C LEU A 114 32.17 -44.05 -44.00
N GLU A 115 32.18 -43.28 -42.91
CA GLU A 115 33.24 -42.30 -42.66
C GLU A 115 33.25 -41.95 -41.18
N VAL A 116 34.45 -41.84 -40.61
CA VAL A 116 34.64 -41.11 -39.36
C VAL A 116 35.65 -40.00 -39.64
N ASN A 117 35.22 -38.75 -39.47
CA ASN A 117 36.03 -37.59 -39.80
C ASN A 117 36.60 -37.02 -38.51
N GLU A 118 37.93 -37.15 -38.34
CA GLU A 118 38.58 -36.76 -37.10
C GLU A 118 38.61 -35.24 -36.94
N LYS A 119 38.85 -34.52 -38.04
CA LYS A 119 39.05 -33.08 -38.00
C LYS A 119 37.76 -32.34 -37.65
N TYR A 120 36.65 -32.70 -38.32
CA TYR A 120 35.39 -32.02 -38.08
C TYR A 120 34.55 -32.72 -37.00
N GLY A 121 34.87 -33.98 -36.66
CA GLY A 121 34.20 -34.66 -35.56
C GLY A 121 32.82 -35.19 -35.93
N TYR A 122 32.76 -36.18 -36.83
CA TYR A 122 31.49 -36.79 -37.17
C TYR A 122 31.68 -38.21 -37.68
N ALA A 123 30.58 -38.95 -37.73
CA ALA A 123 30.54 -40.23 -38.43
C ALA A 123 29.36 -40.24 -39.40
N LEU A 124 29.55 -40.96 -40.51
CA LEU A 124 28.47 -41.28 -41.42
C LEU A 124 28.32 -42.80 -41.37
N LEU A 125 27.11 -43.26 -41.04
CA LEU A 125 26.89 -44.64 -40.64
C LEU A 125 25.72 -45.28 -41.40
N GLU A 126 25.85 -46.59 -41.60
CA GLU A 126 24.69 -47.41 -41.93
C GLU A 126 24.03 -47.91 -40.65
N PRO A 127 22.75 -48.40 -40.75
CA PRO A 127 21.99 -48.74 -39.56
C PRO A 127 22.54 -49.87 -38.68
N GLY A 128 23.37 -50.76 -39.24
CA GLY A 128 23.86 -51.91 -38.50
C GLY A 128 25.07 -51.62 -37.61
N VAL A 129 25.57 -50.37 -37.61
CA VAL A 129 26.72 -50.05 -36.78
C VAL A 129 26.22 -49.93 -35.33
N THR A 130 26.68 -50.83 -34.46
CA THR A 130 26.32 -50.75 -33.06
C THR A 130 27.22 -49.77 -32.32
N TYR A 131 26.86 -49.43 -31.08
CA TYR A 131 27.75 -48.62 -30.27
C TYR A 131 29.07 -49.37 -30.02
N PHE A 132 29.01 -50.69 -29.80
CA PHE A 132 30.23 -51.46 -29.66
C PHE A 132 31.09 -51.36 -30.92
N ASP A 133 30.46 -51.45 -32.09
CA ASP A 133 31.17 -51.37 -33.36
C ASP A 133 31.89 -50.03 -33.51
N LEU A 134 31.17 -48.94 -33.21
CA LEU A 134 31.75 -47.61 -33.38
C LEU A 134 32.87 -47.40 -32.37
N TYR A 135 32.68 -47.86 -31.13
CA TYR A 135 33.72 -47.75 -30.11
C TYR A 135 34.99 -48.48 -30.54
N GLU A 136 34.82 -49.70 -31.07
CA GLU A 136 35.95 -50.50 -31.54
C GLU A 136 36.70 -49.76 -32.65
N TYR A 137 35.97 -49.13 -33.55
CA TYR A 137 36.58 -48.35 -34.62
C TYR A 137 37.39 -47.20 -34.02
N LEU A 138 36.78 -46.45 -33.10
CA LEU A 138 37.45 -45.28 -32.53
C LEU A 138 38.72 -45.70 -31.81
N GLN A 139 38.62 -46.78 -31.02
CA GLN A 139 39.77 -47.23 -30.24
C GLN A 139 40.88 -47.72 -31.17
N SER A 140 40.54 -48.49 -32.20
CA SER A 140 41.54 -49.11 -33.04
C SER A 140 42.24 -48.08 -33.95
N HIS A 141 41.60 -46.93 -34.18
CA HIS A 141 42.18 -45.86 -34.99
C HIS A 141 42.81 -44.77 -34.11
N ASP A 142 42.89 -44.99 -32.79
CA ASP A 142 43.43 -44.01 -31.86
C ASP A 142 42.76 -42.64 -32.05
N SER A 143 41.42 -42.65 -32.18
CA SER A 143 40.67 -41.43 -32.37
C SER A 143 40.74 -40.54 -31.12
N GLY A 144 40.66 -39.22 -31.35
CA GLY A 144 40.49 -38.26 -30.27
C GLY A 144 38.99 -37.98 -30.00
N LEU A 145 38.10 -38.69 -30.68
CA LEU A 145 36.66 -38.56 -30.50
C LEU A 145 36.10 -39.60 -29.53
N MET A 146 34.87 -39.34 -29.07
CA MET A 146 34.15 -40.28 -28.25
C MET A 146 32.70 -40.33 -28.74
N LEU A 147 32.04 -41.45 -28.48
CA LEU A 147 30.63 -41.56 -28.83
C LEU A 147 29.77 -41.23 -27.62
N ASP A 148 28.46 -41.18 -27.84
CA ASP A 148 27.50 -41.05 -26.77
C ASP A 148 26.54 -42.24 -26.86
N CYS A 149 26.53 -43.10 -25.83
CA CYS A 149 25.76 -44.33 -25.89
C CYS A 149 24.63 -44.35 -24.88
N PRO A 150 23.54 -45.08 -25.18
CA PRO A 150 22.57 -45.42 -24.16
C PRO A 150 23.16 -46.44 -23.17
N ASP A 151 22.35 -46.89 -22.21
CA ASP A 151 22.82 -47.82 -21.20
C ASP A 151 23.36 -49.12 -21.78
N LEU A 152 22.78 -49.60 -22.87
CA LEU A 152 23.18 -50.89 -23.46
C LEU A 152 23.86 -50.64 -24.82
N GLY A 153 25.03 -51.25 -25.02
CA GLY A 153 25.85 -50.88 -26.18
C GLY A 153 25.51 -51.66 -27.44
N TRP A 154 24.56 -52.60 -27.37
CA TRP A 154 24.32 -53.50 -28.49
C TRP A 154 23.33 -52.95 -29.50
N GLY A 155 22.76 -51.78 -29.20
CA GLY A 155 21.88 -51.13 -30.15
C GLY A 155 22.63 -50.37 -31.24
N SER A 156 21.85 -49.70 -32.08
CA SER A 156 22.30 -49.03 -33.28
C SER A 156 22.43 -47.53 -33.04
N VAL A 157 23.55 -46.96 -33.48
CA VAL A 157 23.72 -45.51 -33.39
C VAL A 157 22.57 -44.84 -34.14
N VAL A 158 22.22 -45.39 -35.32
CA VAL A 158 21.16 -44.88 -36.16
C VAL A 158 19.78 -45.19 -35.58
N GLY A 159 19.48 -46.47 -35.31
CA GLY A 159 18.16 -46.86 -34.87
C GLY A 159 17.74 -46.15 -33.58
N ASN A 160 18.69 -46.05 -32.66
CA ASN A 160 18.44 -45.36 -31.41
C ASN A 160 18.01 -43.92 -31.68
N THR A 161 18.78 -43.23 -32.54
CA THR A 161 18.49 -41.85 -32.86
C THR A 161 17.09 -41.75 -33.48
N LEU A 162 16.74 -42.71 -34.35
CA LEU A 162 15.47 -42.64 -35.04
C LEU A 162 14.25 -42.85 -34.12
N ASP A 163 14.45 -43.34 -32.90
CA ASP A 163 13.37 -43.38 -31.91
C ASP A 163 13.54 -42.25 -30.87
N ARG A 164 14.44 -41.29 -31.16
CA ARG A 164 14.81 -40.20 -30.28
C ARG A 164 15.30 -40.74 -28.94
N GLY A 165 16.14 -41.78 -29.03
CA GLY A 165 16.89 -42.29 -27.89
C GLY A 165 17.96 -41.30 -27.41
N VAL A 166 18.50 -41.59 -26.22
CA VAL A 166 19.35 -40.67 -25.49
C VAL A 166 20.48 -41.40 -24.80
N GLY A 167 21.55 -40.62 -24.57
CA GLY A 167 22.68 -41.02 -23.74
C GLY A 167 22.96 -39.94 -22.69
N TYR A 168 24.18 -39.94 -22.14
CA TYR A 168 24.43 -39.25 -20.88
C TYR A 168 25.69 -38.39 -20.88
N THR A 169 26.37 -38.29 -22.04
CA THR A 169 27.50 -37.37 -22.16
C THR A 169 26.91 -36.00 -22.49
N PRO A 170 27.73 -34.95 -22.70
CA PRO A 170 27.21 -33.68 -23.20
C PRO A 170 26.51 -33.77 -24.55
N TYR A 171 26.77 -34.86 -25.30
CA TYR A 171 26.11 -35.10 -26.58
C TYR A 171 24.96 -36.10 -26.45
N GLY A 172 24.30 -36.10 -25.29
CA GLY A 172 23.29 -37.09 -24.95
C GLY A 172 22.00 -37.00 -25.76
N ASP A 173 21.70 -35.83 -26.35
CA ASP A 173 20.52 -35.69 -27.21
C ASP A 173 20.87 -36.15 -28.63
N HIS A 174 20.63 -37.44 -28.92
CA HIS A 174 21.10 -38.00 -30.17
C HIS A 174 20.56 -37.25 -31.38
N PHE A 175 19.23 -37.00 -31.40
CA PHE A 175 18.63 -36.30 -32.53
C PHE A 175 19.27 -34.93 -32.77
N MET A 176 19.61 -34.22 -31.70
N MET A 176 19.61 -34.22 -31.70
CA MET A 176 20.23 -32.91 -31.83
CA MET A 176 20.23 -32.92 -31.82
C MET A 176 21.52 -33.02 -32.65
C MET A 176 21.52 -33.02 -32.65
N TRP A 177 22.29 -34.08 -32.45
CA TRP A 177 23.59 -34.19 -33.10
C TRP A 177 23.53 -34.95 -34.43
N GLN A 178 22.38 -35.53 -34.73
CA GLN A 178 22.15 -36.13 -36.04
C GLN A 178 22.29 -35.04 -37.09
N THR A 179 23.03 -35.34 -38.15
CA THR A 179 23.34 -34.39 -39.20
C THR A 179 23.36 -35.10 -40.55
N GLY A 180 22.25 -34.97 -41.29
CA GLY A 180 22.07 -35.60 -42.59
C GLY A 180 21.52 -37.01 -42.48
N LEU A 181 20.61 -37.35 -43.40
CA LEU A 181 20.22 -38.75 -43.56
C LEU A 181 19.82 -39.01 -45.01
N GLU A 182 19.87 -40.28 -45.36
CA GLU A 182 19.35 -40.82 -46.61
C GLU A 182 18.19 -41.74 -46.24
N VAL A 183 17.08 -41.59 -46.98
CA VAL A 183 15.84 -42.29 -46.67
C VAL A 183 15.16 -42.74 -47.97
N VAL A 184 14.65 -43.97 -47.91
CA VAL A 184 13.75 -44.48 -48.94
C VAL A 184 12.32 -44.17 -48.51
N LEU A 185 11.65 -43.37 -49.32
CA LEU A 185 10.30 -42.95 -49.04
C LEU A 185 9.30 -44.04 -49.38
N PRO A 186 8.03 -43.92 -48.93
CA PRO A 186 7.13 -45.07 -48.89
C PRO A 186 6.76 -45.73 -50.21
N GLN A 187 7.01 -45.04 -51.34
CA GLN A 187 6.79 -45.69 -52.65
C GLN A 187 8.10 -46.08 -53.33
N GLY A 188 9.22 -45.94 -52.62
CA GLY A 188 10.47 -46.49 -53.09
C GLY A 188 11.47 -45.45 -53.63
N GLU A 189 11.12 -44.16 -53.62
CA GLU A 189 12.05 -43.14 -54.06
C GLU A 189 13.05 -42.83 -52.94
N VAL A 190 14.28 -42.43 -53.33
CA VAL A 190 15.34 -42.17 -52.37
C VAL A 190 15.64 -40.68 -52.32
N MET A 191 15.92 -40.19 -51.10
CA MET A 191 16.12 -38.76 -50.86
C MET A 191 17.22 -38.61 -49.80
N ARG A 192 18.06 -37.56 -50.00
CA ARG A 192 18.97 -37.13 -48.97
C ARG A 192 18.53 -35.80 -48.38
N THR A 193 18.67 -35.65 -47.08
CA THR A 193 18.33 -34.41 -46.41
C THR A 193 19.54 -33.48 -46.34
N GLY A 194 19.22 -32.21 -46.04
CA GLY A 194 20.22 -31.22 -45.66
C GLY A 194 21.19 -30.92 -46.81
N MET A 195 22.48 -30.87 -46.49
CA MET A 195 23.47 -30.57 -47.52
C MET A 195 23.73 -31.81 -48.38
N GLY A 196 23.19 -32.96 -47.97
CA GLY A 196 23.25 -34.15 -48.81
C GLY A 196 22.47 -34.00 -50.10
N ALA A 197 21.48 -33.07 -50.11
CA ALA A 197 20.68 -32.82 -51.29
C ALA A 197 21.42 -31.96 -52.31
N LEU A 198 22.58 -31.37 -51.92
CA LEU A 198 23.41 -30.53 -52.78
C LEU A 198 24.54 -31.43 -53.29
N PRO A 199 24.47 -31.92 -54.54
CA PRO A 199 25.45 -32.89 -55.00
C PRO A 199 26.89 -32.36 -54.85
N GLY A 200 27.76 -33.19 -54.27
CA GLY A 200 29.16 -32.85 -54.14
C GLY A 200 29.47 -32.02 -52.89
N SER A 201 28.46 -31.67 -52.08
CA SER A 201 28.75 -30.93 -50.85
C SER A 201 29.50 -31.83 -49.88
N ASP A 202 30.49 -31.25 -49.21
CA ASP A 202 31.23 -31.89 -48.12
C ASP A 202 30.60 -31.61 -46.77
N ALA A 203 29.41 -30.98 -46.75
CA ALA A 203 28.84 -30.46 -45.51
C ALA A 203 27.61 -31.27 -45.07
N TRP A 204 27.38 -32.47 -45.61
CA TRP A 204 26.26 -33.30 -45.18
C TRP A 204 26.26 -33.53 -43.68
N GLN A 205 27.45 -33.79 -43.09
CA GLN A 205 27.58 -34.05 -41.67
C GLN A 205 28.02 -32.82 -40.87
N LEU A 206 28.02 -31.64 -41.51
CA LEU A 206 28.48 -30.40 -40.88
C LEU A 206 27.35 -29.43 -40.59
N PHE A 207 26.34 -29.37 -41.47
CA PHE A 207 25.29 -28.37 -41.35
C PHE A 207 23.94 -29.08 -41.53
N PRO A 208 23.14 -29.23 -40.47
CA PRO A 208 21.96 -30.11 -40.53
C PRO A 208 20.82 -29.64 -41.41
N TYR A 209 20.65 -28.32 -41.58
CA TYR A 209 19.38 -27.80 -42.05
C TYR A 209 19.25 -27.83 -43.57
N GLY A 210 20.34 -27.59 -44.30
CA GLY A 210 20.26 -27.38 -45.74
C GLY A 210 19.43 -26.12 -46.07
N PHE A 211 18.53 -26.22 -47.04
CA PHE A 211 17.72 -25.11 -47.51
C PHE A 211 16.26 -25.50 -47.50
N GLY A 212 15.38 -24.55 -47.13
CA GLY A 212 13.94 -24.78 -47.14
C GLY A 212 13.49 -25.50 -45.88
N PRO A 213 12.23 -26.02 -45.85
CA PRO A 213 11.70 -26.66 -44.65
C PRO A 213 12.61 -27.78 -44.17
N PHE A 214 12.84 -27.87 -42.87
CA PHE A 214 13.77 -28.82 -42.27
C PHE A 214 13.03 -30.12 -41.90
N PRO A 215 13.25 -31.23 -42.65
CA PRO A 215 12.42 -32.41 -42.54
C PRO A 215 12.92 -33.54 -41.64
N ASP A 216 14.19 -33.51 -41.18
CA ASP A 216 14.77 -34.72 -40.60
C ASP A 216 13.99 -35.22 -39.39
N GLY A 217 13.44 -34.31 -38.59
CA GLY A 217 12.69 -34.69 -37.40
C GLY A 217 11.44 -35.52 -37.74
N MET A 218 10.95 -35.37 -38.97
CA MET A 218 9.76 -36.08 -39.42
C MET A 218 10.05 -37.56 -39.68
N PHE A 219 11.34 -37.95 -39.67
CA PHE A 219 11.75 -39.34 -39.81
C PHE A 219 12.12 -39.96 -38.47
N THR A 220 11.87 -39.27 -37.35
CA THR A 220 12.09 -39.84 -36.04
C THR A 220 10.72 -40.14 -35.41
N GLN A 221 10.68 -41.28 -34.68
CA GLN A 221 9.42 -41.84 -34.16
C GLN A 221 8.36 -41.81 -35.26
N SER A 222 8.71 -42.32 -36.44
CA SER A 222 7.97 -42.01 -37.65
C SER A 222 7.71 -43.24 -38.51
N ASN A 223 6.77 -43.12 -39.46
CA ASN A 223 6.57 -44.18 -40.44
C ASN A 223 6.58 -43.61 -41.84
N LEU A 224 7.49 -42.67 -42.10
CA LEU A 224 7.51 -41.98 -43.39
C LEU A 224 8.65 -42.47 -44.29
N GLY A 225 9.40 -43.49 -43.85
CA GLY A 225 10.40 -44.06 -44.74
C GLY A 225 11.31 -45.07 -44.07
N ILE A 226 12.26 -45.60 -44.87
CA ILE A 226 13.28 -46.50 -44.37
C ILE A 226 14.63 -45.82 -44.54
N VAL A 227 15.25 -45.48 -43.41
CA VAL A 227 16.52 -44.78 -43.41
C VAL A 227 17.64 -45.75 -43.73
N THR A 228 18.55 -45.33 -44.64
CA THR A 228 19.63 -46.16 -45.11
C THR A 228 21.02 -45.65 -44.72
N LYS A 229 21.13 -44.35 -44.41
CA LYS A 229 22.37 -43.73 -43.97
C LYS A 229 22.03 -42.57 -43.05
N MET A 230 22.88 -42.33 -42.06
CA MET A 230 22.65 -41.22 -41.14
C MET A 230 24.00 -40.73 -40.65
N GLY A 231 24.12 -39.41 -40.54
CA GLY A 231 25.33 -38.82 -39.96
C GLY A 231 25.08 -38.38 -38.53
N ILE A 232 26.14 -38.34 -37.73
CA ILE A 232 26.05 -37.83 -36.38
C ILE A 232 27.37 -37.17 -35.99
N ALA A 233 27.25 -36.03 -35.31
CA ALA A 233 28.42 -35.38 -34.76
C ALA A 233 28.99 -36.17 -33.60
N LEU A 234 30.33 -36.11 -33.43
CA LEU A 234 31.04 -36.78 -32.35
C LEU A 234 31.89 -35.75 -31.59
N MET A 235 31.78 -35.79 -30.26
CA MET A 235 32.46 -34.89 -29.37
C MET A 235 33.94 -35.31 -29.23
N GLN A 236 34.83 -34.36 -29.06
CA GLN A 236 36.22 -34.65 -28.69
C GLN A 236 36.27 -35.18 -27.26
N ARG A 237 37.07 -36.21 -27.02
CA ARG A 237 37.26 -36.73 -25.68
C ARG A 237 38.05 -35.70 -24.85
N PRO A 238 37.53 -35.29 -23.66
CA PRO A 238 38.26 -34.43 -22.75
C PRO A 238 39.54 -35.04 -22.23
N PRO A 239 40.45 -34.24 -21.66
CA PRO A 239 41.72 -34.77 -21.19
C PRO A 239 41.62 -35.67 -19.95
N ALA A 240 40.57 -35.50 -19.15
CA ALA A 240 40.35 -36.32 -17.96
C ALA A 240 38.86 -36.31 -17.60
N SER A 241 38.45 -37.26 -16.75
CA SER A 241 37.09 -37.28 -16.26
C SER A 241 37.04 -37.91 -14.88
N GLN A 242 35.98 -37.62 -14.14
CA GLN A 242 35.75 -38.18 -12.82
C GLN A 242 34.25 -38.36 -12.65
N SER A 243 33.84 -39.52 -12.15
CA SER A 243 32.42 -39.74 -11.89
C SER A 243 32.19 -39.75 -10.38
N PHE A 244 30.97 -39.46 -9.98
CA PHE A 244 30.66 -39.42 -8.56
C PHE A 244 29.21 -39.89 -8.34
N LEU A 245 29.01 -40.35 -7.10
CA LEU A 245 27.71 -40.73 -6.56
C LEU A 245 27.42 -39.87 -5.34
N ILE A 246 26.19 -39.41 -5.24
CA ILE A 246 25.69 -38.79 -4.02
C ILE A 246 24.53 -39.65 -3.56
N THR A 247 24.62 -40.17 -2.33
CA THR A 247 23.52 -40.92 -1.74
C THR A 247 22.71 -39.98 -0.86
N PHE A 248 21.38 -40.05 -1.00
CA PHE A 248 20.44 -39.31 -0.18
C PHE A 248 19.53 -40.30 0.53
N ASP A 249 19.42 -40.13 1.85
CA ASP A 249 18.87 -41.17 2.70
C ASP A 249 17.36 -41.27 2.62
N LYS A 250 16.65 -40.14 2.40
CA LYS A 250 15.21 -40.12 2.58
C LYS A 250 14.46 -40.05 1.26
N GLU A 251 13.32 -40.76 1.18
CA GLU A 251 12.40 -40.66 0.06
C GLU A 251 12.06 -39.21 -0.25
N GLU A 252 11.83 -38.41 0.81
CA GLU A 252 11.31 -37.06 0.60
C GLU A 252 12.42 -36.11 0.17
N ASP A 253 13.68 -36.55 0.17
CA ASP A 253 14.77 -35.72 -0.30
C ASP A 253 14.65 -35.35 -1.78
N LEU A 254 13.85 -36.11 -2.55
CA LEU A 254 13.72 -35.89 -3.99
C LEU A 254 13.44 -34.40 -4.29
N GLU A 255 12.55 -33.80 -3.50
CA GLU A 255 12.13 -32.41 -3.77
C GLU A 255 13.34 -31.50 -3.75
N GLN A 256 14.16 -31.59 -2.69
CA GLN A 256 15.32 -30.73 -2.58
C GLN A 256 16.39 -31.07 -3.62
N ILE A 257 16.56 -32.35 -3.93
CA ILE A 257 17.57 -32.78 -4.89
C ILE A 257 17.28 -32.14 -6.25
N VAL A 258 16.04 -32.23 -6.72
CA VAL A 258 15.67 -31.68 -8.02
C VAL A 258 15.84 -30.17 -8.01
N ASP A 259 15.46 -29.50 -6.92
CA ASP A 259 15.54 -28.05 -6.87
C ASP A 259 16.98 -27.55 -6.88
N ILE A 260 17.94 -28.37 -6.43
CA ILE A 260 19.35 -28.07 -6.54
C ILE A 260 19.90 -28.51 -7.91
N MET A 261 19.46 -29.65 -8.43
CA MET A 261 19.92 -30.15 -9.73
C MET A 261 19.75 -29.09 -10.84
N LEU A 262 18.55 -28.48 -10.93
CA LEU A 262 18.26 -27.59 -12.05
C LEU A 262 19.27 -26.44 -12.16
N PRO A 263 19.47 -25.59 -11.13
CA PRO A 263 20.41 -24.49 -11.26
C PRO A 263 21.87 -24.86 -11.52
N LEU A 264 22.27 -26.09 -11.13
CA LEU A 264 23.62 -26.55 -11.37
C LEU A 264 23.77 -27.11 -12.78
N ARG A 265 22.65 -27.38 -13.46
CA ARG A 265 22.68 -28.00 -14.79
C ARG A 265 22.36 -27.00 -15.92
N ILE A 266 21.53 -25.98 -15.67
CA ILE A 266 20.91 -25.23 -16.78
C ILE A 266 21.97 -24.49 -17.62
N ASN A 267 23.09 -24.12 -17.02
CA ASN A 267 24.19 -23.46 -17.72
C ASN A 267 25.26 -24.45 -18.18
N MET A 268 25.00 -25.77 -18.03
CA MET A 268 25.88 -26.85 -18.47
C MET A 268 27.15 -26.93 -17.62
N ALA A 269 27.11 -26.31 -16.45
CA ALA A 269 28.20 -26.36 -15.49
C ALA A 269 27.69 -25.87 -14.14
N PRO A 270 28.10 -26.44 -12.99
CA PRO A 270 29.10 -27.51 -12.89
C PRO A 270 28.63 -28.90 -13.31
N LEU A 271 27.33 -29.11 -13.52
CA LEU A 271 26.84 -30.41 -13.98
C LEU A 271 26.95 -30.44 -15.50
N GLN A 272 28.06 -30.99 -15.98
CA GLN A 272 28.43 -30.98 -17.38
C GLN A 272 27.80 -32.13 -18.16
N ASN A 273 27.45 -33.23 -17.50
CA ASN A 273 26.85 -34.35 -18.21
C ASN A 273 25.36 -34.38 -17.85
N VAL A 274 24.64 -35.36 -18.38
CA VAL A 274 23.23 -35.53 -18.06
C VAL A 274 23.12 -36.04 -16.62
N PRO A 275 22.54 -35.27 -15.69
CA PRO A 275 22.36 -35.76 -14.33
C PRO A 275 21.32 -36.86 -14.25
N VAL A 276 21.64 -37.95 -13.53
CA VAL A 276 20.68 -39.01 -13.32
C VAL A 276 20.52 -39.28 -11.82
N LEU A 277 19.25 -39.38 -11.41
CA LEU A 277 18.92 -39.68 -10.03
C LEU A 277 18.11 -40.98 -10.02
N ARG A 278 18.68 -42.04 -9.43
CA ARG A 278 18.11 -43.37 -9.49
C ARG A 278 17.69 -43.80 -8.09
N ASN A 279 16.52 -44.44 -7.97
CA ASN A 279 16.10 -44.88 -6.65
C ASN A 279 16.75 -46.21 -6.29
N ILE A 280 16.58 -46.59 -5.01
CA ILE A 280 17.24 -47.77 -4.45
C ILE A 280 16.78 -49.03 -5.19
N PHE A 281 15.50 -49.10 -5.61
CA PHE A 281 15.02 -50.26 -6.34
C PHE A 281 15.78 -50.46 -7.64
N MET A 282 16.02 -49.36 -8.36
N MET A 282 16.02 -49.36 -8.36
CA MET A 282 16.71 -49.43 -9.64
CA MET A 282 16.71 -49.42 -9.64
C MET A 282 18.15 -49.88 -9.44
C MET A 282 18.15 -49.88 -9.44
N ASP A 283 18.83 -49.32 -8.44
CA ASP A 283 20.23 -49.66 -8.19
C ASP A 283 20.36 -51.08 -7.61
N ALA A 284 19.44 -51.48 -6.73
CA ALA A 284 19.47 -52.83 -6.21
C ALA A 284 19.26 -53.86 -7.34
N ALA A 285 18.36 -53.57 -8.27
CA ALA A 285 18.05 -54.54 -9.32
C ALA A 285 19.24 -54.77 -10.23
N ALA A 286 20.12 -53.77 -10.33
CA ALA A 286 21.31 -53.90 -11.15
C ALA A 286 22.32 -54.90 -10.58
N VAL A 287 22.19 -55.25 -9.28
CA VAL A 287 23.23 -56.02 -8.61
C VAL A 287 22.66 -57.19 -7.81
N SER A 288 21.33 -57.39 -7.79
CA SER A 288 20.73 -58.35 -6.88
C SER A 288 19.35 -58.76 -7.40
N LYS A 289 18.82 -59.89 -6.87
CA LYS A 289 17.47 -60.34 -7.18
C LYS A 289 16.51 -59.89 -6.09
N ARG A 290 15.24 -59.74 -6.47
CA ARG A 290 14.24 -59.23 -5.55
C ARG A 290 14.16 -60.10 -4.29
N THR A 291 14.26 -61.43 -4.51
CA THR A 291 14.14 -62.40 -3.43
C THR A 291 15.28 -62.32 -2.42
N GLU A 292 16.40 -61.67 -2.75
CA GLU A 292 17.43 -61.41 -1.76
C GLU A 292 16.84 -60.59 -0.60
N TRP A 293 15.87 -59.73 -0.91
CA TRP A 293 15.38 -58.72 0.01
C TRP A 293 14.00 -59.09 0.55
N PHE A 294 13.17 -59.73 -0.29
CA PHE A 294 11.80 -60.02 0.07
C PHE A 294 11.25 -61.12 -0.82
N ASP A 295 10.61 -62.15 -0.23
CA ASP A 295 10.06 -63.22 -1.06
C ASP A 295 8.57 -63.38 -0.84
N GLY A 296 7.93 -62.35 -0.31
CA GLY A 296 6.52 -62.40 0.03
C GLY A 296 5.62 -61.84 -1.07
N ASP A 297 4.36 -61.60 -0.70
CA ASP A 297 3.39 -61.05 -1.63
C ASP A 297 3.34 -59.54 -1.43
N GLY A 298 3.10 -58.84 -2.55
CA GLY A 298 2.82 -57.43 -2.52
C GLY A 298 4.08 -56.58 -2.60
N PRO A 299 3.92 -55.25 -2.44
CA PRO A 299 5.04 -54.33 -2.45
C PRO A 299 6.09 -54.68 -1.42
N MET A 300 7.34 -54.32 -1.69
CA MET A 300 8.41 -54.55 -0.73
C MET A 300 8.17 -53.70 0.52
N PRO A 301 8.23 -54.29 1.72
CA PRO A 301 8.04 -53.53 2.96
C PRO A 301 9.21 -52.60 3.29
N ALA A 302 8.92 -51.62 4.15
CA ALA A 302 9.87 -50.60 4.53
C ALA A 302 11.15 -51.22 5.09
N GLU A 303 11.02 -52.32 5.85
CA GLU A 303 12.16 -52.91 6.53
C GLU A 303 13.14 -53.47 5.50
N ALA A 304 12.60 -54.05 4.42
CA ALA A 304 13.43 -54.59 3.35
C ALA A 304 14.12 -53.48 2.56
N ILE A 305 13.44 -52.34 2.36
CA ILE A 305 14.05 -51.20 1.69
C ILE A 305 15.24 -50.71 2.51
N GLU A 306 15.08 -50.62 3.84
CA GLU A 306 16.16 -50.16 4.69
C GLU A 306 17.35 -51.14 4.60
N ARG A 307 17.06 -52.45 4.49
CA ARG A 307 18.11 -53.45 4.36
C ARG A 307 18.88 -53.28 3.04
N MET A 308 18.16 -53.02 1.93
CA MET A 308 18.82 -52.75 0.65
C MET A 308 19.80 -51.58 0.81
N LYS A 309 19.32 -50.48 1.39
CA LYS A 309 20.14 -49.30 1.57
C LYS A 309 21.39 -49.62 2.41
N LYS A 310 21.21 -50.33 3.53
CA LYS A 310 22.32 -50.57 4.44
C LYS A 310 23.34 -51.53 3.81
N ASP A 311 22.85 -52.62 3.20
CA ASP A 311 23.70 -53.65 2.64
C ASP A 311 24.49 -53.10 1.46
N LEU A 312 23.87 -52.25 0.63
CA LEU A 312 24.51 -51.70 -0.56
C LEU A 312 25.20 -50.39 -0.27
N ASP A 313 25.03 -49.82 0.94
CA ASP A 313 25.58 -48.51 1.29
C ASP A 313 25.11 -47.47 0.27
N LEU A 314 23.80 -47.48 -0.01
CA LEU A 314 23.18 -46.52 -0.90
C LEU A 314 22.04 -45.79 -0.18
N GLY A 315 21.56 -44.71 -0.81
CA GLY A 315 20.40 -43.99 -0.31
C GLY A 315 19.13 -44.45 -1.00
N PHE A 316 18.00 -43.86 -0.61
CA PHE A 316 16.77 -44.07 -1.35
C PHE A 316 16.89 -43.47 -2.75
N TRP A 317 17.57 -42.32 -2.82
CA TRP A 317 17.87 -41.64 -4.08
C TRP A 317 19.37 -41.53 -4.25
N ASN A 318 19.85 -41.90 -5.44
CA ASN A 318 21.26 -41.98 -5.73
C ASN A 318 21.57 -41.17 -6.98
N PHE A 319 22.35 -40.10 -6.80
CA PHE A 319 22.69 -39.21 -7.90
C PHE A 319 24.02 -39.62 -8.51
N TYR A 320 24.04 -39.70 -9.85
CA TYR A 320 25.26 -40.05 -10.57
C TYR A 320 25.58 -38.95 -11.57
N GLY A 321 26.84 -38.51 -11.56
CA GLY A 321 27.29 -37.54 -12.55
C GLY A 321 28.74 -37.74 -12.91
N THR A 322 29.14 -37.10 -14.02
CA THR A 322 30.50 -37.17 -14.49
C THR A 322 30.96 -35.75 -14.85
N LEU A 323 32.21 -35.47 -14.51
CA LEU A 323 32.85 -34.21 -14.79
C LEU A 323 33.99 -34.46 -15.76
N TYR A 324 34.29 -33.44 -16.56
CA TYR A 324 35.26 -33.55 -17.62
C TYR A 324 36.14 -32.30 -17.67
N GLY A 325 37.41 -32.50 -18.00
CA GLY A 325 38.28 -31.38 -18.27
C GLY A 325 39.62 -31.61 -17.58
N PRO A 326 40.47 -30.57 -17.55
CA PRO A 326 41.69 -30.62 -16.77
C PRO A 326 41.38 -30.88 -15.29
N PRO A 327 42.25 -31.59 -14.55
CA PRO A 327 42.03 -31.82 -13.13
C PRO A 327 41.59 -30.60 -12.32
N PRO A 328 42.17 -29.38 -12.48
CA PRO A 328 41.72 -28.24 -11.69
C PRO A 328 40.25 -27.84 -11.94
N LEU A 329 39.78 -28.02 -13.19
CA LEU A 329 38.40 -27.71 -13.51
C LEU A 329 37.47 -28.72 -12.83
N ILE A 330 37.81 -30.01 -12.92
CA ILE A 330 37.06 -31.07 -12.27
C ILE A 330 36.98 -30.77 -10.76
N GLU A 331 38.11 -30.42 -10.15
CA GLU A 331 38.14 -30.15 -8.71
C GLU A 331 37.19 -29.01 -8.35
N MET A 332 37.21 -27.94 -9.13
CA MET A 332 36.38 -26.77 -8.87
C MET A 332 34.90 -27.15 -8.97
N TYR A 333 34.52 -27.84 -10.05
CA TYR A 333 33.12 -28.21 -10.25
C TYR A 333 32.66 -29.17 -9.15
N TYR A 334 33.50 -30.14 -8.78
CA TYR A 334 33.12 -31.10 -7.77
C TYR A 334 32.93 -30.38 -6.43
N GLY A 335 33.79 -29.41 -6.12
CA GLY A 335 33.65 -28.60 -4.92
C GLY A 335 32.30 -27.87 -4.88
N MET A 336 31.88 -27.31 -6.03
CA MET A 336 30.61 -26.61 -6.12
C MET A 336 29.44 -27.57 -5.90
N ILE A 337 29.53 -28.76 -6.50
CA ILE A 337 28.49 -29.78 -6.38
C ILE A 337 28.36 -30.24 -4.93
N LYS A 338 29.49 -30.48 -4.27
CA LYS A 338 29.48 -30.92 -2.88
C LYS A 338 28.88 -29.84 -1.97
N GLU A 339 29.24 -28.57 -2.24
CA GLU A 339 28.74 -27.46 -1.45
C GLU A 339 27.23 -27.35 -1.58
N ALA A 340 26.70 -27.55 -2.79
CA ALA A 340 25.28 -27.32 -3.05
C ALA A 340 24.45 -28.49 -2.52
N PHE A 341 24.81 -29.72 -2.88
CA PHE A 341 24.01 -30.88 -2.45
C PHE A 341 24.24 -31.19 -0.97
N GLY A 342 25.39 -30.77 -0.44
CA GLY A 342 25.70 -30.96 0.97
C GLY A 342 24.76 -30.20 1.90
N LYS A 343 23.91 -29.32 1.37
CA LYS A 343 22.90 -28.64 2.18
C LYS A 343 21.77 -29.59 2.55
N ILE A 344 21.65 -30.76 1.88
CA ILE A 344 20.64 -31.74 2.23
C ILE A 344 21.21 -32.61 3.35
N PRO A 345 20.60 -32.63 4.57
CA PRO A 345 21.08 -33.50 5.63
C PRO A 345 21.16 -34.96 5.20
N GLY A 346 22.29 -35.61 5.49
CA GLY A 346 22.44 -37.05 5.26
C GLY A 346 23.03 -37.38 3.89
N ALA A 347 23.29 -36.38 3.05
CA ALA A 347 23.95 -36.59 1.77
C ALA A 347 25.38 -37.08 1.99
N ARG A 348 25.79 -38.08 1.20
CA ARG A 348 27.16 -38.57 1.24
C ARG A 348 27.70 -38.66 -0.18
N PHE A 349 29.01 -38.40 -0.33
CA PHE A 349 29.65 -38.28 -1.64
C PHE A 349 30.72 -39.34 -1.83
N PHE A 350 30.78 -39.90 -3.04
CA PHE A 350 31.77 -40.90 -3.40
C PHE A 350 32.22 -40.70 -4.84
N THR A 351 33.55 -40.73 -5.11
CA THR A 351 34.03 -40.72 -6.47
C THR A 351 34.15 -42.15 -6.97
N HIS A 352 34.38 -42.31 -8.28
CA HIS A 352 34.45 -43.62 -8.89
C HIS A 352 35.69 -44.35 -8.40
N GLU A 353 36.62 -43.64 -7.74
CA GLU A 353 37.78 -44.29 -7.15
C GLU A 353 37.53 -44.77 -5.72
N GLU A 354 36.36 -44.51 -5.14
CA GLU A 354 36.17 -44.72 -3.71
C GLU A 354 35.15 -45.82 -3.39
N ARG A 355 34.68 -46.55 -4.41
CA ARG A 355 33.64 -47.53 -4.22
C ARG A 355 33.91 -48.76 -5.08
N ASP A 356 34.46 -49.82 -4.47
CA ASP A 356 34.68 -51.07 -5.17
C ASP A 356 33.75 -52.18 -4.65
N ASP A 357 32.71 -51.80 -3.92
CA ASP A 357 31.80 -52.74 -3.31
C ASP A 357 30.66 -53.01 -4.28
N ARG A 358 29.79 -53.95 -3.91
CA ARG A 358 28.67 -54.35 -4.76
C ARG A 358 27.79 -53.13 -5.05
N GLY A 359 27.55 -52.30 -4.02
CA GLY A 359 26.69 -51.15 -4.17
C GLY A 359 27.24 -50.12 -5.17
N GLY A 360 28.57 -50.11 -5.31
CA GLY A 360 29.26 -49.21 -6.21
C GLY A 360 29.25 -49.69 -7.66
N HIS A 361 28.67 -50.86 -7.95
CA HIS A 361 28.68 -51.38 -9.31
C HIS A 361 27.96 -50.44 -10.30
N VAL A 362 26.86 -49.81 -9.86
CA VAL A 362 26.17 -48.88 -10.74
C VAL A 362 27.07 -47.67 -11.03
N LEU A 363 27.72 -47.11 -10.00
CA LEU A 363 28.63 -45.99 -10.23
C LEU A 363 29.67 -46.36 -11.29
N GLN A 364 30.23 -47.57 -11.22
CA GLN A 364 31.25 -47.98 -12.18
C GLN A 364 30.67 -48.08 -13.59
N ASP A 365 29.41 -48.52 -13.68
CA ASP A 365 28.75 -48.61 -14.99
C ASP A 365 28.47 -47.22 -15.55
N ARG A 366 28.00 -46.30 -14.71
CA ARG A 366 27.74 -44.93 -15.16
C ARG A 366 29.03 -44.28 -15.62
N HIS A 367 30.15 -44.58 -14.93
CA HIS A 367 31.42 -44.01 -15.32
C HIS A 367 31.80 -44.43 -16.74
N LYS A 368 31.49 -45.68 -17.11
CA LYS A 368 31.70 -46.14 -18.47
C LYS A 368 30.79 -45.40 -19.44
N ILE A 369 29.47 -45.48 -19.18
CA ILE A 369 28.48 -44.93 -20.08
C ILE A 369 28.73 -43.43 -20.30
N ASN A 370 29.02 -42.71 -19.22
CA ASN A 370 29.18 -41.25 -19.27
C ASN A 370 30.48 -40.85 -19.98
N ASN A 371 31.36 -41.83 -20.23
CA ASN A 371 32.58 -41.62 -20.97
C ASN A 371 32.54 -42.26 -22.36
N GLY A 372 31.37 -42.63 -22.83
CA GLY A 372 31.19 -43.19 -24.15
C GLY A 372 31.84 -44.56 -24.29
N ILE A 373 31.89 -45.30 -23.18
CA ILE A 373 32.39 -46.66 -23.18
C ILE A 373 31.18 -47.58 -23.07
N PRO A 374 30.79 -48.27 -24.15
CA PRO A 374 29.59 -49.08 -24.13
C PRO A 374 29.70 -50.28 -23.19
N SER A 375 28.54 -50.70 -22.69
CA SER A 375 28.43 -51.68 -21.63
C SER A 375 27.16 -52.50 -21.84
N LEU A 376 27.15 -53.73 -21.29
CA LEU A 376 25.92 -54.51 -21.17
C LEU A 376 25.64 -54.83 -19.69
N ASP A 377 26.31 -54.15 -18.76
CA ASP A 377 26.17 -54.51 -17.36
C ASP A 377 24.72 -54.40 -16.91
N GLU A 378 23.96 -53.45 -17.48
CA GLU A 378 22.60 -53.22 -17.04
C GLU A 378 21.64 -54.34 -17.44
N LEU A 379 22.05 -55.30 -18.28
CA LEU A 379 21.20 -56.46 -18.53
C LEU A 379 20.93 -57.22 -17.22
N GLN A 380 21.78 -57.05 -16.19
CA GLN A 380 21.56 -57.73 -14.91
C GLN A 380 20.24 -57.29 -14.27
N LEU A 381 19.74 -56.09 -14.57
CA LEU A 381 18.43 -55.63 -14.11
C LEU A 381 17.37 -56.70 -14.35
N LEU A 382 17.44 -57.39 -15.50
CA LEU A 382 16.40 -58.34 -15.88
C LEU A 382 16.43 -59.61 -15.04
N ASP A 383 17.48 -59.81 -14.22
CA ASP A 383 17.50 -60.93 -13.28
C ASP A 383 16.74 -60.61 -11.97
N TRP A 384 16.10 -59.43 -11.86
CA TRP A 384 15.40 -59.05 -10.64
C TRP A 384 14.32 -60.08 -10.28
N VAL A 385 13.68 -60.63 -11.31
CA VAL A 385 12.68 -61.68 -11.18
C VAL A 385 12.91 -62.70 -12.29
N PRO A 386 12.38 -63.93 -12.16
CA PRO A 386 12.53 -64.93 -13.22
C PRO A 386 11.97 -64.50 -14.56
N ASN A 387 12.66 -64.88 -15.64
CA ASN A 387 12.20 -64.60 -17.00
C ASN A 387 11.97 -63.09 -17.19
N GLY A 388 12.87 -62.30 -16.60
CA GLY A 388 12.67 -60.87 -16.46
C GLY A 388 12.59 -60.15 -17.81
N GLY A 389 11.60 -59.26 -17.90
CA GLY A 389 11.48 -58.26 -18.95
C GLY A 389 11.13 -56.91 -18.35
N HIS A 390 11.21 -55.84 -19.15
CA HIS A 390 10.75 -54.55 -18.65
C HIS A 390 9.96 -53.81 -19.73
N ILE A 391 9.16 -52.85 -19.27
CA ILE A 391 8.55 -51.86 -20.14
C ILE A 391 8.96 -50.49 -19.60
N GLY A 392 9.22 -49.55 -20.52
CA GLY A 392 9.63 -48.21 -20.14
C GLY A 392 8.45 -47.26 -20.14
N PHE A 393 8.36 -46.44 -19.10
CA PHE A 393 7.29 -45.47 -18.98
C PHE A 393 7.95 -44.16 -18.57
N VAL A 394 7.94 -43.17 -19.46
CA VAL A 394 8.78 -42.00 -19.27
C VAL A 394 8.03 -40.69 -19.55
N PRO A 395 7.28 -40.16 -18.57
CA PRO A 395 6.67 -38.85 -18.67
C PRO A 395 7.66 -37.68 -18.59
N VAL A 396 7.30 -36.59 -19.26
CA VAL A 396 8.06 -35.34 -19.31
C VAL A 396 7.31 -34.24 -18.57
N SER A 397 8.08 -33.44 -17.81
CA SER A 397 7.53 -32.42 -16.92
C SER A 397 8.54 -31.31 -16.71
N ALA A 398 8.19 -30.31 -15.90
CA ALA A 398 9.11 -29.25 -15.49
C ALA A 398 10.06 -29.77 -14.42
N PRO A 399 11.34 -29.32 -14.41
CA PRO A 399 12.32 -29.70 -13.40
C PRO A 399 12.12 -28.97 -12.09
N ASP A 400 11.07 -29.40 -11.41
CA ASP A 400 10.60 -28.79 -10.19
C ASP A 400 10.43 -29.90 -9.14
N GLY A 401 10.93 -29.66 -7.93
CA GLY A 401 10.92 -30.69 -6.90
C GLY A 401 9.51 -31.14 -6.49
N ARG A 402 8.57 -30.20 -6.42
CA ARG A 402 7.20 -30.55 -6.06
C ARG A 402 6.57 -31.38 -7.19
N GLU A 403 6.85 -31.04 -8.45
CA GLU A 403 6.38 -31.86 -9.56
C GLU A 403 6.96 -33.26 -9.51
N ALA A 404 8.25 -33.38 -9.14
CA ALA A 404 8.91 -34.67 -8.99
C ALA A 404 8.22 -35.49 -7.91
N MET A 405 7.97 -34.88 -6.74
CA MET A 405 7.31 -35.58 -5.65
C MET A 405 5.93 -36.06 -6.09
N LYS A 406 5.19 -35.23 -6.82
CA LYS A 406 3.85 -35.62 -7.26
C LYS A 406 3.91 -36.86 -8.16
N GLN A 407 4.88 -36.87 -9.07
CA GLN A 407 5.02 -37.98 -10.01
C GLN A 407 5.46 -39.25 -9.30
N PHE A 408 6.47 -39.12 -8.44
CA PHE A 408 6.93 -40.22 -7.60
C PHE A 408 5.74 -40.90 -6.90
N GLU A 409 4.94 -40.08 -6.20
CA GLU A 409 3.86 -40.59 -5.39
C GLU A 409 2.79 -41.25 -6.25
N MET A 410 2.43 -40.63 -7.36
CA MET A 410 1.30 -41.14 -8.13
C MET A 410 1.67 -42.41 -8.88
N VAL A 411 2.93 -42.51 -9.34
CA VAL A 411 3.34 -43.71 -10.04
C VAL A 411 3.51 -44.84 -9.03
N ARG A 412 4.09 -44.53 -7.87
CA ARG A 412 4.31 -45.57 -6.86
C ARG A 412 2.97 -46.13 -6.39
N ASN A 413 1.99 -45.23 -6.14
CA ASN A 413 0.65 -45.62 -5.74
C ASN A 413 0.08 -46.65 -6.71
N ARG A 414 0.16 -46.36 -8.03
CA ARG A 414 -0.42 -47.22 -9.03
C ARG A 414 0.33 -48.54 -9.13
N ALA A 415 1.67 -48.47 -9.09
CA ALA A 415 2.48 -49.67 -9.15
C ALA A 415 2.12 -50.62 -7.99
N ASN A 416 1.97 -50.05 -6.79
CA ASN A 416 1.60 -50.82 -5.60
C ASN A 416 0.32 -51.61 -5.82
N GLU A 417 -0.68 -51.04 -6.51
CA GLU A 417 -1.93 -51.74 -6.77
C GLU A 417 -1.73 -53.04 -7.56
N TYR A 418 -0.73 -53.06 -8.43
CA TYR A 418 -0.45 -54.23 -9.26
C TYR A 418 0.71 -55.05 -8.72
N ASN A 419 1.16 -54.78 -7.48
CA ASN A 419 2.30 -55.46 -6.91
C ASN A 419 3.49 -55.41 -7.88
N LYS A 420 3.81 -54.19 -8.32
CA LYS A 420 4.99 -53.98 -9.13
C LYS A 420 5.85 -52.95 -8.40
N ASP A 421 7.16 -53.20 -8.41
CA ASP A 421 8.09 -52.31 -7.73
C ASP A 421 8.16 -51.01 -8.55
N TYR A 422 8.27 -49.92 -7.80
CA TYR A 422 8.55 -48.59 -8.32
C TYR A 422 10.06 -48.49 -8.53
N MET A 423 10.50 -48.87 -9.73
CA MET A 423 11.86 -48.69 -10.15
C MET A 423 11.94 -47.49 -11.07
N ALA A 424 12.55 -46.42 -10.56
CA ALA A 424 12.49 -45.18 -11.29
C ALA A 424 13.72 -44.34 -11.00
N GLY A 425 13.94 -43.42 -11.93
CA GLY A 425 14.86 -42.33 -11.71
C GLY A 425 14.27 -41.06 -12.32
N PHE A 426 14.97 -39.96 -12.06
CA PHE A 426 14.66 -38.67 -12.66
C PHE A 426 15.93 -38.17 -13.32
N THR A 427 15.77 -37.62 -14.54
CA THR A 427 16.88 -36.99 -15.25
C THR A 427 16.42 -35.63 -15.72
N ILE A 428 17.40 -34.74 -15.94
CA ILE A 428 17.11 -33.45 -16.55
C ILE A 428 18.00 -33.28 -17.76
N GLY A 429 17.44 -32.62 -18.78
CA GLY A 429 18.20 -32.17 -19.94
C GLY A 429 18.97 -30.87 -19.68
N LEU A 430 18.30 -29.74 -19.95
CA LEU A 430 18.66 -28.43 -19.45
C LEU A 430 17.48 -27.85 -18.69
N ARG A 431 16.29 -27.97 -19.28
CA ARG A 431 15.11 -27.28 -18.77
C ARG A 431 13.92 -28.21 -18.63
N GLU A 432 14.12 -29.49 -18.88
CA GLU A 432 13.01 -30.44 -18.84
C GLU A 432 13.41 -31.60 -17.96
N MET A 433 12.39 -32.27 -17.41
CA MET A 433 12.57 -33.39 -16.52
C MET A 433 11.87 -34.62 -17.10
N TYR A 434 12.57 -35.75 -16.95
CA TYR A 434 12.02 -37.05 -17.31
C TYR A 434 11.92 -37.92 -16.06
N HIS A 435 10.79 -38.61 -15.94
CA HIS A 435 10.56 -39.57 -14.88
C HIS A 435 10.71 -40.94 -15.53
N VAL A 436 11.90 -41.53 -15.39
CA VAL A 436 12.22 -42.76 -16.09
C VAL A 436 11.80 -43.96 -15.23
N CYS A 437 10.66 -44.57 -15.57
CA CYS A 437 10.12 -45.70 -14.83
C CYS A 437 10.36 -46.98 -15.63
N LEU A 438 10.94 -47.99 -14.99
CA LEU A 438 11.10 -49.31 -15.56
C LEU A 438 10.27 -50.26 -14.70
N PHE A 439 9.38 -51.00 -15.34
CA PHE A 439 8.66 -52.01 -14.58
C PHE A 439 9.17 -53.38 -15.03
N ILE A 440 9.72 -54.14 -14.09
CA ILE A 440 10.33 -55.44 -14.39
C ILE A 440 9.33 -56.53 -13.99
N TYR A 441 9.16 -57.55 -14.83
CA TYR A 441 8.11 -58.53 -14.60
C TYR A 441 8.48 -59.86 -15.25
N ASP A 442 7.76 -60.92 -14.85
CA ASP A 442 7.97 -62.26 -15.38
C ASP A 442 7.28 -62.41 -16.73
N THR A 443 8.06 -62.41 -17.81
CA THR A 443 7.52 -62.45 -19.17
C THR A 443 6.87 -63.80 -19.49
N ALA A 444 7.09 -64.84 -18.68
CA ALA A 444 6.53 -66.15 -18.93
C ALA A 444 5.15 -66.29 -18.29
N ASP A 445 4.74 -65.31 -17.47
CA ASP A 445 3.49 -65.38 -16.73
C ASP A 445 2.42 -64.53 -17.45
N PRO A 446 1.38 -65.15 -18.06
CA PRO A 446 0.35 -64.39 -18.75
C PRO A 446 -0.31 -63.33 -17.88
N GLU A 447 -0.51 -63.66 -16.60
CA GLU A 447 -1.13 -62.72 -15.67
C GLU A 447 -0.25 -61.49 -15.49
N ALA A 448 1.08 -61.69 -15.34
CA ALA A 448 2.00 -60.57 -15.19
C ALA A 448 2.01 -59.70 -16.45
N ARG A 449 1.99 -60.35 -17.63
CA ARG A 449 1.96 -59.64 -18.90
C ARG A 449 0.71 -58.75 -19.00
N GLU A 450 -0.44 -59.30 -18.58
CA GLU A 450 -1.69 -58.55 -18.68
C GLU A 450 -1.72 -57.43 -17.64
N GLU A 451 -1.20 -57.70 -16.43
CA GLU A 451 -1.09 -56.67 -15.42
C GLU A 451 -0.26 -55.49 -15.93
N ILE A 452 0.87 -55.79 -16.58
CA ILE A 452 1.73 -54.73 -17.09
C ILE A 452 0.96 -53.86 -18.07
N LEU A 453 0.23 -54.49 -18.99
CA LEU A 453 -0.55 -53.77 -19.99
C LEU A 453 -1.58 -52.88 -19.30
N GLN A 454 -2.35 -53.45 -18.38
CA GLN A 454 -3.45 -52.70 -17.79
C GLN A 454 -2.91 -51.57 -16.90
N MET A 455 -1.83 -51.85 -16.17
CA MET A 455 -1.23 -50.86 -15.30
C MET A 455 -0.68 -49.69 -16.12
N THR A 456 0.03 -49.99 -17.21
CA THR A 456 0.66 -48.92 -17.95
C THR A 456 -0.39 -48.06 -18.67
N LYS A 457 -1.52 -48.65 -19.09
CA LYS A 457 -2.60 -47.87 -19.66
C LYS A 457 -3.13 -46.87 -18.65
N VAL A 458 -3.28 -47.32 -17.40
CA VAL A 458 -3.70 -46.42 -16.34
C VAL A 458 -2.66 -45.35 -16.06
N LEU A 459 -1.38 -45.71 -16.02
CA LEU A 459 -0.32 -44.74 -15.78
C LEU A 459 -0.36 -43.64 -16.85
N VAL A 460 -0.54 -44.03 -18.13
CA VAL A 460 -0.58 -43.07 -19.22
C VAL A 460 -1.73 -42.08 -19.00
N ARG A 461 -2.92 -42.62 -18.67
CA ARG A 461 -4.07 -41.77 -18.45
C ARG A 461 -3.84 -40.83 -17.26
N GLU A 462 -3.37 -41.37 -16.13
CA GLU A 462 -3.24 -40.57 -14.91
C GLU A 462 -2.20 -39.47 -15.13
N ALA A 463 -1.10 -39.80 -15.82
CA ALA A 463 -0.08 -38.84 -16.12
C ALA A 463 -0.68 -37.71 -16.97
N ALA A 464 -1.44 -38.07 -18.03
CA ALA A 464 -2.02 -37.07 -18.91
C ALA A 464 -3.01 -36.18 -18.15
N GLU A 465 -3.78 -36.76 -17.23
CA GLU A 465 -4.73 -35.99 -16.43
C GLU A 465 -4.02 -34.93 -15.60
N ALA A 466 -2.77 -35.21 -15.23
CA ALA A 466 -1.95 -34.29 -14.46
C ALA A 466 -1.10 -33.38 -15.34
N GLY A 467 -1.19 -33.54 -16.67
CA GLY A 467 -0.52 -32.64 -17.61
C GLY A 467 0.88 -33.14 -18.01
N TYR A 468 1.11 -34.46 -17.88
CA TYR A 468 2.38 -35.05 -18.26
C TYR A 468 2.16 -35.99 -19.45
N GLY A 469 3.00 -35.84 -20.46
CA GLY A 469 2.95 -36.74 -21.61
C GLY A 469 4.29 -37.48 -21.73
N GLU A 470 4.28 -38.62 -22.44
CA GLU A 470 5.48 -39.45 -22.56
C GLU A 470 6.26 -39.09 -23.82
N TYR A 471 7.59 -39.23 -23.73
CA TYR A 471 8.48 -38.83 -24.82
C TYR A 471 8.62 -39.97 -25.85
N ARG A 472 8.27 -41.18 -25.44
CA ARG A 472 8.53 -42.39 -26.22
C ARG A 472 7.72 -43.51 -25.56
N THR A 473 7.28 -44.52 -26.32
CA THR A 473 6.49 -45.56 -25.70
C THR A 473 6.53 -46.87 -26.49
N HIS A 474 5.92 -47.87 -25.86
CA HIS A 474 5.85 -49.23 -26.38
C HIS A 474 4.75 -49.34 -27.42
N ASN A 475 4.92 -50.28 -28.36
CA ASN A 475 3.88 -50.62 -29.31
C ASN A 475 2.47 -50.66 -28.71
N ALA A 476 2.32 -51.33 -27.56
CA ALA A 476 1.02 -51.54 -26.94
C ALA A 476 0.37 -50.26 -26.45
N LEU A 477 1.15 -49.18 -26.32
CA LEU A 477 0.67 -47.92 -25.75
C LEU A 477 0.67 -46.80 -26.78
N MET A 478 1.06 -47.04 -28.02
CA MET A 478 1.24 -45.94 -28.98
C MET A 478 -0.11 -45.24 -29.27
N ASP A 479 -1.20 -46.00 -29.43
CA ASP A 479 -2.50 -45.38 -29.64
C ASP A 479 -2.90 -44.53 -28.42
N ASP A 480 -2.73 -45.10 -27.24
CA ASP A 480 -3.08 -44.44 -26.00
C ASP A 480 -2.27 -43.16 -25.81
N VAL A 481 -0.96 -43.21 -26.03
CA VAL A 481 -0.13 -42.04 -25.82
C VAL A 481 -0.45 -40.96 -26.85
N MET A 482 -0.58 -41.32 -28.13
CA MET A 482 -0.87 -40.27 -29.12
C MET A 482 -2.24 -39.63 -28.81
N ALA A 483 -3.17 -40.40 -28.26
CA ALA A 483 -4.49 -39.90 -27.91
C ALA A 483 -4.42 -38.82 -26.82
N THR A 484 -3.35 -38.79 -26.00
CA THR A 484 -3.19 -37.80 -24.95
C THR A 484 -2.77 -36.45 -25.54
N PHE A 485 -2.13 -36.46 -26.72
CA PHE A 485 -1.64 -35.21 -27.32
C PHE A 485 -2.72 -34.58 -28.20
N ASN A 486 -3.91 -34.38 -27.62
CA ASN A 486 -5.10 -34.13 -28.41
C ASN A 486 -5.60 -32.68 -28.30
N TRP A 487 -4.72 -31.72 -27.98
CA TRP A 487 -5.11 -30.31 -28.04
C TRP A 487 -5.79 -30.01 -29.38
N GLY A 488 -6.82 -29.17 -29.33
CA GLY A 488 -7.49 -28.71 -30.53
C GLY A 488 -8.19 -29.85 -31.27
N ASP A 489 -8.83 -30.72 -30.48
CA ASP A 489 -9.61 -31.83 -31.00
C ASP A 489 -8.74 -32.74 -31.88
N GLY A 490 -7.55 -33.09 -31.38
CA GLY A 490 -6.70 -34.07 -32.05
C GLY A 490 -6.00 -33.49 -33.27
N ALA A 491 -5.65 -32.22 -33.23
CA ALA A 491 -5.07 -31.53 -34.39
C ALA A 491 -3.72 -32.12 -34.81
N LEU A 492 -2.88 -32.48 -33.86
CA LEU A 492 -1.53 -32.96 -34.17
C LEU A 492 -1.61 -34.27 -34.94
N LEU A 493 -2.44 -35.21 -34.44
CA LEU A 493 -2.57 -36.49 -35.14
C LEU A 493 -3.16 -36.29 -36.53
N LYS A 494 -4.16 -35.40 -36.68
CA LYS A 494 -4.76 -35.16 -37.97
C LYS A 494 -3.72 -34.65 -38.97
N PHE A 495 -2.84 -33.77 -38.51
CA PHE A 495 -1.73 -33.29 -39.32
C PHE A 495 -0.83 -34.46 -39.75
N HIS A 496 -0.43 -35.30 -38.79
CA HIS A 496 0.42 -36.43 -39.11
C HIS A 496 -0.24 -37.35 -40.12
N GLU A 497 -1.57 -37.56 -40.00
CA GLU A 497 -2.30 -38.46 -40.88
C GLU A 497 -2.29 -37.94 -42.31
N LYS A 498 -2.45 -36.61 -42.48
CA LYS A 498 -2.48 -36.03 -43.81
C LYS A 498 -1.12 -36.25 -44.51
N ILE A 499 -0.05 -36.02 -43.76
CA ILE A 499 1.30 -36.23 -44.28
C ILE A 499 1.54 -37.70 -44.60
N LYS A 500 1.15 -38.59 -43.69
CA LYS A 500 1.29 -40.02 -43.93
C LYS A 500 0.59 -40.45 -45.21
N ASP A 501 -0.67 -40.01 -45.39
CA ASP A 501 -1.44 -40.47 -46.55
C ASP A 501 -0.86 -39.94 -47.85
N ALA A 502 -0.31 -38.73 -47.81
CA ALA A 502 0.29 -38.11 -48.99
C ALA A 502 1.56 -38.84 -49.42
N LEU A 503 2.42 -39.19 -48.46
CA LEU A 503 3.68 -39.84 -48.77
C LEU A 503 3.53 -41.36 -48.95
N ASP A 504 2.48 -41.94 -48.37
CA ASP A 504 2.29 -43.39 -48.32
C ASP A 504 0.84 -43.73 -48.70
N PRO A 505 0.45 -43.50 -49.97
CA PRO A 505 -0.93 -43.70 -50.37
C PRO A 505 -1.40 -45.16 -50.29
N ASN A 506 -0.46 -46.12 -50.34
CA ASN A 506 -0.82 -47.53 -50.22
C ASN A 506 -0.73 -48.04 -48.78
N GLY A 507 -0.32 -47.20 -47.83
CA GLY A 507 -0.33 -47.55 -46.42
C GLY A 507 0.60 -48.72 -46.07
N ILE A 508 1.89 -48.59 -46.43
CA ILE A 508 2.87 -49.67 -46.36
C ILE A 508 3.77 -49.55 -45.13
N ILE A 509 4.25 -48.35 -44.81
CA ILE A 509 5.35 -48.27 -43.84
C ILE A 509 4.79 -48.24 -42.41
N ALA A 510 5.26 -49.18 -41.57
CA ALA A 510 5.02 -49.28 -40.13
C ALA A 510 3.68 -48.66 -39.72
N PRO A 511 2.55 -49.19 -40.21
CA PRO A 511 1.25 -48.64 -39.83
C PRO A 511 1.06 -48.66 -38.32
N GLY A 512 0.66 -47.50 -37.79
CA GLY A 512 0.35 -47.40 -36.38
C GLY A 512 1.51 -46.93 -35.52
N LYS A 513 2.73 -46.82 -36.07
CA LYS A 513 3.81 -46.25 -35.32
C LYS A 513 3.40 -44.89 -34.77
N SER A 514 3.66 -44.66 -33.49
CA SER A 514 3.31 -43.38 -32.85
C SER A 514 1.82 -43.06 -32.95
N GLY A 515 1.01 -44.10 -33.15
CA GLY A 515 -0.43 -43.93 -33.28
C GLY A 515 -0.88 -43.38 -34.63
N ILE A 516 0.02 -43.36 -35.63
CA ILE A 516 -0.28 -42.76 -36.93
C ILE A 516 -0.60 -43.88 -37.92
N TRP A 517 -1.89 -43.99 -38.27
CA TRP A 517 -2.35 -45.05 -39.16
C TRP A 517 -2.67 -44.48 -40.53
N PRO A 518 -2.27 -45.16 -41.61
CA PRO A 518 -2.73 -44.75 -42.94
C PRO A 518 -4.22 -45.04 -43.10
N GLN A 519 -4.82 -44.40 -44.10
CA GLN A 519 -6.26 -44.43 -44.34
C GLN A 519 -6.83 -45.83 -44.32
N ARG A 520 -6.15 -46.80 -44.95
CA ARG A 520 -6.73 -48.11 -45.14
C ARG A 520 -6.87 -48.89 -43.83
N PHE A 521 -6.17 -48.49 -42.77
CA PHE A 521 -6.23 -49.16 -41.48
C PHE A 521 -6.92 -48.32 -40.43
N ARG A 522 -7.27 -47.07 -40.75
CA ARG A 522 -7.78 -46.17 -39.73
C ARG A 522 -9.15 -46.64 -39.22
N GLY A 523 -9.32 -46.61 -37.90
CA GLY A 523 -10.56 -46.98 -37.24
C GLY A 523 -10.86 -48.48 -37.32
N GLN A 524 -9.83 -49.34 -37.22
CA GLN A 524 -10.07 -50.77 -37.37
C GLN A 524 -9.64 -51.61 -36.17
N ASN A 525 -9.21 -50.99 -35.06
CA ASN A 525 -8.96 -51.75 -33.84
C ASN A 525 -7.89 -52.82 -34.11
N LEU A 526 -6.78 -52.40 -34.73
CA LEU A 526 -5.65 -53.29 -34.95
C LEU A 526 -4.57 -53.02 -33.87
N THR B 2 -1.21 0.36 -62.53
CA THR B 2 -2.35 -0.59 -62.65
C THR B 2 -2.47 -1.36 -61.34
N ARG B 3 -3.71 -1.65 -60.93
CA ARG B 3 -3.98 -2.23 -59.63
C ARG B 3 -3.38 -3.64 -59.53
N THR B 4 -2.70 -3.93 -58.42
CA THR B 4 -2.12 -5.25 -58.24
C THR B 4 -3.21 -6.22 -57.79
N LEU B 5 -3.44 -7.29 -58.56
CA LEU B 5 -4.46 -8.27 -58.25
C LEU B 5 -3.82 -9.64 -58.04
N PRO B 6 -4.44 -10.52 -57.21
CA PRO B 6 -3.99 -11.90 -57.14
C PRO B 6 -4.15 -12.57 -58.50
N PRO B 7 -3.22 -13.48 -58.89
CA PRO B 7 -3.35 -14.18 -60.16
C PRO B 7 -4.70 -14.87 -60.34
N GLY B 8 -5.38 -14.59 -61.45
CA GLY B 8 -6.62 -15.26 -61.78
C GLY B 8 -7.83 -14.69 -61.03
N VAL B 9 -7.64 -13.63 -60.24
CA VAL B 9 -8.72 -13.07 -59.45
C VAL B 9 -9.10 -11.71 -60.01
N SER B 10 -10.38 -11.55 -60.37
CA SER B 10 -10.88 -10.32 -60.96
C SER B 10 -10.90 -9.20 -59.92
N ASP B 11 -10.97 -7.96 -60.41
CA ASP B 11 -11.16 -6.79 -59.56
C ASP B 11 -12.34 -7.01 -58.61
N GLU B 12 -13.45 -7.48 -59.16
CA GLU B 12 -14.68 -7.60 -58.40
C GLU B 12 -14.57 -8.70 -57.34
N ARG B 13 -13.98 -9.83 -57.69
CA ARG B 13 -13.80 -10.92 -56.73
C ARG B 13 -12.81 -10.51 -55.64
N PHE B 14 -11.78 -9.75 -56.02
CA PHE B 14 -10.80 -9.29 -55.04
C PHE B 14 -11.48 -8.33 -54.06
N ASP B 15 -12.29 -7.40 -54.57
CA ASP B 15 -13.03 -6.49 -53.71
C ASP B 15 -13.91 -7.25 -52.73
N ALA B 16 -14.56 -8.34 -53.18
CA ALA B 16 -15.41 -9.13 -52.31
C ALA B 16 -14.58 -9.78 -51.21
N ALA B 17 -13.40 -10.33 -51.58
CA ALA B 17 -12.52 -10.92 -50.58
C ALA B 17 -12.04 -9.86 -49.58
N LEU B 18 -11.68 -8.67 -50.06
CA LEU B 18 -11.27 -7.59 -49.18
C LEU B 18 -12.33 -7.26 -48.12
N GLN B 19 -13.57 -7.23 -48.55
CA GLN B 19 -14.67 -6.91 -47.65
C GLN B 19 -14.81 -8.02 -46.62
N ARG B 20 -14.66 -9.28 -47.03
CA ARG B 20 -14.68 -10.38 -46.07
C ARG B 20 -13.55 -10.22 -45.05
N PHE B 21 -12.35 -9.84 -45.50
CA PHE B 21 -11.26 -9.62 -44.57
C PHE B 21 -11.59 -8.48 -43.61
N ARG B 22 -12.18 -7.39 -44.11
CA ARG B 22 -12.56 -6.27 -43.23
C ARG B 22 -13.59 -6.71 -42.18
N ASP B 23 -14.51 -7.60 -42.57
CA ASP B 23 -15.50 -8.12 -41.65
C ASP B 23 -14.85 -8.88 -40.49
N VAL B 24 -13.68 -9.48 -40.74
CA VAL B 24 -12.96 -10.24 -39.73
C VAL B 24 -12.12 -9.31 -38.84
N VAL B 25 -11.30 -8.44 -39.44
CA VAL B 25 -10.25 -7.73 -38.68
C VAL B 25 -10.61 -6.28 -38.39
N GLY B 26 -11.61 -5.73 -39.09
CA GLY B 26 -11.96 -4.32 -38.99
C GLY B 26 -11.47 -3.52 -40.19
N ASP B 27 -12.20 -2.47 -40.57
CA ASP B 27 -11.91 -1.71 -41.77
C ASP B 27 -10.49 -1.14 -41.78
N LYS B 28 -10.01 -0.63 -40.65
CA LYS B 28 -8.74 0.08 -40.65
C LYS B 28 -7.55 -0.90 -40.72
N TRP B 29 -7.81 -2.20 -40.60
CA TRP B 29 -6.75 -3.19 -40.55
C TRP B 29 -6.65 -3.99 -41.85
N VAL B 30 -7.21 -3.46 -42.93
CA VAL B 30 -7.02 -3.94 -44.29
C VAL B 30 -6.56 -2.77 -45.14
N LEU B 31 -5.34 -2.86 -45.70
CA LEU B 31 -4.74 -1.84 -46.53
C LEU B 31 -4.74 -2.31 -47.97
N SER B 32 -5.22 -1.48 -48.92
CA SER B 32 -5.27 -1.92 -50.31
C SER B 32 -5.16 -0.79 -51.33
N THR B 33 -4.75 0.42 -50.93
CA THR B 33 -4.51 1.46 -51.92
C THR B 33 -3.04 1.44 -52.33
N ALA B 34 -2.79 1.88 -53.57
CA ALA B 34 -1.44 1.92 -54.12
C ALA B 34 -0.48 2.63 -53.16
N ASP B 35 -0.89 3.80 -52.65
CA ASP B 35 -0.06 4.58 -51.76
C ASP B 35 0.23 3.84 -50.45
N GLU B 36 -0.77 3.18 -49.88
CA GLU B 36 -0.60 2.41 -48.65
C GLU B 36 0.38 1.26 -48.87
N LEU B 37 0.35 0.63 -50.05
CA LEU B 37 1.11 -0.59 -50.31
C LEU B 37 2.57 -0.30 -50.64
N GLU B 38 2.88 0.94 -50.98
CA GLU B 38 4.24 1.32 -51.35
C GLU B 38 5.23 0.94 -50.25
N ALA B 39 4.81 1.12 -48.99
CA ALA B 39 5.66 0.88 -47.84
C ALA B 39 5.92 -0.60 -47.61
N PHE B 40 5.20 -1.48 -48.33
CA PHE B 40 5.35 -2.92 -48.13
C PHE B 40 6.11 -3.55 -49.29
N ARG B 41 6.54 -2.73 -50.24
CA ARG B 41 7.42 -3.21 -51.30
C ARG B 41 8.77 -3.52 -50.68
N ASP B 42 9.50 -4.43 -51.32
CA ASP B 42 10.88 -4.70 -50.95
C ASP B 42 11.66 -3.38 -50.86
N PRO B 43 12.25 -3.00 -49.71
CA PRO B 43 13.02 -1.77 -49.68
C PRO B 43 14.33 -1.85 -50.47
N TYR B 44 14.82 -3.08 -50.69
CA TYR B 44 16.07 -3.32 -51.39
C TYR B 44 15.76 -4.16 -52.63
N PRO B 45 15.05 -3.60 -53.62
CA PRO B 45 14.57 -4.40 -54.75
C PRO B 45 15.72 -4.95 -55.59
N VAL B 46 15.47 -6.14 -56.14
CA VAL B 46 16.45 -6.84 -56.95
C VAL B 46 15.85 -7.01 -58.34
N GLY B 47 16.64 -6.72 -59.38
CA GLY B 47 16.13 -6.71 -60.75
C GLY B 47 15.58 -5.34 -61.12
N ALA B 48 15.72 -4.97 -62.39
CA ALA B 48 15.20 -3.70 -62.87
C ALA B 48 13.67 -3.71 -62.86
N ALA B 49 13.07 -4.80 -63.33
CA ALA B 49 11.62 -4.89 -63.47
C ALA B 49 10.96 -4.98 -62.10
N GLU B 50 9.75 -4.45 -62.01
CA GLU B 50 8.95 -4.56 -60.80
C GLU B 50 8.67 -6.04 -60.55
N ALA B 51 8.67 -6.40 -59.26
CA ALA B 51 8.43 -7.77 -58.87
C ALA B 51 7.92 -7.78 -57.43
N ASN B 52 7.35 -8.90 -57.00
CA ASN B 52 7.02 -9.13 -55.60
C ASN B 52 6.04 -8.07 -55.09
N LEU B 53 4.97 -7.84 -55.84
CA LEU B 53 4.04 -6.78 -55.51
C LEU B 53 2.93 -7.31 -54.60
N PRO B 54 2.69 -6.73 -53.40
CA PRO B 54 1.55 -7.10 -52.60
C PRO B 54 0.26 -6.48 -53.13
N SER B 55 -0.86 -7.21 -53.01
CA SER B 55 -2.17 -6.70 -53.40
C SER B 55 -2.90 -6.05 -52.24
N ALA B 56 -2.56 -6.46 -51.01
CA ALA B 56 -3.16 -5.90 -49.80
C ALA B 56 -2.34 -6.32 -48.59
N VAL B 57 -2.61 -5.68 -47.44
CA VAL B 57 -2.07 -6.08 -46.15
C VAL B 57 -3.23 -6.23 -45.17
N VAL B 58 -3.27 -7.35 -44.45
CA VAL B 58 -4.31 -7.64 -43.47
C VAL B 58 -3.63 -7.89 -42.13
N SER B 59 -4.10 -7.18 -41.09
CA SER B 59 -3.49 -7.19 -39.76
C SER B 59 -4.47 -7.81 -38.75
N PRO B 60 -4.39 -9.13 -38.50
CA PRO B 60 -5.29 -9.78 -37.54
C PRO B 60 -4.87 -9.54 -36.09
N GLU B 61 -5.84 -9.65 -35.17
CA GLU B 61 -5.62 -9.41 -33.76
C GLU B 61 -5.49 -10.69 -32.94
N SER B 62 -5.85 -11.85 -33.53
CA SER B 62 -5.94 -13.08 -32.76
C SER B 62 -5.80 -14.29 -33.67
N THR B 63 -5.52 -15.44 -33.04
CA THR B 63 -5.44 -16.72 -33.75
C THR B 63 -6.74 -16.97 -34.50
N GLU B 64 -7.89 -16.73 -33.85
CA GLU B 64 -9.16 -16.99 -34.50
C GLU B 64 -9.31 -16.14 -35.78
N GLN B 65 -8.87 -14.88 -35.71
CA GLN B 65 -8.90 -14.02 -36.89
C GLN B 65 -8.01 -14.57 -38.01
N VAL B 66 -6.81 -15.07 -37.64
CA VAL B 66 -5.93 -15.70 -38.63
C VAL B 66 -6.65 -16.88 -39.30
N GLN B 67 -7.32 -17.71 -38.49
CA GLN B 67 -8.05 -18.84 -39.03
C GLN B 67 -9.11 -18.38 -40.04
N ASP B 68 -9.85 -17.34 -39.69
CA ASP B 68 -10.91 -16.84 -40.55
C ASP B 68 -10.33 -16.26 -41.85
N ILE B 69 -9.20 -15.54 -41.77
CA ILE B 69 -8.53 -15.01 -42.95
C ILE B 69 -8.15 -16.16 -43.88
N VAL B 70 -7.56 -17.22 -43.32
CA VAL B 70 -7.15 -18.37 -44.11
C VAL B 70 -8.37 -19.00 -44.78
N ARG B 71 -9.47 -19.15 -44.04
CA ARG B 71 -10.69 -19.73 -44.62
C ARG B 71 -11.20 -18.90 -45.80
N ILE B 72 -11.21 -17.57 -45.65
CA ILE B 72 -11.62 -16.68 -46.72
C ILE B 72 -10.70 -16.84 -47.92
N ALA B 73 -9.38 -16.90 -47.69
CA ALA B 73 -8.44 -16.99 -48.78
C ALA B 73 -8.69 -18.29 -49.57
N ASN B 74 -9.00 -19.37 -48.87
CA ASN B 74 -9.32 -20.64 -49.55
C ASN B 74 -10.57 -20.48 -50.42
N GLU B 75 -11.59 -19.79 -49.90
CA GLU B 75 -12.85 -19.68 -50.62
C GLU B 75 -12.66 -18.86 -51.91
N TYR B 76 -11.82 -17.81 -51.85
CA TYR B 76 -11.69 -16.86 -52.97
C TYR B 76 -10.41 -17.10 -53.79
N GLY B 77 -9.59 -18.09 -53.40
CA GLY B 77 -8.34 -18.40 -54.10
C GLY B 77 -7.28 -17.31 -53.99
N ILE B 78 -7.19 -16.66 -52.84
CA ILE B 78 -6.26 -15.55 -52.64
C ILE B 78 -4.97 -16.05 -51.98
N PRO B 79 -3.78 -15.87 -52.57
CA PRO B 79 -2.55 -16.27 -51.91
C PRO B 79 -2.21 -15.32 -50.76
N LEU B 80 -1.68 -15.91 -49.68
CA LEU B 80 -1.37 -15.18 -48.44
C LEU B 80 0.11 -15.34 -48.15
N HIS B 81 0.78 -14.21 -47.90
CA HIS B 81 2.17 -14.22 -47.47
C HIS B 81 2.24 -13.78 -46.02
N PRO B 82 2.38 -14.72 -45.06
CA PRO B 82 2.48 -14.36 -43.65
C PRO B 82 3.85 -13.81 -43.29
N VAL B 83 3.83 -12.72 -42.51
CA VAL B 83 5.02 -12.15 -41.92
C VAL B 83 4.70 -11.86 -40.46
N SER B 84 5.77 -11.59 -39.71
CA SER B 84 5.68 -11.14 -38.33
C SER B 84 5.82 -9.62 -38.32
N THR B 85 7.07 -9.12 -38.43
CA THR B 85 7.30 -7.69 -38.56
C THR B 85 7.66 -7.28 -39.99
N GLY B 86 7.95 -8.24 -40.87
CA GLY B 86 8.21 -7.92 -42.26
C GLY B 86 9.49 -7.11 -42.50
N LYS B 87 10.54 -7.40 -41.72
CA LYS B 87 11.81 -6.69 -41.83
C LYS B 87 12.89 -7.61 -42.39
N ASN B 88 12.51 -8.53 -43.29
CA ASN B 88 13.41 -9.53 -43.85
C ASN B 88 14.26 -8.89 -44.97
N ASN B 89 14.87 -7.77 -44.63
CA ASN B 89 15.58 -6.95 -45.58
C ASN B 89 16.88 -7.63 -45.97
N GLY B 90 17.15 -7.68 -47.29
CA GLY B 90 18.21 -8.50 -47.85
C GLY B 90 17.66 -9.75 -48.52
N TYR B 91 16.42 -10.15 -48.16
CA TYR B 91 15.81 -11.36 -48.68
C TYR B 91 14.40 -11.09 -49.20
N GLY B 92 13.99 -9.82 -49.27
CA GLY B 92 12.72 -9.43 -49.86
C GLY B 92 11.88 -8.50 -49.00
N GLY B 93 12.32 -8.21 -47.76
CA GLY B 93 11.54 -7.34 -46.89
C GLY B 93 10.24 -8.05 -46.49
N ALA B 94 9.12 -7.34 -46.62
CA ALA B 94 7.81 -7.92 -46.38
C ALA B 94 7.18 -8.43 -47.66
N ALA B 95 7.84 -8.24 -48.80
CA ALA B 95 7.20 -8.47 -50.08
C ALA B 95 7.05 -9.96 -50.37
N PRO B 96 5.93 -10.38 -50.99
CA PRO B 96 5.68 -11.78 -51.28
C PRO B 96 6.50 -12.27 -52.48
N ARG B 97 6.89 -13.53 -52.45
CA ARG B 97 7.51 -14.14 -53.62
C ARG B 97 6.57 -14.01 -54.82
N LEU B 98 5.29 -14.36 -54.62
CA LEU B 98 4.30 -14.34 -55.68
C LEU B 98 3.60 -12.99 -55.72
N SER B 99 3.80 -12.26 -56.83
CA SER B 99 3.11 -10.98 -57.00
C SER B 99 1.60 -11.16 -56.95
N GLY B 100 0.93 -10.23 -56.26
CA GLY B 100 -0.51 -10.28 -56.13
C GLY B 100 -1.00 -10.94 -54.85
N SER B 101 -0.07 -11.49 -54.07
CA SER B 101 -0.38 -12.06 -52.77
C SER B 101 -0.73 -10.97 -51.76
N VAL B 102 -1.59 -11.33 -50.81
CA VAL B 102 -1.94 -10.50 -49.67
C VAL B 102 -0.98 -10.80 -48.54
N ILE B 103 -0.39 -9.74 -47.97
CA ILE B 103 0.48 -9.91 -46.81
C ILE B 103 -0.41 -10.02 -45.58
N VAL B 104 -0.15 -11.03 -44.74
CA VAL B 104 -0.83 -11.15 -43.47
C VAL B 104 0.18 -10.74 -42.42
N LYS B 105 0.04 -9.50 -41.93
CA LYS B 105 1.03 -8.92 -41.02
C LYS B 105 0.61 -9.26 -39.60
N THR B 106 1.06 -10.44 -39.12
CA THR B 106 0.56 -10.96 -37.84
C THR B 106 1.05 -10.06 -36.71
N GLY B 107 2.22 -9.42 -36.89
CA GLY B 107 2.89 -8.76 -35.78
C GLY B 107 2.33 -7.39 -35.43
N GLU B 108 1.55 -6.80 -36.34
CA GLU B 108 1.04 -5.46 -36.10
C GLU B 108 0.20 -5.44 -34.82
N ARG B 109 -0.70 -6.41 -34.66
CA ARG B 109 -1.58 -6.44 -33.51
C ARG B 109 -1.34 -7.66 -32.61
N MET B 110 -0.74 -8.73 -33.15
CA MET B 110 -0.40 -9.89 -32.35
C MET B 110 1.03 -9.70 -31.84
N ASN B 111 1.17 -8.86 -30.81
CA ASN B 111 2.46 -8.38 -30.41
C ASN B 111 2.70 -8.51 -28.90
N ARG B 112 2.01 -9.45 -28.24
CA ARG B 112 2.16 -9.63 -26.81
C ARG B 112 3.30 -10.58 -26.44
N ILE B 113 4.00 -10.22 -25.37
CA ILE B 113 4.83 -11.15 -24.64
C ILE B 113 3.90 -11.94 -23.72
N LEU B 114 3.67 -13.22 -24.03
CA LEU B 114 2.71 -14.03 -23.30
C LEU B 114 3.27 -14.54 -21.98
N GLU B 115 4.56 -14.89 -21.93
CA GLU B 115 5.20 -15.36 -20.71
C GLU B 115 6.71 -15.17 -20.84
N VAL B 116 7.33 -14.68 -19.77
CA VAL B 116 8.76 -14.84 -19.58
C VAL B 116 8.97 -15.57 -18.27
N ASN B 117 9.58 -16.75 -18.32
CA ASN B 117 9.81 -17.57 -17.15
C ASN B 117 11.27 -17.46 -16.72
N GLU B 118 11.51 -16.84 -15.57
CA GLU B 118 12.86 -16.57 -15.06
C GLU B 118 13.58 -17.87 -14.64
N LYS B 119 12.83 -18.75 -13.98
CA LYS B 119 13.42 -19.93 -13.36
C LYS B 119 13.88 -20.94 -14.41
N TYR B 120 13.03 -21.21 -15.40
CA TYR B 120 13.38 -22.19 -16.45
C TYR B 120 14.07 -21.52 -17.64
N GLY B 121 13.93 -20.19 -17.79
CA GLY B 121 14.62 -19.46 -18.83
C GLY B 121 13.99 -19.62 -20.20
N TYR B 122 12.79 -19.02 -20.37
CA TYR B 122 12.17 -19.04 -21.69
C TYR B 122 11.21 -17.88 -21.83
N ALA B 123 10.80 -17.63 -23.08
CA ALA B 123 9.70 -16.74 -23.39
C ALA B 123 8.70 -17.44 -24.30
N LEU B 124 7.43 -17.10 -24.15
CA LEU B 124 6.39 -17.48 -25.09
C LEU B 124 5.87 -16.16 -25.70
N LEU B 125 5.91 -16.08 -27.04
CA LEU B 125 5.80 -14.81 -27.75
C LEU B 125 4.77 -14.89 -28.88
N GLU B 126 4.10 -13.77 -29.12
CA GLU B 126 3.42 -13.56 -30.40
C GLU B 126 4.39 -12.92 -31.40
N PRO B 127 4.04 -12.95 -32.71
CA PRO B 127 4.98 -12.55 -33.75
C PRO B 127 5.46 -11.11 -33.72
N GLY B 128 4.65 -10.19 -33.14
CA GLY B 128 4.96 -8.78 -33.17
C GLY B 128 5.99 -8.33 -32.12
N VAL B 129 6.46 -9.25 -31.27
CA VAL B 129 7.45 -8.88 -30.26
C VAL B 129 8.80 -8.73 -30.95
N THR B 130 9.34 -7.51 -30.99
CA THR B 130 10.67 -7.28 -31.55
C THR B 130 11.74 -7.59 -30.53
N TYR B 131 13.01 -7.64 -30.99
CA TYR B 131 14.12 -7.80 -30.05
C TYR B 131 14.16 -6.62 -29.09
N PHE B 132 13.92 -5.40 -29.60
CA PHE B 132 13.87 -4.25 -28.71
C PHE B 132 12.77 -4.42 -27.66
N ASP B 133 11.59 -4.89 -28.07
CA ASP B 133 10.48 -5.09 -27.16
C ASP B 133 10.86 -6.08 -26.05
N LEU B 134 11.45 -7.22 -26.41
CA LEU B 134 11.79 -8.23 -25.43
C LEU B 134 12.89 -7.72 -24.50
N TYR B 135 13.89 -7.01 -25.06
CA TYR B 135 14.94 -6.45 -24.23
C TYR B 135 14.39 -5.46 -23.22
N GLU B 136 13.46 -4.60 -23.65
CA GLU B 136 12.82 -3.62 -22.77
C GLU B 136 12.08 -4.34 -21.63
N TYR B 137 11.39 -5.44 -21.97
CA TYR B 137 10.71 -6.23 -20.95
C TYR B 137 11.73 -6.78 -19.94
N LEU B 138 12.80 -7.40 -20.45
CA LEU B 138 13.79 -8.04 -19.58
C LEU B 138 14.40 -6.99 -18.65
N GLN B 139 14.77 -5.83 -19.21
CA GLN B 139 15.42 -4.80 -18.43
C GLN B 139 14.47 -4.24 -17.37
N SER B 140 13.23 -3.97 -17.75
CA SER B 140 12.28 -3.33 -16.86
C SER B 140 11.82 -4.26 -15.73
N HIS B 141 11.94 -5.58 -15.93
CA HIS B 141 11.59 -6.56 -14.91
C HIS B 141 12.82 -7.08 -14.17
N ASP B 142 13.99 -6.46 -14.38
CA ASP B 142 15.22 -6.85 -13.69
C ASP B 142 15.51 -8.34 -13.90
N SER B 143 15.32 -8.82 -15.13
CA SER B 143 15.59 -10.19 -15.47
C SER B 143 17.07 -10.58 -15.32
N GLY B 144 17.31 -11.86 -14.99
CA GLY B 144 18.66 -12.40 -15.07
C GLY B 144 18.91 -13.12 -16.40
N LEU B 145 17.97 -13.00 -17.34
CA LEU B 145 18.09 -13.63 -18.67
C LEU B 145 18.60 -12.62 -19.69
N MET B 146 19.04 -13.13 -20.83
CA MET B 146 19.44 -12.32 -21.94
C MET B 146 18.90 -12.95 -23.22
N LEU B 147 18.66 -12.12 -24.22
CA LEU B 147 18.17 -12.61 -25.48
C LEU B 147 19.36 -12.81 -26.42
N ASP B 148 19.08 -13.39 -27.60
CA ASP B 148 20.07 -13.52 -28.65
C ASP B 148 19.48 -12.83 -29.88
N CYS B 149 20.16 -11.76 -30.33
CA CYS B 149 19.58 -10.95 -31.41
C CYS B 149 20.46 -11.00 -32.65
N PRO B 150 19.82 -10.85 -33.82
CA PRO B 150 20.59 -10.55 -35.04
C PRO B 150 21.18 -9.15 -34.98
N ASP B 151 21.87 -8.74 -36.05
CA ASP B 151 22.54 -7.45 -36.05
C ASP B 151 21.58 -6.28 -35.86
N LEU B 152 20.34 -6.38 -36.35
CA LEU B 152 19.37 -5.30 -36.26
C LEU B 152 18.23 -5.68 -35.32
N GLY B 153 17.92 -4.83 -34.34
CA GLY B 153 17.01 -5.23 -33.27
C GLY B 153 15.53 -5.04 -33.60
N TRP B 154 15.21 -4.50 -34.79
CA TRP B 154 13.84 -4.13 -35.09
C TRP B 154 13.02 -5.28 -35.68
N GLY B 155 13.67 -6.42 -35.90
CA GLY B 155 12.96 -7.59 -36.36
C GLY B 155 12.25 -8.33 -35.21
N SER B 156 11.65 -9.44 -35.59
CA SER B 156 10.78 -10.23 -34.72
C SER B 156 11.54 -11.45 -34.20
N VAL B 157 11.42 -11.69 -32.90
CA VAL B 157 12.00 -12.90 -32.33
C VAL B 157 11.46 -14.11 -33.07
N VAL B 158 10.14 -14.11 -33.35
CA VAL B 158 9.48 -15.20 -34.05
C VAL B 158 9.82 -15.21 -35.54
N GLY B 159 9.59 -14.11 -36.24
CA GLY B 159 9.77 -14.07 -37.69
C GLY B 159 11.21 -14.43 -38.10
N ASN B 160 12.18 -13.93 -37.33
CA ASN B 160 13.57 -14.23 -37.59
C ASN B 160 13.79 -15.74 -37.50
N THR B 161 13.28 -16.35 -36.42
CA THR B 161 13.44 -17.78 -36.21
C THR B 161 12.81 -18.54 -37.36
N LEU B 162 11.66 -18.06 -37.84
CA LEU B 162 10.95 -18.79 -38.89
C LEU B 162 11.66 -18.79 -40.22
N ASP B 163 12.64 -17.90 -40.42
CA ASP B 163 13.51 -17.95 -41.61
C ASP B 163 14.87 -18.56 -41.28
N ARG B 164 14.98 -19.18 -40.11
CA ARG B 164 16.22 -19.76 -39.57
C ARG B 164 17.30 -18.70 -39.48
N GLY B 165 16.89 -17.50 -39.02
CA GLY B 165 17.83 -16.45 -38.69
C GLY B 165 18.71 -16.78 -37.50
N VAL B 166 19.75 -15.98 -37.31
CA VAL B 166 20.82 -16.28 -36.38
C VAL B 166 21.30 -15.03 -35.65
N GLY B 167 21.86 -15.27 -34.47
CA GLY B 167 22.58 -14.28 -33.70
C GLY B 167 23.96 -14.84 -33.30
N TYR B 168 24.57 -14.27 -32.26
CA TYR B 168 26.00 -14.42 -32.05
C TYR B 168 26.38 -14.76 -30.60
N THR B 169 25.38 -14.93 -29.71
CA THR B 169 25.66 -15.41 -28.36
C THR B 169 25.79 -16.92 -28.43
N PRO B 170 26.04 -17.63 -27.32
CA PRO B 170 25.99 -19.09 -27.33
C PRO B 170 24.63 -19.65 -27.76
N TYR B 171 23.58 -18.83 -27.71
CA TYR B 171 22.23 -19.22 -28.17
C TYR B 171 21.93 -18.67 -29.56
N GLY B 172 22.98 -18.55 -30.39
CA GLY B 172 22.88 -17.92 -31.70
C GLY B 172 22.05 -18.70 -32.73
N ASP B 173 21.90 -20.03 -32.55
CA ASP B 173 21.06 -20.81 -33.45
C ASP B 173 19.60 -20.71 -33.01
N HIS B 174 18.87 -19.74 -33.54
CA HIS B 174 17.51 -19.46 -33.04
C HIS B 174 16.62 -20.67 -33.13
N PHE B 175 16.59 -21.37 -34.27
CA PHE B 175 15.73 -22.53 -34.44
C PHE B 175 16.05 -23.61 -33.39
N MET B 176 17.32 -23.79 -33.04
CA MET B 176 17.71 -24.76 -32.05
C MET B 176 17.00 -24.49 -30.72
N TRP B 177 16.87 -23.22 -30.35
CA TRP B 177 16.32 -22.87 -29.04
C TRP B 177 14.82 -22.63 -29.08
N GLN B 178 14.25 -22.59 -30.29
CA GLN B 178 12.80 -22.51 -30.42
C GLN B 178 12.21 -23.76 -29.77
N THR B 179 11.15 -23.58 -28.98
CA THR B 179 10.55 -24.64 -28.20
C THR B 179 9.04 -24.41 -28.14
N GLY B 180 8.33 -25.13 -28.98
CA GLY B 180 6.87 -25.06 -29.09
C GLY B 180 6.44 -23.98 -30.07
N LEU B 181 5.39 -24.27 -30.84
CA LEU B 181 4.72 -23.24 -31.60
C LEU B 181 3.24 -23.59 -31.79
N GLU B 182 2.48 -22.54 -32.09
CA GLU B 182 1.10 -22.65 -32.50
C GLU B 182 1.01 -22.13 -33.93
N VAL B 183 0.33 -22.89 -34.79
CA VAL B 183 0.28 -22.61 -36.21
C VAL B 183 -1.11 -22.88 -36.76
N VAL B 184 -1.55 -21.96 -37.62
CA VAL B 184 -2.74 -22.15 -38.42
C VAL B 184 -2.30 -22.79 -39.73
N LEU B 185 -2.85 -23.97 -40.00
CA LEU B 185 -2.51 -24.73 -41.19
C LEU B 185 -3.27 -24.17 -42.38
N PRO B 186 -2.90 -24.59 -43.63
CA PRO B 186 -3.34 -23.86 -44.82
C PRO B 186 -4.84 -23.87 -45.12
N GLN B 187 -5.64 -24.72 -44.46
CA GLN B 187 -7.08 -24.66 -44.62
C GLN B 187 -7.77 -24.09 -43.38
N GLY B 188 -6.99 -23.59 -42.43
CA GLY B 188 -7.55 -22.81 -41.33
C GLY B 188 -7.61 -23.52 -39.99
N GLU B 189 -7.18 -24.79 -39.93
CA GLU B 189 -7.15 -25.50 -38.65
C GLU B 189 -5.93 -25.06 -37.85
N VAL B 190 -6.04 -25.12 -36.53
CA VAL B 190 -4.99 -24.67 -35.63
C VAL B 190 -4.40 -25.88 -34.90
N MET B 191 -3.08 -25.85 -34.68
CA MET B 191 -2.33 -26.93 -34.08
C MET B 191 -1.22 -26.36 -33.19
N ARG B 192 -0.96 -27.05 -32.06
CA ARG B 192 0.20 -26.77 -31.24
C ARG B 192 1.20 -27.93 -31.34
N THR B 193 2.50 -27.60 -31.45
CA THR B 193 3.52 -28.62 -31.50
C THR B 193 4.01 -28.99 -30.10
N GLY B 194 4.71 -30.13 -30.04
CA GLY B 194 5.47 -30.52 -28.87
C GLY B 194 4.56 -30.79 -27.67
N MET B 195 4.99 -30.29 -26.51
CA MET B 195 4.18 -30.54 -25.31
C MET B 195 2.96 -29.62 -25.28
N GLY B 196 2.88 -28.66 -26.21
CA GLY B 196 1.68 -27.84 -26.36
C GLY B 196 0.49 -28.64 -26.83
N ALA B 197 0.75 -29.82 -27.45
CA ALA B 197 -0.30 -30.69 -27.90
C ALA B 197 -0.92 -31.49 -26.74
N LEU B 198 -0.29 -31.48 -25.57
CA LEU B 198 -0.72 -32.20 -24.38
C LEU B 198 -1.44 -31.18 -23.48
N PRO B 199 -2.78 -31.16 -23.45
CA PRO B 199 -3.47 -30.13 -22.69
C PRO B 199 -3.03 -30.11 -21.23
N GLY B 200 -2.74 -28.92 -20.72
CA GLY B 200 -2.38 -28.76 -19.32
C GLY B 200 -0.88 -28.93 -19.06
N SER B 201 -0.10 -29.35 -20.05
CA SER B 201 1.34 -29.45 -19.84
C SER B 201 1.98 -28.09 -19.60
N ASP B 202 2.89 -28.04 -18.62
CA ASP B 202 3.72 -26.86 -18.35
C ASP B 202 5.05 -26.91 -19.11
N ALA B 203 5.18 -27.87 -20.04
CA ALA B 203 6.47 -28.11 -20.67
C ALA B 203 6.51 -27.71 -22.14
N TRP B 204 5.54 -26.91 -22.61
CA TRP B 204 5.56 -26.44 -24.00
C TRP B 204 6.90 -25.76 -24.36
N GLN B 205 7.43 -24.94 -23.43
CA GLN B 205 8.68 -24.22 -23.66
C GLN B 205 9.89 -24.87 -23.02
N LEU B 206 9.73 -26.13 -22.56
CA LEU B 206 10.78 -26.87 -21.88
C LEU B 206 11.31 -28.03 -22.70
N PHE B 207 10.47 -28.70 -23.46
CA PHE B 207 10.85 -29.90 -24.17
C PHE B 207 10.32 -29.82 -25.59
N PRO B 208 11.18 -29.65 -26.61
CA PRO B 208 10.70 -29.30 -27.95
C PRO B 208 9.99 -30.42 -28.69
N TYR B 209 10.32 -31.69 -28.42
CA TYR B 209 9.99 -32.74 -29.39
C TYR B 209 8.55 -33.24 -29.24
N GLY B 210 8.04 -33.30 -28.00
CA GLY B 210 6.76 -33.93 -27.74
C GLY B 210 6.83 -35.43 -28.03
N PHE B 211 5.78 -35.94 -28.70
CA PHE B 211 5.69 -37.35 -29.04
C PHE B 211 5.46 -37.50 -30.54
N GLY B 212 6.08 -38.53 -31.13
CA GLY B 212 5.86 -38.82 -32.54
C GLY B 212 6.78 -37.96 -33.43
N PRO B 213 6.54 -37.95 -34.75
CA PRO B 213 7.38 -37.22 -35.68
C PRO B 213 7.47 -35.74 -35.31
N PHE B 214 8.69 -35.19 -35.36
CA PHE B 214 8.96 -33.84 -34.88
C PHE B 214 8.81 -32.84 -36.03
N PRO B 215 7.75 -32.00 -36.01
CA PRO B 215 7.38 -31.21 -37.17
C PRO B 215 7.85 -29.76 -37.21
N ASP B 216 8.37 -29.20 -36.12
CA ASP B 216 8.52 -27.75 -36.06
C ASP B 216 9.43 -27.21 -37.17
N GLY B 217 10.46 -27.99 -37.56
CA GLY B 217 11.37 -27.56 -38.61
C GLY B 217 10.67 -27.39 -39.96
N MET B 218 9.53 -28.07 -40.14
CA MET B 218 8.77 -27.99 -41.36
C MET B 218 8.04 -26.65 -41.51
N PHE B 219 8.01 -25.84 -40.44
CA PHE B 219 7.42 -24.50 -40.48
C PHE B 219 8.49 -23.40 -40.58
N THR B 220 9.75 -23.78 -40.78
CA THR B 220 10.79 -22.80 -41.00
C THR B 220 11.20 -22.79 -42.48
N GLN B 221 11.46 -21.58 -43.00
CA GLN B 221 11.68 -21.37 -44.43
C GLN B 221 10.61 -22.11 -45.23
N SER B 222 9.34 -21.93 -44.84
CA SER B 222 8.27 -22.82 -45.22
C SER B 222 7.04 -22.07 -45.69
N ASN B 223 6.12 -22.77 -46.33
CA ASN B 223 4.82 -22.19 -46.64
C ASN B 223 3.70 -23.14 -46.21
N LEU B 224 3.87 -23.74 -45.02
CA LEU B 224 2.90 -24.74 -44.56
C LEU B 224 1.96 -24.19 -43.49
N GLY B 225 2.04 -22.90 -43.16
CA GLY B 225 1.13 -22.37 -42.18
C GLY B 225 1.44 -20.93 -41.78
N ILE B 226 0.57 -20.39 -40.92
CA ILE B 226 0.74 -19.08 -40.31
C ILE B 226 0.93 -19.28 -38.82
N VAL B 227 2.14 -18.98 -38.35
CA VAL B 227 2.46 -19.16 -36.94
C VAL B 227 1.89 -18.00 -36.15
N THR B 228 1.26 -18.34 -35.00
CA THR B 228 0.59 -17.37 -34.16
C THR B 228 1.23 -17.23 -32.79
N LYS B 229 1.99 -18.25 -32.35
CA LYS B 229 2.73 -18.21 -31.09
C LYS B 229 4.00 -19.05 -31.25
N MET B 230 5.04 -18.67 -30.52
CA MET B 230 6.29 -19.43 -30.57
C MET B 230 7.02 -19.25 -29.25
N GLY B 231 7.56 -20.34 -28.74
CA GLY B 231 8.41 -20.27 -27.55
C GLY B 231 9.88 -20.29 -27.92
N ILE B 232 10.70 -19.72 -27.04
CA ILE B 232 12.15 -19.79 -27.23
C ILE B 232 12.84 -19.81 -25.88
N ALA B 233 13.90 -20.63 -25.79
CA ALA B 233 14.71 -20.63 -24.58
C ALA B 233 15.53 -19.35 -24.51
N LEU B 234 15.79 -18.88 -23.27
CA LEU B 234 16.62 -17.72 -23.02
C LEU B 234 17.74 -18.09 -22.05
N MET B 235 18.97 -17.73 -22.40
CA MET B 235 20.15 -18.02 -21.62
C MET B 235 20.22 -17.08 -20.39
N GLN B 236 20.78 -17.58 -19.29
CA GLN B 236 21.08 -16.71 -18.16
C GLN B 236 22.27 -15.82 -18.51
N ARG B 237 22.18 -14.54 -18.13
CA ARG B 237 23.28 -13.62 -18.37
C ARG B 237 24.47 -13.99 -17.49
N PRO B 238 25.68 -14.17 -18.07
CA PRO B 238 26.89 -14.43 -17.30
C PRO B 238 27.26 -13.27 -16.39
N PRO B 239 28.13 -13.51 -15.39
CA PRO B 239 28.48 -12.47 -14.44
C PRO B 239 29.32 -11.33 -15.03
N ALA B 240 30.05 -11.60 -16.12
CA ALA B 240 30.88 -10.61 -16.77
C ALA B 240 31.10 -11.05 -18.23
N SER B 241 31.53 -10.11 -19.06
CA SER B 241 31.87 -10.41 -20.44
C SER B 241 32.93 -9.44 -20.94
N GLN B 242 33.65 -9.84 -21.97
CA GLN B 242 34.68 -9.03 -22.58
C GLN B 242 34.67 -9.33 -24.07
N SER B 243 34.68 -8.30 -24.92
CA SER B 243 34.76 -8.50 -26.35
C SER B 243 36.16 -8.09 -26.84
N PHE B 244 36.56 -8.65 -27.98
CA PHE B 244 37.87 -8.34 -28.53
C PHE B 244 37.82 -8.34 -30.06
N LEU B 245 38.78 -7.62 -30.63
CA LEU B 245 39.04 -7.54 -32.06
C LEU B 245 40.47 -8.00 -32.32
N ILE B 246 40.64 -8.82 -33.36
CA ILE B 246 41.94 -9.15 -33.87
C ILE B 246 41.97 -8.66 -35.31
N THR B 247 42.93 -7.78 -35.62
CA THR B 247 43.14 -7.31 -36.98
C THR B 247 44.23 -8.15 -37.63
N PHE B 248 43.98 -8.56 -38.88
CA PHE B 248 44.91 -9.32 -39.69
C PHE B 248 45.17 -8.51 -40.96
N ASP B 249 46.45 -8.29 -41.26
CA ASP B 249 46.83 -7.30 -42.24
C ASP B 249 46.60 -7.76 -43.68
N LYS B 250 46.75 -9.06 -43.95
CA LYS B 250 46.82 -9.53 -45.32
C LYS B 250 45.56 -10.28 -45.74
N GLU B 251 45.15 -10.05 -47.00
CA GLU B 251 44.10 -10.82 -47.63
C GLU B 251 44.30 -12.32 -47.44
N GLU B 252 45.54 -12.78 -47.62
CA GLU B 252 45.82 -14.20 -47.68
C GLU B 252 45.85 -14.82 -46.28
N ASP B 253 45.77 -14.01 -45.22
CA ASP B 253 45.73 -14.52 -43.86
C ASP B 253 44.45 -15.34 -43.62
N LEU B 254 43.40 -15.15 -44.44
CA LEU B 254 42.14 -15.86 -44.23
C LEU B 254 42.36 -17.36 -44.00
N GLU B 255 43.25 -17.98 -44.80
CA GLU B 255 43.46 -19.41 -44.72
C GLU B 255 43.86 -19.82 -43.30
N GLN B 256 44.86 -19.13 -42.76
CA GLN B 256 45.38 -19.46 -41.44
C GLN B 256 44.35 -19.10 -40.35
N ILE B 257 43.62 -17.99 -40.53
CA ILE B 257 42.66 -17.56 -39.53
C ILE B 257 41.59 -18.64 -39.34
N VAL B 258 41.03 -19.13 -40.45
CA VAL B 258 39.98 -20.14 -40.38
C VAL B 258 40.54 -21.42 -39.76
N ASP B 259 41.76 -21.82 -40.14
CA ASP B 259 42.32 -23.06 -39.63
C ASP B 259 42.61 -23.00 -38.13
N ILE B 260 42.82 -21.81 -37.58
CA ILE B 260 42.93 -21.63 -36.13
C ILE B 260 41.54 -21.47 -35.49
N MET B 261 40.62 -20.76 -36.13
CA MET B 261 39.28 -20.57 -35.60
C MET B 261 38.62 -21.91 -35.23
N LEU B 262 38.63 -22.88 -36.15
CA LEU B 262 37.90 -24.12 -35.96
C LEU B 262 38.29 -24.83 -34.64
N PRO B 263 39.56 -25.20 -34.38
CA PRO B 263 39.90 -25.90 -33.17
C PRO B 263 39.64 -25.12 -31.86
N LEU B 264 39.60 -23.79 -31.94
CA LEU B 264 39.30 -22.96 -30.78
C LEU B 264 37.79 -22.88 -30.54
N ARG B 265 36.98 -23.26 -31.51
CA ARG B 265 35.52 -23.11 -31.43
C ARG B 265 34.80 -24.46 -31.21
N ILE B 266 35.31 -25.56 -31.76
CA ILE B 266 34.51 -26.78 -31.88
C ILE B 266 34.07 -27.33 -30.52
N ASN B 267 34.86 -27.10 -29.45
CA ASN B 267 34.49 -27.51 -28.10
C ASN B 267 33.78 -26.40 -27.31
N MET B 268 33.45 -25.29 -27.97
CA MET B 268 32.72 -24.15 -27.42
C MET B 268 33.57 -23.40 -26.41
N ALA B 269 34.88 -23.60 -26.49
CA ALA B 269 35.84 -22.89 -25.66
C ALA B 269 37.23 -23.10 -26.24
N PRO B 270 38.13 -22.10 -26.26
CA PRO B 270 37.92 -20.79 -25.63
C PRO B 270 37.01 -19.82 -26.40
N LEU B 271 36.66 -20.13 -27.65
CA LEU B 271 35.73 -19.28 -28.39
C LEU B 271 34.30 -19.69 -28.02
N GLN B 272 33.75 -18.96 -27.04
CA GLN B 272 32.47 -19.28 -26.44
C GLN B 272 31.29 -18.74 -27.25
N ASN B 273 31.50 -17.67 -28.02
CA ASN B 273 30.40 -17.12 -28.81
C ASN B 273 30.62 -17.49 -30.27
N VAL B 274 29.73 -17.03 -31.14
CA VAL B 274 29.87 -17.28 -32.57
C VAL B 274 31.03 -16.43 -33.11
N PRO B 275 32.10 -17.03 -33.61
CA PRO B 275 33.20 -16.24 -34.18
C PRO B 275 32.79 -15.58 -35.49
N VAL B 276 33.13 -14.30 -35.67
CA VAL B 276 32.88 -13.62 -36.92
C VAL B 276 34.16 -12.95 -37.42
N LEU B 277 34.39 -13.12 -38.72
CA LEU B 277 35.54 -12.54 -39.38
C LEU B 277 35.05 -11.65 -40.51
N ARG B 278 35.25 -10.33 -40.42
CA ARG B 278 34.68 -9.36 -41.33
C ARG B 278 35.80 -8.67 -42.11
N ASN B 279 35.60 -8.46 -43.41
CA ASN B 279 36.63 -7.82 -44.20
C ASN B 279 36.54 -6.30 -44.06
N ILE B 280 37.59 -5.63 -44.58
CA ILE B 280 37.74 -4.20 -44.40
C ILE B 280 36.58 -3.45 -45.05
N PHE B 281 36.07 -3.94 -46.19
CA PHE B 281 34.94 -3.29 -46.86
C PHE B 281 33.72 -3.26 -45.94
N MET B 282 33.45 -4.37 -45.27
CA MET B 282 32.29 -4.47 -44.41
C MET B 282 32.43 -3.53 -43.23
N ASP B 283 33.62 -3.49 -42.61
CA ASP B 283 33.84 -2.66 -41.42
C ASP B 283 33.92 -1.19 -41.81
N ALA B 284 34.51 -0.85 -42.97
CA ALA B 284 34.54 0.53 -43.41
C ALA B 284 33.12 1.03 -43.67
N ALA B 285 32.29 0.20 -44.30
CA ALA B 285 30.94 0.63 -44.67
C ALA B 285 30.10 0.93 -43.44
N ALA B 286 30.43 0.28 -42.33
CA ALA B 286 29.70 0.48 -41.09
C ALA B 286 29.95 1.87 -40.49
N VAL B 287 31.01 2.56 -40.92
CA VAL B 287 31.44 3.78 -40.26
C VAL B 287 31.72 4.92 -41.24
N SER B 288 31.58 4.68 -42.56
CA SER B 288 32.03 5.66 -43.55
C SER B 288 31.32 5.44 -44.88
N LYS B 289 31.38 6.46 -45.76
CA LYS B 289 30.86 6.37 -47.10
C LYS B 289 31.98 6.00 -48.09
N ARG B 290 31.60 5.36 -49.20
CA ARG B 290 32.57 4.88 -50.17
C ARG B 290 33.44 6.03 -50.69
N THR B 291 32.80 7.20 -50.91
CA THR B 291 33.47 8.36 -51.47
C THR B 291 34.53 8.94 -50.53
N GLU B 292 34.51 8.60 -49.24
CA GLU B 292 35.60 9.00 -48.35
C GLU B 292 36.92 8.44 -48.88
N TRP B 293 36.86 7.27 -49.52
CA TRP B 293 38.03 6.49 -49.88
C TRP B 293 38.30 6.55 -51.38
N PHE B 294 37.24 6.58 -52.19
CA PHE B 294 37.39 6.46 -53.64
C PHE B 294 36.16 7.04 -54.32
N ASP B 295 36.36 7.93 -55.31
CA ASP B 295 35.22 8.54 -55.98
C ASP B 295 35.22 8.24 -57.47
N GLY B 296 35.97 7.21 -57.87
CA GLY B 296 36.15 6.90 -59.28
C GLY B 296 35.19 5.81 -59.74
N ASP B 297 35.48 5.30 -60.95
CA ASP B 297 34.69 4.24 -61.54
C ASP B 297 35.39 2.93 -61.22
N GLY B 298 34.55 1.89 -61.05
CA GLY B 298 35.02 0.54 -60.98
C GLY B 298 35.39 0.12 -59.55
N PRO B 299 35.98 -1.08 -59.41
CA PRO B 299 36.39 -1.58 -58.11
C PRO B 299 37.36 -0.64 -57.40
N MET B 300 37.32 -0.67 -56.07
CA MET B 300 38.22 0.18 -55.32
C MET B 300 39.66 -0.28 -55.54
N PRO B 301 40.60 0.61 -55.88
CA PRO B 301 42.00 0.23 -56.07
C PRO B 301 42.73 -0.11 -54.77
N ALA B 302 43.83 -0.84 -54.90
CA ALA B 302 44.61 -1.30 -53.75
C ALA B 302 45.00 -0.14 -52.84
N GLU B 303 45.31 1.03 -53.41
CA GLU B 303 45.79 2.17 -52.64
C GLU B 303 44.69 2.68 -51.71
N ALA B 304 43.45 2.64 -52.20
CA ALA B 304 42.31 3.08 -51.41
C ALA B 304 42.01 2.09 -50.29
N ILE B 305 42.18 0.78 -50.56
CA ILE B 305 41.98 -0.23 -49.54
C ILE B 305 43.00 -0.02 -48.43
N GLU B 306 44.27 0.26 -48.78
CA GLU B 306 45.28 0.49 -47.77
C GLU B 306 44.93 1.73 -46.94
N ARG B 307 44.35 2.75 -47.57
CA ARG B 307 43.96 3.96 -46.84
C ARG B 307 42.83 3.65 -45.84
N MET B 308 41.85 2.84 -46.24
CA MET B 308 40.80 2.41 -45.29
C MET B 308 41.43 1.73 -44.08
N LYS B 309 42.32 0.77 -44.32
CA LYS B 309 42.99 0.06 -43.24
C LYS B 309 43.74 1.01 -42.31
N LYS B 310 44.50 1.94 -42.89
CA LYS B 310 45.35 2.80 -42.08
C LYS B 310 44.52 3.81 -41.30
N ASP B 311 43.54 4.44 -41.95
CA ASP B 311 42.75 5.48 -41.31
C ASP B 311 41.88 4.89 -40.21
N LEU B 312 41.35 3.67 -40.43
CA LEU B 312 40.49 3.04 -39.44
C LEU B 312 41.27 2.17 -38.45
N ASP B 313 42.57 1.97 -38.68
CA ASP B 313 43.41 1.10 -37.87
C ASP B 313 42.79 -0.30 -37.81
N LEU B 314 42.43 -0.81 -38.97
CA LEU B 314 41.89 -2.16 -39.11
C LEU B 314 42.72 -2.97 -40.10
N GLY B 315 42.49 -4.28 -40.12
CA GLY B 315 43.14 -5.17 -41.06
C GLY B 315 42.24 -5.41 -42.27
N PHE B 316 42.74 -6.21 -43.21
CA PHE B 316 41.90 -6.69 -44.30
C PHE B 316 40.81 -7.61 -43.74
N TRP B 317 41.21 -8.43 -42.76
CA TRP B 317 40.30 -9.32 -42.05
C TRP B 317 40.28 -8.95 -40.58
N ASN B 318 39.06 -8.84 -40.02
CA ASN B 318 38.88 -8.38 -38.65
C ASN B 318 38.02 -9.37 -37.89
N PHE B 319 38.61 -10.00 -36.88
CA PHE B 319 37.96 -11.03 -36.09
C PHE B 319 37.35 -10.41 -34.84
N TYR B 320 36.08 -10.76 -34.58
CA TYR B 320 35.39 -10.27 -33.39
C TYR B 320 34.87 -11.45 -32.59
N GLY B 321 35.12 -11.41 -31.28
CA GLY B 321 34.63 -12.44 -30.38
C GLY B 321 34.28 -11.84 -29.01
N THR B 322 33.51 -12.61 -28.24
CA THR B 322 33.13 -12.23 -26.89
C THR B 322 33.33 -13.43 -25.99
N LEU B 323 33.81 -13.15 -24.77
CA LEU B 323 34.05 -14.14 -23.74
C LEU B 323 33.12 -13.83 -22.58
N TYR B 324 32.75 -14.86 -21.84
CA TYR B 324 31.78 -14.75 -20.76
C TYR B 324 32.25 -15.56 -19.56
N GLY B 325 31.98 -15.02 -18.37
CA GLY B 325 32.17 -15.78 -17.16
C GLY B 325 32.85 -14.92 -16.12
N PRO B 326 33.30 -15.57 -15.01
CA PRO B 326 34.13 -14.88 -14.04
C PRO B 326 35.40 -14.31 -14.69
N PRO B 327 35.91 -13.16 -14.23
CA PRO B 327 37.15 -12.60 -14.75
C PRO B 327 38.30 -13.59 -14.96
N PRO B 328 38.61 -14.54 -14.04
CA PRO B 328 39.70 -15.47 -14.26
C PRO B 328 39.50 -16.39 -15.47
N LEU B 329 38.25 -16.76 -15.75
CA LEU B 329 37.94 -17.61 -16.90
C LEU B 329 38.16 -16.81 -18.19
N ILE B 330 37.64 -15.57 -18.21
CA ILE B 330 37.83 -14.69 -19.36
C ILE B 330 39.32 -14.52 -19.63
N GLU B 331 40.12 -14.25 -18.58
CA GLU B 331 41.54 -14.04 -18.74
C GLU B 331 42.22 -15.28 -19.36
N MET B 332 41.88 -16.47 -18.85
CA MET B 332 42.47 -17.71 -19.34
C MET B 332 42.13 -17.91 -20.82
N TYR B 333 40.86 -17.74 -21.19
CA TYR B 333 40.44 -17.96 -22.56
C TYR B 333 41.09 -16.94 -23.50
N TYR B 334 41.14 -15.67 -23.07
CA TYR B 334 41.72 -14.64 -23.90
C TYR B 334 43.21 -14.94 -24.12
N GLY B 335 43.91 -15.42 -23.08
CA GLY B 335 45.30 -15.83 -23.20
C GLY B 335 45.48 -16.91 -24.26
N MET B 336 44.58 -17.90 -24.26
CA MET B 336 44.65 -19.00 -25.23
C MET B 336 44.45 -18.47 -26.65
N ILE B 337 43.48 -17.56 -26.80
CA ILE B 337 43.15 -16.99 -28.10
C ILE B 337 44.32 -16.18 -28.62
N LYS B 338 44.94 -15.35 -27.76
CA LYS B 338 46.06 -14.52 -28.17
C LYS B 338 47.26 -15.40 -28.57
N GLU B 339 47.51 -16.47 -27.82
CA GLU B 339 48.62 -17.36 -28.10
C GLU B 339 48.42 -18.01 -29.47
N ALA B 340 47.19 -18.42 -29.79
CA ALA B 340 46.92 -19.18 -31.00
C ALA B 340 46.94 -18.27 -32.22
N PHE B 341 46.17 -17.16 -32.19
CA PHE B 341 46.09 -16.30 -33.35
C PHE B 341 47.36 -15.48 -33.52
N GLY B 342 48.10 -15.27 -32.41
CA GLY B 342 49.37 -14.55 -32.46
C GLY B 342 50.44 -15.24 -33.31
N LYS B 343 50.21 -16.49 -33.73
CA LYS B 343 51.13 -17.17 -34.62
C LYS B 343 51.03 -16.61 -36.04
N ILE B 344 49.98 -15.85 -36.37
CA ILE B 344 49.86 -15.24 -37.67
C ILE B 344 50.64 -13.92 -37.65
N PRO B 345 51.70 -13.75 -38.47
CA PRO B 345 52.44 -12.49 -38.49
C PRO B 345 51.51 -11.30 -38.77
N GLY B 346 51.63 -10.24 -37.97
CA GLY B 346 50.91 -9.01 -38.22
C GLY B 346 49.58 -8.92 -37.47
N ALA B 347 49.19 -9.98 -36.75
CA ALA B 347 47.96 -9.95 -35.96
C ALA B 347 48.10 -8.94 -34.82
N ARG B 348 47.06 -8.15 -34.58
CA ARG B 348 47.04 -7.24 -33.44
C ARG B 348 45.72 -7.41 -32.69
N PHE B 349 45.76 -7.24 -31.36
CA PHE B 349 44.65 -7.53 -30.47
C PHE B 349 44.17 -6.28 -29.76
N PHE B 350 42.85 -6.13 -29.62
CA PHE B 350 42.23 -5.01 -28.92
C PHE B 350 40.99 -5.49 -28.15
N THR B 351 40.83 -5.07 -26.89
CA THR B 351 39.61 -5.40 -26.16
C THR B 351 38.65 -4.23 -26.30
N HIS B 352 37.38 -4.45 -25.90
CA HIS B 352 36.36 -3.43 -26.05
C HIS B 352 36.64 -2.25 -25.14
N GLU B 353 37.56 -2.45 -24.16
CA GLU B 353 37.95 -1.36 -23.29
C GLU B 353 39.12 -0.54 -23.85
N GLU B 354 39.69 -0.91 -25.01
CA GLU B 354 40.94 -0.30 -25.44
C GLU B 354 40.77 0.57 -26.69
N ARG B 355 39.57 0.65 -27.27
CA ARG B 355 39.47 0.98 -28.68
C ARG B 355 38.08 1.57 -28.88
N ASP B 356 37.93 2.86 -28.67
CA ASP B 356 36.64 3.54 -28.86
C ASP B 356 36.85 4.64 -29.89
N ASP B 357 37.70 4.37 -30.90
CA ASP B 357 37.89 5.23 -32.05
C ASP B 357 36.87 4.87 -33.13
N ARG B 358 36.85 5.59 -34.25
CA ARG B 358 35.87 5.34 -35.30
C ARG B 358 36.00 3.88 -35.80
N GLY B 359 37.23 3.42 -35.98
CA GLY B 359 37.47 2.07 -36.49
C GLY B 359 36.96 1.00 -35.51
N GLY B 360 36.92 1.33 -34.23
CA GLY B 360 36.45 0.43 -33.19
C GLY B 360 34.94 0.44 -33.01
N HIS B 361 34.20 1.18 -33.84
CA HIS B 361 32.75 1.27 -33.71
C HIS B 361 32.12 -0.09 -33.94
N VAL B 362 32.67 -0.90 -34.88
CA VAL B 362 32.13 -2.22 -35.10
C VAL B 362 32.37 -3.08 -33.86
N LEU B 363 33.56 -3.05 -33.27
CA LEU B 363 33.84 -3.79 -32.04
C LEU B 363 32.78 -3.45 -30.98
N GLN B 364 32.46 -2.16 -30.80
CA GLN B 364 31.52 -1.74 -29.78
C GLN B 364 30.12 -2.26 -30.10
N ASP B 365 29.76 -2.32 -31.39
CA ASP B 365 28.47 -2.85 -31.80
C ASP B 365 28.42 -4.36 -31.57
N ARG B 366 29.49 -5.08 -31.90
CA ARG B 366 29.52 -6.52 -31.66
C ARG B 366 29.42 -6.80 -30.16
N HIS B 367 30.03 -5.95 -29.33
CA HIS B 367 29.96 -6.15 -27.89
C HIS B 367 28.51 -6.07 -27.41
N LYS B 368 27.72 -5.16 -27.98
CA LYS B 368 26.29 -5.10 -27.69
C LYS B 368 25.58 -6.36 -28.17
N ILE B 369 25.69 -6.66 -29.47
CA ILE B 369 25.00 -7.78 -30.09
C ILE B 369 25.33 -9.09 -29.36
N ASN B 370 26.61 -9.32 -29.06
CA ASN B 370 27.09 -10.55 -28.46
C ASN B 370 26.66 -10.67 -27.00
N ASN B 371 26.14 -9.58 -26.42
CA ASN B 371 25.60 -9.56 -25.07
C ASN B 371 24.08 -9.42 -25.05
N GLY B 372 23.43 -9.66 -26.20
CA GLY B 372 21.97 -9.60 -26.28
C GLY B 372 21.42 -8.19 -26.06
N ILE B 373 22.21 -7.17 -26.44
CA ILE B 373 21.76 -5.80 -26.38
C ILE B 373 21.46 -5.35 -27.80
N PRO B 374 20.17 -5.20 -28.16
CA PRO B 374 19.83 -4.90 -29.55
C PRO B 374 20.29 -3.52 -30.00
N SER B 375 20.52 -3.42 -31.30
CA SER B 375 21.16 -2.25 -31.90
C SER B 375 20.60 -2.02 -33.30
N LEU B 376 20.68 -0.77 -33.77
CA LEU B 376 20.44 -0.47 -35.17
C LEU B 376 21.66 0.22 -35.77
N ASP B 377 22.83 0.12 -35.11
CA ASP B 377 24.02 0.79 -35.61
C ASP B 377 24.37 0.29 -37.01
N GLU B 378 24.08 -0.97 -37.31
CA GLU B 378 24.45 -1.51 -38.60
C GLU B 378 23.66 -0.94 -39.78
N LEU B 379 22.58 -0.19 -39.53
CA LEU B 379 21.91 0.50 -40.63
C LEU B 379 22.86 1.46 -41.33
N GLN B 380 23.92 1.90 -40.66
CA GLN B 380 24.88 2.82 -41.28
C GLN B 380 25.54 2.20 -42.52
N LEU B 381 25.63 0.87 -42.59
CA LEU B 381 26.16 0.18 -43.77
C LEU B 381 25.50 0.70 -45.04
N LEU B 382 24.20 0.97 -44.98
CA LEU B 382 23.44 1.32 -46.17
C LEU B 382 23.74 2.75 -46.63
N ASP B 383 24.46 3.54 -45.84
CA ASP B 383 24.92 4.86 -46.27
C ASP B 383 26.21 4.78 -47.09
N TRP B 384 26.71 3.58 -47.39
CA TRP B 384 27.96 3.44 -48.14
C TRP B 384 27.87 4.15 -49.49
N VAL B 385 26.68 4.08 -50.10
CA VAL B 385 26.38 4.69 -51.37
C VAL B 385 24.96 5.25 -51.27
N PRO B 386 24.57 6.19 -52.15
CA PRO B 386 23.22 6.75 -52.11
C PRO B 386 22.16 5.68 -52.31
N ASN B 387 21.05 5.85 -51.57
CA ASN B 387 19.90 4.97 -51.70
C ASN B 387 20.30 3.51 -51.47
N GLY B 388 21.22 3.31 -50.53
CA GLY B 388 21.85 2.03 -50.30
C GLY B 388 20.83 0.94 -49.89
N GLY B 389 20.98 -0.22 -50.52
CA GLY B 389 20.31 -1.46 -50.13
C GLY B 389 21.30 -2.60 -50.24
N HIS B 390 20.92 -3.77 -49.72
CA HIS B 390 21.77 -4.94 -49.83
C HIS B 390 20.94 -6.18 -50.18
N ILE B 391 21.64 -7.18 -50.73
CA ILE B 391 21.12 -8.53 -50.85
C ILE B 391 22.11 -9.45 -50.14
N GLY B 392 21.56 -10.47 -49.46
CA GLY B 392 22.37 -11.44 -48.73
C GLY B 392 22.66 -12.66 -49.58
N PHE B 393 23.94 -13.06 -49.60
CA PHE B 393 24.35 -14.24 -50.35
C PHE B 393 25.21 -15.04 -49.41
N VAL B 394 24.72 -16.22 -48.95
CA VAL B 394 25.39 -16.90 -47.87
C VAL B 394 25.54 -18.39 -48.14
N PRO B 395 26.60 -18.81 -48.86
CA PRO B 395 26.95 -20.23 -48.99
C PRO B 395 27.49 -20.87 -47.73
N VAL B 396 27.20 -22.18 -47.60
CA VAL B 396 27.65 -23.02 -46.50
C VAL B 396 28.67 -24.02 -47.04
N SER B 397 29.73 -24.21 -46.24
CA SER B 397 30.84 -25.06 -46.61
C SER B 397 31.51 -25.63 -45.37
N ALA B 398 32.60 -26.41 -45.58
CA ALA B 398 33.40 -26.90 -44.46
C ALA B 398 34.29 -25.80 -43.92
N PRO B 399 34.54 -25.76 -42.58
CA PRO B 399 35.38 -24.74 -41.95
C PRO B 399 36.87 -25.01 -42.15
N ASP B 400 37.27 -24.78 -43.39
CA ASP B 400 38.58 -25.12 -43.88
C ASP B 400 39.16 -23.88 -44.55
N GLY B 401 40.40 -23.54 -44.24
CA GLY B 401 41.03 -22.32 -44.74
C GLY B 401 41.18 -22.29 -46.26
N ARG B 402 41.51 -23.43 -46.86
CA ARG B 402 41.63 -23.48 -48.31
C ARG B 402 40.27 -23.28 -48.97
N GLU B 403 39.22 -23.89 -48.39
CA GLU B 403 37.87 -23.67 -48.88
C GLU B 403 37.47 -22.19 -48.76
N ALA B 404 37.85 -21.55 -47.65
CA ALA B 404 37.57 -20.13 -47.45
C ALA B 404 38.25 -19.30 -48.53
N MET B 405 39.54 -19.55 -48.79
CA MET B 405 40.27 -18.82 -49.81
C MET B 405 39.59 -18.98 -51.17
N LYS B 406 39.15 -20.21 -51.48
CA LYS B 406 38.52 -20.45 -52.77
C LYS B 406 37.27 -19.59 -52.94
N GLN B 407 36.47 -19.55 -51.86
CA GLN B 407 35.21 -18.82 -51.89
C GLN B 407 35.45 -17.32 -51.99
N PHE B 408 36.37 -16.81 -51.15
CA PHE B 408 36.76 -15.41 -51.18
C PHE B 408 37.10 -14.99 -52.62
N GLU B 409 37.99 -15.75 -53.25
CA GLU B 409 38.52 -15.36 -54.55
C GLU B 409 37.42 -15.43 -55.61
N MET B 410 36.59 -16.47 -55.60
CA MET B 410 35.64 -16.65 -56.67
C MET B 410 34.48 -15.65 -56.56
N VAL B 411 34.09 -15.32 -55.33
CA VAL B 411 33.02 -14.35 -55.15
C VAL B 411 33.54 -12.96 -55.47
N ARG B 412 34.76 -12.64 -55.02
CA ARG B 412 35.33 -11.33 -55.31
C ARG B 412 35.51 -11.11 -56.81
N ASN B 413 35.96 -12.16 -57.52
CA ASN B 413 36.12 -12.11 -58.96
C ASN B 413 34.81 -11.68 -59.62
N ARG B 414 33.70 -12.32 -59.24
CA ARG B 414 32.42 -12.06 -59.86
C ARG B 414 31.90 -10.70 -59.44
N ALA B 415 32.07 -10.32 -58.17
CA ALA B 415 31.69 -8.99 -57.72
C ALA B 415 32.36 -7.91 -58.57
N ASN B 416 33.68 -8.05 -58.76
CA ASN B 416 34.45 -7.09 -59.56
C ASN B 416 33.85 -6.96 -60.96
N GLU B 417 33.50 -8.10 -61.58
CA GLU B 417 32.98 -8.14 -62.94
C GLU B 417 31.67 -7.39 -63.04
N TYR B 418 30.84 -7.41 -61.96
CA TYR B 418 29.58 -6.70 -61.98
C TYR B 418 29.64 -5.37 -61.24
N ASN B 419 30.85 -4.85 -61.02
CA ASN B 419 31.05 -3.55 -60.38
C ASN B 419 30.29 -3.47 -59.06
N LYS B 420 30.47 -4.46 -58.20
CA LYS B 420 29.91 -4.44 -56.86
C LYS B 420 31.03 -4.69 -55.86
N ASP B 421 31.03 -3.96 -54.73
CA ASP B 421 32.06 -4.14 -53.72
C ASP B 421 31.91 -5.51 -53.04
N TYR B 422 33.04 -6.17 -52.77
CA TYR B 422 33.08 -7.45 -52.05
C TYR B 422 33.04 -7.16 -50.55
N MET B 423 31.82 -7.10 -50.00
N MET B 423 31.82 -7.08 -50.00
CA MET B 423 31.64 -6.94 -48.58
CA MET B 423 31.63 -6.92 -48.57
C MET B 423 31.24 -8.27 -47.97
C MET B 423 31.24 -8.26 -47.98
N ALA B 424 32.15 -8.83 -47.20
CA ALA B 424 31.95 -10.19 -46.76
C ALA B 424 32.61 -10.44 -45.43
N GLY B 425 32.10 -11.50 -44.80
CA GLY B 425 32.78 -12.10 -43.67
C GLY B 425 32.63 -13.62 -43.74
N PHE B 426 33.30 -14.27 -42.80
CA PHE B 426 33.18 -15.70 -42.59
C PHE B 426 32.83 -15.92 -41.13
N THR B 427 31.88 -16.84 -40.89
CA THR B 427 31.54 -17.25 -39.53
C THR B 427 31.57 -18.77 -39.48
N ILE B 428 31.74 -19.31 -38.28
CA ILE B 428 31.62 -20.73 -38.03
C ILE B 428 30.59 -20.94 -36.91
N GLY B 429 29.81 -22.00 -37.03
CA GLY B 429 28.96 -22.49 -35.95
C GLY B 429 29.72 -23.32 -34.91
N LEU B 430 29.80 -24.64 -35.16
CA LEU B 430 30.73 -25.55 -34.51
C LEU B 430 31.55 -26.26 -35.58
N ARG B 431 30.85 -26.73 -36.62
CA ARG B 431 31.44 -27.60 -37.61
C ARG B 431 31.20 -27.11 -39.02
N GLU B 432 30.54 -25.96 -39.18
CA GLU B 432 30.15 -25.51 -40.50
C GLU B 432 30.57 -24.05 -40.66
N MET B 433 30.75 -23.66 -41.92
CA MET B 433 31.25 -22.33 -42.24
C MET B 433 30.25 -21.64 -43.17
N TYR B 434 30.05 -20.35 -42.89
CA TYR B 434 29.23 -19.48 -43.71
C TYR B 434 30.10 -18.38 -44.31
N HIS B 435 29.87 -18.13 -45.60
CA HIS B 435 30.49 -17.01 -46.29
C HIS B 435 29.41 -15.95 -46.43
N VAL B 436 29.41 -14.98 -45.49
CA VAL B 436 28.35 -14.02 -45.40
C VAL B 436 28.67 -12.83 -46.30
N CYS B 437 28.04 -12.79 -47.48
CA CYS B 437 28.26 -11.73 -48.44
C CYS B 437 27.06 -10.80 -48.42
N LEU B 438 27.35 -9.49 -48.28
CA LEU B 438 26.33 -8.48 -48.41
C LEU B 438 26.75 -7.67 -49.62
N PHE B 439 25.89 -7.53 -50.61
CA PHE B 439 26.24 -6.68 -51.73
C PHE B 439 25.40 -5.43 -51.64
N ILE B 440 26.06 -4.28 -51.48
CA ILE B 440 25.42 -3.00 -51.29
C ILE B 440 25.37 -2.29 -52.65
N TYR B 441 24.22 -1.67 -52.95
CA TYR B 441 24.03 -1.09 -54.26
C TYR B 441 23.01 0.04 -54.14
N ASP B 442 22.95 0.88 -55.16
CA ASP B 442 22.01 1.98 -55.26
C ASP B 442 20.65 1.44 -55.72
N THR B 443 19.69 1.35 -54.79
CA THR B 443 18.37 0.80 -55.06
C THR B 443 17.56 1.64 -56.04
N ALA B 444 17.96 2.89 -56.28
CA ALA B 444 17.23 3.77 -57.18
C ALA B 444 17.70 3.62 -58.62
N ASP B 445 18.78 2.87 -58.85
CA ASP B 445 19.39 2.73 -60.16
C ASP B 445 18.94 1.39 -60.79
N PRO B 446 18.10 1.39 -61.84
CA PRO B 446 17.63 0.16 -62.44
C PRO B 446 18.76 -0.74 -62.93
N GLU B 447 19.82 -0.13 -63.46
CA GLU B 447 20.97 -0.88 -63.93
C GLU B 447 21.65 -1.62 -62.78
N ALA B 448 21.83 -0.96 -61.65
CA ALA B 448 22.44 -1.58 -60.47
C ALA B 448 21.57 -2.74 -59.98
N ARG B 449 20.26 -2.54 -59.97
CA ARG B 449 19.34 -3.57 -59.53
C ARG B 449 19.44 -4.81 -60.42
N GLU B 450 19.54 -4.59 -61.74
CA GLU B 450 19.62 -5.70 -62.67
C GLU B 450 20.97 -6.40 -62.55
N GLU B 451 22.05 -5.61 -62.38
CA GLU B 451 23.36 -6.20 -62.16
C GLU B 451 23.36 -7.10 -60.92
N ILE B 452 22.74 -6.64 -59.82
CA ILE B 452 22.66 -7.46 -58.61
C ILE B 452 21.98 -8.79 -58.90
N LEU B 453 20.85 -8.74 -59.61
CA LEU B 453 20.11 -9.96 -59.93
C LEU B 453 20.98 -10.89 -60.76
N GLN B 454 21.60 -10.37 -61.83
CA GLN B 454 22.33 -11.26 -62.73
C GLN B 454 23.59 -11.79 -62.07
N MET B 455 24.27 -10.95 -61.26
CA MET B 455 25.47 -11.38 -60.55
C MET B 455 25.12 -12.48 -59.55
N THR B 456 24.04 -12.30 -58.79
CA THR B 456 23.75 -13.28 -57.76
C THR B 456 23.31 -14.61 -58.37
N LYS B 457 22.63 -14.57 -59.53
CA LYS B 457 22.29 -15.81 -60.23
C LYS B 457 23.56 -16.59 -60.59
N VAL B 458 24.58 -15.86 -61.08
CA VAL B 458 25.85 -16.49 -61.40
C VAL B 458 26.53 -17.03 -60.14
N LEU B 459 26.52 -16.25 -59.05
CA LEU B 459 27.18 -16.67 -57.83
C LEU B 459 26.53 -17.96 -57.30
N VAL B 460 25.20 -18.05 -57.37
CA VAL B 460 24.49 -19.24 -56.90
C VAL B 460 24.94 -20.46 -57.71
N ARG B 461 24.98 -20.31 -59.04
CA ARG B 461 25.38 -21.40 -59.92
C ARG B 461 26.83 -21.82 -59.63
N GLU B 462 27.74 -20.84 -59.57
CA GLU B 462 29.15 -21.16 -59.40
C GLU B 462 29.42 -21.81 -58.05
N ALA B 463 28.72 -21.34 -57.01
CA ALA B 463 28.83 -21.92 -55.69
C ALA B 463 28.36 -23.38 -55.75
N ALA B 464 27.23 -23.64 -56.38
CA ALA B 464 26.71 -25.00 -56.47
C ALA B 464 27.68 -25.91 -57.23
N GLU B 465 28.28 -25.40 -58.29
CA GLU B 465 29.25 -26.15 -59.07
C GLU B 465 30.46 -26.57 -58.23
N ALA B 466 30.76 -25.76 -57.20
CA ALA B 466 31.85 -26.01 -56.27
C ALA B 466 31.40 -26.81 -55.05
N GLY B 467 30.11 -27.17 -54.97
CA GLY B 467 29.57 -28.00 -53.90
C GLY B 467 29.11 -27.19 -52.69
N TYR B 468 28.78 -25.90 -52.91
CA TYR B 468 28.28 -25.06 -51.84
C TYR B 468 26.80 -24.72 -52.13
N GLY B 469 25.98 -24.83 -51.09
CA GLY B 469 24.61 -24.35 -51.18
C GLY B 469 24.35 -23.24 -50.18
N GLU B 470 23.29 -22.45 -50.40
CA GLU B 470 23.00 -21.31 -49.53
C GLU B 470 22.03 -21.75 -48.41
N TYR B 471 22.18 -21.08 -47.25
CA TYR B 471 21.39 -21.42 -46.08
C TYR B 471 20.05 -20.67 -46.11
N ARG B 472 19.99 -19.58 -46.89
CA ARG B 472 18.85 -18.68 -46.89
C ARG B 472 19.01 -17.79 -48.12
N THR B 473 17.91 -17.32 -48.71
CA THR B 473 18.08 -16.49 -49.91
C THR B 473 16.88 -15.56 -50.10
N HIS B 474 17.05 -14.68 -51.08
CA HIS B 474 16.08 -13.66 -51.46
C HIS B 474 14.99 -14.27 -52.32
N ASN B 475 13.80 -13.67 -52.28
CA ASN B 475 12.71 -14.02 -53.17
C ASN B 475 13.18 -14.31 -54.60
N ALA B 476 14.00 -13.39 -55.17
CA ALA B 476 14.40 -13.46 -56.57
C ALA B 476 15.26 -14.68 -56.89
N LEU B 477 15.83 -15.34 -55.87
CA LEU B 477 16.76 -16.44 -56.05
C LEU B 477 16.19 -17.76 -55.52
N MET B 478 14.98 -17.78 -54.98
CA MET B 478 14.50 -18.98 -54.31
C MET B 478 14.39 -20.17 -55.29
N ASP B 479 13.87 -19.93 -56.49
CA ASP B 479 13.78 -21.01 -57.49
C ASP B 479 15.18 -21.53 -57.84
N ASP B 480 16.10 -20.61 -58.10
CA ASP B 480 17.46 -20.97 -58.46
C ASP B 480 18.16 -21.75 -57.34
N VAL B 481 18.02 -21.31 -56.07
CA VAL B 481 18.69 -21.99 -55.00
C VAL B 481 18.09 -23.40 -54.78
N MET B 482 16.77 -23.52 -54.77
CA MET B 482 16.18 -24.83 -54.56
C MET B 482 16.58 -25.79 -55.69
N ALA B 483 16.78 -25.24 -56.90
CA ALA B 483 17.18 -26.06 -58.04
C ALA B 483 18.56 -26.69 -57.84
N THR B 484 19.41 -26.10 -56.98
CA THR B 484 20.76 -26.62 -56.73
C THR B 484 20.71 -27.84 -55.82
N PHE B 485 19.63 -27.98 -55.01
CA PHE B 485 19.57 -29.09 -54.05
C PHE B 485 18.90 -30.29 -54.71
N ASN B 486 19.42 -30.71 -55.86
CA ASN B 486 18.67 -31.63 -56.72
C ASN B 486 19.26 -33.04 -56.78
N TRP B 487 19.96 -33.47 -55.71
CA TRP B 487 20.37 -34.87 -55.60
C TRP B 487 19.18 -35.79 -55.90
N GLY B 488 19.46 -36.89 -56.60
CA GLY B 488 18.45 -37.91 -56.85
C GLY B 488 17.32 -37.41 -57.72
N ASP B 489 17.69 -36.63 -58.75
CA ASP B 489 16.75 -36.08 -59.70
C ASP B 489 15.69 -35.22 -59.02
N GLY B 490 16.11 -34.34 -58.13
CA GLY B 490 15.21 -33.38 -57.52
C GLY B 490 14.30 -33.99 -56.46
N ALA B 491 14.83 -34.98 -55.73
CA ALA B 491 14.03 -35.72 -54.76
C ALA B 491 13.51 -34.82 -53.63
N LEU B 492 14.36 -33.90 -53.15
CA LEU B 492 13.99 -33.09 -52.00
C LEU B 492 12.80 -32.20 -52.34
N LEU B 493 12.87 -31.51 -53.49
CA LEU B 493 11.76 -30.65 -53.90
C LEU B 493 10.49 -31.46 -54.11
N LYS B 494 10.59 -32.67 -54.72
CA LYS B 494 9.41 -33.47 -54.95
C LYS B 494 8.73 -33.84 -53.63
N PHE B 495 9.54 -34.16 -52.62
CA PHE B 495 9.01 -34.45 -51.29
C PHE B 495 8.30 -33.22 -50.73
N HIS B 496 8.93 -32.05 -50.81
CA HIS B 496 8.31 -30.84 -50.30
C HIS B 496 6.98 -30.55 -51.00
N GLU B 497 6.94 -30.78 -52.32
CA GLU B 497 5.74 -30.52 -53.11
C GLU B 497 4.60 -31.41 -52.67
N LYS B 498 4.89 -32.69 -52.38
CA LYS B 498 3.85 -33.62 -51.99
C LYS B 498 3.21 -33.19 -50.67
N ILE B 499 4.07 -32.78 -49.73
CA ILE B 499 3.60 -32.29 -48.44
C ILE B 499 2.80 -30.99 -48.63
N LYS B 500 3.30 -30.07 -49.45
CA LYS B 500 2.61 -28.80 -49.70
C LYS B 500 1.21 -29.04 -50.25
N ASP B 501 1.10 -29.93 -51.24
CA ASP B 501 -0.18 -30.14 -51.89
C ASP B 501 -1.18 -30.83 -50.96
N ALA B 502 -0.68 -31.69 -50.06
CA ALA B 502 -1.53 -32.39 -49.11
C ALA B 502 -2.09 -31.42 -48.08
N LEU B 503 -1.24 -30.53 -47.55
CA LEU B 503 -1.67 -29.61 -46.50
C LEU B 503 -2.38 -28.38 -47.08
N ASP B 504 -2.10 -28.05 -48.34
CA ASP B 504 -2.58 -26.82 -48.97
C ASP B 504 -3.14 -27.14 -50.35
N PRO B 505 -4.26 -27.89 -50.41
CA PRO B 505 -4.83 -28.32 -51.68
C PRO B 505 -5.31 -27.18 -52.58
N ASN B 506 -5.62 -26.02 -51.98
CA ASN B 506 -6.06 -24.86 -52.76
C ASN B 506 -4.91 -23.92 -53.10
N GLY B 507 -3.69 -24.21 -52.62
CA GLY B 507 -2.51 -23.45 -53.02
C GLY B 507 -2.55 -21.99 -52.58
N ILE B 508 -2.71 -21.78 -51.27
CA ILE B 508 -2.98 -20.47 -50.67
C ILE B 508 -1.74 -19.87 -50.03
N ILE B 509 -0.98 -20.65 -49.26
CA ILE B 509 0.06 -20.05 -48.41
C ILE B 509 1.35 -19.83 -49.20
N ALA B 510 1.84 -18.58 -49.18
CA ALA B 510 3.12 -18.10 -49.73
C ALA B 510 3.64 -19.00 -50.86
N PRO B 511 2.91 -19.07 -51.99
CA PRO B 511 3.38 -19.88 -53.10
C PRO B 511 4.78 -19.48 -53.55
N GLY B 512 5.64 -20.48 -53.69
CA GLY B 512 6.98 -20.24 -54.21
C GLY B 512 8.05 -20.01 -53.15
N LYS B 513 7.65 -19.85 -51.88
CA LYS B 513 8.64 -19.74 -50.81
C LYS B 513 9.59 -20.94 -50.89
N SER B 514 10.90 -20.68 -50.81
CA SER B 514 11.91 -21.74 -50.86
C SER B 514 11.83 -22.56 -52.16
N GLY B 515 11.21 -21.98 -53.20
CA GLY B 515 11.06 -22.68 -54.46
C GLY B 515 9.96 -23.73 -54.47
N ILE B 516 9.07 -23.72 -53.45
CA ILE B 516 8.06 -24.75 -53.30
C ILE B 516 6.73 -24.16 -53.75
N TRP B 517 6.25 -24.62 -54.91
CA TRP B 517 5.01 -24.12 -55.49
C TRP B 517 3.92 -25.17 -55.36
N PRO B 518 2.70 -24.77 -54.98
CA PRO B 518 1.56 -25.67 -55.03
C PRO B 518 1.19 -25.97 -56.47
N GLN B 519 0.46 -27.06 -56.68
CA GLN B 519 0.12 -27.59 -58.00
C GLN B 519 -0.41 -26.51 -58.95
N ARG B 520 -1.29 -25.62 -58.46
CA ARG B 520 -1.98 -24.71 -59.38
C ARG B 520 -1.02 -23.67 -59.97
N PHE B 521 0.15 -23.45 -59.37
CA PHE B 521 1.09 -22.45 -59.83
C PHE B 521 2.36 -23.09 -60.41
N ARG B 522 2.47 -24.41 -60.33
CA ARG B 522 3.73 -25.05 -60.68
C ARG B 522 3.96 -24.96 -62.18
N GLY B 523 5.20 -24.61 -62.56
CA GLY B 523 5.60 -24.54 -63.97
C GLY B 523 4.96 -23.37 -64.72
N GLN B 524 4.79 -22.21 -64.07
CA GLN B 524 4.11 -21.10 -64.73
C GLN B 524 4.93 -19.82 -64.85
N ASN B 525 6.21 -19.85 -64.49
CA ASN B 525 7.05 -18.67 -64.70
C ASN B 525 6.48 -17.47 -63.95
N LEU B 526 6.14 -17.67 -62.67
CA LEU B 526 5.70 -16.60 -61.81
C LEU B 526 6.88 -16.17 -60.91
N THR C 2 -34.40 -65.98 -4.67
CA THR C 2 -34.83 -65.68 -6.05
C THR C 2 -34.07 -64.44 -6.55
N ARG C 3 -33.71 -64.43 -7.84
CA ARG C 3 -32.75 -63.47 -8.36
C ARG C 3 -33.33 -62.06 -8.34
N THR C 4 -32.57 -61.08 -7.82
CA THR C 4 -33.03 -59.71 -7.81
C THR C 4 -32.82 -59.11 -9.20
N LEU C 5 -33.88 -58.62 -9.85
CA LEU C 5 -33.79 -58.01 -11.17
C LEU C 5 -34.24 -56.55 -11.13
N PRO C 6 -33.72 -55.68 -12.02
CA PRO C 6 -34.27 -54.34 -12.15
C PRO C 6 -35.73 -54.39 -12.56
N PRO C 7 -36.58 -53.46 -12.06
CA PRO C 7 -37.99 -53.44 -12.45
C PRO C 7 -38.19 -53.41 -13.96
N GLY C 8 -38.99 -54.36 -14.46
CA GLY C 8 -39.33 -54.39 -15.87
C GLY C 8 -38.23 -54.95 -16.78
N VAL C 9 -37.12 -55.43 -16.19
CA VAL C 9 -36.00 -55.95 -16.97
C VAL C 9 -35.95 -57.47 -16.81
N SER C 10 -35.99 -58.18 -17.94
CA SER C 10 -35.99 -59.63 -17.92
C SER C 10 -34.62 -60.15 -17.49
N ASP C 11 -34.60 -61.43 -17.07
CA ASP C 11 -33.36 -62.12 -16.77
C ASP C 11 -32.37 -61.99 -17.93
N GLU C 12 -32.87 -62.22 -19.15
CA GLU C 12 -32.01 -62.25 -20.32
C GLU C 12 -31.46 -60.86 -20.63
N ARG C 13 -32.30 -59.82 -20.54
CA ARG C 13 -31.86 -58.46 -20.79
C ARG C 13 -30.88 -58.01 -19.72
N PHE C 14 -31.11 -58.43 -18.47
CA PHE C 14 -30.20 -58.07 -17.41
C PHE C 14 -28.83 -58.71 -17.64
N ASP C 15 -28.81 -60.00 -18.01
CA ASP C 15 -27.56 -60.67 -18.32
C ASP C 15 -26.80 -59.94 -19.43
N ALA C 16 -27.52 -59.47 -20.46
CA ALA C 16 -26.89 -58.75 -21.56
C ALA C 16 -26.28 -57.44 -21.07
N ALA C 17 -27.02 -56.72 -20.21
CA ALA C 17 -26.51 -55.48 -19.65
C ALA C 17 -25.28 -55.74 -18.79
N LEU C 18 -25.31 -56.82 -17.98
CA LEU C 18 -24.14 -57.16 -17.16
C LEU C 18 -22.89 -57.35 -18.01
N GLN C 19 -23.04 -58.03 -19.15
CA GLN C 19 -21.90 -58.27 -20.01
C GLN C 19 -21.37 -56.94 -20.57
N ARG C 20 -22.29 -56.04 -20.94
CA ARG C 20 -21.87 -54.72 -21.41
C ARG C 20 -21.09 -53.98 -20.32
N PHE C 21 -21.56 -54.07 -19.06
CA PHE C 21 -20.85 -53.42 -17.96
C PHE C 21 -19.46 -54.05 -17.79
N ARG C 22 -19.38 -55.39 -17.90
CA ARG C 22 -18.07 -56.05 -17.78
C ARG C 22 -17.11 -55.60 -18.88
N ASP C 23 -17.63 -55.36 -20.08
CA ASP C 23 -16.80 -54.90 -21.19
C ASP C 23 -16.18 -53.54 -20.87
N VAL C 24 -16.87 -52.74 -20.04
CA VAL C 24 -16.39 -51.40 -19.68
C VAL C 24 -15.39 -51.48 -18.53
N VAL C 25 -15.72 -52.16 -17.42
CA VAL C 25 -14.95 -52.05 -16.20
C VAL C 25 -14.03 -53.26 -15.95
N GLY C 26 -14.27 -54.36 -16.67
CA GLY C 26 -13.57 -55.61 -16.45
C GLY C 26 -14.41 -56.62 -15.67
N ASP C 27 -14.19 -57.92 -15.94
CA ASP C 27 -15.02 -58.97 -15.40
C ASP C 27 -15.07 -58.96 -13.88
N LYS C 28 -13.95 -58.70 -13.21
CA LYS C 28 -13.92 -58.87 -11.76
C LYS C 28 -14.59 -57.69 -11.06
N TRP C 29 -14.94 -56.65 -11.81
CA TRP C 29 -15.48 -55.42 -11.22
C TRP C 29 -16.97 -55.27 -11.45
N VAL C 30 -17.63 -56.39 -11.80
CA VAL C 30 -19.08 -56.50 -11.78
C VAL C 30 -19.45 -57.69 -10.90
N LEU C 31 -20.19 -57.42 -9.82
CA LEU C 31 -20.66 -58.42 -8.88
C LEU C 31 -22.15 -58.64 -9.09
N SER C 32 -22.60 -59.91 -9.20
CA SER C 32 -24.01 -60.15 -9.46
C SER C 32 -24.54 -61.46 -8.87
N THR C 33 -23.79 -62.15 -8.02
CA THR C 33 -24.33 -63.36 -7.40
C THR C 33 -24.94 -62.98 -6.04
N ALA C 34 -25.94 -63.75 -5.63
CA ALA C 34 -26.64 -63.51 -4.37
C ALA C 34 -25.66 -63.38 -3.21
N ASP C 35 -24.69 -64.29 -3.13
CA ASP C 35 -23.71 -64.30 -2.06
C ASP C 35 -22.83 -63.05 -2.10
N GLU C 36 -22.39 -62.62 -3.29
CA GLU C 36 -21.58 -61.43 -3.43
C GLU C 36 -22.36 -60.18 -2.98
N LEU C 37 -23.67 -60.16 -3.25
CA LEU C 37 -24.48 -58.97 -3.04
C LEU C 37 -24.91 -58.81 -1.58
N GLU C 38 -24.80 -59.87 -0.79
CA GLU C 38 -25.21 -59.85 0.60
C GLU C 38 -24.55 -58.70 1.36
N ALA C 39 -23.27 -58.44 1.06
CA ALA C 39 -22.49 -57.44 1.76
C ALA C 39 -22.94 -56.02 1.40
N PHE C 40 -23.79 -55.86 0.37
CA PHE C 40 -24.21 -54.54 -0.07
C PHE C 40 -25.65 -54.27 0.34
N ARG C 41 -26.28 -55.22 1.03
CA ARG C 41 -27.58 -54.97 1.62
C ARG C 41 -27.37 -54.00 2.77
N ASP C 42 -28.43 -53.26 3.09
CA ASP C 42 -28.43 -52.37 4.25
C ASP C 42 -27.99 -53.15 5.47
N PRO C 43 -26.91 -52.77 6.18
CA PRO C 43 -26.52 -53.52 7.38
C PRO C 43 -27.49 -53.34 8.53
N TYR C 44 -28.29 -52.24 8.49
CA TYR C 44 -29.22 -51.91 9.55
C TYR C 44 -30.62 -51.84 8.94
N PRO C 45 -31.16 -52.99 8.48
CA PRO C 45 -32.42 -52.98 7.75
C PRO C 45 -33.58 -52.50 8.61
N VAL C 46 -34.51 -51.82 7.94
CA VAL C 46 -35.70 -51.26 8.56
C VAL C 46 -36.89 -51.94 7.89
N GLY C 47 -37.90 -52.32 8.70
CA GLY C 47 -39.03 -53.08 8.21
C GLY C 47 -38.73 -54.57 8.24
N ALA C 48 -39.77 -55.38 8.52
CA ALA C 48 -39.62 -56.82 8.51
C ALA C 48 -39.37 -57.34 7.09
N ALA C 49 -40.11 -56.83 6.12
CA ALA C 49 -40.04 -57.33 4.75
C ALA C 49 -38.71 -56.90 4.12
N GLU C 50 -38.22 -57.74 3.21
CA GLU C 50 -37.00 -57.41 2.49
C GLU C 50 -37.26 -56.18 1.62
N ALA C 51 -36.25 -55.33 1.54
CA ALA C 51 -36.38 -54.09 0.78
C ALA C 51 -34.99 -53.62 0.37
N ASN C 52 -34.96 -52.72 -0.62
CA ASN C 52 -33.71 -52.06 -0.99
C ASN C 52 -32.66 -53.07 -1.43
N LEU C 53 -33.05 -53.98 -2.32
CA LEU C 53 -32.16 -55.06 -2.74
C LEU C 53 -31.39 -54.64 -3.98
N PRO C 54 -30.03 -54.67 -3.96
CA PRO C 54 -29.26 -54.43 -5.18
C PRO C 54 -29.28 -55.63 -6.12
N SER C 55 -29.28 -55.37 -7.43
CA SER C 55 -29.22 -56.43 -8.43
C SER C 55 -27.79 -56.73 -8.85
N ALA C 56 -26.88 -55.75 -8.69
CA ALA C 56 -25.49 -55.89 -9.04
C ALA C 56 -24.71 -54.73 -8.44
N VAL C 57 -23.37 -54.86 -8.45
CA VAL C 57 -22.48 -53.78 -8.10
C VAL C 57 -21.45 -53.64 -9.22
N VAL C 58 -21.26 -52.41 -9.71
CA VAL C 58 -20.28 -52.11 -10.75
C VAL C 58 -19.29 -51.09 -10.19
N SER C 59 -17.99 -51.39 -10.35
CA SER C 59 -16.91 -50.62 -9.77
C SER C 59 -16.06 -49.99 -10.89
N PRO C 60 -16.40 -48.77 -11.36
CA PRO C 60 -15.62 -48.13 -12.41
C PRO C 60 -14.30 -47.55 -11.92
N GLU C 61 -13.35 -47.39 -12.83
CA GLU C 61 -12.02 -46.91 -12.52
C GLU C 61 -11.81 -45.44 -12.92
N SER C 62 -12.70 -44.89 -13.74
CA SER C 62 -12.47 -43.59 -14.35
C SER C 62 -13.79 -42.91 -14.70
N THR C 63 -13.69 -41.58 -14.91
CA THR C 63 -14.83 -40.81 -15.37
C THR C 63 -15.41 -41.39 -16.67
N GLU C 64 -14.52 -41.74 -17.61
CA GLU C 64 -15.00 -42.28 -18.88
C GLU C 64 -15.79 -43.58 -18.67
N GLN C 65 -15.31 -44.43 -17.77
CA GLN C 65 -16.02 -45.66 -17.47
C GLN C 65 -17.41 -45.36 -16.88
N VAL C 66 -17.50 -44.37 -15.98
CA VAL C 66 -18.79 -43.98 -15.42
C VAL C 66 -19.72 -43.53 -16.55
N GLN C 67 -19.21 -42.74 -17.50
CA GLN C 67 -20.03 -42.29 -18.61
C GLN C 67 -20.58 -43.48 -19.40
N ASP C 68 -19.70 -44.46 -19.67
CA ASP C 68 -20.13 -45.62 -20.45
C ASP C 68 -21.16 -46.47 -19.68
N ILE C 69 -20.99 -46.62 -18.36
CA ILE C 69 -21.96 -47.35 -17.54
C ILE C 69 -23.33 -46.65 -17.62
N VAL C 70 -23.33 -45.32 -17.48
CA VAL C 70 -24.57 -44.56 -17.55
C VAL C 70 -25.22 -44.74 -18.93
N ARG C 71 -24.43 -44.71 -20.02
CA ARG C 71 -24.99 -44.89 -21.35
C ARG C 71 -25.65 -46.27 -21.49
N ILE C 72 -24.98 -47.30 -20.99
CA ILE C 72 -25.55 -48.65 -21.03
C ILE C 72 -26.85 -48.71 -20.23
N ALA C 73 -26.87 -48.10 -19.04
CA ALA C 73 -28.05 -48.13 -18.21
C ALA C 73 -29.23 -47.48 -18.93
N ASN C 74 -28.98 -46.39 -19.66
CA ASN C 74 -30.02 -45.72 -20.42
C ASN C 74 -30.55 -46.64 -21.51
N GLU C 75 -29.66 -47.36 -22.18
CA GLU C 75 -30.07 -48.22 -23.28
C GLU C 75 -30.99 -49.34 -22.77
N TYR C 76 -30.71 -49.89 -21.58
CA TYR C 76 -31.44 -51.03 -21.05
C TYR C 76 -32.55 -50.66 -20.06
N GLY C 77 -32.62 -49.39 -19.67
CA GLY C 77 -33.55 -48.97 -18.62
C GLY C 77 -33.22 -49.53 -17.24
N ILE C 78 -31.91 -49.63 -16.92
CA ILE C 78 -31.48 -50.16 -15.63
C ILE C 78 -31.21 -49.01 -14.68
N PRO C 79 -31.85 -48.97 -13.49
CA PRO C 79 -31.57 -47.92 -12.52
C PRO C 79 -30.21 -48.11 -11.87
N LEU C 80 -29.54 -46.99 -11.59
CA LEU C 80 -28.21 -46.94 -11.02
C LEU C 80 -28.27 -46.17 -9.71
N HIS C 81 -27.72 -46.75 -8.64
CA HIS C 81 -27.58 -46.06 -7.37
C HIS C 81 -26.09 -45.77 -7.15
N PRO C 82 -25.63 -44.52 -7.40
CA PRO C 82 -24.22 -44.20 -7.17
C PRO C 82 -23.88 -43.99 -5.69
N VAL C 83 -22.78 -44.60 -5.26
CA VAL C 83 -22.22 -44.37 -3.93
C VAL C 83 -20.72 -44.11 -4.10
N SER C 84 -20.12 -43.65 -3.03
CA SER C 84 -18.68 -43.44 -2.93
C SER C 84 -18.08 -44.64 -2.20
N THR C 85 -18.16 -44.67 -0.88
CA THR C 85 -17.76 -45.82 -0.08
C THR C 85 -18.96 -46.64 0.41
N GLY C 86 -20.19 -46.11 0.30
CA GLY C 86 -21.36 -46.90 0.64
C GLY C 86 -21.49 -47.22 2.12
N LYS C 87 -21.08 -46.28 2.98
CA LYS C 87 -21.13 -46.45 4.43
C LYS C 87 -22.17 -45.54 5.05
N ASN C 88 -23.27 -45.28 4.32
CA ASN C 88 -24.34 -44.39 4.78
C ASN C 88 -25.24 -45.09 5.79
N ASN C 89 -24.60 -45.68 6.78
CA ASN C 89 -25.26 -46.54 7.75
C ASN C 89 -26.09 -45.67 8.69
N GLY C 90 -27.34 -46.11 8.90
CA GLY C 90 -28.35 -45.29 9.56
C GLY C 90 -29.36 -44.72 8.57
N TYR C 91 -29.00 -44.67 7.29
CA TYR C 91 -29.83 -44.11 6.24
C TYR C 91 -29.96 -45.07 5.07
N GLY C 92 -29.45 -46.32 5.20
CA GLY C 92 -29.61 -47.30 4.15
C GLY C 92 -28.33 -48.01 3.76
N GLY C 93 -27.18 -47.57 4.27
CA GLY C 93 -25.91 -48.17 3.89
C GLY C 93 -25.60 -47.87 2.42
N ALA C 94 -25.24 -48.92 1.68
CA ALA C 94 -25.03 -48.80 0.24
C ALA C 94 -26.28 -49.13 -0.54
N ALA C 95 -27.35 -49.57 0.14
CA ALA C 95 -28.48 -50.15 -0.55
C ALA C 95 -29.32 -49.11 -1.28
N PRO C 96 -29.86 -49.43 -2.48
CA PRO C 96 -30.63 -48.48 -3.25
C PRO C 96 -32.03 -48.29 -2.70
N ARG C 97 -32.57 -47.07 -2.82
CA ARG C 97 -33.96 -46.83 -2.51
C ARG C 97 -34.85 -47.76 -3.32
N LEU C 98 -34.59 -47.86 -4.62
CA LEU C 98 -35.37 -48.69 -5.51
C LEU C 98 -34.75 -50.08 -5.63
N SER C 99 -35.48 -51.10 -5.13
CA SER C 99 -35.01 -52.48 -5.26
C SER C 99 -34.80 -52.85 -6.72
N GLY C 100 -33.71 -53.59 -6.96
CA GLY C 100 -33.38 -54.03 -8.30
C GLY C 100 -32.38 -53.10 -8.99
N SER C 101 -32.04 -51.98 -8.35
CA SER C 101 -31.05 -51.06 -8.90
C SER C 101 -29.66 -51.68 -8.81
N VAL C 102 -28.81 -51.26 -9.76
CA VAL C 102 -27.39 -51.58 -9.74
C VAL C 102 -26.66 -50.50 -8.95
N ILE C 103 -25.84 -50.91 -7.99
CA ILE C 103 -25.02 -49.97 -7.24
C ILE C 103 -23.79 -49.65 -8.09
N VAL C 104 -23.48 -48.37 -8.26
CA VAL C 104 -22.24 -47.96 -8.91
C VAL C 104 -21.31 -47.51 -7.80
N LYS C 105 -20.37 -48.38 -7.42
CA LYS C 105 -19.49 -48.10 -6.30
C LYS C 105 -18.25 -47.38 -6.82
N THR C 106 -18.34 -46.04 -6.89
CA THR C 106 -17.30 -45.23 -7.51
C THR C 106 -16.01 -45.33 -6.71
N GLY C 107 -16.11 -45.50 -5.41
CA GLY C 107 -14.97 -45.32 -4.50
C GLY C 107 -14.04 -46.52 -4.45
N GLU C 108 -14.49 -47.68 -4.95
CA GLU C 108 -13.67 -48.87 -4.91
C GLU C 108 -12.34 -48.62 -5.64
N ARG C 109 -12.43 -48.06 -6.86
CA ARG C 109 -11.25 -47.86 -7.69
C ARG C 109 -10.98 -46.38 -7.97
N MET C 110 -11.99 -45.50 -7.82
CA MET C 110 -11.78 -44.08 -7.99
C MET C 110 -11.48 -43.50 -6.61
N ASN C 111 -10.24 -43.72 -6.15
CA ASN C 111 -9.90 -43.48 -4.75
C ASN C 111 -8.64 -42.64 -4.58
N ARG C 112 -8.30 -41.81 -5.57
CA ARG C 112 -7.09 -41.01 -5.52
C ARG C 112 -7.33 -39.66 -4.86
N ILE C 113 -6.32 -39.25 -4.08
CA ILE C 113 -6.16 -37.85 -3.73
C ILE C 113 -5.49 -37.17 -4.92
N LEU C 114 -6.23 -36.31 -5.62
CA LEU C 114 -5.72 -35.67 -6.84
C LEU C 114 -4.81 -34.49 -6.52
N GLU C 115 -5.12 -33.74 -5.45
CA GLU C 115 -4.27 -32.62 -5.03
C GLU C 115 -4.59 -32.26 -3.59
N VAL C 116 -3.58 -31.96 -2.81
CA VAL C 116 -3.70 -31.23 -1.56
C VAL C 116 -2.82 -29.99 -1.68
N ASN C 117 -3.45 -28.80 -1.61
CA ASN C 117 -2.75 -27.55 -1.79
C ASN C 117 -2.55 -26.90 -0.43
N GLU C 118 -1.29 -26.81 0.02
CA GLU C 118 -0.97 -26.29 1.36
C GLU C 118 -1.22 -24.80 1.45
N LYS C 119 -0.83 -24.05 0.41
CA LYS C 119 -0.87 -22.60 0.45
C LYS C 119 -2.30 -22.07 0.46
N TYR C 120 -3.13 -22.59 -0.44
CA TYR C 120 -4.53 -22.12 -0.51
C TYR C 120 -5.48 -22.94 0.35
N GLY C 121 -5.05 -24.12 0.82
CA GLY C 121 -5.80 -24.89 1.83
C GLY C 121 -7.00 -25.61 1.21
N TYR C 122 -6.73 -26.62 0.38
CA TYR C 122 -7.83 -27.37 -0.22
C TYR C 122 -7.33 -28.76 -0.64
N ALA C 123 -8.30 -29.65 -0.89
CA ALA C 123 -8.04 -30.92 -1.52
C ALA C 123 -8.96 -31.10 -2.71
N LEU C 124 -8.46 -31.81 -3.72
CA LEU C 124 -9.29 -32.26 -4.83
C LEU C 124 -9.25 -33.79 -4.79
N LEU C 125 -10.43 -34.41 -4.69
CA LEU C 125 -10.56 -35.80 -4.29
C LEU C 125 -11.45 -36.58 -5.24
N GLU C 126 -11.11 -37.87 -5.41
CA GLU C 126 -12.05 -38.83 -5.94
C GLU C 126 -12.89 -39.44 -4.81
N PRO C 127 -14.05 -40.08 -5.14
CA PRO C 127 -15.00 -40.53 -4.13
C PRO C 127 -14.47 -41.56 -3.12
N GLY C 128 -13.45 -42.35 -3.46
CA GLY C 128 -12.98 -43.42 -2.62
C GLY C 128 -12.02 -42.98 -1.51
N VAL C 129 -11.71 -41.68 -1.44
CA VAL C 129 -10.81 -41.18 -0.41
C VAL C 129 -11.60 -41.13 0.90
N THR C 130 -11.20 -41.97 1.87
CA THR C 130 -11.84 -41.94 3.18
C THR C 130 -11.22 -40.85 4.03
N TYR C 131 -11.86 -40.57 5.17
CA TYR C 131 -11.28 -39.66 6.14
C TYR C 131 -9.95 -40.21 6.64
N PHE C 132 -9.89 -41.53 6.88
CA PHE C 132 -8.63 -42.14 7.28
C PHE C 132 -7.54 -41.90 6.23
N ASP C 133 -7.89 -42.06 4.95
CA ASP C 133 -6.95 -41.89 3.85
C ASP C 133 -6.42 -40.47 3.82
N LEU C 134 -7.30 -39.47 3.94
CA LEU C 134 -6.89 -38.09 3.84
C LEU C 134 -6.03 -37.72 5.06
N TYR C 135 -6.42 -38.19 6.24
CA TYR C 135 -5.65 -37.95 7.44
C TYR C 135 -4.22 -38.51 7.31
N GLU C 136 -4.12 -39.75 6.78
CA GLU C 136 -2.82 -40.40 6.63
C GLU C 136 -1.96 -39.57 5.67
N TYR C 137 -2.56 -39.05 4.59
CA TYR C 137 -1.85 -38.19 3.66
C TYR C 137 -1.34 -36.94 4.39
N LEU C 138 -2.22 -36.27 5.12
CA LEU C 138 -1.86 -35.01 5.78
C LEU C 138 -0.73 -35.25 6.77
N GLN C 139 -0.84 -36.32 7.56
CA GLN C 139 0.16 -36.62 8.57
C GLN C 139 1.51 -36.95 7.94
N SER C 140 1.49 -37.78 6.89
CA SER C 140 2.71 -38.26 6.30
C SER C 140 3.45 -37.17 5.52
N HIS C 141 2.74 -36.11 5.11
CA HIS C 141 3.33 -34.99 4.40
C HIS C 141 3.59 -33.81 5.34
N ASP C 142 3.42 -34.00 6.65
CA ASP C 142 3.64 -32.94 7.64
C ASP C 142 2.86 -31.67 7.26
N SER C 143 1.59 -31.88 6.88
CA SER C 143 0.73 -30.77 6.50
C SER C 143 0.45 -29.84 7.67
N GLY C 144 0.22 -28.56 7.36
CA GLY C 144 -0.31 -27.62 8.33
C GLY C 144 -1.83 -27.56 8.32
N LEU C 145 -2.48 -28.39 7.50
CA LEU C 145 -3.93 -28.42 7.38
C LEU C 145 -4.54 -29.52 8.24
N MET C 146 -5.85 -29.41 8.45
CA MET C 146 -6.59 -30.47 9.11
C MET C 146 -7.90 -30.71 8.37
N LEU C 147 -8.41 -31.92 8.47
CA LEU C 147 -9.69 -32.24 7.87
C LEU C 147 -10.81 -32.06 8.88
N ASP C 148 -12.04 -32.20 8.40
CA ASP C 148 -13.22 -32.21 9.24
C ASP C 148 -13.95 -33.53 9.00
N CYS C 149 -14.08 -34.36 10.03
CA CYS C 149 -14.62 -35.69 9.87
C CYS C 149 -15.91 -35.86 10.64
N PRO C 150 -16.81 -36.73 10.16
CA PRO C 150 -17.92 -37.23 10.98
C PRO C 150 -17.39 -38.15 12.08
N ASP C 151 -18.30 -38.73 12.86
CA ASP C 151 -17.93 -39.61 13.95
C ASP C 151 -17.12 -40.80 13.50
N LEU C 152 -17.41 -41.35 12.31
CA LEU C 152 -16.76 -42.56 11.84
C LEU C 152 -15.86 -42.22 10.65
N GLY C 153 -14.59 -42.65 10.70
CA GLY C 153 -13.63 -42.21 9.72
C GLY C 153 -13.62 -43.02 8.43
N TRP C 154 -14.43 -44.07 8.34
CA TRP C 154 -14.35 -44.99 7.22
C TRP C 154 -15.20 -44.55 6.04
N GLY C 155 -15.95 -43.47 6.21
CA GLY C 155 -16.72 -42.90 5.12
C GLY C 155 -15.84 -42.07 4.19
N SER C 156 -16.52 -41.53 3.19
CA SER C 156 -15.94 -40.81 2.08
C SER C 156 -16.06 -39.31 2.30
N VAL C 157 -14.94 -38.59 2.09
CA VAL C 157 -15.01 -37.14 2.17
C VAL C 157 -16.05 -36.62 1.19
N VAL C 158 -16.07 -37.22 0.00
CA VAL C 158 -17.02 -36.86 -1.05
C VAL C 158 -18.44 -37.35 -0.74
N GLY C 159 -18.60 -38.65 -0.52
CA GLY C 159 -19.93 -39.23 -0.34
C GLY C 159 -20.69 -38.61 0.83
N ASN C 160 -19.96 -38.34 1.91
CA ASN C 160 -20.54 -37.70 3.07
C ASN C 160 -21.09 -36.33 2.68
N THR C 161 -20.27 -35.54 1.97
CA THR C 161 -20.67 -34.22 1.55
C THR C 161 -21.92 -34.32 0.67
N LEU C 162 -21.98 -35.32 -0.22
CA LEU C 162 -23.06 -35.42 -1.15
C LEU C 162 -24.40 -35.75 -0.47
N ASP C 163 -24.40 -36.24 0.79
CA ASP C 163 -25.64 -36.40 1.53
C ASP C 163 -25.81 -35.28 2.56
N ARG C 164 -25.00 -34.22 2.43
CA ARG C 164 -24.95 -33.07 3.34
C ARG C 164 -24.65 -33.54 4.77
N GLY C 165 -23.71 -34.47 4.87
CA GLY C 165 -23.13 -34.88 6.14
C GLY C 165 -22.31 -33.76 6.79
N VAL C 166 -22.00 -33.99 8.08
CA VAL C 166 -21.43 -32.97 8.92
C VAL C 166 -20.35 -33.53 9.84
N GLY C 167 -19.47 -32.62 10.24
CA GLY C 167 -18.47 -32.85 11.28
C GLY C 167 -18.54 -31.73 12.32
N TYR C 168 -17.46 -31.57 13.08
CA TYR C 168 -17.57 -30.86 14.36
C TYR C 168 -16.47 -29.82 14.56
N THR C 169 -15.59 -29.61 13.56
CA THR C 169 -14.62 -28.54 13.64
C THR C 169 -15.31 -27.27 13.18
N PRO C 170 -14.61 -26.12 13.11
CA PRO C 170 -15.18 -24.93 12.48
C PRO C 170 -15.60 -25.13 11.03
N TYR C 171 -15.06 -26.15 10.37
CA TYR C 171 -15.40 -26.48 8.98
C TYR C 171 -16.39 -27.65 8.93
N GLY C 172 -17.26 -27.74 9.94
CA GLY C 172 -18.18 -28.87 10.11
C GLY C 172 -19.27 -28.95 9.05
N ASP C 173 -19.62 -27.85 8.40
CA ASP C 173 -20.60 -27.86 7.31
C ASP C 173 -19.91 -28.25 6.02
N HIS C 174 -19.90 -29.55 5.72
CA HIS C 174 -19.11 -30.06 4.60
C HIS C 174 -19.53 -29.39 3.29
N PHE C 175 -20.84 -29.34 2.99
CA PHE C 175 -21.30 -28.73 1.76
C PHE C 175 -20.82 -27.28 1.62
N MET C 176 -20.80 -26.52 2.72
CA MET C 176 -20.36 -25.14 2.69
C MET C 176 -18.95 -25.05 2.12
N TRP C 177 -18.08 -26.00 2.49
CA TRP C 177 -16.68 -25.90 2.12
C TRP C 177 -16.36 -26.66 0.83
N GLN C 178 -17.33 -27.42 0.32
CA GLN C 178 -17.20 -28.03 -0.98
C GLN C 178 -17.01 -26.93 -2.01
N THR C 179 -16.03 -27.11 -2.90
CA THR C 179 -15.65 -26.11 -3.88
C THR C 179 -15.25 -26.83 -5.16
N GLY C 180 -16.19 -26.83 -6.12
CA GLY C 180 -16.02 -27.49 -7.42
C GLY C 180 -16.39 -28.97 -7.36
N LEU C 181 -17.00 -29.44 -8.45
CA LEU C 181 -17.14 -30.87 -8.63
C LEU C 181 -17.20 -31.19 -10.12
N GLU C 182 -16.96 -32.45 -10.41
CA GLU C 182 -17.15 -33.05 -11.72
C GLU C 182 -18.22 -34.12 -11.61
N VAL C 183 -19.19 -34.09 -12.53
CA VAL C 183 -20.35 -34.97 -12.46
C VAL C 183 -20.70 -35.49 -13.84
N VAL C 184 -21.03 -36.79 -13.86
CA VAL C 184 -21.62 -37.42 -15.03
C VAL C 184 -23.13 -37.31 -14.89
N LEU C 185 -23.74 -36.62 -15.85
CA LEU C 185 -25.16 -36.36 -15.81
C LEU C 185 -25.92 -37.59 -16.30
N PRO C 186 -27.27 -37.63 -16.11
CA PRO C 186 -27.98 -38.89 -16.21
C PRO C 186 -28.02 -39.56 -17.58
N GLN C 187 -27.64 -38.85 -18.65
CA GLN C 187 -27.54 -39.51 -19.95
C GLN C 187 -26.08 -39.73 -20.38
N GLY C 188 -25.14 -39.43 -19.48
CA GLY C 188 -23.76 -39.81 -19.71
C GLY C 188 -22.82 -38.65 -20.07
N GLU C 189 -23.34 -37.43 -20.16
CA GLU C 189 -22.47 -36.27 -20.43
C GLU C 189 -21.73 -35.86 -19.14
N VAL C 190 -20.54 -35.28 -19.29
CA VAL C 190 -19.73 -34.92 -18.13
C VAL C 190 -19.61 -33.39 -18.08
N MET C 191 -19.67 -32.87 -16.83
CA MET C 191 -19.67 -31.43 -16.61
C MET C 191 -18.85 -31.13 -15.37
N ARG C 192 -18.15 -29.99 -15.42
CA ARG C 192 -17.51 -29.45 -14.23
C ARG C 192 -18.22 -28.18 -13.79
N THR C 193 -18.35 -28.02 -12.48
CA THR C 193 -19.02 -26.83 -11.95
C THR C 193 -17.99 -25.76 -11.64
N GLY C 194 -18.53 -24.53 -11.47
CA GLY C 194 -17.75 -23.42 -10.96
C GLY C 194 -16.63 -23.00 -11.90
N MET C 195 -15.46 -22.73 -11.33
CA MET C 195 -14.33 -22.31 -12.14
C MET C 195 -13.72 -23.51 -12.89
N GLY C 196 -14.16 -24.74 -12.56
CA GLY C 196 -13.77 -25.91 -13.33
C GLY C 196 -14.31 -25.89 -14.75
N ALA C 197 -15.37 -25.10 -14.99
CA ALA C 197 -15.95 -24.97 -16.32
C ALA C 197 -15.12 -24.03 -17.20
N LEU C 198 -14.17 -23.28 -16.61
CA LEU C 198 -13.32 -22.34 -17.32
C LEU C 198 -11.99 -23.03 -17.58
N PRO C 199 -11.72 -23.54 -18.80
CA PRO C 199 -10.50 -24.33 -19.04
C PRO C 199 -9.25 -23.58 -18.60
N GLY C 200 -8.39 -24.27 -17.83
CA GLY C 200 -7.11 -23.69 -17.44
C GLY C 200 -7.21 -22.88 -16.15
N SER C 201 -8.41 -22.72 -15.57
CA SER C 201 -8.50 -21.95 -14.32
C SER C 201 -7.83 -22.73 -13.19
N ASP C 202 -7.06 -22.01 -12.35
CA ASP C 202 -6.49 -22.55 -11.13
C ASP C 202 -7.42 -22.35 -9.93
N ALA C 203 -8.65 -21.89 -10.18
CA ALA C 203 -9.55 -21.50 -9.11
C ALA C 203 -10.71 -22.44 -8.88
N TRP C 204 -10.67 -23.66 -9.44
CA TRP C 204 -11.71 -24.64 -9.21
C TRP C 204 -12.00 -24.88 -7.73
N GLN C 205 -10.95 -24.96 -6.91
CA GLN C 205 -11.08 -25.19 -5.48
C GLN C 205 -10.97 -23.91 -4.65
N LEU C 206 -11.02 -22.74 -5.30
CA LEU C 206 -10.85 -21.45 -4.64
C LEU C 206 -12.16 -20.64 -4.62
N PHE C 207 -12.96 -20.73 -5.69
CA PHE C 207 -14.16 -19.91 -5.82
C PHE C 207 -15.30 -20.80 -6.27
N PRO C 208 -16.29 -21.08 -5.40
CA PRO C 208 -17.28 -22.10 -5.70
C PRO C 208 -18.28 -21.79 -6.79
N TYR C 209 -18.60 -20.52 -7.02
CA TYR C 209 -19.83 -20.20 -7.76
C TYR C 209 -19.64 -20.23 -9.27
N GLY C 210 -18.48 -19.83 -9.76
CA GLY C 210 -18.27 -19.63 -11.20
C GLY C 210 -19.19 -18.53 -11.75
N PHE C 211 -19.82 -18.79 -12.88
CA PHE C 211 -20.68 -17.82 -13.55
C PHE C 211 -22.05 -18.42 -13.81
N GLY C 212 -23.10 -17.62 -13.65
CA GLY C 212 -24.46 -18.07 -13.94
C GLY C 212 -25.05 -18.85 -12.77
N PRO C 213 -26.20 -19.53 -12.95
CA PRO C 213 -26.88 -20.20 -11.86
C PRO C 213 -25.96 -21.20 -11.17
N PHE C 214 -25.98 -21.23 -9.84
CA PHE C 214 -25.08 -22.04 -9.05
C PHE C 214 -25.71 -23.41 -8.79
N PRO C 215 -25.16 -24.50 -9.39
CA PRO C 215 -25.83 -25.79 -9.40
C PRO C 215 -25.38 -26.81 -8.36
N ASP C 216 -24.25 -26.61 -7.67
CA ASP C 216 -23.63 -27.69 -6.92
C ASP C 216 -24.57 -28.28 -5.87
N GLY C 217 -25.41 -27.43 -5.25
CA GLY C 217 -26.34 -27.91 -4.23
C GLY C 217 -27.37 -28.89 -4.78
N MET C 218 -27.61 -28.81 -6.09
CA MET C 218 -28.59 -29.69 -6.73
C MET C 218 -28.05 -31.11 -6.90
N PHE C 219 -26.76 -31.33 -6.61
CA PHE C 219 -26.16 -32.66 -6.62
C PHE C 219 -26.00 -33.23 -5.21
N THR C 220 -26.54 -32.56 -4.20
CA THR C 220 -26.54 -33.09 -2.84
C THR C 220 -27.94 -33.58 -2.48
N GLN C 221 -27.98 -34.71 -1.78
CA GLN C 221 -29.22 -35.43 -1.48
C GLN C 221 -30.05 -35.52 -2.75
N SER C 222 -29.41 -35.99 -3.82
CA SER C 222 -29.92 -35.79 -5.18
C SER C 222 -29.81 -37.06 -6.00
N ASN C 223 -30.49 -37.09 -7.14
CA ASN C 223 -30.35 -38.17 -8.10
C ASN C 223 -30.16 -37.58 -9.49
N LEU C 224 -29.36 -36.53 -9.60
CA LEU C 224 -29.14 -35.84 -10.85
C LEU C 224 -27.80 -36.15 -11.48
N GLY C 225 -27.02 -37.07 -10.93
CA GLY C 225 -25.77 -37.44 -11.58
C GLY C 225 -24.89 -38.35 -10.73
N ILE C 226 -23.75 -38.74 -11.30
CA ILE C 226 -22.73 -39.50 -10.60
C ILE C 226 -21.47 -38.63 -10.53
N VAL C 227 -21.13 -38.22 -9.32
CA VAL C 227 -20.01 -37.35 -9.08
C VAL C 227 -18.72 -38.17 -9.13
N THR C 228 -17.72 -37.62 -9.84
CA THR C 228 -16.45 -38.31 -10.07
C THR C 228 -15.27 -37.60 -9.43
N LYS C 229 -15.40 -36.30 -9.13
CA LYS C 229 -14.38 -35.51 -8.47
C LYS C 229 -15.06 -34.45 -7.64
N MET C 230 -14.49 -34.09 -6.51
CA MET C 230 -15.01 -32.98 -5.72
C MET C 230 -13.86 -32.33 -4.96
N GLY C 231 -13.92 -31.00 -4.89
CA GLY C 231 -12.96 -30.25 -4.09
C GLY C 231 -13.56 -29.85 -2.76
N ILE C 232 -12.68 -29.67 -1.77
CA ILE C 232 -13.11 -29.18 -0.49
C ILE C 232 -12.02 -28.32 0.13
N ALA C 233 -12.44 -27.22 0.75
CA ALA C 233 -11.49 -26.40 1.50
C ALA C 233 -11.05 -27.12 2.77
N LEU C 234 -9.80 -26.88 3.19
CA LEU C 234 -9.26 -27.44 4.42
C LEU C 234 -8.72 -26.30 5.29
N MET C 235 -9.10 -26.33 6.56
CA MET C 235 -8.68 -25.31 7.51
C MET C 235 -7.24 -25.56 7.97
N GLN C 236 -6.51 -24.50 8.26
CA GLN C 236 -5.20 -24.60 8.90
C GLN C 236 -5.37 -25.06 10.35
N ARG C 237 -4.51 -26.00 10.77
CA ARG C 237 -4.57 -26.49 12.14
C ARG C 237 -4.10 -25.37 13.08
N PRO C 238 -4.89 -25.03 14.12
CA PRO C 238 -4.49 -24.07 15.14
C PRO C 238 -3.28 -24.53 15.95
N PRO C 239 -2.62 -23.62 16.67
CA PRO C 239 -1.39 -23.98 17.38
C PRO C 239 -1.61 -24.89 18.59
N ALA C 240 -2.83 -24.86 19.16
CA ALA C 240 -3.17 -25.71 20.29
C ALA C 240 -4.68 -25.93 20.33
N SER C 241 -5.11 -26.92 21.11
CA SER C 241 -6.53 -27.14 21.31
C SER C 241 -6.77 -27.78 22.68
N GLN C 242 -7.98 -27.63 23.18
CA GLN C 242 -8.39 -28.25 24.43
C GLN C 242 -9.85 -28.63 24.30
N SER C 243 -10.19 -29.85 24.72
CA SER C 243 -11.58 -30.27 24.69
C SER C 243 -12.09 -30.32 26.13
N PHE C 244 -13.42 -30.25 26.26
CA PHE C 244 -14.03 -30.28 27.58
C PHE C 244 -15.38 -30.95 27.52
N LEU C 245 -15.77 -31.46 28.70
CA LEU C 245 -17.07 -32.05 28.97
C LEU C 245 -17.72 -31.25 30.09
N ILE C 246 -19.02 -30.96 29.92
CA ILE C 246 -19.82 -30.45 31.02
C ILE C 246 -20.92 -31.47 31.24
N THR C 247 -21.01 -32.00 32.47
CA THR C 247 -22.10 -32.88 32.83
C THR C 247 -23.20 -32.07 33.51
N PHE C 248 -24.46 -32.34 33.09
CA PHE C 248 -25.63 -31.74 33.70
C PHE C 248 -26.52 -32.87 34.23
N ASP C 249 -26.92 -32.74 35.49
CA ASP C 249 -27.49 -33.87 36.22
C ASP C 249 -28.94 -34.17 35.83
N LYS C 250 -29.72 -33.17 35.44
CA LYS C 250 -31.17 -33.34 35.32
C LYS C 250 -31.62 -33.36 33.87
N GLU C 251 -32.61 -34.22 33.58
CA GLU C 251 -33.28 -34.23 32.28
C GLU C 251 -33.74 -32.84 31.88
N GLU C 252 -34.30 -32.08 32.83
CA GLU C 252 -34.93 -30.81 32.52
C GLU C 252 -33.89 -29.70 32.35
N ASP C 253 -32.60 -29.98 32.59
CA ASP C 253 -31.56 -29.01 32.35
C ASP C 253 -31.45 -28.62 30.87
N LEU C 254 -31.95 -29.48 29.97
CA LEU C 254 -31.82 -29.24 28.53
C LEU C 254 -32.25 -27.81 28.19
N GLU C 255 -33.39 -27.35 28.75
CA GLU C 255 -33.90 -26.04 28.39
C GLU C 255 -32.86 -24.94 28.62
N GLN C 256 -32.25 -24.95 29.81
CA GLN C 256 -31.29 -23.92 30.18
C GLN C 256 -29.99 -24.08 29.37
N ILE C 257 -29.57 -25.33 29.11
CA ILE C 257 -28.34 -25.58 28.40
C ILE C 257 -28.43 -24.95 27.01
N VAL C 258 -29.53 -25.23 26.30
CA VAL C 258 -29.71 -24.70 24.95
C VAL C 258 -29.77 -23.18 24.97
N ASP C 259 -30.47 -22.61 25.95
CA ASP C 259 -30.60 -21.15 25.98
C ASP C 259 -29.27 -20.44 26.25
N ILE C 260 -28.35 -21.12 26.93
CA ILE C 260 -26.99 -20.60 27.10
C ILE C 260 -26.11 -20.93 25.88
N MET C 261 -26.24 -22.11 25.29
CA MET C 261 -25.46 -22.49 24.12
C MET C 261 -25.57 -21.43 23.00
N LEU C 262 -26.80 -21.00 22.67
CA LEU C 262 -26.99 -20.12 21.51
C LEU C 262 -26.14 -18.86 21.57
N PRO C 263 -26.24 -18.00 22.61
CA PRO C 263 -25.45 -16.78 22.65
C PRO C 263 -23.93 -16.96 22.65
N LEU C 264 -23.46 -18.12 23.13
CA LEU C 264 -22.04 -18.40 23.17
C LEU C 264 -21.56 -18.94 21.82
N ARG C 265 -22.49 -19.33 20.92
CA ARG C 265 -22.13 -19.95 19.64
C ARG C 265 -22.33 -19.01 18.45
N ILE C 266 -23.35 -18.13 18.48
CA ILE C 266 -23.80 -17.43 17.27
C ILE C 266 -22.69 -16.57 16.63
N ASN C 267 -21.75 -16.05 17.44
CA ASN C 267 -20.63 -15.27 16.92
C ASN C 267 -19.37 -16.11 16.72
N MET C 268 -19.48 -17.45 16.86
CA MET C 268 -18.40 -18.41 16.66
C MET C 268 -17.33 -18.29 17.73
N ALA C 269 -17.70 -17.67 18.86
CA ALA C 269 -16.82 -17.59 20.01
C ALA C 269 -17.64 -17.19 21.23
N PRO C 270 -17.41 -17.75 22.44
CA PRO C 270 -16.31 -18.66 22.75
C PRO C 270 -16.49 -20.09 22.25
N LEU C 271 -17.70 -20.47 21.80
CA LEU C 271 -17.91 -21.80 21.27
C LEU C 271 -17.48 -21.81 19.80
N GLN C 272 -16.22 -22.20 19.57
CA GLN C 272 -15.62 -22.12 18.25
C GLN C 272 -15.90 -23.35 17.41
N ASN C 273 -16.19 -24.48 18.05
CA ASN C 273 -16.48 -25.70 17.29
C ASN C 273 -17.99 -25.93 17.35
N VAL C 274 -18.42 -27.01 16.72
CA VAL C 274 -19.84 -27.37 16.73
C VAL C 274 -20.16 -27.93 18.12
N PRO C 275 -21.01 -27.25 18.92
CA PRO C 275 -21.38 -27.79 20.23
C PRO C 275 -22.25 -29.03 20.09
N VAL C 276 -21.94 -30.07 20.88
CA VAL C 276 -22.77 -31.25 20.93
C VAL C 276 -23.20 -31.55 22.36
N LEU C 277 -24.49 -31.89 22.49
CA LEU C 277 -25.08 -32.24 23.78
C LEU C 277 -25.66 -33.63 23.65
N ARG C 278 -25.09 -34.60 24.38
CA ARG C 278 -25.43 -36.01 24.22
C ARG C 278 -26.06 -36.52 25.52
N ASN C 279 -27.13 -37.30 25.41
CA ASN C 279 -27.77 -37.80 26.64
C ASN C 279 -27.03 -39.04 27.14
N ILE C 280 -27.39 -39.47 28.37
CA ILE C 280 -26.70 -40.54 29.05
C ILE C 280 -26.85 -41.84 28.27
N PHE C 281 -27.98 -42.08 27.60
CA PHE C 281 -28.14 -43.29 26.82
C PHE C 281 -27.10 -43.36 25.70
N MET C 282 -26.88 -42.23 25.02
N MET C 282 -26.88 -42.23 25.02
CA MET C 282 -25.96 -42.19 23.91
CA MET C 282 -25.96 -42.20 23.92
C MET C 282 -24.53 -42.43 24.42
C MET C 282 -24.53 -42.43 24.42
N ASP C 283 -24.14 -41.79 25.53
CA ASP C 283 -22.80 -41.93 26.08
C ASP C 283 -22.59 -43.31 26.70
N ALA C 284 -23.62 -43.87 27.36
CA ALA C 284 -23.51 -45.19 27.92
C ALA C 284 -23.32 -46.23 26.81
N ALA C 285 -24.04 -46.06 25.71
CA ALA C 285 -23.98 -47.06 24.64
C ALA C 285 -22.61 -47.11 24.00
N ALA C 286 -21.90 -45.98 24.05
CA ALA C 286 -20.56 -45.93 23.47
C ALA C 286 -19.55 -46.77 24.26
N VAL C 287 -19.88 -47.15 25.52
CA VAL C 287 -18.88 -47.75 26.39
C VAL C 287 -19.41 -49.01 27.09
N SER C 288 -20.67 -49.39 26.86
CA SER C 288 -21.30 -50.45 27.65
C SER C 288 -22.47 -51.05 26.88
N LYS C 289 -22.91 -52.24 27.31
CA LYS C 289 -24.10 -52.90 26.77
C LYS C 289 -25.31 -52.60 27.64
N ARG C 290 -26.50 -52.64 27.02
CA ARG C 290 -27.73 -52.31 27.73
C ARG C 290 -27.92 -53.20 28.96
N THR C 291 -27.58 -54.49 28.80
CA THR C 291 -27.77 -55.47 29.85
C THR C 291 -26.86 -55.23 31.06
N GLU C 292 -25.81 -54.41 30.93
CA GLU C 292 -25.05 -54.00 32.11
C GLU C 292 -25.97 -53.29 33.11
N TRP C 293 -26.99 -52.59 32.59
CA TRP C 293 -27.81 -51.68 33.37
C TRP C 293 -29.19 -52.26 33.64
N PHE C 294 -29.73 -53.00 32.66
CA PHE C 294 -31.11 -53.48 32.75
C PHE C 294 -31.31 -54.66 31.80
N ASP C 295 -31.89 -55.76 32.32
N ASP C 295 -31.89 -55.76 32.32
CA ASP C 295 -32.08 -56.95 31.51
CA ASP C 295 -32.08 -56.93 31.49
C ASP C 295 -33.56 -57.31 31.41
C ASP C 295 -33.56 -57.31 31.42
N GLY C 296 -34.44 -56.35 31.70
CA GLY C 296 -35.87 -56.62 31.75
C GLY C 296 -36.55 -56.25 30.44
N ASP C 297 -37.88 -56.23 30.48
CA ASP C 297 -38.67 -55.84 29.33
C ASP C 297 -39.03 -54.37 29.48
N GLY C 298 -39.12 -53.71 28.32
CA GLY C 298 -39.66 -52.38 28.25
C GLY C 298 -38.59 -51.32 28.45
N PRO C 299 -39.02 -50.04 28.54
CA PRO C 299 -38.08 -48.94 28.71
C PRO C 299 -37.20 -49.09 29.94
N MET C 300 -36.01 -48.52 29.90
CA MET C 300 -35.13 -48.60 31.05
C MET C 300 -35.74 -47.80 32.20
N PRO C 301 -35.85 -48.35 33.43
CA PRO C 301 -36.41 -47.60 34.54
C PRO C 301 -35.51 -46.50 35.07
N ALA C 302 -36.12 -45.55 35.79
CA ALA C 302 -35.40 -44.39 36.31
C ALA C 302 -34.18 -44.81 37.13
N GLU C 303 -34.32 -45.90 37.90
CA GLU C 303 -33.27 -46.34 38.81
C GLU C 303 -32.05 -46.80 38.02
N ALA C 304 -32.28 -47.44 36.88
CA ALA C 304 -31.18 -47.89 36.02
C ALA C 304 -30.47 -46.71 35.35
N ILE C 305 -31.23 -45.66 34.98
CA ILE C 305 -30.64 -44.46 34.42
C ILE C 305 -29.72 -43.82 35.45
N GLU C 306 -30.17 -43.75 36.72
CA GLU C 306 -29.34 -43.17 37.75
C GLU C 306 -28.05 -43.98 37.93
N ARG C 307 -28.15 -45.31 37.81
CA ARG C 307 -26.97 -46.17 37.92
C ARG C 307 -25.96 -45.92 36.78
N MET C 308 -26.46 -45.73 35.55
CA MET C 308 -25.60 -45.37 34.43
C MET C 308 -24.83 -44.08 34.76
N LYS C 309 -25.56 -43.05 35.20
CA LYS C 309 -24.95 -41.78 35.53
C LYS C 309 -23.87 -41.93 36.60
N LYS C 310 -24.19 -42.67 37.67
CA LYS C 310 -23.26 -42.76 38.79
C LYS C 310 -22.03 -43.56 38.42
N ASP C 311 -22.22 -44.70 37.73
CA ASP C 311 -21.11 -45.57 37.40
C ASP C 311 -20.17 -44.91 36.38
N LEU C 312 -20.73 -44.16 35.42
CA LEU C 312 -19.94 -43.52 34.39
C LEU C 312 -19.51 -42.09 34.79
N ASP C 313 -20.01 -41.58 35.92
CA ASP C 313 -19.73 -40.24 36.37
C ASP C 313 -20.10 -39.24 35.26
N LEU C 314 -21.31 -39.42 34.71
CA LEU C 314 -21.84 -38.54 33.69
C LEU C 314 -23.19 -38.00 34.13
N GLY C 315 -23.65 -36.96 33.41
CA GLY C 315 -24.97 -36.40 33.65
C GLY C 315 -26.01 -37.04 32.74
N PHE C 316 -27.27 -36.62 32.89
CA PHE C 316 -28.28 -36.97 31.91
C PHE C 316 -27.95 -36.33 30.56
N TRP C 317 -27.45 -35.10 30.61
CA TRP C 317 -27.01 -34.39 29.42
C TRP C 317 -25.53 -34.06 29.56
N ASN C 318 -24.78 -34.34 28.49
CA ASN C 318 -23.32 -34.20 28.51
C ASN C 318 -22.90 -33.34 27.32
N PHE C 319 -22.34 -32.17 27.64
CA PHE C 319 -21.93 -31.22 26.62
C PHE C 319 -20.44 -31.41 26.31
N TYR C 320 -20.11 -31.47 25.02
CA TYR C 320 -18.75 -31.63 24.55
C TYR C 320 -18.40 -30.49 23.62
N GLY C 321 -17.24 -29.88 23.86
CA GLY C 321 -16.75 -28.81 22.99
C GLY C 321 -15.23 -28.84 22.90
N THR C 322 -14.71 -28.13 21.91
CA THR C 322 -13.28 -27.99 21.71
C THR C 322 -12.98 -26.52 21.42
N LEU C 323 -11.86 -26.06 21.99
CA LEU C 323 -11.36 -24.71 21.80
C LEU C 323 -10.03 -24.80 21.08
N TYR C 324 -9.73 -23.74 20.34
CA TYR C 324 -8.55 -23.71 19.50
C TYR C 324 -7.88 -22.35 19.62
N GLY C 325 -6.54 -22.38 19.55
CA GLY C 325 -5.80 -21.16 19.44
C GLY C 325 -4.61 -21.18 20.39
N PRO C 326 -3.95 -20.02 20.54
CA PRO C 326 -2.92 -19.88 21.55
C PRO C 326 -3.46 -20.18 22.94
N PRO C 327 -2.66 -20.76 23.86
CA PRO C 327 -3.12 -21.03 25.22
C PRO C 327 -3.89 -19.90 25.90
N PRO C 328 -3.48 -18.60 25.82
CA PRO C 328 -4.24 -17.54 26.46
C PRO C 328 -5.67 -17.38 25.93
N LEU C 329 -5.86 -17.62 24.63
CA LEU C 329 -7.18 -17.52 24.03
C LEU C 329 -8.06 -18.66 24.54
N ILE C 330 -7.51 -19.88 24.54
CA ILE C 330 -8.22 -21.04 25.07
C ILE C 330 -8.64 -20.78 26.51
N GLU C 331 -7.71 -20.27 27.33
CA GLU C 331 -8.00 -20.01 28.73
C GLU C 331 -9.17 -19.04 28.87
N MET C 332 -9.13 -17.94 28.11
CA MET C 332 -10.18 -16.93 28.16
C MET C 332 -11.53 -17.51 27.78
N TYR C 333 -11.58 -18.25 26.65
CA TYR C 333 -12.84 -18.81 26.19
C TYR C 333 -13.38 -19.84 27.19
N TYR C 334 -12.51 -20.69 27.72
CA TYR C 334 -12.94 -21.71 28.66
C TYR C 334 -13.50 -21.04 29.91
N GLY C 335 -12.86 -19.95 30.37
CA GLY C 335 -13.35 -19.21 31.52
C GLY C 335 -14.76 -18.65 31.26
N MET C 336 -15.03 -18.15 30.05
CA MET C 336 -16.34 -17.63 29.69
C MET C 336 -17.37 -18.76 29.70
N ILE C 337 -17.00 -19.92 29.17
CA ILE C 337 -17.88 -21.07 29.10
C ILE C 337 -18.23 -21.58 30.50
N LYS C 338 -17.23 -21.65 31.39
CA LYS C 338 -17.45 -22.08 32.75
C LYS C 338 -18.38 -21.11 33.49
N GLU C 339 -18.16 -19.82 33.28
CA GLU C 339 -18.96 -18.79 33.93
C GLU C 339 -20.43 -18.91 33.52
N ALA C 340 -20.65 -19.15 32.21
CA ALA C 340 -22.00 -19.15 31.66
C ALA C 340 -22.75 -20.43 32.07
N PHE C 341 -22.16 -21.60 31.79
CA PHE C 341 -22.85 -22.85 32.07
C PHE C 341 -22.90 -23.15 33.56
N GLY C 342 -21.95 -22.59 34.32
CA GLY C 342 -21.90 -22.74 35.76
C GLY C 342 -23.12 -22.15 36.48
N LYS C 343 -23.95 -21.39 35.78
CA LYS C 343 -25.20 -20.89 36.34
C LYS C 343 -26.25 -22.00 36.50
N ILE C 344 -26.05 -23.16 35.84
CA ILE C 344 -26.97 -24.27 35.99
C ILE C 344 -26.53 -25.08 37.20
N PRO C 345 -27.37 -25.21 38.26
CA PRO C 345 -26.98 -26.03 39.41
C PRO C 345 -26.62 -27.46 39.00
N GLY C 346 -25.51 -27.96 39.53
CA GLY C 346 -25.12 -29.35 39.34
C GLY C 346 -24.17 -29.56 38.15
N ALA C 347 -23.89 -28.50 37.38
CA ALA C 347 -22.98 -28.58 36.26
C ALA C 347 -21.56 -28.88 36.77
N ARG C 348 -20.87 -29.79 36.09
CA ARG C 348 -19.48 -30.09 36.44
C ARG C 348 -18.66 -30.10 35.14
N PHE C 349 -17.41 -29.63 35.25
CA PHE C 349 -16.55 -29.41 34.09
C PHE C 349 -15.32 -30.32 34.17
N PHE C 350 -14.93 -30.86 33.01
CA PHE C 350 -13.74 -31.68 32.88
C PHE C 350 -13.05 -31.37 31.56
N THR C 351 -11.71 -31.22 31.59
CA THR C 351 -10.96 -31.11 30.35
C THR C 351 -10.53 -32.51 29.91
N HIS C 352 -10.03 -32.61 28.68
CA HIS C 352 -9.65 -33.88 28.11
C HIS C 352 -8.43 -34.44 28.85
N GLU C 353 -7.77 -33.64 29.68
CA GLU C 353 -6.67 -34.13 30.50
C GLU C 353 -7.15 -34.67 31.86
N GLU C 354 -8.46 -34.58 32.18
CA GLU C 354 -8.87 -34.81 33.56
C GLU C 354 -9.81 -36.03 33.71
N ARG C 355 -9.98 -36.81 32.65
CA ARG C 355 -10.86 -37.98 32.69
C ARG C 355 -10.22 -39.18 31.99
N ASP C 356 -9.69 -40.14 32.77
CA ASP C 356 -9.13 -41.35 32.19
C ASP C 356 -9.99 -42.59 32.46
N ASP C 357 -11.24 -42.36 32.88
CA ASP C 357 -12.12 -43.44 33.29
C ASP C 357 -12.97 -43.84 32.08
N ARG C 358 -13.75 -44.91 32.26
CA ARG C 358 -14.59 -45.42 31.19
C ARG C 358 -15.57 -44.34 30.73
N GLY C 359 -16.14 -43.57 31.66
CA GLY C 359 -17.10 -42.55 31.31
C GLY C 359 -16.49 -41.43 30.47
N GLY C 360 -15.16 -41.24 30.62
CA GLY C 360 -14.42 -40.24 29.88
C GLY C 360 -14.07 -40.67 28.45
N HIS C 361 -14.41 -41.92 28.07
CA HIS C 361 -14.09 -42.41 26.74
C HIS C 361 -14.71 -41.56 25.63
N VAL C 362 -15.94 -41.08 25.82
CA VAL C 362 -16.58 -40.27 24.81
C VAL C 362 -15.84 -38.94 24.66
N LEU C 363 -15.48 -38.30 25.79
CA LEU C 363 -14.71 -37.06 25.73
C LEU C 363 -13.42 -37.28 24.92
N GLN C 364 -12.72 -38.40 25.13
CA GLN C 364 -11.49 -38.67 24.41
C GLN C 364 -11.75 -38.82 22.91
N ASP C 365 -12.89 -39.43 22.57
CA ASP C 365 -13.26 -39.61 21.17
C ASP C 365 -13.61 -38.26 20.53
N ARG C 366 -14.36 -37.41 21.25
CA ARG C 366 -14.70 -36.09 20.73
C ARG C 366 -13.44 -35.25 20.53
N HIS C 367 -12.47 -35.41 21.43
CA HIS C 367 -11.21 -34.67 21.30
C HIS C 367 -10.52 -35.03 19.99
N LYS C 368 -10.56 -36.30 19.61
CA LYS C 368 -10.04 -36.70 18.30
C LYS C 368 -10.84 -36.09 17.17
N ILE C 369 -12.15 -36.36 17.15
CA ILE C 369 -13.03 -35.95 16.06
C ILE C 369 -12.95 -34.43 15.85
N ASN C 370 -12.97 -33.66 16.94
CA ASN C 370 -13.01 -32.21 16.91
C ASN C 370 -11.67 -31.61 16.45
N ASN C 371 -10.63 -32.45 16.40
CA ASN C 371 -9.33 -32.08 15.95
C ASN C 371 -9.00 -32.72 14.59
N GLY C 372 -10.01 -33.22 13.89
CA GLY C 372 -9.82 -33.81 12.58
C GLY C 372 -9.00 -35.11 12.63
N ILE C 373 -9.05 -35.84 13.74
CA ILE C 373 -8.41 -37.13 13.87
C ILE C 373 -9.48 -38.20 13.79
N PRO C 374 -9.55 -38.94 12.67
CA PRO C 374 -10.64 -39.89 12.48
C PRO C 374 -10.55 -41.08 13.42
N SER C 375 -11.73 -41.66 13.68
CA SER C 375 -11.92 -42.68 14.71
C SER C 375 -13.00 -43.65 14.26
N LEU C 376 -12.95 -44.88 14.80
CA LEU C 376 -14.05 -45.80 14.71
C LEU C 376 -14.55 -46.21 16.09
N ASP C 377 -14.20 -45.44 17.13
CA ASP C 377 -14.58 -45.81 18.49
C ASP C 377 -16.09 -45.91 18.63
N GLU C 378 -16.83 -45.06 17.89
CA GLU C 378 -18.26 -45.03 18.05
C GLU C 378 -18.97 -46.25 17.46
N LEU C 379 -18.29 -47.12 16.73
CA LEU C 379 -18.89 -48.39 16.34
C LEU C 379 -19.35 -49.19 17.56
N GLN C 380 -18.73 -48.95 18.73
CA GLN C 380 -19.09 -49.67 19.95
C GLN C 380 -20.57 -49.43 20.31
N LEU C 381 -21.16 -48.29 19.87
CA LEU C 381 -22.59 -48.03 20.10
C LEU C 381 -23.43 -49.24 19.68
N LEU C 382 -23.05 -49.90 18.59
CA LEU C 382 -23.87 -50.96 18.02
C LEU C 382 -23.81 -52.25 18.85
N ASP C 383 -22.92 -52.30 19.85
CA ASP C 383 -22.90 -53.42 20.80
C ASP C 383 -23.92 -53.24 21.93
N TRP C 384 -24.72 -52.17 21.90
CA TRP C 384 -25.69 -51.91 22.96
C TRP C 384 -26.64 -53.09 23.13
N VAL C 385 -27.01 -53.72 22.01
CA VAL C 385 -27.86 -54.89 21.99
C VAL C 385 -27.31 -55.85 20.94
N PRO C 386 -27.65 -57.15 20.99
CA PRO C 386 -27.19 -58.10 19.98
C PRO C 386 -27.60 -57.73 18.56
N ASN C 387 -26.69 -57.97 17.62
CA ASN C 387 -26.92 -57.72 16.21
C ASN C 387 -27.32 -56.26 15.99
N GLY C 388 -26.68 -55.37 16.73
CA GLY C 388 -27.09 -53.97 16.81
C GLY C 388 -27.01 -53.24 15.47
N GLY C 389 -28.08 -52.50 15.18
CA GLY C 389 -28.11 -51.50 14.12
C GLY C 389 -28.79 -50.24 14.62
N HIS C 390 -28.70 -49.15 13.83
CA HIS C 390 -29.41 -47.94 14.20
C HIS C 390 -30.06 -47.32 12.97
N ILE C 391 -31.07 -46.50 13.23
CA ILE C 391 -31.61 -45.60 12.21
C ILE C 391 -31.50 -44.18 12.78
N GLY C 392 -31.20 -43.23 11.91
CA GLY C 392 -31.09 -41.83 12.28
C GLY C 392 -32.39 -41.10 12.03
N PHE C 393 -32.83 -40.33 13.04
CA PHE C 393 -34.01 -39.50 12.93
C PHE C 393 -33.59 -38.13 13.42
N VAL C 394 -33.56 -37.14 12.51
CA VAL C 394 -32.92 -35.89 12.82
C VAL C 394 -33.74 -34.68 12.39
N PRO C 395 -34.73 -34.26 13.21
CA PRO C 395 -35.43 -33.00 12.99
C PRO C 395 -34.60 -31.75 13.23
N VAL C 396 -34.95 -30.70 12.47
CA VAL C 396 -34.39 -29.37 12.56
C VAL C 396 -35.44 -28.42 13.16
N SER C 397 -34.91 -27.53 14.03
CA SER C 397 -35.74 -26.57 14.73
C SER C 397 -34.91 -25.35 15.10
N ALA C 398 -35.54 -24.39 15.81
CA ALA C 398 -34.86 -23.24 16.35
C ALA C 398 -34.03 -23.63 17.57
N PRO C 399 -32.84 -23.01 17.79
CA PRO C 399 -32.02 -23.21 18.97
C PRO C 399 -32.61 -22.51 20.20
N ASP C 400 -33.71 -23.09 20.67
CA ASP C 400 -34.54 -22.55 21.72
C ASP C 400 -34.77 -23.68 22.73
N GLY C 401 -34.60 -23.38 24.02
CA GLY C 401 -34.68 -24.42 25.04
C GLY C 401 -36.05 -25.05 25.17
N ARG C 402 -37.13 -24.25 25.01
CA ARG C 402 -38.47 -24.79 25.08
C ARG C 402 -38.72 -25.70 23.89
N GLU C 403 -38.24 -25.32 22.70
CA GLU C 403 -38.39 -26.17 21.53
C GLU C 403 -37.64 -27.48 21.74
N ALA C 404 -36.44 -27.42 22.36
CA ALA C 404 -35.68 -28.62 22.66
C ALA C 404 -36.46 -29.54 23.60
N MET C 405 -37.00 -28.97 24.69
CA MET C 405 -37.77 -29.76 25.64
C MET C 405 -38.97 -30.41 24.95
N LYS C 406 -39.65 -29.67 24.07
CA LYS C 406 -40.85 -30.23 23.42
C LYS C 406 -40.48 -31.43 22.56
N GLN C 407 -39.36 -31.31 21.84
CA GLN C 407 -38.92 -32.39 20.98
C GLN C 407 -38.45 -33.59 21.78
N PHE C 408 -37.65 -33.34 22.82
CA PHE C 408 -37.21 -34.39 23.75
C PHE C 408 -38.42 -35.18 24.24
N GLU C 409 -39.43 -34.48 24.75
CA GLU C 409 -40.60 -35.14 25.33
C GLU C 409 -41.37 -35.94 24.29
N MET C 410 -41.59 -35.39 23.11
CA MET C 410 -42.46 -36.06 22.15
C MET C 410 -41.75 -37.27 21.53
N VAL C 411 -40.44 -37.19 21.33
CA VAL C 411 -39.72 -38.31 20.78
C VAL C 411 -39.58 -39.40 21.84
N ARG C 412 -39.28 -39.01 23.09
CA ARG C 412 -39.12 -40.00 24.14
C ARG C 412 -40.44 -40.73 24.41
N ASN C 413 -41.56 -39.99 24.41
CA ASN C 413 -42.87 -40.57 24.58
C ASN C 413 -43.11 -41.69 23.57
N ARG C 414 -42.83 -41.40 22.29
CA ARG C 414 -43.06 -42.37 21.23
C ARG C 414 -42.09 -43.53 21.32
N ALA C 415 -40.82 -43.25 21.62
CA ALA C 415 -39.83 -44.30 21.77
C ALA C 415 -40.28 -45.30 22.85
N ASN C 416 -40.72 -44.76 23.99
CA ASN C 416 -41.18 -45.59 25.09
C ASN C 416 -42.31 -46.52 24.64
N GLU C 417 -43.25 -45.99 23.86
CA GLU C 417 -44.42 -46.74 23.41
C GLU C 417 -43.98 -47.91 22.51
N TYR C 418 -42.86 -47.77 21.77
CA TYR C 418 -42.39 -48.84 20.91
C TYR C 418 -41.23 -49.63 21.54
N ASN C 419 -41.00 -49.46 22.85
CA ASN C 419 -39.91 -50.13 23.55
C ASN C 419 -38.59 -49.94 22.82
N LYS C 420 -38.25 -48.68 22.51
CA LYS C 420 -36.96 -48.35 21.97
C LYS C 420 -36.33 -47.29 22.87
N ASP C 421 -35.02 -47.42 23.13
CA ASP C 421 -34.32 -46.45 23.97
C ASP C 421 -34.21 -45.11 23.25
N TYR C 422 -34.37 -44.03 24.00
CA TYR C 422 -34.21 -42.66 23.52
C TYR C 422 -32.73 -42.29 23.63
N MET C 423 -31.98 -42.58 22.56
N MET C 423 -32.00 -42.56 22.54
CA MET C 423 -30.60 -42.16 22.44
CA MET C 423 -30.61 -42.15 22.43
C MET C 423 -30.52 -40.94 21.56
C MET C 423 -30.52 -40.94 21.55
N ALA C 424 -30.21 -39.80 22.16
CA ALA C 424 -30.30 -38.56 21.45
C ALA C 424 -29.30 -37.55 21.93
N GLY C 425 -29.05 -36.60 21.03
CA GLY C 425 -28.28 -35.43 21.35
C GLY C 425 -28.90 -34.24 20.62
N PHE C 426 -28.39 -33.06 20.96
CA PHE C 426 -28.74 -31.82 20.30
C PHE C 426 -27.44 -31.17 19.88
N THR C 427 -27.42 -30.61 18.66
CA THR C 427 -26.31 -29.80 18.19
C THR C 427 -26.88 -28.50 17.63
N ILE C 428 -26.03 -27.46 17.62
CA ILE C 428 -26.38 -26.21 16.98
C ILE C 428 -25.27 -25.88 15.98
N GLY C 429 -25.67 -25.33 14.83
CA GLY C 429 -24.78 -24.72 13.87
C GLY C 429 -24.36 -23.30 14.27
N LEU C 430 -25.12 -22.28 13.84
CA LEU C 430 -25.08 -20.93 14.37
C LEU C 430 -26.48 -20.53 14.80
N ARG C 431 -27.47 -20.86 13.95
CA ARG C 431 -28.83 -20.39 14.13
C ARG C 431 -29.84 -21.52 14.08
N GLU C 432 -29.38 -22.75 13.94
CA GLU C 432 -30.29 -23.87 13.78
C GLU C 432 -29.90 -24.97 14.76
N MET C 433 -30.90 -25.78 15.09
CA MET C 433 -30.74 -26.87 16.02
C MET C 433 -31.13 -28.17 15.34
N TYR C 434 -30.32 -29.19 15.65
CA TYR C 434 -30.61 -30.56 15.23
C TYR C 434 -30.84 -31.43 16.46
N HIS C 435 -31.88 -32.25 16.39
CA HIS C 435 -32.20 -33.23 17.39
C HIS C 435 -31.77 -34.57 16.80
N VAL C 436 -30.56 -35.01 17.17
CA VAL C 436 -30.01 -36.22 16.59
C VAL C 436 -30.47 -37.42 17.41
N CYS C 437 -31.45 -38.16 16.87
CA CYS C 437 -31.95 -39.36 17.52
C CYS C 437 -31.39 -40.59 16.79
N LEU C 438 -30.81 -41.52 17.55
CA LEU C 438 -30.35 -42.80 17.03
C LEU C 438 -31.19 -43.83 17.75
N PHE C 439 -31.87 -44.71 17.01
CA PHE C 439 -32.62 -45.77 17.66
C PHE C 439 -31.88 -47.06 17.37
N ILE C 440 -31.42 -47.74 18.44
CA ILE C 440 -30.60 -48.93 18.29
C ILE C 440 -31.48 -50.16 18.51
N TYR C 441 -31.34 -51.18 17.67
CA TYR C 441 -32.25 -52.31 17.70
C TYR C 441 -31.54 -53.55 17.19
N ASP C 442 -32.15 -54.70 17.44
CA ASP C 442 -31.64 -55.99 16.99
C ASP C 442 -32.05 -56.21 15.54
N THR C 443 -31.10 -56.10 14.61
CA THR C 443 -31.35 -56.18 13.19
C THR C 443 -31.75 -57.59 12.75
N ALA C 444 -31.55 -58.60 13.61
CA ALA C 444 -31.90 -59.97 13.26
C ALA C 444 -33.35 -60.28 13.64
N ASP C 445 -34.02 -59.38 14.34
CA ASP C 445 -35.37 -59.62 14.84
C ASP C 445 -36.38 -58.91 13.94
N PRO C 446 -37.19 -59.64 13.13
CA PRO C 446 -38.13 -58.99 12.23
C PRO C 446 -39.12 -58.07 12.94
N GLU C 447 -39.53 -58.46 14.16
CA GLU C 447 -40.45 -57.63 14.94
C GLU C 447 -39.81 -56.28 15.27
N ALA C 448 -38.52 -56.30 15.69
CA ALA C 448 -37.84 -55.07 16.04
C ALA C 448 -37.69 -54.19 14.80
N ARG C 449 -37.38 -54.80 13.65
CA ARG C 449 -37.23 -54.07 12.40
C ARG C 449 -38.54 -53.38 12.02
N GLU C 450 -39.65 -54.08 12.19
CA GLU C 450 -40.95 -53.51 11.83
C GLU C 450 -41.34 -52.42 12.82
N GLU C 451 -41.07 -52.64 14.11
CA GLU C 451 -41.32 -51.61 15.10
C GLU C 451 -40.56 -50.32 14.77
N ILE C 452 -39.28 -50.45 14.39
CA ILE C 452 -38.48 -49.28 14.04
C ILE C 452 -39.13 -48.52 12.89
N LEU C 453 -39.55 -49.25 11.85
CA LEU C 453 -40.19 -48.63 10.69
C LEU C 453 -41.44 -47.89 11.13
N GLN C 454 -42.32 -48.56 11.89
CA GLN C 454 -43.60 -47.95 12.21
C GLN C 454 -43.43 -46.79 13.17
N MET C 455 -42.51 -46.92 14.13
CA MET C 455 -42.25 -45.84 15.07
C MET C 455 -41.70 -44.61 14.32
N THR C 456 -40.75 -44.81 13.42
CA THR C 456 -40.15 -43.66 12.76
C THR C 456 -41.17 -42.98 11.82
N LYS C 457 -42.07 -43.73 11.21
CA LYS C 457 -43.13 -43.14 10.40
C LYS C 457 -44.00 -42.21 11.26
N VAL C 458 -44.33 -42.65 12.47
CA VAL C 458 -45.10 -41.83 13.37
C VAL C 458 -44.29 -40.60 13.78
N LEU C 459 -43.00 -40.77 14.12
CA LEU C 459 -42.16 -39.66 14.52
C LEU C 459 -42.11 -38.59 13.42
N VAL C 460 -41.97 -39.01 12.16
CA VAL C 460 -41.89 -38.09 11.05
C VAL C 460 -43.18 -37.26 10.97
N ARG C 461 -44.31 -37.94 11.04
CA ARG C 461 -45.61 -37.28 10.96
C ARG C 461 -45.79 -36.30 12.14
N GLU C 462 -45.51 -36.78 13.36
CA GLU C 462 -45.76 -35.97 14.55
C GLU C 462 -44.85 -34.75 14.56
N ALA C 463 -43.59 -34.94 14.14
CA ALA C 463 -42.67 -33.83 14.06
C ALA C 463 -43.21 -32.79 13.08
N ALA C 464 -43.64 -33.23 11.89
CA ALA C 464 -44.14 -32.29 10.89
C ALA C 464 -45.39 -31.56 11.40
N GLU C 465 -46.26 -32.26 12.13
CA GLU C 465 -47.46 -31.64 12.70
C GLU C 465 -47.09 -30.54 13.69
N ALA C 466 -45.92 -30.63 14.31
CA ALA C 466 -45.41 -29.64 15.24
C ALA C 466 -44.52 -28.59 14.54
N GLY C 467 -44.33 -28.73 13.24
CA GLY C 467 -43.59 -27.73 12.45
C GLY C 467 -42.10 -28.04 12.34
N TYR C 468 -41.72 -29.32 12.52
CA TYR C 468 -40.32 -29.72 12.44
C TYR C 468 -40.12 -30.68 11.25
N GLY C 469 -39.08 -30.42 10.47
CA GLY C 469 -38.75 -31.28 9.34
C GLY C 469 -37.36 -31.87 9.51
N GLU C 470 -37.06 -32.99 8.82
CA GLU C 470 -35.79 -33.66 8.96
C GLU C 470 -34.78 -33.14 7.92
N TYR C 471 -33.49 -33.15 8.27
CA TYR C 471 -32.45 -32.65 7.40
C TYR C 471 -31.97 -33.75 6.45
N ARG C 472 -32.21 -35.01 6.84
CA ARG C 472 -31.63 -36.17 6.17
C ARG C 472 -32.40 -37.39 6.65
N THR C 473 -32.54 -38.44 5.82
CA THR C 473 -33.29 -39.59 6.31
C THR C 473 -32.92 -40.87 5.56
N HIS C 474 -33.47 -41.97 6.09
CA HIS C 474 -33.27 -43.32 5.58
C HIS C 474 -34.11 -43.56 4.35
N ASN C 475 -33.63 -44.45 3.48
CA ASN C 475 -34.39 -44.93 2.35
C ASN C 475 -35.87 -45.15 2.66
N ALA C 476 -36.17 -45.86 3.75
CA ALA C 476 -37.53 -46.27 4.09
C ALA C 476 -38.45 -45.10 4.42
N LEU C 477 -37.88 -43.91 4.67
CA LEU C 477 -38.61 -42.75 5.13
C LEU C 477 -38.58 -41.61 4.11
N MET C 478 -37.91 -41.79 2.97
CA MET C 478 -37.70 -40.67 2.08
C MET C 478 -39.03 -40.16 1.51
N ASP C 479 -39.94 -41.06 1.13
CA ASP C 479 -41.25 -40.61 0.66
C ASP C 479 -42.00 -39.84 1.73
N ASP C 480 -42.01 -40.37 2.94
CA ASP C 480 -42.71 -39.75 4.05
C ASP C 480 -42.13 -38.38 4.37
N VAL C 481 -40.80 -38.25 4.41
CA VAL C 481 -40.20 -36.97 4.76
C VAL C 481 -40.45 -35.95 3.64
N MET C 482 -40.27 -36.33 2.38
CA MET C 482 -40.49 -35.33 1.31
C MET C 482 -41.97 -34.89 1.31
N ALA C 483 -42.87 -35.78 1.70
CA ALA C 483 -44.29 -35.46 1.75
C ALA C 483 -44.59 -34.37 2.79
N THR C 484 -43.72 -34.19 3.81
CA THR C 484 -43.93 -33.16 4.82
C THR C 484 -43.58 -31.78 4.30
N PHE C 485 -42.70 -31.70 3.28
CA PHE C 485 -42.27 -30.40 2.78
C PHE C 485 -43.23 -29.89 1.69
N ASN C 486 -44.53 -29.87 2.00
CA ASN C 486 -45.55 -29.77 0.96
C ASN C 486 -46.27 -28.41 0.92
N TRP C 487 -45.62 -27.34 1.38
CA TRP C 487 -46.15 -25.99 1.18
C TRP C 487 -46.57 -25.81 -0.28
N GLY C 488 -47.71 -25.11 -0.47
CA GLY C 488 -48.15 -24.75 -1.81
C GLY C 488 -48.51 -25.97 -2.63
N ASP C 489 -49.18 -26.92 -1.96
CA ASP C 489 -49.69 -28.16 -2.58
C ASP C 489 -48.53 -28.92 -3.22
N GLY C 490 -47.45 -29.10 -2.48
CA GLY C 490 -46.34 -29.94 -2.91
C GLY C 490 -45.50 -29.28 -4.01
N ALA C 491 -45.35 -27.97 -3.94
CA ALA C 491 -44.63 -27.21 -4.97
C ALA C 491 -43.15 -27.62 -5.07
N LEU C 492 -42.51 -27.86 -3.94
CA LEU C 492 -41.08 -28.17 -3.93
C LEU C 492 -40.81 -29.47 -4.69
N LEU C 493 -41.58 -30.50 -4.35
CA LEU C 493 -41.40 -31.78 -5.02
C LEU C 493 -41.72 -31.67 -6.51
N LYS C 494 -42.74 -30.91 -6.89
CA LYS C 494 -43.10 -30.74 -8.29
C LYS C 494 -41.93 -30.12 -9.07
N PHE C 495 -41.30 -29.13 -8.46
CA PHE C 495 -40.11 -28.50 -9.05
C PHE C 495 -39.01 -29.54 -9.23
N HIS C 496 -38.71 -30.31 -8.17
CA HIS C 496 -37.65 -31.31 -8.27
C HIS C 496 -37.96 -32.34 -9.36
N GLU C 497 -39.24 -32.71 -9.50
CA GLU C 497 -39.65 -33.70 -10.50
C GLU C 497 -39.42 -33.17 -11.91
N LYS C 498 -39.69 -31.89 -12.16
CA LYS C 498 -39.51 -31.30 -13.47
C LYS C 498 -38.02 -31.33 -13.86
N ILE C 499 -37.17 -30.97 -12.91
CA ILE C 499 -35.73 -31.01 -13.14
C ILE C 499 -35.26 -32.44 -13.36
N LYS C 500 -35.72 -33.38 -12.53
CA LYS C 500 -35.34 -34.78 -12.69
C LYS C 500 -35.71 -35.29 -14.07
N ASP C 501 -36.93 -35.01 -14.52
CA ASP C 501 -37.39 -35.56 -15.79
C ASP C 501 -36.63 -34.94 -16.98
N ALA C 502 -36.24 -33.68 -16.84
CA ALA C 502 -35.51 -32.97 -17.88
C ALA C 502 -34.08 -33.53 -18.04
N LEU C 503 -33.41 -33.78 -16.92
CA LEU C 503 -32.03 -34.24 -16.95
C LEU C 503 -31.96 -35.75 -17.13
N ASP C 504 -33.03 -36.47 -16.73
CA ASP C 504 -33.03 -37.93 -16.67
C ASP C 504 -34.31 -38.46 -17.31
N PRO C 505 -34.48 -38.27 -18.64
CA PRO C 505 -35.71 -38.65 -19.31
C PRO C 505 -36.00 -40.15 -19.29
N ASN C 506 -34.95 -40.98 -19.15
CA ASN C 506 -35.11 -42.41 -19.07
C ASN C 506 -35.24 -42.93 -17.64
N GLY C 507 -35.12 -42.04 -16.64
CA GLY C 507 -35.40 -42.41 -15.26
C GLY C 507 -34.43 -43.45 -14.73
N ILE C 508 -33.12 -43.14 -14.79
CA ILE C 508 -32.04 -44.07 -14.52
C ILE C 508 -31.44 -43.85 -13.14
N ILE C 509 -31.17 -42.60 -12.75
CA ILE C 509 -30.33 -42.37 -11.59
C ILE C 509 -31.17 -42.41 -10.31
N ALA C 510 -30.75 -43.26 -9.37
CA ALA C 510 -31.29 -43.43 -8.00
C ALA C 510 -32.75 -43.00 -7.88
N PRO C 511 -33.68 -43.65 -8.61
CA PRO C 511 -35.09 -43.31 -8.49
C PRO C 511 -35.58 -43.35 -7.05
N GLY C 512 -36.23 -42.27 -6.63
CA GLY C 512 -36.83 -42.21 -5.31
C GLY C 512 -35.94 -41.58 -4.24
N LYS C 513 -34.67 -41.31 -4.54
CA LYS C 513 -33.83 -40.60 -3.60
C LYS C 513 -34.53 -39.30 -3.19
N SER C 514 -34.56 -39.03 -1.88
CA SER C 514 -35.19 -37.80 -1.37
C SER C 514 -36.68 -37.70 -1.76
N GLY C 515 -37.29 -38.84 -2.09
CA GLY C 515 -38.68 -38.88 -2.51
C GLY C 515 -38.92 -38.39 -3.93
N ILE C 516 -37.84 -38.25 -4.74
CA ILE C 516 -37.93 -37.70 -6.07
C ILE C 516 -37.90 -38.85 -7.08
N TRP C 517 -39.06 -39.10 -7.69
CA TRP C 517 -39.19 -40.23 -8.61
C TRP C 517 -39.30 -39.69 -10.04
N PRO C 518 -38.56 -40.30 -11.01
CA PRO C 518 -38.78 -39.97 -12.40
C PRO C 518 -40.15 -40.48 -12.85
N GLN C 519 -40.65 -39.93 -13.94
CA GLN C 519 -42.05 -40.14 -14.34
C GLN C 519 -42.42 -41.62 -14.41
N ARG C 520 -41.54 -42.47 -14.93
CA ARG C 520 -41.90 -43.86 -15.18
C ARG C 520 -42.12 -44.65 -13.89
N PHE C 521 -41.63 -44.18 -12.73
CA PHE C 521 -41.80 -44.88 -11.48
C PHE C 521 -42.71 -44.12 -10.52
N ARG C 522 -43.15 -42.92 -10.89
CA ARG C 522 -43.87 -42.08 -9.95
C ARG C 522 -45.25 -42.68 -9.68
N GLY C 523 -45.63 -42.71 -8.39
CA GLY C 523 -46.94 -43.17 -7.97
C GLY C 523 -47.13 -44.67 -8.13
N GLN C 524 -46.08 -45.48 -7.88
CA GLN C 524 -46.18 -46.91 -8.10
C GLN C 524 -45.93 -47.75 -6.84
N ASN C 525 -45.82 -47.13 -5.67
CA ASN C 525 -45.68 -47.89 -4.45
C ASN C 525 -44.44 -48.78 -4.53
N LEU C 526 -43.31 -48.21 -4.94
CA LEU C 526 -42.04 -48.92 -4.95
C LEU C 526 -41.24 -48.44 -3.71
N THR D 2 -39.83 4.48 -33.17
CA THR D 2 -40.71 3.32 -33.44
C THR D 2 -41.00 2.61 -32.12
N ARG D 3 -42.23 2.12 -31.96
CA ARG D 3 -42.66 1.52 -30.70
C ARG D 3 -41.89 0.24 -30.42
N THR D 4 -41.40 0.09 -29.17
CA THR D 4 -40.66 -1.13 -28.83
C THR D 4 -41.66 -2.25 -28.57
N LEU D 5 -41.56 -3.36 -29.33
CA LEU D 5 -42.47 -4.49 -29.17
C LEU D 5 -41.67 -5.74 -28.78
N PRO D 6 -42.28 -6.69 -28.03
CA PRO D 6 -41.67 -7.98 -27.84
C PRO D 6 -41.44 -8.69 -29.17
N PRO D 7 -40.33 -9.44 -29.32
CA PRO D 7 -40.07 -10.17 -30.56
C PRO D 7 -41.24 -11.06 -30.97
N GLY D 8 -41.71 -10.91 -32.20
CA GLY D 8 -42.75 -11.77 -32.73
C GLY D 8 -44.16 -11.38 -32.27
N VAL D 9 -44.31 -10.31 -31.49
CA VAL D 9 -45.60 -9.92 -30.94
C VAL D 9 -46.08 -8.65 -31.63
N SER D 10 -47.27 -8.74 -32.24
CA SER D 10 -47.83 -7.64 -33.00
C SER D 10 -48.26 -6.52 -32.06
N ASP D 11 -48.43 -5.33 -32.62
CA ASP D 11 -48.99 -4.20 -31.90
C ASP D 11 -50.30 -4.59 -31.21
N GLU D 12 -51.18 -5.28 -31.94
CA GLU D 12 -52.50 -5.60 -31.42
C GLU D 12 -52.42 -6.61 -30.27
N ARG D 13 -51.59 -7.64 -30.41
CA ARG D 13 -51.41 -8.62 -29.37
C ARG D 13 -50.74 -8.01 -28.14
N PHE D 14 -49.79 -7.10 -28.38
CA PHE D 14 -49.12 -6.44 -27.26
C PHE D 14 -50.12 -5.59 -26.49
N ASP D 15 -50.95 -4.82 -27.21
CA ASP D 15 -51.99 -4.02 -26.56
C ASP D 15 -52.93 -4.89 -25.72
N ALA D 16 -53.29 -6.08 -26.22
CA ALA D 16 -54.15 -6.99 -25.48
C ALA D 16 -53.45 -7.47 -24.21
N ALA D 17 -52.14 -7.81 -24.32
CA ALA D 17 -51.41 -8.25 -23.16
C ALA D 17 -51.31 -7.11 -22.12
N LEU D 18 -51.05 -5.88 -22.59
CA LEU D 18 -50.97 -4.75 -21.68
C LEU D 18 -52.26 -4.58 -20.87
N GLN D 19 -53.40 -4.73 -21.55
CA GLN D 19 -54.67 -4.59 -20.87
C GLN D 19 -54.84 -5.69 -19.83
N ARG D 20 -54.43 -6.93 -20.15
CA ARG D 20 -54.48 -8.00 -19.18
C ARG D 20 -53.62 -7.67 -17.97
N PHE D 21 -52.42 -7.12 -18.19
CA PHE D 21 -51.57 -6.72 -17.08
C PHE D 21 -52.24 -5.63 -16.25
N ARG D 22 -52.86 -4.63 -16.90
CA ARG D 22 -53.55 -3.57 -16.16
C ARG D 22 -54.69 -4.13 -15.30
N ASP D 23 -55.38 -5.17 -15.81
CA ASP D 23 -56.45 -5.79 -15.06
C ASP D 23 -55.92 -6.44 -13.78
N VAL D 24 -54.63 -6.85 -13.78
CA VAL D 24 -54.03 -7.46 -12.61
C VAL D 24 -53.55 -6.41 -11.61
N VAL D 25 -52.76 -5.41 -12.08
CA VAL D 25 -52.01 -4.56 -11.17
C VAL D 25 -52.62 -3.17 -11.02
N GLY D 26 -53.53 -2.80 -11.92
CA GLY D 26 -54.10 -1.46 -11.99
C GLY D 26 -53.50 -0.65 -13.14
N ASP D 27 -54.29 0.30 -13.65
CA ASP D 27 -53.87 1.11 -14.80
C ASP D 27 -52.60 1.90 -14.51
N LYS D 28 -52.44 2.42 -13.28
CA LYS D 28 -51.33 3.28 -12.95
C LYS D 28 -49.99 2.53 -12.93
N TRP D 29 -50.05 1.20 -12.84
CA TRP D 29 -48.89 0.38 -12.55
C TRP D 29 -48.42 -0.42 -13.76
N VAL D 30 -48.85 0.01 -14.95
CA VAL D 30 -48.33 -0.48 -16.21
C VAL D 30 -47.89 0.72 -17.02
N LEU D 31 -46.57 0.80 -17.30
CA LEU D 31 -45.97 1.91 -18.03
C LEU D 31 -45.62 1.44 -19.42
N SER D 32 -46.00 2.19 -20.47
CA SER D 32 -45.73 1.74 -21.83
C SER D 32 -45.57 2.89 -22.84
N THR D 33 -45.39 4.12 -22.40
CA THR D 33 -45.10 5.19 -23.36
C THR D 33 -43.59 5.36 -23.47
N ALA D 34 -43.15 5.81 -24.65
CA ALA D 34 -41.73 6.00 -24.93
C ALA D 34 -41.09 6.88 -23.88
N ASP D 35 -41.75 7.99 -23.51
CA ASP D 35 -41.21 8.91 -22.52
C ASP D 35 -41.09 8.25 -21.15
N GLU D 36 -42.10 7.48 -20.74
CA GLU D 36 -42.06 6.78 -19.46
C GLU D 36 -40.90 5.78 -19.42
N LEU D 37 -40.62 5.11 -20.55
CA LEU D 37 -39.69 4.00 -20.59
C LEU D 37 -38.22 4.47 -20.64
N GLU D 38 -38.01 5.75 -21.00
CA GLU D 38 -36.67 6.29 -21.11
C GLU D 38 -35.89 6.09 -19.81
N ALA D 39 -36.56 6.25 -18.67
CA ALA D 39 -35.94 6.16 -17.36
C ALA D 39 -35.55 4.73 -17.00
N PHE D 40 -35.95 3.74 -17.79
CA PHE D 40 -35.64 2.34 -17.51
C PHE D 40 -34.58 1.81 -18.45
N ARG D 41 -34.08 2.67 -19.34
CA ARG D 41 -32.94 2.30 -20.15
C ARG D 41 -31.72 2.22 -19.26
N ASP D 42 -30.75 1.43 -19.70
CA ASP D 42 -29.46 1.33 -19.02
C ASP D 42 -28.89 2.73 -18.84
N PRO D 43 -28.60 3.20 -17.61
CA PRO D 43 -28.02 4.53 -17.46
C PRO D 43 -26.57 4.61 -17.95
N TYR D 44 -25.90 3.46 -18.03
CA TYR D 44 -24.50 3.39 -18.47
C TYR D 44 -24.42 2.52 -19.72
N PRO D 45 -24.98 2.97 -20.85
CA PRO D 45 -25.11 2.12 -22.03
C PRO D 45 -23.76 1.74 -22.62
N VAL D 46 -23.70 0.54 -23.20
CA VAL D 46 -22.49 -0.01 -23.77
C VAL D 46 -22.79 -0.26 -25.25
N GLY D 47 -21.85 0.06 -26.14
CA GLY D 47 -22.09 -0.01 -27.57
C GLY D 47 -22.76 1.27 -28.09
N ALA D 48 -22.43 1.66 -29.32
CA ALA D 48 -23.03 2.83 -29.93
C ALA D 48 -24.52 2.62 -30.22
N ALA D 49 -24.87 1.44 -30.73
CA ALA D 49 -26.22 1.16 -31.16
C ALA D 49 -27.13 1.03 -29.95
N GLU D 50 -28.40 1.40 -30.15
CA GLU D 50 -29.41 1.19 -29.12
C GLU D 50 -29.57 -0.32 -28.88
N ALA D 51 -29.75 -0.66 -27.62
CA ALA D 51 -29.90 -2.06 -27.24
C ALA D 51 -30.67 -2.14 -25.94
N ASN D 52 -31.15 -3.33 -25.59
CA ASN D 52 -31.71 -3.58 -24.25
C ASN D 52 -32.91 -2.67 -23.99
N LEU D 53 -33.83 -2.61 -24.95
CA LEU D 53 -34.95 -1.69 -24.86
C LEU D 53 -36.14 -2.39 -24.20
N PRO D 54 -36.68 -1.85 -23.08
CA PRO D 54 -37.90 -2.41 -22.52
C PRO D 54 -39.14 -1.97 -23.32
N SER D 55 -40.13 -2.86 -23.39
CA SER D 55 -41.40 -2.56 -24.07
C SER D 55 -42.44 -2.01 -23.10
N ALA D 56 -42.29 -2.33 -21.81
CA ALA D 56 -43.19 -1.86 -20.77
C ALA D 56 -42.57 -2.16 -19.40
N VAL D 57 -43.15 -1.57 -18.36
CA VAL D 57 -42.81 -1.85 -16.97
C VAL D 57 -44.10 -2.17 -16.22
N VAL D 58 -44.12 -3.29 -15.47
CA VAL D 58 -45.28 -3.68 -14.69
C VAL D 58 -44.85 -3.81 -13.24
N SER D 59 -45.61 -3.14 -12.34
CA SER D 59 -45.28 -3.06 -10.92
C SER D 59 -46.32 -3.81 -10.09
N PRO D 60 -46.10 -5.11 -9.79
CA PRO D 60 -47.04 -5.87 -8.99
C PRO D 60 -46.96 -5.55 -7.50
N GLU D 61 -48.08 -5.79 -6.79
CA GLU D 61 -48.18 -5.48 -5.37
C GLU D 61 -48.04 -6.74 -4.49
N SER D 62 -48.10 -7.94 -5.09
CA SER D 62 -48.14 -9.16 -4.33
C SER D 62 -47.65 -10.35 -5.16
N THR D 63 -47.35 -11.44 -4.44
CA THR D 63 -46.97 -12.69 -5.07
C THR D 63 -48.05 -13.15 -6.04
N GLU D 64 -49.33 -13.08 -5.63
CA GLU D 64 -50.40 -13.52 -6.52
C GLU D 64 -50.40 -12.70 -7.81
N GLN D 65 -50.17 -11.41 -7.71
CA GLN D 65 -50.08 -10.57 -8.91
C GLN D 65 -48.94 -11.00 -9.81
N VAL D 66 -47.77 -11.31 -9.22
CA VAL D 66 -46.65 -11.82 -9.98
C VAL D 66 -47.05 -13.10 -10.72
N GLN D 67 -47.75 -14.02 -10.03
CA GLN D 67 -48.19 -15.25 -10.67
C GLN D 67 -49.05 -14.95 -11.87
N ASP D 68 -50.01 -14.03 -11.70
CA ASP D 68 -50.93 -13.69 -12.80
C ASP D 68 -50.20 -13.05 -13.97
N ILE D 69 -49.22 -12.18 -13.69
CA ILE D 69 -48.40 -11.54 -14.75
C ILE D 69 -47.66 -12.62 -15.53
N VAL D 70 -47.06 -13.59 -14.82
CA VAL D 70 -46.36 -14.67 -15.47
C VAL D 70 -47.31 -15.50 -16.35
N ARG D 71 -48.51 -15.80 -15.84
CA ARG D 71 -49.49 -16.55 -16.63
C ARG D 71 -49.84 -15.82 -17.91
N ILE D 72 -50.09 -14.51 -17.82
CA ILE D 72 -50.39 -13.71 -18.99
C ILE D 72 -49.24 -13.73 -19.99
N ALA D 73 -48.01 -13.59 -19.49
CA ALA D 73 -46.85 -13.57 -20.35
C ALA D 73 -46.73 -14.89 -21.12
N ASN D 74 -47.04 -16.02 -20.45
CA ASN D 74 -47.01 -17.31 -21.12
C ASN D 74 -48.04 -17.36 -22.25
N GLU D 75 -49.24 -16.83 -21.98
CA GLU D 75 -50.32 -16.92 -22.96
C GLU D 75 -49.97 -16.12 -24.22
N TYR D 76 -49.34 -14.95 -24.03
CA TYR D 76 -49.10 -14.03 -25.15
C TYR D 76 -47.66 -14.08 -25.67
N GLY D 77 -46.80 -14.92 -25.07
CA GLY D 77 -45.40 -15.03 -25.47
C GLY D 77 -44.58 -13.78 -25.20
N ILE D 78 -44.83 -13.11 -24.08
CA ILE D 78 -44.14 -11.86 -23.75
C ILE D 78 -42.96 -12.17 -22.83
N PRO D 79 -41.70 -11.83 -23.17
CA PRO D 79 -40.60 -12.04 -22.24
C PRO D 79 -40.66 -11.05 -21.09
N LEU D 80 -40.29 -11.51 -19.89
CA LEU D 80 -40.34 -10.74 -18.66
C LEU D 80 -38.94 -10.68 -18.06
N HIS D 81 -38.50 -9.47 -17.73
CA HIS D 81 -37.25 -9.28 -17.02
C HIS D 81 -37.54 -8.82 -15.60
N PRO D 82 -37.44 -9.71 -14.60
CA PRO D 82 -37.68 -9.32 -13.22
C PRO D 82 -36.51 -8.59 -12.61
N VAL D 83 -36.84 -7.48 -11.92
CA VAL D 83 -35.86 -6.77 -11.11
C VAL D 83 -36.49 -6.49 -9.76
N SER D 84 -35.67 -6.06 -8.83
CA SER D 84 -36.09 -5.62 -7.51
C SER D 84 -36.16 -4.10 -7.51
N THR D 85 -35.01 -3.43 -7.38
CA THR D 85 -34.93 -1.98 -7.51
C THR D 85 -34.35 -1.54 -8.84
N GLY D 86 -33.78 -2.46 -9.62
CA GLY D 86 -33.30 -2.11 -10.95
C GLY D 86 -32.12 -1.14 -10.96
N LYS D 87 -31.22 -1.25 -9.96
CA LYS D 87 -30.05 -0.37 -9.88
C LYS D 87 -28.77 -1.15 -10.17
N ASN D 88 -28.83 -2.15 -11.08
CA ASN D 88 -27.71 -3.01 -11.41
C ASN D 88 -26.74 -2.27 -12.36
N ASN D 89 -26.38 -1.08 -11.95
CA ASN D 89 -25.60 -0.17 -12.77
C ASN D 89 -24.17 -0.68 -12.87
N GLY D 90 -23.63 -0.72 -14.09
CA GLY D 90 -22.38 -1.39 -14.40
C GLY D 90 -22.63 -2.70 -15.15
N TYR D 91 -23.85 -3.26 -15.02
CA TYR D 91 -24.16 -4.54 -15.61
C TYR D 91 -25.47 -4.47 -16.40
N GLY D 92 -26.03 -3.28 -16.59
CA GLY D 92 -27.20 -3.10 -17.43
C GLY D 92 -28.33 -2.30 -16.79
N GLY D 93 -28.18 -1.91 -15.49
CA GLY D 93 -29.23 -1.16 -14.83
C GLY D 93 -30.48 -2.03 -14.68
N ALA D 94 -31.65 -1.47 -15.05
CA ALA D 94 -32.88 -2.21 -15.06
C ALA D 94 -33.16 -2.85 -16.41
N ALA D 95 -32.32 -2.59 -17.40
CA ALA D 95 -32.66 -2.91 -18.78
C ALA D 95 -32.56 -4.41 -19.04
N PRO D 96 -33.46 -4.97 -19.87
CA PRO D 96 -33.45 -6.39 -20.18
C PRO D 96 -32.34 -6.75 -21.16
N ARG D 97 -31.78 -7.94 -21.00
CA ARG D 97 -30.86 -8.47 -22.00
C ARG D 97 -31.55 -8.50 -23.36
N LEU D 98 -32.78 -9.01 -23.40
CA LEU D 98 -33.51 -9.15 -24.66
C LEU D 98 -34.39 -7.92 -24.87
N SER D 99 -34.08 -7.17 -25.94
CA SER D 99 -34.92 -6.03 -26.33
C SER D 99 -36.35 -6.46 -26.56
N GLY D 100 -37.29 -5.61 -26.11
CA GLY D 100 -38.71 -5.86 -26.26
C GLY D 100 -39.33 -6.56 -25.05
N SER D 101 -38.50 -6.93 -24.06
CA SER D 101 -38.99 -7.55 -22.84
C SER D 101 -39.70 -6.52 -21.98
N VAL D 102 -40.66 -7.01 -21.20
CA VAL D 102 -41.34 -6.24 -20.17
C VAL D 102 -40.56 -6.36 -18.87
N ILE D 103 -40.27 -5.22 -18.24
CA ILE D 103 -39.63 -5.26 -16.92
C ILE D 103 -40.71 -5.48 -15.88
N VAL D 104 -40.50 -6.43 -14.97
CA VAL D 104 -41.39 -6.63 -13.84
C VAL D 104 -40.66 -6.05 -12.64
N LYS D 105 -41.06 -4.83 -12.24
CA LYS D 105 -40.37 -4.12 -11.17
C LYS D 105 -41.01 -4.50 -9.84
N THR D 106 -40.50 -5.58 -9.24
CA THR D 106 -41.13 -6.15 -8.06
C THR D 106 -41.03 -5.19 -6.88
N GLY D 107 -39.98 -4.38 -6.86
CA GLY D 107 -39.63 -3.63 -5.66
C GLY D 107 -40.43 -2.34 -5.49
N GLU D 108 -41.10 -1.89 -6.56
CA GLU D 108 -41.85 -0.66 -6.51
C GLU D 108 -42.90 -0.73 -5.41
N ARG D 109 -43.68 -1.82 -5.37
CA ARG D 109 -44.76 -1.96 -4.43
C ARG D 109 -44.53 -3.13 -3.46
N MET D 110 -43.68 -4.10 -3.80
CA MET D 110 -43.36 -5.19 -2.89
C MET D 110 -42.10 -4.80 -2.12
N ASN D 111 -42.30 -3.93 -1.12
CA ASN D 111 -41.18 -3.25 -0.49
C ASN D 111 -41.22 -3.33 1.03
N ARG D 112 -41.87 -4.36 1.59
CA ARG D 112 -42.00 -4.48 3.03
C ARG D 112 -40.86 -5.28 3.64
N ILE D 113 -40.46 -4.83 4.83
CA ILE D 113 -39.68 -5.64 5.75
C ILE D 113 -40.67 -6.54 6.49
N LEU D 114 -40.66 -7.85 6.21
CA LEU D 114 -41.65 -8.76 6.75
C LEU D 114 -41.31 -9.18 8.19
N GLU D 115 -40.01 -9.33 8.50
CA GLU D 115 -39.59 -9.72 9.83
C GLU D 115 -38.11 -9.36 10.01
N VAL D 116 -37.76 -8.78 11.17
CA VAL D 116 -36.38 -8.75 11.61
C VAL D 116 -36.36 -9.42 12.98
N ASN D 117 -35.63 -10.54 13.09
CA ASN D 117 -35.57 -11.31 14.31
C ASN D 117 -34.25 -11.01 15.03
N GLU D 118 -34.36 -10.33 16.19
CA GLU D 118 -33.20 -9.88 16.95
C GLU D 118 -32.48 -11.05 17.61
N LYS D 119 -33.25 -12.02 18.11
CA LYS D 119 -32.67 -13.12 18.89
C LYS D 119 -31.82 -14.03 18.02
N TYR D 120 -32.36 -14.44 16.85
CA TYR D 120 -31.63 -15.34 15.98
C TYR D 120 -30.79 -14.61 14.93
N GLY D 121 -31.07 -13.32 14.69
CA GLY D 121 -30.25 -12.54 13.77
C GLY D 121 -30.58 -12.79 12.29
N TYR D 122 -31.77 -12.37 11.85
CA TYR D 122 -32.11 -12.49 10.45
C TYR D 122 -33.17 -11.46 10.06
N ALA D 123 -33.34 -11.28 8.74
CA ALA D 123 -34.45 -10.54 8.19
C ALA D 123 -35.16 -11.37 7.11
N LEU D 124 -36.48 -11.19 6.99
CA LEU D 124 -37.25 -11.71 5.87
C LEU D 124 -37.80 -10.49 5.12
N LEU D 125 -37.54 -10.40 3.83
CA LEU D 125 -37.66 -9.16 3.06
C LEU D 125 -38.36 -9.39 1.75
N GLU D 126 -39.11 -8.36 1.33
CA GLU D 126 -39.53 -8.25 -0.06
C GLU D 126 -38.49 -7.51 -0.89
N PRO D 127 -38.56 -7.60 -2.24
CA PRO D 127 -37.49 -7.08 -3.08
C PRO D 127 -37.25 -5.58 -3.03
N GLY D 128 -38.26 -4.77 -2.64
CA GLY D 128 -38.13 -3.33 -2.66
C GLY D 128 -37.42 -2.76 -1.42
N VAL D 129 -36.97 -3.61 -0.48
CA VAL D 129 -36.29 -3.10 0.69
C VAL D 129 -34.85 -2.77 0.29
N THR D 130 -34.49 -1.48 0.35
CA THR D 130 -33.14 -1.06 0.05
C THR D 130 -32.24 -1.22 1.27
N TYR D 131 -30.92 -1.10 1.07
CA TYR D 131 -30.00 -1.11 2.19
C TYR D 131 -30.31 0.09 3.11
N PHE D 132 -30.62 1.26 2.52
CA PHE D 132 -31.01 2.41 3.32
C PHE D 132 -32.24 2.08 4.17
N ASP D 133 -33.22 1.42 3.57
CA ASP D 133 -34.46 1.07 4.27
C ASP D 133 -34.17 0.14 5.45
N LEU D 134 -33.35 -0.89 5.23
CA LEU D 134 -33.07 -1.86 6.29
C LEU D 134 -32.26 -1.18 7.41
N TYR D 135 -31.30 -0.34 7.04
CA TYR D 135 -30.51 0.39 8.01
C TYR D 135 -31.40 1.27 8.89
N GLU D 136 -32.33 1.99 8.25
CA GLU D 136 -33.26 2.85 8.97
C GLU D 136 -34.09 2.04 9.97
N TYR D 137 -34.54 0.86 9.55
CA TYR D 137 -35.28 -0.04 10.44
C TYR D 137 -34.41 -0.42 11.63
N LEU D 138 -33.17 -0.87 11.37
CA LEU D 138 -32.31 -1.36 12.44
C LEU D 138 -32.02 -0.23 13.44
N GLN D 139 -31.73 0.96 12.90
CA GLN D 139 -31.40 2.09 13.77
C GLN D 139 -32.61 2.50 14.60
N SER D 140 -33.79 2.56 14.00
CA SER D 140 -34.97 3.08 14.68
C SER D 140 -35.49 2.09 15.72
N HIS D 141 -35.14 0.80 15.60
CA HIS D 141 -35.52 -0.23 16.56
C HIS D 141 -34.40 -0.51 17.57
N ASP D 142 -33.30 0.27 17.53
CA ASP D 142 -32.17 0.10 18.43
C ASP D 142 -31.66 -1.33 18.36
N SER D 143 -31.59 -1.88 17.15
CA SER D 143 -31.13 -3.25 16.94
C SER D 143 -29.66 -3.40 17.33
N GLY D 144 -29.30 -4.61 17.78
CA GLY D 144 -27.92 -4.98 17.95
C GLY D 144 -27.34 -5.68 16.72
N LEU D 145 -28.11 -5.72 15.63
CA LEU D 145 -27.65 -6.32 14.38
C LEU D 145 -27.09 -5.24 13.44
N MET D 146 -26.35 -5.70 12.41
CA MET D 146 -25.87 -4.84 11.37
C MET D 146 -26.08 -5.54 10.03
N LEU D 147 -26.24 -4.74 8.98
CA LEU D 147 -26.37 -5.30 7.65
C LEU D 147 -25.00 -5.33 6.98
N ASP D 148 -24.95 -5.95 5.80
CA ASP D 148 -23.81 -5.97 4.93
C ASP D 148 -24.21 -5.34 3.61
N CYS D 149 -23.61 -4.21 3.24
CA CYS D 149 -24.02 -3.46 2.06
C CYS D 149 -22.92 -3.41 1.02
N PRO D 150 -23.31 -3.33 -0.27
CA PRO D 150 -22.37 -2.94 -1.32
C PRO D 150 -22.01 -1.47 -1.19
N ASP D 151 -21.16 -0.98 -2.11
CA ASP D 151 -20.71 0.40 -2.06
C ASP D 151 -21.85 1.41 -2.09
N LEU D 152 -22.94 1.13 -2.81
CA LEU D 152 -24.04 2.08 -2.94
C LEU D 152 -25.29 1.53 -2.21
N GLY D 153 -25.91 2.35 -1.36
CA GLY D 153 -26.94 1.84 -0.48
C GLY D 153 -28.34 1.83 -1.10
N TRP D 154 -28.50 2.30 -2.34
CA TRP D 154 -29.82 2.46 -2.93
C TRP D 154 -30.32 1.21 -3.63
N GLY D 155 -29.49 0.17 -3.67
CA GLY D 155 -29.88 -1.12 -4.20
C GLY D 155 -30.72 -1.91 -3.20
N SER D 156 -31.07 -3.12 -3.66
CA SER D 156 -31.98 -4.02 -2.97
C SER D 156 -31.20 -5.12 -2.28
N VAL D 157 -31.55 -5.37 -1.01
CA VAL D 157 -30.93 -6.47 -0.30
C VAL D 157 -31.15 -7.76 -1.07
N VAL D 158 -32.35 -7.94 -1.60
CA VAL D 158 -32.72 -9.11 -2.39
C VAL D 158 -32.09 -9.09 -3.77
N GLY D 159 -32.32 -8.02 -4.54
CA GLY D 159 -31.87 -7.97 -5.93
C GLY D 159 -30.34 -8.15 -6.03
N ASN D 160 -29.63 -7.51 -5.11
CA ASN D 160 -28.16 -7.62 -5.08
C ASN D 160 -27.77 -9.08 -4.89
N THR D 161 -28.39 -9.75 -3.90
CA THR D 161 -28.07 -11.14 -3.62
C THR D 161 -28.35 -11.98 -4.86
N LEU D 162 -29.45 -11.68 -5.55
CA LEU D 162 -29.83 -12.49 -6.71
C LEU D 162 -28.88 -12.37 -7.89
N ASP D 163 -28.00 -11.37 -7.92
CA ASP D 163 -26.93 -11.31 -8.92
C ASP D 163 -25.59 -11.75 -8.32
N ARG D 164 -25.62 -12.33 -7.12
CA ARG D 164 -24.46 -12.71 -6.34
C ARG D 164 -23.55 -11.50 -6.10
N GLY D 165 -24.21 -10.38 -5.76
CA GLY D 165 -23.52 -9.20 -5.27
C GLY D 165 -22.90 -9.43 -3.91
N VAL D 166 -22.01 -8.49 -3.54
CA VAL D 166 -21.15 -8.64 -2.39
C VAL D 166 -21.01 -7.33 -1.65
N GLY D 167 -20.68 -7.48 -0.37
CA GLY D 167 -20.28 -6.39 0.51
C GLY D 167 -18.95 -6.76 1.19
N TYR D 168 -18.63 -6.10 2.30
CA TYR D 168 -17.26 -6.04 2.78
C TYR D 168 -17.12 -6.33 4.28
N THR D 169 -18.22 -6.67 4.96
CA THR D 169 -18.14 -7.06 6.36
C THR D 169 -17.82 -8.55 6.36
N PRO D 170 -17.70 -9.21 7.54
CA PRO D 170 -17.59 -10.66 7.58
C PRO D 170 -18.74 -11.40 6.90
N TYR D 171 -19.90 -10.73 6.73
CA TYR D 171 -21.06 -11.30 6.05
C TYR D 171 -21.15 -10.83 4.60
N GLY D 172 -20.00 -10.55 3.98
CA GLY D 172 -19.92 -9.95 2.66
C GLY D 172 -20.36 -10.85 1.51
N ASP D 173 -20.35 -12.18 1.71
CA ASP D 173 -20.89 -13.08 0.69
C ASP D 173 -22.41 -13.19 0.86
N HIS D 174 -23.16 -12.34 0.14
CA HIS D 174 -24.59 -12.24 0.37
C HIS D 174 -25.29 -13.57 0.19
N PHE D 175 -25.02 -14.27 -0.92
CA PHE D 175 -25.63 -15.54 -1.19
C PHE D 175 -25.39 -16.56 -0.07
N MET D 176 -24.20 -16.56 0.53
CA MET D 176 -23.89 -17.47 1.61
C MET D 176 -24.90 -17.29 2.75
N TRP D 177 -25.28 -16.03 3.03
CA TRP D 177 -26.09 -15.77 4.20
C TRP D 177 -27.58 -15.72 3.87
N GLN D 178 -27.91 -15.76 2.57
CA GLN D 178 -29.29 -15.89 2.17
C GLN D 178 -29.82 -17.21 2.73
N THR D 179 -31.02 -17.17 3.30
CA THR D 179 -31.63 -18.29 3.99
C THR D 179 -33.14 -18.26 3.72
N GLY D 180 -33.56 -19.12 2.78
CA GLY D 180 -34.96 -19.21 2.38
C GLY D 180 -35.31 -18.19 1.29
N LEU D 181 -36.14 -18.63 0.33
CA LEU D 181 -36.77 -17.70 -0.59
C LEU D 181 -38.11 -18.25 -1.05
N GLU D 182 -38.93 -17.32 -1.54
CA GLU D 182 -40.16 -17.60 -2.25
C GLU D 182 -40.03 -17.15 -3.69
N VAL D 183 -40.43 -18.00 -4.63
CA VAL D 183 -40.19 -17.76 -6.04
C VAL D 183 -41.41 -18.21 -6.84
N VAL D 184 -41.78 -17.36 -7.82
CA VAL D 184 -42.71 -17.72 -8.84
C VAL D 184 -41.96 -18.30 -10.02
N LEU D 185 -42.25 -19.56 -10.33
CA LEU D 185 -41.60 -20.28 -11.41
C LEU D 185 -42.16 -19.86 -12.76
N PRO D 186 -41.49 -20.22 -13.87
CA PRO D 186 -41.77 -19.57 -15.16
C PRO D 186 -43.15 -19.81 -15.76
N GLN D 187 -43.93 -20.76 -15.25
CA GLN D 187 -45.31 -20.90 -15.69
C GLN D 187 -46.32 -20.43 -14.65
N GLY D 188 -45.82 -19.81 -13.57
CA GLY D 188 -46.69 -19.11 -12.65
C GLY D 188 -46.92 -19.83 -11.32
N GLU D 189 -46.32 -21.01 -11.12
CA GLU D 189 -46.43 -21.72 -9.85
C GLU D 189 -45.54 -21.08 -8.80
N VAL D 190 -45.93 -21.16 -7.54
CA VAL D 190 -45.16 -20.53 -6.46
C VAL D 190 -44.58 -21.62 -5.56
N MET D 191 -43.34 -21.40 -5.11
CA MET D 191 -42.61 -22.35 -4.29
C MET D 191 -41.82 -21.62 -3.22
N ARG D 192 -41.69 -22.23 -2.06
CA ARG D 192 -40.76 -21.79 -1.03
C ARG D 192 -39.65 -22.81 -0.86
N THR D 193 -38.40 -22.33 -0.70
CA THR D 193 -37.28 -23.21 -0.53
C THR D 193 -37.03 -23.49 0.96
N GLY D 194 -36.19 -24.51 1.21
CA GLY D 194 -35.67 -24.79 2.53
C GLY D 194 -36.78 -25.20 3.50
N MET D 195 -36.69 -24.65 4.72
CA MET D 195 -37.67 -24.98 5.72
C MET D 195 -38.97 -24.21 5.48
N GLY D 196 -38.97 -23.27 4.51
CA GLY D 196 -40.21 -22.62 4.10
C GLY D 196 -41.18 -23.58 3.42
N ALA D 197 -40.64 -24.71 2.91
CA ALA D 197 -41.49 -25.72 2.29
C ALA D 197 -42.21 -26.61 3.32
N LEU D 198 -41.86 -26.48 4.60
CA LEU D 198 -42.44 -27.25 5.70
C LEU D 198 -43.44 -26.36 6.38
N PRO D 199 -44.77 -26.52 6.14
CA PRO D 199 -45.75 -25.60 6.71
C PRO D 199 -45.60 -25.46 8.22
N GLY D 200 -45.56 -24.23 8.72
CA GLY D 200 -45.52 -23.96 10.14
C GLY D 200 -44.10 -23.99 10.72
N SER D 201 -43.07 -24.27 9.90
CA SER D 201 -41.71 -24.23 10.44
C SER D 201 -41.33 -22.80 10.79
N ASP D 202 -40.65 -22.65 11.93
CA ASP D 202 -40.05 -21.37 12.34
C ASP D 202 -38.62 -21.20 11.83
N ALA D 203 -38.17 -22.14 10.98
CA ALA D 203 -36.75 -22.24 10.65
C ALA D 203 -36.45 -21.80 9.21
N TRP D 204 -37.38 -21.11 8.53
CA TRP D 204 -37.10 -20.68 7.15
C TRP D 204 -35.83 -19.84 7.04
N GLN D 205 -35.61 -18.95 8.03
CA GLN D 205 -34.44 -18.09 8.03
C GLN D 205 -33.33 -18.58 8.96
N LEU D 206 -33.44 -19.82 9.45
CA LEU D 206 -32.48 -20.42 10.38
C LEU D 206 -31.64 -21.52 9.71
N PHE D 207 -32.25 -22.30 8.80
CA PHE D 207 -31.57 -23.45 8.24
C PHE D 207 -31.78 -23.43 6.73
N PRO D 208 -30.75 -23.14 5.92
CA PRO D 208 -30.96 -22.86 4.51
C PRO D 208 -31.35 -24.07 3.65
N TYR D 209 -30.93 -25.28 4.03
CA TYR D 209 -30.93 -26.37 3.06
C TYR D 209 -32.30 -27.06 2.96
N GLY D 210 -33.03 -27.17 4.05
CA GLY D 210 -34.25 -27.99 4.08
C GLY D 210 -33.94 -29.48 3.86
N PHE D 211 -34.66 -30.12 2.95
CA PHE D 211 -34.52 -31.55 2.67
C PHE D 211 -34.41 -31.74 1.16
N GLY D 212 -33.55 -32.67 0.73
CA GLY D 212 -33.45 -32.99 -0.69
C GLY D 212 -32.48 -32.01 -1.41
N PRO D 213 -32.48 -31.99 -2.74
CA PRO D 213 -31.53 -31.18 -3.49
C PRO D 213 -31.69 -29.71 -3.14
N PHE D 214 -30.58 -28.99 -2.96
CA PHE D 214 -30.58 -27.60 -2.51
C PHE D 214 -30.61 -26.65 -3.70
N PRO D 215 -31.75 -25.95 -3.94
CA PRO D 215 -31.99 -25.24 -5.19
C PRO D 215 -31.71 -23.75 -5.20
N ASP D 216 -31.52 -23.10 -4.04
CA ASP D 216 -31.55 -21.66 -4.01
C ASP D 216 -30.55 -21.00 -4.96
N GLY D 217 -29.37 -21.61 -5.11
CA GLY D 217 -28.32 -21.08 -5.96
C GLY D 217 -28.75 -21.01 -7.43
N MET D 218 -29.74 -21.85 -7.80
CA MET D 218 -30.24 -21.89 -9.16
C MET D 218 -31.09 -20.68 -9.51
N PHE D 219 -31.42 -19.85 -8.49
CA PHE D 219 -32.16 -18.62 -8.71
C PHE D 219 -31.27 -17.39 -8.63
N THR D 220 -29.95 -17.59 -8.55
CA THR D 220 -29.01 -16.47 -8.63
C THR D 220 -28.33 -16.44 -9.99
N GLN D 221 -28.15 -15.22 -10.51
CA GLN D 221 -27.67 -15.01 -11.89
C GLN D 221 -28.45 -15.90 -12.84
N SER D 222 -29.79 -15.87 -12.71
CA SER D 222 -30.63 -16.91 -13.24
C SER D 222 -31.85 -16.34 -13.99
N ASN D 223 -32.48 -17.16 -14.81
CA ASN D 223 -33.76 -16.78 -15.38
C ASN D 223 -34.79 -17.88 -15.15
N LEU D 224 -34.80 -18.44 -13.94
CA LEU D 224 -35.67 -19.56 -13.62
C LEU D 224 -36.87 -19.14 -12.76
N GLY D 225 -37.05 -17.85 -12.48
CA GLY D 225 -38.21 -17.45 -11.71
C GLY D 225 -38.20 -15.97 -11.33
N ILE D 226 -39.29 -15.55 -10.68
CA ILE D 226 -39.40 -14.23 -10.10
C ILE D 226 -39.50 -14.37 -8.59
N VAL D 227 -38.47 -13.92 -7.89
CA VAL D 227 -38.39 -14.05 -6.44
C VAL D 227 -39.26 -12.96 -5.81
N THR D 228 -40.05 -13.37 -4.80
CA THR D 228 -41.00 -12.49 -4.15
C THR D 228 -40.69 -12.25 -2.67
N LYS D 229 -39.91 -13.14 -2.06
CA LYS D 229 -39.48 -13.00 -0.68
C LYS D 229 -38.11 -13.65 -0.54
N MET D 230 -37.30 -13.14 0.37
CA MET D 230 -35.98 -13.72 0.60
C MET D 230 -35.58 -13.43 2.04
N GLY D 231 -35.00 -14.44 2.69
CA GLY D 231 -34.43 -14.22 4.00
C GLY D 231 -32.91 -14.08 3.93
N ILE D 232 -32.36 -13.43 4.95
CA ILE D 232 -30.92 -13.27 5.05
C ILE D 232 -30.52 -13.18 6.50
N ALA D 233 -29.43 -13.87 6.85
CA ALA D 233 -28.86 -13.74 8.18
C ALA D 233 -28.24 -12.37 8.37
N LEU D 234 -28.29 -11.88 9.62
CA LEU D 234 -27.67 -10.60 9.99
C LEU D 234 -26.74 -10.80 11.16
N MET D 235 -25.53 -10.26 11.03
CA MET D 235 -24.49 -10.40 12.05
C MET D 235 -24.77 -9.44 13.21
N GLN D 236 -24.43 -9.85 14.44
CA GLN D 236 -24.44 -8.92 15.56
C GLN D 236 -23.30 -7.90 15.39
N ARG D 237 -23.61 -6.65 15.70
CA ARG D 237 -22.62 -5.59 15.63
C ARG D 237 -21.58 -5.81 16.74
N PRO D 238 -20.26 -5.84 16.40
CA PRO D 238 -19.21 -5.99 17.40
C PRO D 238 -19.16 -4.80 18.35
N PRO D 239 -18.49 -4.94 19.51
CA PRO D 239 -18.42 -3.85 20.48
C PRO D 239 -17.67 -2.60 20.03
N ALA D 240 -16.75 -2.76 19.07
CA ALA D 240 -16.00 -1.62 18.53
C ALA D 240 -15.47 -2.00 17.14
N SER D 241 -15.03 -0.98 16.39
CA SER D 241 -14.40 -1.23 15.10
C SER D 241 -13.40 -0.12 14.80
N GLN D 242 -12.45 -0.43 13.91
CA GLN D 242 -11.46 0.54 13.47
C GLN D 242 -11.17 0.25 12.01
N SER D 243 -11.13 1.29 11.18
CA SER D 243 -10.77 1.10 9.78
C SER D 243 -9.38 1.69 9.55
N PHE D 244 -8.71 1.22 8.51
CA PHE D 244 -7.38 1.71 8.22
C PHE D 244 -7.12 1.70 6.71
N LEU D 245 -6.17 2.55 6.32
CA LEU D 245 -5.65 2.68 4.98
C LEU D 245 -4.14 2.42 5.03
N ILE D 246 -3.66 1.67 4.06
CA ILE D 246 -2.25 1.51 3.83
C ILE D 246 -1.98 2.03 2.41
N THR D 247 -1.10 3.03 2.31
CA THR D 247 -0.66 3.50 1.00
C THR D 247 0.64 2.80 0.60
N PHE D 248 0.68 2.33 -0.66
CA PHE D 248 1.87 1.72 -1.23
C PHE D 248 2.24 2.49 -2.49
N ASP D 249 3.48 2.92 -2.59
CA ASP D 249 3.88 3.95 -3.54
C ASP D 249 3.96 3.45 -4.98
N LYS D 250 4.36 2.19 -5.19
CA LYS D 250 4.81 1.75 -6.51
C LYS D 250 3.80 0.79 -7.14
N GLU D 251 3.63 0.91 -8.45
CA GLU D 251 2.85 -0.01 -9.23
C GLU D 251 3.22 -1.46 -8.95
N GLU D 252 4.54 -1.71 -8.88
CA GLU D 252 5.05 -3.07 -8.79
C GLU D 252 4.90 -3.64 -7.38
N ASP D 253 4.49 -2.82 -6.41
CA ASP D 253 4.24 -3.31 -5.06
C ASP D 253 3.09 -4.32 -5.02
N LEU D 254 2.22 -4.33 -6.04
CA LEU D 254 1.06 -5.23 -6.04
C LEU D 254 1.46 -6.66 -5.72
N GLU D 255 2.58 -7.13 -6.28
CA GLU D 255 2.98 -8.53 -6.12
C GLU D 255 3.15 -8.85 -4.63
N GLN D 256 3.91 -8.01 -3.94
CA GLN D 256 4.18 -8.25 -2.52
C GLN D 256 2.91 -8.04 -1.67
N ILE D 257 2.08 -7.06 -2.04
CA ILE D 257 0.87 -6.76 -1.30
C ILE D 257 -0.04 -8.00 -1.26
N VAL D 258 -0.28 -8.59 -2.44
CA VAL D 258 -1.15 -9.75 -2.53
C VAL D 258 -0.55 -10.93 -1.77
N ASP D 259 0.76 -11.13 -1.87
CA ASP D 259 1.38 -12.26 -1.20
C ASP D 259 1.35 -12.15 0.32
N ILE D 260 1.25 -10.92 0.85
CA ILE D 260 1.02 -10.71 2.27
C ILE D 260 -0.48 -10.79 2.60
N MET D 261 -1.34 -10.23 1.76
CA MET D 261 -2.79 -10.25 2.01
C MET D 261 -3.32 -11.66 2.28
N LEU D 262 -2.98 -12.62 1.41
CA LEU D 262 -3.55 -13.96 1.52
C LEU D 262 -3.33 -14.60 2.90
N PRO D 263 -2.11 -14.75 3.42
CA PRO D 263 -1.91 -15.39 4.72
C PRO D 263 -2.53 -14.64 5.91
N LEU D 264 -2.73 -13.34 5.77
CA LEU D 264 -3.34 -12.56 6.84
C LEU D 264 -4.88 -12.70 6.78
N ARG D 265 -5.43 -13.21 5.66
CA ARG D 265 -6.89 -13.27 5.47
C ARG D 265 -7.43 -14.70 5.60
N ILE D 266 -6.66 -15.72 5.21
CA ILE D 266 -7.23 -17.06 4.98
C ILE D 266 -7.85 -17.66 6.24
N ASN D 267 -7.34 -17.28 7.43
CA ASN D 267 -7.89 -17.75 8.69
C ASN D 267 -8.92 -16.77 9.28
N MET D 268 -9.29 -15.73 8.52
CA MET D 268 -10.27 -14.70 8.90
C MET D 268 -9.72 -13.81 10.01
N ALA D 269 -8.42 -13.84 10.20
CA ALA D 269 -7.75 -12.99 11.17
C ALA D 269 -6.26 -12.97 10.86
N PRO D 270 -5.53 -11.85 11.00
CA PRO D 270 -6.04 -10.57 11.51
C PRO D 270 -6.92 -9.77 10.56
N LEU D 271 -6.97 -10.14 9.27
CA LEU D 271 -7.84 -9.44 8.35
C LEU D 271 -9.25 -10.05 8.44
N GLN D 272 -10.07 -9.40 9.26
CA GLN D 272 -11.39 -9.91 9.60
C GLN D 272 -12.47 -9.54 8.58
N ASN D 273 -12.26 -8.45 7.83
CA ASN D 273 -13.24 -8.05 6.83
C ASN D 273 -12.68 -8.40 5.44
N VAL D 274 -13.43 -8.06 4.39
CA VAL D 274 -12.99 -8.29 3.04
C VAL D 274 -11.89 -7.30 2.70
N PRO D 275 -10.64 -7.73 2.47
CA PRO D 275 -9.59 -6.79 2.10
C PRO D 275 -9.80 -6.21 0.71
N VAL D 276 -9.65 -4.89 0.56
CA VAL D 276 -9.71 -4.27 -0.76
C VAL D 276 -8.45 -3.45 -1.01
N LEU D 277 -7.96 -3.55 -2.23
CA LEU D 277 -6.82 -2.78 -2.70
C LEU D 277 -7.24 -1.99 -3.93
N ARG D 278 -7.25 -0.66 -3.83
CA ARG D 278 -7.73 0.22 -4.90
C ARG D 278 -6.57 1.03 -5.46
N ASN D 279 -6.51 1.19 -6.78
CA ASN D 279 -5.42 1.96 -7.36
C ASN D 279 -5.73 3.47 -7.29
N ILE D 280 -4.71 4.26 -7.63
CA ILE D 280 -4.76 5.71 -7.48
C ILE D 280 -5.86 6.30 -8.39
N PHE D 281 -6.08 5.71 -9.57
CA PHE D 281 -7.11 6.19 -10.46
C PHE D 281 -8.49 6.08 -9.79
N MET D 282 -8.74 4.94 -9.17
CA MET D 282 -10.02 4.69 -8.52
C MET D 282 -10.23 5.68 -7.37
N ASP D 283 -9.21 5.87 -6.54
CA ASP D 283 -9.32 6.76 -5.38
C ASP D 283 -9.34 8.23 -5.78
N ALA D 284 -8.60 8.61 -6.82
CA ALA D 284 -8.65 9.98 -7.31
C ALA D 284 -10.04 10.29 -7.86
N ALA D 285 -10.63 9.34 -8.60
CA ALA D 285 -11.92 9.59 -9.22
C ALA D 285 -13.01 9.80 -8.17
N ALA D 286 -12.82 9.22 -6.99
CA ALA D 286 -13.80 9.35 -5.92
C ALA D 286 -13.82 10.76 -5.35
N VAL D 287 -12.79 11.59 -5.61
CA VAL D 287 -12.66 12.87 -4.96
C VAL D 287 -12.39 14.01 -5.94
N SER D 288 -12.24 13.73 -7.24
CA SER D 288 -11.74 14.71 -8.17
C SER D 288 -12.15 14.36 -9.59
N LYS D 289 -12.04 15.35 -10.49
CA LYS D 289 -12.27 15.17 -11.91
C LYS D 289 -10.94 14.96 -12.64
N ARG D 290 -11.02 14.25 -13.78
CA ARG D 290 -9.81 13.89 -14.51
C ARG D 290 -8.98 15.13 -14.88
N THR D 291 -9.69 16.18 -15.27
CA THR D 291 -9.07 17.42 -15.73
C THR D 291 -8.32 18.15 -14.62
N GLU D 292 -8.56 17.83 -13.35
CA GLU D 292 -7.70 18.37 -12.29
C GLU D 292 -6.25 17.96 -12.53
N TRP D 293 -6.05 16.79 -13.13
CA TRP D 293 -4.74 16.16 -13.22
C TRP D 293 -4.17 16.26 -14.62
N PHE D 294 -5.03 16.17 -15.63
CA PHE D 294 -4.59 16.08 -17.02
C PHE D 294 -5.73 16.45 -17.94
N ASP D 295 -5.48 17.33 -18.93
CA ASP D 295 -6.53 17.77 -19.80
C ASP D 295 -6.21 17.44 -21.26
N GLY D 296 -5.32 16.48 -21.48
CA GLY D 296 -5.01 16.00 -22.81
C GLY D 296 -5.83 14.76 -23.18
N ASP D 297 -5.47 14.10 -24.28
CA ASP D 297 -6.40 13.23 -25.00
C ASP D 297 -6.22 11.75 -24.68
N GLY D 298 -4.97 11.34 -24.50
CA GLY D 298 -4.61 9.94 -24.37
C GLY D 298 -4.59 9.51 -22.91
N PRO D 299 -3.94 8.35 -22.62
CA PRO D 299 -3.73 7.92 -21.24
C PRO D 299 -2.99 8.96 -20.41
N MET D 300 -3.25 8.95 -19.11
CA MET D 300 -2.63 9.92 -18.24
C MET D 300 -1.14 9.66 -18.17
N PRO D 301 -0.27 10.68 -18.35
CA PRO D 301 1.17 10.49 -18.24
C PRO D 301 1.66 10.24 -16.81
N ALA D 302 2.86 9.67 -16.71
CA ALA D 302 3.46 9.32 -15.43
C ALA D 302 3.49 10.53 -14.50
N GLU D 303 3.76 11.73 -15.03
CA GLU D 303 3.93 12.90 -14.19
C GLU D 303 2.62 13.27 -13.52
N ALA D 304 1.49 13.08 -14.23
CA ALA D 304 0.18 13.35 -13.67
C ALA D 304 -0.18 12.32 -12.59
N ILE D 305 0.22 11.06 -12.79
CA ILE D 305 -0.02 10.03 -11.78
C ILE D 305 0.73 10.39 -10.51
N GLU D 306 1.98 10.84 -10.64
CA GLU D 306 2.76 11.23 -9.48
C GLU D 306 2.07 12.40 -8.76
N ARG D 307 1.49 13.34 -9.52
CA ARG D 307 0.79 14.47 -8.92
C ARG D 307 -0.46 14.03 -8.15
N MET D 308 -1.23 13.07 -8.69
CA MET D 308 -2.36 12.53 -7.95
C MET D 308 -1.89 11.97 -6.61
N LYS D 309 -0.84 11.14 -6.64
CA LYS D 309 -0.34 10.53 -5.41
C LYS D 309 0.08 11.61 -4.41
N LYS D 310 0.84 12.61 -4.87
CA LYS D 310 1.40 13.60 -3.97
C LYS D 310 0.30 14.49 -3.39
N ASP D 311 -0.58 14.98 -4.26
CA ASP D 311 -1.60 15.93 -3.86
C ASP D 311 -2.62 15.27 -2.94
N LEU D 312 -2.96 14.00 -3.19
CA LEU D 312 -3.99 13.32 -2.39
C LEU D 312 -3.35 12.53 -1.23
N ASP D 313 -2.01 12.48 -1.18
CA ASP D 313 -1.30 11.78 -0.12
C ASP D 313 -1.71 10.32 -0.14
N LEU D 314 -1.73 9.73 -1.33
CA LEU D 314 -2.05 8.33 -1.54
C LEU D 314 -0.92 7.61 -2.29
N GLY D 315 -1.00 6.30 -2.34
CA GLY D 315 -0.11 5.51 -3.14
C GLY D 315 -0.71 5.14 -4.48
N PHE D 316 0.03 4.40 -5.29
CA PHE D 316 -0.49 3.78 -6.49
C PHE D 316 -1.51 2.74 -6.12
N TRP D 317 -1.25 2.00 -5.03
CA TRP D 317 -2.16 1.01 -4.50
C TRP D 317 -2.51 1.40 -3.07
N ASN D 318 -3.81 1.36 -2.75
CA ASN D 318 -4.31 1.81 -1.47
C ASN D 318 -5.17 0.69 -0.86
N PHE D 319 -4.68 0.17 0.27
CA PHE D 319 -5.35 -0.94 0.94
C PHE D 319 -6.29 -0.41 2.01
N TYR D 320 -7.54 -0.95 2.04
CA TYR D 320 -8.51 -0.56 3.04
C TYR D 320 -9.02 -1.79 3.77
N GLY D 321 -9.03 -1.72 5.09
CA GLY D 321 -9.58 -2.80 5.91
C GLY D 321 -10.26 -2.27 7.15
N THR D 322 -11.03 -3.15 7.81
CA THR D 322 -11.70 -2.84 9.04
C THR D 322 -11.51 -4.00 10.00
N LEU D 323 -11.31 -3.65 11.27
CA LEU D 323 -11.12 -4.59 12.36
C LEU D 323 -12.29 -4.43 13.33
N TYR D 324 -12.62 -5.53 14.01
CA TYR D 324 -13.78 -5.57 14.88
C TYR D 324 -13.46 -6.32 16.16
N GLY D 325 -14.03 -5.84 17.26
CA GLY D 325 -13.98 -6.55 18.52
C GLY D 325 -13.62 -5.57 19.61
N PRO D 326 -13.31 -6.07 20.84
CA PRO D 326 -12.85 -5.19 21.89
C PRO D 326 -11.57 -4.46 21.45
N PRO D 327 -11.36 -3.20 21.90
CA PRO D 327 -10.17 -2.45 21.55
C PRO D 327 -8.85 -3.23 21.66
N PRO D 328 -8.58 -4.05 22.70
CA PRO D 328 -7.33 -4.81 22.75
C PRO D 328 -7.11 -5.79 21.60
N LEU D 329 -8.21 -6.41 21.13
CA LEU D 329 -8.14 -7.32 20.00
C LEU D 329 -7.81 -6.54 18.72
N ILE D 330 -8.49 -5.42 18.52
CA ILE D 330 -8.22 -4.53 17.39
C ILE D 330 -6.74 -4.13 17.39
N GLU D 331 -6.22 -3.69 18.54
CA GLU D 331 -4.84 -3.27 18.66
C GLU D 331 -3.88 -4.40 18.25
N MET D 332 -4.14 -5.60 18.73
CA MET D 332 -3.29 -6.75 18.43
C MET D 332 -3.27 -7.04 16.92
N TYR D 333 -4.47 -7.10 16.31
CA TYR D 333 -4.57 -7.40 14.89
C TYR D 333 -3.90 -6.30 14.06
N TYR D 334 -4.13 -5.03 14.44
CA TYR D 334 -3.56 -3.92 13.69
C TYR D 334 -2.04 -3.99 13.75
N GLY D 335 -1.48 -4.33 14.92
CA GLY D 335 -0.05 -4.50 15.05
C GLY D 335 0.50 -5.58 14.11
N MET D 336 -0.23 -6.69 13.98
CA MET D 336 0.19 -7.78 13.10
C MET D 336 0.18 -7.32 11.64
N ILE D 337 -0.87 -6.58 11.27
CA ILE D 337 -1.03 -6.07 9.91
C ILE D 337 0.09 -5.08 9.57
N LYS D 338 0.39 -4.17 10.51
CA LYS D 338 1.42 -3.18 10.29
C LYS D 338 2.79 -3.85 10.14
N GLU D 339 3.05 -4.87 10.97
CA GLU D 339 4.32 -5.55 10.93
C GLU D 339 4.54 -6.22 9.58
N ALA D 340 3.47 -6.83 9.05
CA ALA D 340 3.60 -7.60 7.83
C ALA D 340 3.70 -6.69 6.58
N PHE D 341 2.73 -5.76 6.44
CA PHE D 341 2.72 -4.94 5.24
C PHE D 341 3.84 -3.87 5.28
N GLY D 342 4.27 -3.51 6.50
CA GLY D 342 5.21 -2.41 6.62
C GLY D 342 6.59 -2.73 6.02
N LYS D 343 6.82 -4.03 5.74
CA LYS D 343 8.05 -4.47 5.12
C LYS D 343 8.15 -4.08 3.65
N ILE D 344 7.06 -3.64 3.03
CA ILE D 344 7.12 -3.08 1.69
C ILE D 344 7.61 -1.64 1.74
N PRO D 345 8.77 -1.27 1.14
CA PRO D 345 9.30 0.07 1.27
C PRO D 345 8.28 1.12 0.85
N GLY D 346 8.12 2.14 1.71
CA GLY D 346 7.24 3.25 1.43
C GLY D 346 5.84 3.07 2.00
N ALA D 347 5.49 1.90 2.55
CA ALA D 347 4.14 1.69 3.08
C ALA D 347 3.88 2.62 4.26
N ARG D 348 2.70 3.24 4.26
CA ARG D 348 2.29 4.12 5.34
C ARG D 348 0.87 3.74 5.77
N PHE D 349 0.62 3.93 7.08
CA PHE D 349 -0.60 3.45 7.70
C PHE D 349 -1.38 4.62 8.30
N PHE D 350 -2.73 4.57 8.14
CA PHE D 350 -3.59 5.58 8.72
C PHE D 350 -4.89 4.93 9.21
N THR D 351 -5.33 5.28 10.43
CA THR D 351 -6.63 4.82 10.88
C THR D 351 -7.66 5.87 10.49
N HIS D 352 -8.95 5.49 10.62
CA HIS D 352 -10.02 6.38 10.25
C HIS D 352 -10.07 7.60 11.20
N GLU D 353 -9.36 7.52 12.33
CA GLU D 353 -9.27 8.67 13.23
C GLU D 353 -8.11 9.61 12.87
N GLU D 354 -7.28 9.29 11.88
CA GLU D 354 -6.02 10.01 11.71
C GLU D 354 -5.97 10.83 10.41
N ARG D 355 -7.02 10.77 9.59
CA ARG D 355 -6.89 11.10 8.17
C ARG D 355 -8.26 11.53 7.70
N ASP D 356 -8.59 12.80 7.84
CA ASP D 356 -9.89 13.31 7.40
C ASP D 356 -9.66 14.43 6.40
N ASP D 357 -8.65 14.24 5.55
CA ASP D 357 -8.33 15.14 4.45
C ASP D 357 -9.08 14.66 3.21
N ARG D 358 -8.95 15.37 2.09
CA ARG D 358 -9.65 14.99 0.87
C ARG D 358 -9.23 13.58 0.42
N GLY D 359 -7.93 13.26 0.51
CA GLY D 359 -7.47 11.95 0.07
C GLY D 359 -8.04 10.82 0.94
N GLY D 360 -8.37 11.16 2.19
CA GLY D 360 -8.89 10.19 3.15
C GLY D 360 -10.41 10.02 3.02
N HIS D 361 -11.05 10.68 2.05
CA HIS D 361 -12.49 10.54 1.84
C HIS D 361 -12.88 9.08 1.56
N VAL D 362 -12.05 8.36 0.79
CA VAL D 362 -12.35 6.97 0.49
C VAL D 362 -12.26 6.16 1.79
N LEU D 363 -11.21 6.36 2.60
CA LEU D 363 -11.11 5.68 3.88
C LEU D 363 -12.40 5.88 4.70
N GLN D 364 -12.91 7.11 4.75
CA GLN D 364 -14.09 7.41 5.57
C GLN D 364 -15.32 6.69 4.99
N ASP D 365 -15.38 6.55 3.66
CA ASP D 365 -16.47 5.84 3.03
C ASP D 365 -16.38 4.35 3.33
N ARG D 366 -15.18 3.78 3.24
CA ARG D 366 -15.00 2.36 3.53
C ARG D 366 -15.34 2.08 4.99
N HIS D 367 -15.04 3.02 5.89
CA HIS D 367 -15.37 2.83 7.28
C HIS D 367 -16.88 2.69 7.47
N LYS D 368 -17.66 3.46 6.72
CA LYS D 368 -19.11 3.32 6.74
C LYS D 368 -19.50 1.95 6.18
N ILE D 369 -19.12 1.68 4.93
CA ILE D 369 -19.50 0.47 4.22
C ILE D 369 -19.17 -0.78 5.05
N ASN D 370 -17.93 -0.82 5.59
CA ASN D 370 -17.43 -1.98 6.30
C ASN D 370 -18.09 -2.17 7.67
N ASN D 371 -18.87 -1.17 8.09
CA ASN D 371 -19.64 -1.21 9.32
C ASN D 371 -21.14 -1.28 9.05
N GLY D 372 -21.52 -1.63 7.82
CA GLY D 372 -22.92 -1.76 7.46
C GLY D 372 -23.70 -0.44 7.51
N ILE D 373 -23.00 0.66 7.24
CA ILE D 373 -23.61 1.96 7.17
C ILE D 373 -23.70 2.36 5.70
N PRO D 374 -24.89 2.34 5.10
CA PRO D 374 -24.99 2.59 3.67
C PRO D 374 -24.65 4.03 3.28
N SER D 375 -24.19 4.16 2.04
CA SER D 375 -23.60 5.40 1.54
C SER D 375 -23.88 5.53 0.06
N LEU D 376 -23.86 6.80 -0.42
CA LEU D 376 -23.86 7.05 -1.84
C LEU D 376 -22.62 7.85 -2.24
N ASP D 377 -21.62 7.95 -1.37
CA ASP D 377 -20.46 8.79 -1.64
C ASP D 377 -19.77 8.35 -2.93
N GLU D 378 -19.79 7.05 -3.24
CA GLU D 378 -19.11 6.56 -4.42
C GLU D 378 -19.72 7.02 -5.74
N LEU D 379 -20.93 7.58 -5.73
CA LEU D 379 -21.46 8.17 -6.96
C LEU D 379 -20.52 9.25 -7.51
N GLN D 380 -19.68 9.85 -6.65
CA GLN D 380 -18.76 10.88 -7.10
C GLN D 380 -17.79 10.35 -8.17
N LEU D 381 -17.51 9.03 -8.16
CA LEU D 381 -16.65 8.43 -9.18
C LEU D 381 -17.10 8.83 -10.59
N LEU D 382 -18.42 8.88 -10.79
CA LEU D 382 -18.96 9.09 -12.13
C LEU D 382 -18.81 10.55 -12.56
N ASP D 383 -18.35 11.45 -11.69
CA ASP D 383 -18.02 12.82 -12.08
C ASP D 383 -16.59 12.93 -12.65
N TRP D 384 -15.88 11.80 -12.79
CA TRP D 384 -14.52 11.83 -13.31
C TRP D 384 -14.45 12.50 -14.68
N VAL D 385 -15.49 12.26 -15.49
CA VAL D 385 -15.63 12.86 -16.82
C VAL D 385 -17.11 13.20 -16.98
N PRO D 386 -17.49 14.08 -17.92
CA PRO D 386 -18.91 14.39 -18.12
C PRO D 386 -19.74 13.18 -18.50
N ASN D 387 -20.98 13.15 -17.99
CA ASN D 387 -21.93 12.08 -18.30
C ASN D 387 -21.34 10.72 -17.96
N GLY D 388 -20.59 10.67 -16.87
CA GLY D 388 -19.83 9.50 -16.48
C GLY D 388 -20.74 8.28 -16.24
N GLY D 389 -20.32 7.15 -16.80
CA GLY D 389 -20.87 5.83 -16.49
C GLY D 389 -19.74 4.85 -16.39
N HIS D 390 -20.06 3.64 -15.89
CA HIS D 390 -19.03 2.61 -15.82
C HIS D 390 -19.59 1.27 -16.27
N ILE D 391 -18.69 0.37 -16.65
CA ILE D 391 -18.99 -1.03 -16.83
C ILE D 391 -18.03 -1.80 -15.91
N GLY D 392 -18.54 -2.90 -15.33
CA GLY D 392 -17.75 -3.73 -14.43
C GLY D 392 -17.12 -4.91 -15.16
N PHE D 393 -15.84 -5.13 -14.94
CA PHE D 393 -15.14 -6.25 -15.55
C PHE D 393 -14.35 -6.89 -14.42
N VAL D 394 -14.75 -8.10 -14.00
CA VAL D 394 -14.23 -8.66 -12.77
C VAL D 394 -13.82 -10.13 -12.93
N PRO D 395 -12.61 -10.41 -13.43
CA PRO D 395 -12.04 -11.76 -13.45
C PRO D 395 -11.68 -12.32 -12.07
N VAL D 396 -11.80 -13.65 -11.96
CA VAL D 396 -11.48 -14.41 -10.77
C VAL D 396 -10.23 -15.26 -11.03
N SER D 397 -9.36 -15.32 -10.01
CA SER D 397 -8.05 -15.95 -10.14
C SER D 397 -7.58 -16.39 -8.75
N ALA D 398 -6.40 -17.04 -8.70
CA ALA D 398 -5.76 -17.38 -7.43
C ALA D 398 -5.13 -16.13 -6.80
N PRO D 399 -5.17 -16.01 -5.45
CA PRO D 399 -4.56 -14.90 -4.72
C PRO D 399 -3.03 -15.02 -4.63
N ASP D 400 -2.43 -14.80 -5.79
CA ASP D 400 -1.01 -14.93 -6.00
C ASP D 400 -0.50 -13.62 -6.59
N GLY D 401 0.60 -13.09 -6.05
CA GLY D 401 1.10 -11.79 -6.48
C GLY D 401 1.54 -11.76 -7.95
N ARG D 402 2.15 -12.84 -8.43
CA ARG D 402 2.56 -12.90 -9.83
C ARG D 402 1.33 -12.93 -10.72
N GLU D 403 0.29 -13.67 -10.34
CA GLU D 403 -0.97 -13.66 -11.09
C GLU D 403 -1.59 -12.26 -11.11
N ALA D 404 -1.52 -11.54 -9.98
CA ALA D 404 -2.04 -10.18 -9.91
C ALA D 404 -1.28 -9.27 -10.87
N MET D 405 0.06 -9.35 -10.87
CA MET D 405 0.86 -8.53 -11.75
C MET D 405 0.52 -8.84 -13.20
N LYS D 406 0.31 -10.10 -13.53
CA LYS D 406 0.00 -10.47 -14.90
C LYS D 406 -1.33 -9.82 -15.35
N GLN D 407 -2.31 -9.86 -14.46
CA GLN D 407 -3.62 -9.31 -14.77
C GLN D 407 -3.58 -7.79 -14.88
N PHE D 408 -2.92 -7.15 -13.91
CA PHE D 408 -2.71 -5.71 -13.94
C PHE D 408 -2.12 -5.29 -15.30
N GLU D 409 -1.03 -5.94 -15.70
CA GLU D 409 -0.31 -5.57 -16.92
C GLU D 409 -1.19 -5.77 -18.16
N MET D 410 -1.88 -6.91 -18.24
CA MET D 410 -2.59 -7.23 -19.47
C MET D 410 -3.85 -6.37 -19.62
N VAL D 411 -4.50 -6.05 -18.49
CA VAL D 411 -5.69 -5.22 -18.57
C VAL D 411 -5.28 -3.78 -18.84
N ARG D 412 -4.23 -3.31 -18.17
CA ARG D 412 -3.80 -1.93 -18.38
C ARG D 412 -3.34 -1.71 -19.83
N ASN D 413 -2.62 -2.68 -20.39
CA ASN D 413 -2.21 -2.63 -21.79
C ASN D 413 -3.40 -2.36 -22.71
N ARG D 414 -4.47 -3.13 -22.53
CA ARG D 414 -5.65 -3.03 -23.36
C ARG D 414 -6.41 -1.73 -23.11
N ALA D 415 -6.53 -1.33 -21.84
CA ALA D 415 -7.16 -0.08 -21.49
C ALA D 415 -6.48 1.09 -22.21
N ASN D 416 -5.16 1.11 -22.16
CA ASN D 416 -4.37 2.15 -22.80
C ASN D 416 -4.68 2.23 -24.28
N GLU D 417 -4.76 1.07 -24.94
CA GLU D 417 -4.97 0.96 -26.37
C GLU D 417 -6.33 1.59 -26.73
N TYR D 418 -7.34 1.49 -25.85
CA TYR D 418 -8.64 2.05 -26.14
C TYR D 418 -8.88 3.39 -25.45
N ASN D 419 -7.82 4.03 -24.97
CA ASN D 419 -7.90 5.33 -24.30
C ASN D 419 -8.94 5.29 -23.19
N LYS D 420 -8.84 4.28 -22.32
CA LYS D 420 -9.68 4.23 -21.13
C LYS D 420 -8.76 4.12 -19.93
N ASP D 421 -9.07 4.88 -18.87
CA ASP D 421 -8.27 4.86 -17.66
C ASP D 421 -8.40 3.49 -16.98
N TYR D 422 -7.28 2.99 -16.46
CA TYR D 422 -7.22 1.72 -15.74
C TYR D 422 -7.63 2.00 -14.30
N MET D 423 -8.94 1.90 -14.03
CA MET D 423 -9.44 2.08 -12.68
C MET D 423 -9.76 0.70 -12.13
N ALA D 424 -8.95 0.28 -11.17
CA ALA D 424 -9.05 -1.11 -10.76
C ALA D 424 -8.63 -1.25 -9.31
N GLY D 425 -9.09 -2.35 -8.76
CA GLY D 425 -8.60 -2.83 -7.49
C GLY D 425 -8.49 -4.35 -7.51
N PHE D 426 -7.95 -4.87 -6.42
CA PHE D 426 -7.92 -6.31 -6.19
C PHE D 426 -8.57 -6.54 -4.83
N THR D 427 -9.41 -7.58 -4.74
CA THR D 427 -9.95 -8.01 -3.46
C THR D 427 -9.72 -9.52 -3.34
N ILE D 428 -9.70 -9.99 -2.10
CA ILE D 428 -9.69 -11.41 -1.80
C ILE D 428 -10.91 -11.72 -0.93
N GLY D 429 -11.51 -12.89 -1.19
CA GLY D 429 -12.51 -13.47 -0.30
C GLY D 429 -11.90 -14.17 0.92
N LEU D 430 -11.61 -15.46 0.78
CA LEU D 430 -10.75 -16.22 1.69
C LEU D 430 -9.59 -16.81 0.88
N ARG D 431 -9.94 -17.42 -0.25
CA ARG D 431 -9.01 -18.19 -1.03
C ARG D 431 -8.97 -17.76 -2.50
N GLU D 432 -9.79 -16.76 -2.87
CA GLU D 432 -9.90 -16.37 -4.26
C GLU D 432 -9.65 -14.88 -4.40
N MET D 433 -9.24 -14.50 -5.60
CA MET D 433 -8.92 -13.13 -5.93
C MET D 433 -9.82 -12.62 -7.04
N TYR D 434 -10.23 -11.38 -6.88
CA TYR D 434 -10.97 -10.65 -7.88
C TYR D 434 -10.16 -9.44 -8.35
N HIS D 435 -10.16 -9.25 -9.65
CA HIS D 435 -9.56 -8.07 -10.27
C HIS D 435 -10.74 -7.16 -10.65
N VAL D 436 -11.05 -6.19 -9.78
CA VAL D 436 -12.25 -5.39 -9.96
C VAL D 436 -11.92 -4.19 -10.82
N CYS D 437 -12.28 -4.26 -12.11
CA CYS D 437 -12.03 -3.17 -13.04
C CYS D 437 -13.33 -2.42 -13.29
N LEU D 438 -13.29 -1.09 -13.12
CA LEU D 438 -14.40 -0.23 -13.45
C LEU D 438 -13.87 0.65 -14.58
N PHE D 439 -14.53 0.64 -15.73
CA PHE D 439 -14.08 1.53 -16.78
C PHE D 439 -15.08 2.65 -16.89
N ILE D 440 -14.62 3.89 -16.65
CA ILE D 440 -15.47 5.05 -16.64
C ILE D 440 -15.35 5.75 -17.98
N TYR D 441 -16.49 6.18 -18.54
CA TYR D 441 -16.52 6.73 -19.87
C TYR D 441 -17.69 7.69 -19.97
N ASP D 442 -17.67 8.51 -21.04
CA ASP D 442 -18.74 9.46 -21.34
C ASP D 442 -19.90 8.72 -22.01
N THR D 443 -21.00 8.50 -21.28
CA THR D 443 -22.13 7.74 -21.77
C THR D 443 -22.88 8.44 -22.92
N ALA D 444 -22.63 9.73 -23.11
CA ALA D 444 -23.30 10.50 -24.15
C ALA D 444 -22.53 10.43 -25.47
N ASP D 445 -21.33 9.84 -25.46
CA ASP D 445 -20.48 9.79 -26.64
C ASP D 445 -20.57 8.41 -27.29
N PRO D 446 -21.20 8.27 -28.48
CA PRO D 446 -21.33 6.97 -29.12
C PRO D 446 -20.00 6.27 -29.36
N GLU D 447 -18.96 7.04 -29.70
CA GLU D 447 -17.66 6.48 -29.93
C GLU D 447 -17.10 5.84 -28.66
N ALA D 448 -17.24 6.55 -27.52
CA ALA D 448 -16.77 6.03 -26.25
C ALA D 448 -17.52 4.74 -25.88
N ARG D 449 -18.83 4.72 -26.12
CA ARG D 449 -19.67 3.57 -25.84
C ARG D 449 -19.21 2.37 -26.66
N GLU D 450 -18.90 2.59 -27.94
CA GLU D 450 -18.48 1.49 -28.81
C GLU D 450 -17.07 1.02 -28.43
N GLU D 451 -16.19 1.95 -28.08
CA GLU D 451 -14.87 1.57 -27.60
C GLU D 451 -14.96 0.69 -26.36
N ILE D 452 -15.85 1.05 -25.41
CA ILE D 452 -16.02 0.25 -24.20
C ILE D 452 -16.43 -1.17 -24.56
N LEU D 453 -17.40 -1.31 -25.47
CA LEU D 453 -17.89 -2.61 -25.88
C LEU D 453 -16.74 -3.42 -26.49
N GLN D 454 -16.02 -2.82 -27.44
CA GLN D 454 -14.99 -3.59 -28.15
C GLN D 454 -13.82 -3.92 -27.23
N MET D 455 -13.46 -2.99 -26.34
CA MET D 455 -12.37 -3.23 -25.40
C MET D 455 -12.74 -4.36 -24.44
N THR D 456 -13.96 -4.34 -23.90
CA THR D 456 -14.32 -5.36 -22.91
C THR D 456 -14.44 -6.72 -23.58
N LYS D 457 -14.85 -6.80 -24.85
CA LYS D 457 -14.86 -8.09 -25.54
C LYS D 457 -13.44 -8.66 -25.64
N VAL D 458 -12.47 -7.79 -25.94
CA VAL D 458 -11.07 -8.24 -25.98
C VAL D 458 -10.61 -8.67 -24.58
N LEU D 459 -10.93 -7.88 -23.56
CA LEU D 459 -10.53 -8.21 -22.20
C LEU D 459 -11.08 -9.58 -21.79
N VAL D 460 -12.35 -9.87 -22.12
CA VAL D 460 -12.97 -11.13 -21.77
C VAL D 460 -12.19 -12.28 -22.43
N ARG D 461 -11.91 -12.14 -23.73
CA ARG D 461 -11.16 -13.17 -24.46
C ARG D 461 -9.77 -13.37 -23.88
N GLU D 462 -9.03 -12.28 -23.64
CA GLU D 462 -7.65 -12.36 -23.19
C GLU D 462 -7.57 -12.98 -21.80
N ALA D 463 -8.52 -12.61 -20.94
CA ALA D 463 -8.59 -13.16 -19.60
C ALA D 463 -8.83 -14.67 -19.71
N ALA D 464 -9.81 -15.09 -20.54
CA ALA D 464 -10.11 -16.51 -20.67
C ALA D 464 -8.90 -17.29 -21.21
N GLU D 465 -8.17 -16.71 -22.16
CA GLU D 465 -6.96 -17.33 -22.71
C GLU D 465 -5.93 -17.60 -21.61
N ALA D 466 -5.92 -16.75 -20.58
CA ALA D 466 -5.01 -16.86 -19.46
C ALA D 466 -5.61 -17.67 -18.29
N GLY D 467 -6.83 -18.16 -18.45
CA GLY D 467 -7.45 -19.05 -17.48
C GLY D 467 -8.25 -18.30 -16.41
N TYR D 468 -8.71 -17.08 -16.74
CA TYR D 468 -9.47 -16.28 -15.82
C TYR D 468 -10.89 -16.08 -16.39
N GLY D 469 -11.89 -16.28 -15.56
CA GLY D 469 -13.28 -16.11 -15.94
C GLY D 469 -13.91 -15.06 -15.04
N GLU D 470 -15.00 -14.41 -15.50
CA GLU D 470 -15.61 -13.34 -14.72
C GLU D 470 -16.76 -13.90 -13.84
N TYR D 471 -16.96 -13.27 -12.69
CA TYR D 471 -17.91 -13.75 -11.69
C TYR D 471 -19.31 -13.20 -11.99
N ARG D 472 -19.38 -12.13 -12.79
CA ARG D 472 -20.60 -11.38 -13.04
C ARG D 472 -20.30 -10.46 -14.23
N THR D 473 -21.30 -10.12 -15.04
CA THR D 473 -21.04 -9.28 -16.19
C THR D 473 -22.29 -8.55 -16.64
N HIS D 474 -22.04 -7.64 -17.60
CA HIS D 474 -23.06 -6.79 -18.19
C HIS D 474 -23.85 -7.56 -19.25
N ASN D 475 -25.10 -7.14 -19.45
CA ASN D 475 -25.92 -7.63 -20.55
C ASN D 475 -25.14 -7.86 -21.84
N ALA D 476 -24.37 -6.83 -22.27
CA ALA D 476 -23.69 -6.85 -23.54
C ALA D 476 -22.58 -7.92 -23.63
N LEU D 477 -22.14 -8.45 -22.48
CA LEU D 477 -21.06 -9.42 -22.46
C LEU D 477 -21.52 -10.83 -22.02
N MET D 478 -22.81 -11.02 -21.73
CA MET D 478 -23.22 -12.27 -21.11
C MET D 478 -22.98 -13.46 -22.05
N ASP D 479 -23.25 -13.30 -23.35
CA ASP D 479 -23.01 -14.41 -24.27
C ASP D 479 -21.51 -14.73 -24.35
N ASP D 480 -20.69 -13.70 -24.46
CA ASP D 480 -19.25 -13.86 -24.53
C ASP D 480 -18.70 -14.52 -23.26
N VAL D 481 -19.14 -14.08 -22.09
CA VAL D 481 -18.63 -14.64 -20.85
C VAL D 481 -19.06 -16.10 -20.70
N MET D 482 -20.35 -16.41 -20.95
CA MET D 482 -20.77 -17.79 -20.79
C MET D 482 -20.03 -18.71 -21.77
N ALA D 483 -19.67 -18.17 -22.95
CA ALA D 483 -18.94 -18.94 -23.94
C ALA D 483 -17.53 -19.33 -23.44
N THR D 484 -16.96 -18.61 -22.47
CA THR D 484 -15.62 -18.91 -21.95
C THR D 484 -15.70 -20.10 -20.98
N PHE D 485 -16.88 -20.37 -20.38
CA PHE D 485 -16.99 -21.44 -19.41
C PHE D 485 -17.35 -22.75 -20.12
N ASN D 486 -16.54 -23.10 -21.13
CA ASN D 486 -16.91 -24.11 -22.10
C ASN D 486 -16.15 -25.42 -21.94
N TRP D 487 -15.67 -25.73 -20.73
CA TRP D 487 -15.11 -27.06 -20.48
C TRP D 487 -16.06 -28.14 -21.01
N GLY D 488 -15.48 -29.20 -21.61
CA GLY D 488 -16.29 -30.35 -22.01
C GLY D 488 -17.25 -29.99 -23.13
N ASP D 489 -16.77 -29.17 -24.07
CA ASP D 489 -17.53 -28.74 -25.23
C ASP D 489 -18.84 -28.07 -24.81
N GLY D 490 -18.75 -27.14 -23.86
CA GLY D 490 -19.89 -26.31 -23.48
C GLY D 490 -20.91 -27.07 -22.64
N ALA D 491 -20.42 -27.99 -21.79
CA ALA D 491 -21.29 -28.84 -20.98
C ALA D 491 -22.13 -28.00 -20.00
N LEU D 492 -21.54 -26.97 -19.38
CA LEU D 492 -22.26 -26.21 -18.36
C LEU D 492 -23.48 -25.51 -18.97
N LEU D 493 -23.27 -24.83 -20.11
CA LEU D 493 -24.35 -24.14 -20.77
C LEU D 493 -25.45 -25.14 -21.21
N LYS D 494 -25.04 -26.32 -21.73
CA LYS D 494 -26.01 -27.29 -22.18
C LYS D 494 -26.91 -27.75 -21.02
N PHE D 495 -26.29 -27.95 -19.86
CA PHE D 495 -27.02 -28.30 -18.65
C PHE D 495 -28.01 -27.19 -18.30
N HIS D 496 -27.55 -25.94 -18.28
CA HIS D 496 -28.44 -24.83 -17.94
C HIS D 496 -29.62 -24.73 -18.91
N GLU D 497 -29.36 -24.98 -20.21
CA GLU D 497 -30.39 -24.92 -21.23
C GLU D 497 -31.47 -25.97 -20.99
N LYS D 498 -31.07 -27.19 -20.60
CA LYS D 498 -32.02 -28.26 -20.36
C LYS D 498 -32.97 -27.91 -19.21
N ILE D 499 -32.39 -27.37 -18.15
CA ILE D 499 -33.17 -26.93 -17.00
C ILE D 499 -34.09 -25.77 -17.39
N LYS D 500 -33.57 -24.79 -18.12
CA LYS D 500 -34.37 -23.65 -18.56
C LYS D 500 -35.57 -24.10 -19.38
N ASP D 501 -35.36 -25.01 -20.33
CA ASP D 501 -36.43 -25.41 -21.22
C ASP D 501 -37.49 -26.21 -20.48
N ALA D 502 -37.08 -26.99 -19.49
CA ALA D 502 -38.00 -27.79 -18.69
C ALA D 502 -38.89 -26.90 -17.82
N LEU D 503 -38.30 -25.88 -17.17
CA LEU D 503 -39.06 -25.03 -16.28
C LEU D 503 -39.81 -23.92 -17.02
N ASP D 504 -39.33 -23.57 -18.22
CA ASP D 504 -39.82 -22.43 -18.98
C ASP D 504 -40.05 -22.85 -20.43
N PRO D 505 -41.03 -23.73 -20.69
CA PRO D 505 -41.23 -24.28 -22.03
C PRO D 505 -41.64 -23.23 -23.06
N ASN D 506 -42.24 -22.12 -22.60
CA ASN D 506 -42.66 -21.04 -23.49
C ASN D 506 -41.60 -19.94 -23.60
N GLY D 507 -40.46 -20.06 -22.87
CA GLY D 507 -39.35 -19.14 -23.06
C GLY D 507 -39.67 -17.69 -22.70
N ILE D 508 -40.12 -17.49 -21.46
CA ILE D 508 -40.69 -16.23 -20.98
C ILE D 508 -39.68 -15.45 -20.12
N ILE D 509 -39.01 -16.10 -19.18
CA ILE D 509 -38.29 -15.34 -18.16
C ILE D 509 -36.89 -14.96 -18.65
N ALA D 510 -36.60 -13.65 -18.59
CA ALA D 510 -35.30 -13.01 -18.89
C ALA D 510 -34.45 -13.82 -19.86
N PRO D 511 -34.91 -14.00 -21.11
CA PRO D 511 -34.12 -14.75 -22.07
C PRO D 511 -32.74 -14.15 -22.27
N GLY D 512 -31.73 -15.02 -22.19
CA GLY D 512 -30.37 -14.59 -22.44
C GLY D 512 -29.59 -14.19 -21.19
N LYS D 513 -30.25 -14.08 -20.02
CA LYS D 513 -29.53 -13.84 -18.79
C LYS D 513 -28.43 -14.89 -18.63
N SER D 514 -27.22 -14.44 -18.30
CA SER D 514 -26.07 -15.31 -18.11
C SER D 514 -25.79 -16.16 -19.36
N GLY D 515 -26.23 -15.70 -20.52
CA GLY D 515 -26.04 -16.42 -21.77
C GLY D 515 -26.95 -17.62 -21.95
N ILE D 516 -28.01 -17.74 -21.13
CA ILE D 516 -28.89 -18.89 -21.16
C ILE D 516 -30.18 -18.51 -21.87
N TRP D 517 -30.32 -19.04 -23.10
CA TRP D 517 -31.46 -18.71 -23.94
C TRP D 517 -32.40 -19.91 -23.99
N PRO D 518 -33.72 -19.68 -23.87
CA PRO D 518 -34.68 -20.74 -24.12
C PRO D 518 -34.70 -21.10 -25.60
N GLN D 519 -35.24 -22.28 -25.89
CA GLN D 519 -35.16 -22.86 -27.24
C GLN D 519 -35.62 -21.88 -28.32
N ARG D 520 -36.71 -21.13 -28.07
CA ARG D 520 -37.32 -20.34 -29.12
C ARG D 520 -36.45 -19.16 -29.56
N PHE D 521 -35.46 -18.77 -28.74
CA PHE D 521 -34.59 -17.64 -29.05
C PHE D 521 -33.16 -18.10 -29.34
N ARG D 522 -32.86 -19.38 -29.17
CA ARG D 522 -31.47 -19.81 -29.22
C ARG D 522 -30.92 -19.69 -30.63
N GLY D 523 -29.71 -19.13 -30.76
CA GLY D 523 -29.02 -19.00 -32.04
C GLY D 523 -29.67 -17.99 -32.98
N GLN D 524 -30.16 -16.86 -32.44
CA GLN D 524 -30.87 -15.89 -33.27
C GLN D 524 -30.23 -14.50 -33.29
N ASN D 525 -29.06 -14.32 -32.71
CA ASN D 525 -28.37 -13.03 -32.79
C ASN D 525 -29.25 -11.94 -32.20
N LEU D 526 -29.82 -12.19 -31.01
CA LEU D 526 -30.57 -11.19 -30.28
C LEU D 526 -29.65 -10.59 -29.20
N THR E 2 43.97 35.05 -45.03
CA THR E 2 44.20 33.60 -45.20
C THR E 2 43.29 32.84 -44.22
N ARG E 3 42.80 31.68 -44.65
CA ARG E 3 41.84 30.92 -43.87
C ARG E 3 42.46 30.41 -42.57
N THR E 4 41.73 30.58 -41.46
CA THR E 4 42.19 30.16 -40.16
C THR E 4 42.00 28.64 -40.02
N LEU E 5 43.11 27.93 -39.74
CA LEU E 5 43.06 26.48 -39.59
C LEU E 5 43.51 26.03 -38.22
N PRO E 6 43.02 24.88 -37.70
CA PRO E 6 43.57 24.35 -36.46
C PRO E 6 45.06 24.02 -36.60
N PRO E 7 45.88 24.25 -35.56
CA PRO E 7 47.28 23.87 -35.63
C PRO E 7 47.51 22.41 -36.03
N GLY E 8 48.32 22.19 -37.05
CA GLY E 8 48.68 20.84 -37.49
C GLY E 8 47.62 20.20 -38.37
N VAL E 9 46.53 20.91 -38.68
CA VAL E 9 45.44 20.35 -39.48
C VAL E 9 45.45 21.01 -40.86
N SER E 10 45.61 20.20 -41.92
CA SER E 10 45.64 20.72 -43.27
C SER E 10 44.28 21.27 -43.68
N ASP E 11 44.28 22.13 -44.71
CA ASP E 11 43.02 22.64 -45.28
C ASP E 11 42.13 21.49 -45.66
N GLU E 12 42.72 20.48 -46.32
CA GLU E 12 41.94 19.35 -46.83
C GLU E 12 41.34 18.51 -45.70
N ARG E 13 42.15 18.24 -44.66
CA ARG E 13 41.67 17.49 -43.50
C ARG E 13 40.59 18.30 -42.77
N PHE E 14 40.76 19.61 -42.68
CA PHE E 14 39.79 20.43 -42.00
C PHE E 14 38.46 20.40 -42.75
N ASP E 15 38.49 20.52 -44.09
CA ASP E 15 37.27 20.38 -44.88
C ASP E 15 36.54 19.06 -44.62
N ALA E 16 37.32 17.96 -44.51
CA ALA E 16 36.75 16.65 -44.25
C ALA E 16 36.11 16.61 -42.85
N ALA E 17 36.79 17.22 -41.86
CA ALA E 17 36.27 17.28 -40.51
C ALA E 17 34.99 18.12 -40.46
N LEU E 18 34.94 19.23 -41.21
CA LEU E 18 33.71 20.03 -41.25
C LEU E 18 32.53 19.20 -41.74
N GLN E 19 32.74 18.36 -42.75
CA GLN E 19 31.66 17.52 -43.24
C GLN E 19 31.23 16.51 -42.16
N ARG E 20 32.18 15.95 -41.43
CA ARG E 20 31.87 15.06 -40.32
C ARG E 20 31.04 15.79 -39.26
N PHE E 21 31.40 17.03 -38.93
CA PHE E 21 30.64 17.81 -37.97
C PHE E 21 29.23 18.04 -38.50
N ARG E 22 29.09 18.38 -39.79
CA ARG E 22 27.77 18.60 -40.37
C ARG E 22 26.92 17.33 -40.29
N ASP E 23 27.54 16.17 -40.46
CA ASP E 23 26.81 14.91 -40.38
C ASP E 23 26.23 14.69 -38.97
N VAL E 24 26.89 15.27 -37.95
CA VAL E 24 26.42 15.16 -36.58
C VAL E 24 25.32 16.18 -36.28
N VAL E 25 25.53 17.46 -36.57
CA VAL E 25 24.68 18.52 -36.06
C VAL E 25 23.70 19.06 -37.11
N GLY E 26 23.95 18.75 -38.38
CA GLY E 26 23.18 19.31 -39.49
C GLY E 26 23.95 20.43 -40.20
N ASP E 27 23.70 20.57 -41.51
CA ASP E 27 24.46 21.47 -42.36
C ASP E 27 24.44 22.92 -41.86
N LYS E 28 23.28 23.40 -41.42
CA LYS E 28 23.17 24.82 -41.11
C LYS E 28 23.79 25.14 -39.74
N TRP E 29 24.22 24.11 -38.98
CA TRP E 29 24.70 24.34 -37.63
C TRP E 29 26.22 24.19 -37.50
N VAL E 30 26.89 24.27 -38.65
CA VAL E 30 28.34 24.44 -38.73
C VAL E 30 28.62 25.71 -39.53
N LEU E 31 29.29 26.67 -38.87
CA LEU E 31 29.67 27.93 -39.49
C LEU E 31 31.18 27.91 -39.78
N SER E 32 31.56 28.27 -41.03
CA SER E 32 32.97 28.19 -41.39
C SER E 32 33.37 29.20 -42.48
N THR E 33 32.53 30.18 -42.83
CA THR E 33 32.98 31.21 -43.76
C THR E 33 33.56 32.38 -42.96
N ALA E 34 34.48 33.10 -43.61
CA ALA E 34 35.17 34.23 -43.00
C ALA E 34 34.16 35.22 -42.43
N ASP E 35 33.13 35.57 -43.23
CA ASP E 35 32.14 36.53 -42.80
C ASP E 35 31.32 36.03 -41.62
N GLU E 36 30.95 34.74 -41.61
CA GLU E 36 30.21 34.16 -40.50
C GLU E 36 31.05 34.22 -39.20
N LEU E 37 32.37 34.02 -39.31
CA LEU E 37 33.22 33.85 -38.15
C LEU E 37 33.60 35.20 -37.51
N GLU E 38 33.45 36.29 -38.28
CA GLU E 38 33.82 37.61 -37.80
C GLU E 38 33.12 37.93 -36.46
N ALA E 39 31.86 37.52 -36.35
CA ALA E 39 31.05 37.82 -35.19
C ALA E 39 31.50 37.03 -33.96
N PHE E 40 32.41 36.06 -34.11
CA PHE E 40 32.86 35.26 -32.98
C PHE E 40 34.27 35.66 -32.55
N ARG E 41 34.84 36.66 -33.21
CA ARG E 41 36.10 37.23 -32.74
C ARG E 41 35.81 37.97 -31.44
N ASP E 42 36.86 38.10 -30.62
CA ASP E 42 36.77 38.89 -29.39
C ASP E 42 36.25 40.29 -29.74
N PRO E 43 35.12 40.75 -29.17
CA PRO E 43 34.66 42.11 -29.46
C PRO E 43 35.57 43.19 -28.89
N TYR E 44 36.35 42.84 -27.85
CA TYR E 44 37.23 43.76 -27.18
C TYR E 44 38.66 43.26 -27.30
N PRO E 45 39.22 43.25 -28.53
CA PRO E 45 40.53 42.64 -28.74
C PRO E 45 41.64 43.37 -28.00
N VAL E 46 42.61 42.59 -27.56
CA VAL E 46 43.76 43.06 -26.80
C VAL E 46 44.98 42.73 -27.64
N GLY E 47 45.90 43.68 -27.73
CA GLY E 47 47.07 43.56 -28.60
C GLY E 47 46.76 44.05 -30.02
N ALA E 48 47.78 44.63 -30.68
CA ALA E 48 47.60 45.12 -32.03
C ALA E 48 47.44 43.94 -33.01
N ALA E 49 48.24 42.88 -32.84
CA ALA E 49 48.22 41.77 -33.79
C ALA E 49 46.93 40.96 -33.59
N GLU E 50 46.43 40.36 -34.67
CA GLU E 50 45.29 39.48 -34.57
C GLU E 50 45.67 38.27 -33.73
N ALA E 51 44.71 37.81 -32.94
CA ALA E 51 44.90 36.65 -32.10
C ALA E 51 43.53 36.03 -31.80
N ASN E 52 43.55 34.80 -31.29
CA ASN E 52 42.33 34.17 -30.78
C ASN E 52 41.31 34.01 -31.89
N LEU E 53 41.74 33.48 -33.03
CA LEU E 53 40.88 33.39 -34.19
C LEU E 53 40.20 32.01 -34.21
N PRO E 54 38.85 31.93 -34.27
CA PRO E 54 38.20 30.65 -34.44
C PRO E 54 38.26 30.16 -35.90
N SER E 55 38.35 28.83 -36.07
CA SER E 55 38.33 28.22 -37.39
C SER E 55 36.92 27.85 -37.85
N ALA E 56 36.02 27.65 -36.89
CA ALA E 56 34.62 27.27 -37.15
C ALA E 56 33.84 27.38 -35.86
N VAL E 57 32.49 27.30 -36.02
CA VAL E 57 31.58 27.24 -34.89
C VAL E 57 30.64 26.06 -35.15
N VAL E 58 30.46 25.21 -34.13
CA VAL E 58 29.55 24.07 -34.22
C VAL E 58 28.53 24.22 -33.10
N SER E 59 27.24 24.08 -33.45
CA SER E 59 26.13 24.26 -32.54
C SER E 59 25.39 22.94 -32.37
N PRO E 60 25.76 22.12 -31.36
CA PRO E 60 25.06 20.87 -31.10
C PRO E 60 23.70 21.06 -30.43
N GLU E 61 22.82 20.07 -30.63
CA GLU E 61 21.47 20.11 -30.09
C GLU E 61 21.31 19.26 -28.83
N SER E 62 22.28 18.38 -28.54
CA SER E 62 22.14 17.39 -27.48
C SER E 62 23.51 16.97 -26.97
N THR E 63 23.50 16.35 -25.79
CA THR E 63 24.68 15.78 -25.18
C THR E 63 25.31 14.76 -26.13
N GLU E 64 24.48 13.91 -26.76
CA GLU E 64 25.03 12.90 -27.67
C GLU E 64 25.79 13.56 -28.82
N GLN E 65 25.25 14.64 -29.35
CA GLN E 65 25.92 15.37 -30.41
C GLN E 65 27.26 15.93 -29.90
N VAL E 66 27.30 16.48 -28.68
CA VAL E 66 28.55 16.96 -28.10
C VAL E 66 29.57 15.82 -28.05
N GLN E 67 29.14 14.63 -27.61
CA GLN E 67 30.02 13.47 -27.54
C GLN E 67 30.61 13.18 -28.93
N ASP E 68 29.74 13.19 -29.96
CA ASP E 68 30.21 12.88 -31.31
C ASP E 68 31.18 13.93 -31.84
N ILE E 69 30.91 15.23 -31.55
CA ILE E 69 31.82 16.30 -31.94
C ILE E 69 33.19 16.09 -31.31
N VAL E 70 33.20 15.77 -30.00
CA VAL E 70 34.45 15.52 -29.31
C VAL E 70 35.19 14.33 -29.93
N ARG E 71 34.49 13.26 -30.28
CA ARG E 71 35.12 12.11 -30.90
C ARG E 71 35.77 12.49 -32.22
N ILE E 72 35.06 13.26 -33.05
CA ILE E 72 35.62 13.72 -34.32
C ILE E 72 36.88 14.56 -34.07
N ALA E 73 36.82 15.46 -33.09
CA ALA E 73 37.94 16.31 -32.80
C ALA E 73 39.17 15.51 -32.39
N ASN E 74 38.96 14.43 -31.61
CA ASN E 74 40.05 13.56 -31.22
C ASN E 74 40.65 12.89 -32.47
N GLU E 75 39.80 12.44 -33.39
CA GLU E 75 40.30 11.74 -34.57
C GLU E 75 41.16 12.65 -35.45
N TYR E 76 40.77 13.93 -35.56
CA TYR E 76 41.48 14.86 -36.44
C TYR E 76 42.52 15.74 -35.73
N GLY E 77 42.58 15.68 -34.39
CA GLY E 77 43.44 16.56 -33.61
C GLY E 77 43.01 18.02 -33.68
N ILE E 78 41.70 18.29 -33.70
CA ILE E 78 41.17 19.64 -33.76
C ILE E 78 40.86 20.12 -32.34
N PRO E 79 41.42 21.25 -31.87
CA PRO E 79 41.05 21.79 -30.57
C PRO E 79 39.64 22.38 -30.59
N LEU E 80 38.96 22.21 -29.46
CA LEU E 80 37.58 22.65 -29.25
C LEU E 80 37.52 23.62 -28.09
N HIS E 81 36.92 24.78 -28.32
CA HIS E 81 36.70 25.76 -27.24
C HIS E 81 35.20 25.79 -26.94
N PRO E 82 34.75 25.14 -25.84
CA PRO E 82 33.34 25.16 -25.49
C PRO E 82 32.92 26.46 -24.82
N VAL E 83 31.78 27.00 -25.29
CA VAL E 83 31.16 28.12 -24.65
C VAL E 83 29.67 27.79 -24.46
N SER E 84 29.02 28.61 -23.66
CA SER E 84 27.56 28.53 -23.48
C SER E 84 26.92 29.58 -24.39
N THR E 85 26.94 30.85 -23.97
CA THR E 85 26.46 31.95 -24.82
C THR E 85 27.61 32.75 -25.43
N GLY E 86 28.84 32.56 -24.95
CA GLY E 86 29.99 33.22 -25.58
C GLY E 86 30.02 34.75 -25.39
N LYS E 87 29.57 35.22 -24.23
CA LYS E 87 29.51 36.64 -23.91
C LYS E 87 30.52 37.01 -22.82
N ASN E 88 31.66 36.31 -22.79
CA ASN E 88 32.70 36.50 -21.77
C ASN E 88 33.53 37.74 -22.10
N ASN E 89 32.83 38.85 -22.33
CA ASN E 89 33.41 40.07 -22.79
C ASN E 89 34.17 40.73 -21.65
N GLY E 90 35.42 41.13 -21.94
CA GLY E 90 36.38 41.54 -20.93
C GLY E 90 37.46 40.50 -20.69
N TYR E 91 37.17 39.25 -21.10
CA TYR E 91 38.07 38.13 -20.89
C TYR E 91 38.26 37.34 -22.18
N GLY E 92 37.74 37.85 -23.32
CA GLY E 92 37.98 37.20 -24.61
C GLY E 92 36.73 36.95 -25.43
N GLY E 93 35.54 37.24 -24.89
CA GLY E 93 34.29 37.01 -25.61
C GLY E 93 34.09 35.52 -25.84
N ALA E 94 33.80 35.14 -27.08
CA ALA E 94 33.67 33.73 -27.43
C ALA E 94 34.96 33.17 -27.98
N ALA E 95 36.00 34.01 -28.11
CA ALA E 95 37.16 33.64 -28.90
C ALA E 95 38.05 32.64 -28.13
N PRO E 96 38.63 31.65 -28.83
CA PRO E 96 39.46 30.65 -28.16
C PRO E 96 40.83 31.21 -27.79
N ARG E 97 41.38 30.72 -26.66
CA ARG E 97 42.75 31.05 -26.32
C ARG E 97 43.68 30.65 -27.46
N LEU E 98 43.49 29.41 -27.97
CA LEU E 98 44.37 28.90 -29.02
C LEU E 98 43.73 29.19 -30.38
N SER E 99 44.41 30.02 -31.18
CA SER E 99 43.93 30.34 -32.52
C SER E 99 43.79 29.06 -33.35
N GLY E 100 42.71 29.01 -34.12
CA GLY E 100 42.45 27.87 -34.99
C GLY E 100 41.52 26.86 -34.35
N SER E 101 41.13 27.08 -33.08
CA SER E 101 40.20 26.20 -32.38
C SER E 101 38.81 26.39 -32.98
N VAL E 102 38.04 25.30 -32.91
CA VAL E 102 36.62 25.31 -33.21
C VAL E 102 35.85 25.67 -31.96
N ILE E 103 34.93 26.65 -32.07
CA ILE E 103 34.08 26.99 -30.95
C ILE E 103 32.90 26.02 -30.95
N VAL E 104 32.63 25.41 -29.79
CA VAL E 104 31.44 24.59 -29.65
C VAL E 104 30.43 25.40 -28.88
N LYS E 105 29.46 25.98 -29.60
CA LYS E 105 28.51 26.89 -28.99
C LYS E 105 27.32 26.10 -28.47
N THR E 106 27.44 25.61 -27.23
CA THR E 106 26.46 24.69 -26.68
C THR E 106 25.11 25.39 -26.53
N GLY E 107 25.12 26.70 -26.28
CA GLY E 107 23.94 27.41 -25.85
C GLY E 107 22.98 27.76 -26.99
N GLU E 108 23.46 27.70 -28.24
CA GLU E 108 22.62 28.07 -29.38
C GLU E 108 21.37 27.20 -29.41
N ARG E 109 21.53 25.87 -29.27
CA ARG E 109 20.40 24.96 -29.35
C ARG E 109 20.16 24.22 -28.03
N MET E 110 21.18 24.12 -27.15
CA MET E 110 20.98 23.51 -25.86
C MET E 110 20.60 24.63 -24.87
N ASN E 111 19.35 25.07 -24.95
CA ASN E 111 18.92 26.28 -24.29
C ASN E 111 17.65 26.09 -23.45
N ARG E 112 17.39 24.87 -22.99
CA ARG E 112 16.17 24.58 -22.24
C ARG E 112 16.37 24.78 -20.75
N ILE E 113 15.31 25.32 -20.12
CA ILE E 113 15.15 25.19 -18.68
C ILE E 113 14.56 23.81 -18.41
N LEU E 114 15.36 22.92 -17.81
CA LEU E 114 14.93 21.53 -17.63
C LEU E 114 14.00 21.38 -16.43
N GLU E 115 14.23 22.14 -15.36
CA GLU E 115 13.40 22.10 -14.18
C GLU E 115 13.65 23.35 -13.36
N VAL E 116 12.55 23.94 -12.83
CA VAL E 116 12.65 24.87 -11.73
C VAL E 116 11.80 24.32 -10.60
N ASN E 117 12.43 24.03 -9.46
CA ASN E 117 11.77 23.41 -8.33
C ASN E 117 11.47 24.48 -7.29
N GLU E 118 10.17 24.77 -7.09
CA GLU E 118 9.75 25.86 -6.21
C GLU E 118 9.97 25.52 -4.74
N LYS E 119 9.68 24.26 -4.40
CA LYS E 119 9.70 23.84 -3.01
C LYS E 119 11.12 23.80 -2.44
N TYR E 120 12.05 23.21 -3.18
CA TYR E 120 13.43 23.10 -2.71
C TYR E 120 14.30 24.28 -3.16
N GLY E 121 13.86 25.04 -4.19
CA GLY E 121 14.57 26.24 -4.61
C GLY E 121 15.80 25.93 -5.45
N TYR E 122 15.58 25.42 -6.67
CA TYR E 122 16.69 25.21 -7.58
C TYR E 122 16.23 25.24 -9.03
N ALA E 123 17.20 25.35 -9.93
CA ALA E 123 16.97 25.15 -11.35
C ALA E 123 17.97 24.16 -11.90
N LEU E 124 17.52 23.35 -12.89
CA LEU E 124 18.41 22.54 -13.69
C LEU E 124 18.35 23.08 -15.12
N LEU E 125 19.53 23.45 -15.65
CA LEU E 125 19.60 24.29 -16.85
C LEU E 125 20.55 23.69 -17.89
N GLU E 126 20.19 23.91 -19.16
CA GLU E 126 21.17 23.80 -20.22
C GLU E 126 21.94 25.12 -20.42
N PRO E 127 23.09 25.09 -21.12
CA PRO E 127 23.96 26.25 -21.20
C PRO E 127 23.38 27.50 -21.86
N GLY E 128 22.39 27.36 -22.74
CA GLY E 128 21.84 28.47 -23.49
C GLY E 128 20.82 29.31 -22.71
N VAL E 129 20.51 28.94 -21.47
CA VAL E 129 19.57 29.71 -20.66
C VAL E 129 20.26 30.97 -20.17
N THR E 130 19.82 32.15 -20.66
CA THR E 130 20.36 33.40 -20.18
C THR E 130 19.70 33.82 -18.88
N TYR E 131 20.28 34.84 -18.22
CA TYR E 131 19.63 35.39 -17.03
C TYR E 131 18.26 35.97 -17.42
N PHE E 132 18.17 36.63 -18.58
CA PHE E 132 16.88 37.14 -19.03
C PHE E 132 15.87 35.99 -19.20
N ASP E 133 16.32 34.87 -19.78
CA ASP E 133 15.46 33.71 -19.98
C ASP E 133 14.93 33.16 -18.65
N LEU E 134 15.81 33.01 -17.67
CA LEU E 134 15.41 32.44 -16.39
C LEU E 134 14.48 33.40 -15.66
N TYR E 135 14.78 34.70 -15.73
CA TYR E 135 13.93 35.70 -15.12
C TYR E 135 12.51 35.67 -15.71
N GLU E 136 12.43 35.57 -17.05
CA GLU E 136 11.13 35.49 -17.74
C GLU E 136 10.37 34.27 -17.25
N TYR E 137 11.05 33.13 -17.09
CA TYR E 137 10.42 31.93 -16.59
C TYR E 137 9.86 32.17 -15.18
N LEU E 138 10.70 32.72 -14.30
CA LEU E 138 10.29 32.93 -12.91
C LEU E 138 9.08 33.85 -12.85
N GLN E 139 9.13 34.95 -13.62
CA GLN E 139 8.05 35.93 -13.59
C GLN E 139 6.75 35.33 -14.15
N SER E 140 6.85 34.58 -15.24
CA SER E 140 5.66 34.08 -15.92
C SER E 140 5.01 32.94 -15.13
N HIS E 141 5.76 32.28 -14.24
CA HIS E 141 5.24 31.21 -13.40
C HIS E 141 4.90 31.72 -12.00
N ASP E 142 4.97 33.03 -11.75
CA ASP E 142 4.69 33.62 -10.44
C ASP E 142 5.52 32.94 -9.35
N SER E 143 6.80 32.71 -9.65
CA SER E 143 7.71 32.06 -8.72
C SER E 143 7.94 32.93 -7.48
N GLY E 144 8.18 32.27 -6.35
CA GLY E 144 8.66 32.94 -5.15
C GLY E 144 10.19 32.96 -5.07
N LEU E 145 10.87 32.50 -6.13
CA LEU E 145 12.34 32.49 -6.17
C LEU E 145 12.88 33.69 -6.91
N MET E 146 14.19 33.96 -6.74
CA MET E 146 14.87 34.99 -7.49
C MET E 146 16.22 34.43 -7.92
N LEU E 147 16.74 34.95 -9.03
CA LEU E 147 18.06 34.56 -9.50
C LEU E 147 19.09 35.54 -8.96
N ASP E 148 20.35 35.21 -9.22
CA ASP E 148 21.48 36.09 -8.92
C ASP E 148 22.23 36.32 -10.23
N CYS E 149 22.27 37.57 -10.71
CA CYS E 149 22.82 37.89 -12.00
C CYS E 149 24.07 38.75 -11.88
N PRO E 150 24.97 38.62 -12.88
CA PRO E 150 26.02 39.60 -13.04
C PRO E 150 25.45 40.92 -13.55
N ASP E 151 26.32 41.90 -13.84
CA ASP E 151 25.86 43.20 -14.29
C ASP E 151 25.06 43.14 -15.58
N LEU E 152 25.42 42.21 -16.49
CA LEU E 152 24.73 42.14 -17.78
C LEU E 152 23.91 40.84 -17.87
N GLY E 153 22.64 40.94 -18.26
CA GLY E 153 21.75 39.81 -18.17
C GLY E 153 21.81 38.86 -19.38
N TRP E 154 22.61 39.18 -20.38
CA TRP E 154 22.57 38.43 -21.64
C TRP E 154 23.49 37.21 -21.63
N GLY E 155 24.27 37.06 -20.56
CA GLY E 155 25.09 35.86 -20.40
C GLY E 155 24.29 34.67 -19.91
N SER E 156 25.02 33.58 -19.72
CA SER E 156 24.50 32.26 -19.40
C SER E 156 24.62 31.99 -17.89
N VAL E 157 23.55 31.48 -17.30
CA VAL E 157 23.61 31.10 -15.91
C VAL E 157 24.73 30.06 -15.73
N VAL E 158 24.83 29.13 -16.68
CA VAL E 158 25.84 28.08 -16.68
C VAL E 158 27.23 28.62 -17.01
N GLY E 159 27.36 29.28 -18.18
CA GLY E 159 28.67 29.72 -18.65
C GLY E 159 29.34 30.65 -17.63
N ASN E 160 28.57 31.57 -17.06
CA ASN E 160 29.09 32.48 -16.07
C ASN E 160 29.68 31.70 -14.91
N THR E 161 28.92 30.73 -14.40
CA THR E 161 29.34 29.93 -13.27
C THR E 161 30.64 29.20 -13.63
N LEU E 162 30.73 28.70 -14.86
CA LEU E 162 31.88 27.90 -15.24
C LEU E 162 33.17 28.74 -15.36
N ASP E 163 33.09 30.08 -15.41
CA ASP E 163 34.27 30.91 -15.30
C ASP E 163 34.40 31.52 -13.89
N ARG E 164 33.63 31.00 -12.94
CA ARG E 164 33.54 31.49 -11.56
C ARG E 164 33.17 32.96 -11.54
N GLY E 165 32.18 33.30 -12.38
CA GLY E 165 31.52 34.59 -12.35
C GLY E 165 30.71 34.80 -11.08
N VAL E 166 30.30 36.05 -10.87
CA VAL E 166 29.70 36.50 -9.63
C VAL E 166 28.56 37.49 -9.88
N GLY E 167 27.67 37.52 -8.89
CA GLY E 167 26.62 38.53 -8.78
C GLY E 167 26.65 39.14 -7.38
N TYR E 168 25.54 39.76 -6.97
CA TYR E 168 25.59 40.73 -5.87
C TYR E 168 24.46 40.52 -4.86
N THR E 169 23.63 39.49 -5.02
CA THR E 169 22.65 39.15 -4.00
C THR E 169 23.37 38.29 -2.95
N PRO E 170 22.68 37.83 -1.89
CA PRO E 170 23.30 36.88 -0.96
C PRO E 170 23.79 35.60 -1.62
N TYR E 171 23.27 35.29 -2.82
CA TYR E 171 23.68 34.11 -3.59
C TYR E 171 24.70 34.49 -4.67
N GLY E 172 25.50 35.53 -4.41
CA GLY E 172 26.41 36.09 -5.41
C GLY E 172 27.58 35.20 -5.81
N ASP E 173 27.95 34.23 -4.97
CA ASP E 173 29.00 33.27 -5.32
C ASP E 173 28.36 32.14 -6.13
N HIS E 174 28.37 32.28 -7.46
CA HIS E 174 27.72 31.34 -8.34
C HIS E 174 28.16 29.91 -8.11
N PHE E 175 29.48 29.69 -8.11
CA PHE E 175 30.02 28.34 -7.95
C PHE E 175 29.56 27.71 -6.64
N MET E 176 29.46 28.49 -5.57
CA MET E 176 29.03 27.98 -4.30
C MET E 176 27.63 27.35 -4.42
N TRP E 177 26.76 27.97 -5.21
CA TRP E 177 25.38 27.52 -5.27
C TRP E 177 25.14 26.54 -6.42
N GLN E 178 26.14 26.35 -7.28
CA GLN E 178 26.07 25.34 -8.31
C GLN E 178 25.97 23.99 -7.60
N THR E 179 25.04 23.16 -8.07
CA THR E 179 24.75 21.87 -7.46
C THR E 179 24.43 20.88 -8.57
N GLY E 180 25.42 20.02 -8.88
CA GLY E 180 25.31 19.01 -9.91
C GLY E 180 25.67 19.55 -11.30
N LEU E 181 26.38 18.72 -12.09
CA LEU E 181 26.54 19.00 -13.49
C LEU E 181 26.69 17.70 -14.27
N GLU E 182 26.41 17.81 -15.56
CA GLU E 182 26.70 16.77 -16.54
C GLU E 182 27.75 17.31 -17.51
N VAL E 183 28.75 16.49 -17.79
CA VAL E 183 29.92 16.90 -18.56
C VAL E 183 30.36 15.80 -19.50
N VAL E 184 30.71 16.22 -20.72
CA VAL E 184 31.35 15.35 -21.68
C VAL E 184 32.85 15.54 -21.51
N LEU E 185 33.52 14.44 -21.15
CA LEU E 185 34.96 14.47 -20.89
C LEU E 185 35.73 14.45 -22.20
N PRO E 186 37.07 14.69 -22.17
CA PRO E 186 37.78 15.08 -23.38
C PRO E 186 37.87 14.05 -24.49
N GLN E 187 37.57 12.77 -24.19
CA GLN E 187 37.53 11.75 -25.23
C GLN E 187 36.11 11.33 -25.56
N GLY E 188 35.13 12.04 -25.01
CA GLY E 188 33.75 11.88 -25.46
C GLY E 188 32.86 11.11 -24.48
N GLU E 189 33.40 10.66 -23.34
CA GLU E 189 32.58 9.97 -22.36
C GLU E 189 31.75 10.98 -21.56
N VAL E 190 30.56 10.57 -21.09
CA VAL E 190 29.68 11.48 -20.38
C VAL E 190 29.57 11.04 -18.91
N MET E 191 29.54 12.05 -18.01
CA MET E 191 29.56 11.81 -16.58
C MET E 191 28.67 12.83 -15.89
N ARG E 192 27.97 12.39 -14.83
CA ARG E 192 27.26 13.28 -13.93
C ARG E 192 27.94 13.34 -12.58
N THR E 193 28.01 14.54 -12.01
CA THR E 193 28.62 14.70 -10.69
C THR E 193 27.58 14.56 -9.58
N GLY E 194 28.09 14.36 -8.37
CA GLY E 194 27.31 14.46 -7.15
C GLY E 194 26.25 13.34 -7.09
N MET E 195 25.04 13.72 -6.69
CA MET E 195 23.96 12.77 -6.57
C MET E 195 23.42 12.42 -7.95
N GLY E 196 23.83 13.15 -9.00
CA GLY E 196 23.48 12.78 -10.36
C GLY E 196 24.10 11.45 -10.79
N ALA E 197 25.18 11.05 -10.12
CA ALA E 197 25.84 9.79 -10.43
C ALA E 197 25.09 8.60 -9.83
N LEU E 198 24.10 8.87 -8.93
CA LEU E 198 23.26 7.84 -8.33
C LEU E 198 21.96 7.79 -9.11
N PRO E 199 21.75 6.82 -10.01
CA PRO E 199 20.58 6.83 -10.88
C PRO E 199 19.29 6.92 -10.08
N GLY E 200 18.42 7.86 -10.48
CA GLY E 200 17.11 7.98 -9.88
C GLY E 200 17.10 8.86 -8.63
N SER E 201 18.25 9.38 -8.21
CA SER E 201 18.28 10.30 -7.06
C SER E 201 17.56 11.59 -7.43
N ASP E 202 16.75 12.08 -6.48
CA ASP E 202 16.11 13.38 -6.56
C ASP E 202 16.96 14.48 -5.96
N ALA E 203 18.22 14.19 -5.63
CA ALA E 203 19.03 15.10 -4.86
C ALA E 203 20.19 15.69 -5.68
N TRP E 204 20.15 15.55 -7.01
CA TRP E 204 21.19 16.13 -7.85
C TRP E 204 21.37 17.62 -7.59
N GLN E 205 20.24 18.35 -7.43
CA GLN E 205 20.30 19.80 -7.17
C GLN E 205 20.15 20.16 -5.70
N LEU E 206 20.23 19.17 -4.81
CA LEU E 206 20.04 19.36 -3.37
C LEU E 206 21.34 19.22 -2.57
N PHE E 207 22.20 18.29 -2.99
CA PHE E 207 23.40 18.00 -2.22
C PHE E 207 24.58 17.96 -3.18
N PRO E 208 25.53 18.93 -3.11
CA PRO E 208 26.52 19.06 -4.16
C PRO E 208 27.59 17.97 -4.20
N TYR E 209 27.92 17.38 -3.05
CA TYR E 209 29.18 16.64 -2.96
C TYR E 209 29.10 15.21 -3.50
N GLY E 210 27.96 14.54 -3.32
CA GLY E 210 27.87 13.10 -3.62
C GLY E 210 28.78 12.30 -2.66
N PHE E 211 29.50 11.33 -3.21
CA PHE E 211 30.37 10.43 -2.47
C PHE E 211 31.76 10.42 -3.10
N GLY E 212 32.80 10.36 -2.28
CA GLY E 212 34.16 10.33 -2.76
C GLY E 212 34.68 11.74 -3.11
N PRO E 213 35.81 11.84 -3.83
CA PRO E 213 36.40 13.15 -4.11
C PRO E 213 35.42 14.05 -4.86
N PHE E 214 35.37 15.32 -4.46
CA PHE E 214 34.42 16.29 -5.00
C PHE E 214 35.02 17.00 -6.21
N PRO E 215 34.53 16.72 -7.45
CA PRO E 215 35.20 17.15 -8.66
C PRO E 215 34.67 18.42 -9.32
N ASP E 216 33.50 18.94 -8.93
CA ASP E 216 32.85 19.97 -9.75
C ASP E 216 33.72 21.19 -9.96
N GLY E 217 34.51 21.58 -8.95
CA GLY E 217 35.35 22.77 -9.08
C GLY E 217 36.43 22.61 -10.16
N MET E 218 36.75 21.35 -10.50
CA MET E 218 37.76 21.07 -11.51
C MET E 218 37.24 21.36 -12.93
N PHE E 219 35.93 21.62 -13.07
CA PHE E 219 35.32 21.99 -14.33
C PHE E 219 35.06 23.50 -14.42
N THR E 220 35.54 24.28 -13.44
CA THR E 220 35.43 25.73 -13.53
C THR E 220 36.82 26.30 -13.87
N GLN E 221 36.79 27.35 -14.72
CA GLN E 221 38.00 27.93 -15.30
C GLN E 221 38.90 26.81 -15.80
N SER E 222 38.32 25.90 -16.58
CA SER E 222 38.93 24.60 -16.81
C SER E 222 38.89 24.22 -18.29
N ASN E 223 39.69 23.23 -18.66
CA ASN E 223 39.60 22.64 -19.98
C ASN E 223 39.49 21.12 -19.88
N LEU E 224 38.69 20.64 -18.92
CA LEU E 224 38.58 19.20 -18.69
C LEU E 224 37.28 18.61 -19.24
N GLY E 225 36.45 19.43 -19.90
CA GLY E 225 35.24 18.86 -20.49
C GLY E 225 34.33 19.93 -21.09
N ILE E 226 33.21 19.45 -21.66
CA ILE E 226 32.17 20.29 -22.18
C ILE E 226 30.90 20.01 -21.36
N VAL E 227 30.50 21.00 -20.57
CA VAL E 227 29.36 20.87 -19.70
C VAL E 227 28.08 21.00 -20.51
N THR E 228 27.12 20.08 -20.26
CA THR E 228 25.87 20.02 -21.01
C THR E 228 24.65 20.30 -20.14
N LYS E 229 24.77 20.17 -18.82
CA LYS E 229 23.69 20.50 -17.88
C LYS E 229 24.33 20.97 -16.59
N MET E 230 23.65 21.85 -15.86
CA MET E 230 24.16 22.32 -14.59
C MET E 230 22.98 22.73 -13.72
N GLY E 231 23.04 22.38 -12.44
CA GLY E 231 22.05 22.82 -11.49
C GLY E 231 22.56 24.00 -10.66
N ILE E 232 21.61 24.80 -10.16
CA ILE E 232 21.97 25.90 -9.28
C ILE E 232 20.84 26.13 -8.29
N ALA E 233 21.21 26.36 -7.02
CA ALA E 233 20.24 26.75 -6.03
C ALA E 233 19.73 28.17 -6.30
N LEU E 234 18.44 28.40 -5.96
CA LEU E 234 17.80 29.71 -6.09
C LEU E 234 17.23 30.13 -4.74
N MET E 235 17.52 31.38 -4.36
CA MET E 235 17.07 31.93 -3.09
C MET E 235 15.59 32.34 -3.19
N GLN E 236 14.87 32.24 -2.08
CA GLN E 236 13.51 32.80 -2.03
C GLN E 236 13.60 34.33 -2.00
N ARG E 237 12.70 34.98 -2.77
CA ARG E 237 12.67 36.43 -2.80
C ARG E 237 12.18 36.95 -1.44
N PRO E 238 12.90 37.87 -0.78
CA PRO E 238 12.44 38.47 0.47
C PRO E 238 11.17 39.30 0.29
N PRO E 239 10.47 39.62 1.39
CA PRO E 239 9.20 40.34 1.27
C PRO E 239 9.35 41.80 0.81
N ALA E 240 10.53 42.40 1.04
CA ALA E 240 10.78 43.77 0.63
C ALA E 240 12.29 43.98 0.48
N SER E 241 12.68 45.07 -0.19
CA SER E 241 14.08 45.43 -0.30
C SER E 241 14.22 46.94 -0.45
N GLN E 242 15.40 47.45 -0.12
CA GLN E 242 15.71 48.86 -0.28
C GLN E 242 17.19 48.96 -0.65
N SER E 243 17.49 49.79 -1.66
CA SER E 243 18.88 49.97 -2.04
C SER E 243 19.31 51.38 -1.61
N PHE E 244 20.63 51.57 -1.47
CA PHE E 244 21.13 52.86 -1.05
C PHE E 244 22.50 53.11 -1.68
N LEU E 245 22.82 54.41 -1.77
CA LEU E 245 24.10 54.94 -2.20
C LEU E 245 24.69 55.78 -1.06
N ILE E 246 25.98 55.62 -0.82
CA ILE E 246 26.72 56.51 0.04
C ILE E 246 27.82 57.13 -0.80
N THR E 247 27.83 58.46 -0.91
CA THR E 247 28.89 59.17 -1.61
C THR E 247 29.95 59.62 -0.58
N PHE E 248 31.22 59.41 -0.93
CA PHE E 248 32.37 59.84 -0.15
C PHE E 248 33.23 60.77 -1.01
N ASP E 249 33.55 61.95 -0.48
CA ASP E 249 34.08 63.02 -1.31
C ASP E 249 35.56 62.84 -1.65
N LYS E 250 36.35 62.21 -0.76
CA LYS E 250 37.80 62.26 -0.92
C LYS E 250 38.37 60.92 -1.38
N GLU E 251 39.37 60.97 -2.26
CA GLU E 251 40.13 59.80 -2.68
C GLU E 251 40.61 59.00 -1.48
N GLU E 252 41.10 59.70 -0.43
CA GLU E 252 41.75 59.02 0.69
C GLU E 252 40.73 58.40 1.63
N ASP E 253 39.43 58.65 1.42
CA ASP E 253 38.40 58.04 2.25
C ASP E 253 38.38 56.51 2.09
N LEU E 254 38.95 55.98 1.00
CA LEU E 254 38.92 54.54 0.74
C LEU E 254 39.36 53.74 1.97
N GLU E 255 40.42 54.19 2.64
CA GLU E 255 40.97 53.47 3.77
C GLU E 255 39.91 53.25 4.84
N GLN E 256 39.22 54.33 5.21
CA GLN E 256 38.21 54.26 6.25
C GLN E 256 36.99 53.47 5.79
N ILE E 257 36.60 53.63 4.52
CA ILE E 257 35.43 52.98 3.98
C ILE E 257 35.61 51.46 4.09
N VAL E 258 36.76 50.95 3.64
CA VAL E 258 37.00 49.51 3.67
C VAL E 258 37.04 49.01 5.12
N ASP E 259 37.66 49.77 6.03
CA ASP E 259 37.78 49.33 7.41
C ASP E 259 36.42 49.28 8.12
N ILE E 260 35.45 50.06 7.66
CA ILE E 260 34.06 49.97 8.13
C ILE E 260 33.30 48.90 7.40
N MET E 261 33.49 48.75 6.08
CA MET E 261 32.80 47.74 5.29
C MET E 261 32.97 46.33 5.91
N LEU E 262 34.20 45.95 6.24
CA LEU E 262 34.46 44.57 6.68
C LEU E 262 33.62 44.17 7.88
N PRO E 263 33.67 44.85 9.04
CA PRO E 263 32.88 44.44 10.19
C PRO E 263 31.36 44.46 10.00
N LEU E 264 30.86 45.28 9.05
CA LEU E 264 29.45 45.32 8.76
C LEU E 264 29.04 44.18 7.83
N ARG E 265 30.02 43.52 7.19
CA ARG E 265 29.72 42.47 6.21
C ARG E 265 30.01 41.06 6.74
N ILE E 266 31.02 40.89 7.59
CA ILE E 266 31.58 39.55 7.84
C ILE E 266 30.56 38.59 8.45
N ASN E 267 29.59 39.12 9.21
CA ASN E 267 28.52 38.32 9.80
C ASN E 267 27.24 38.33 8.93
N MET E 268 27.32 38.88 7.72
CA MET E 268 26.25 38.92 6.72
C MET E 268 25.12 39.85 7.15
N ALA E 269 25.41 40.73 8.10
CA ALA E 269 24.47 41.75 8.55
C ALA E 269 25.21 42.82 9.32
N PRO E 270 24.90 44.13 9.19
CA PRO E 270 23.77 44.64 8.42
C PRO E 270 23.94 44.67 6.90
N LEU E 271 25.17 44.43 6.41
CA LEU E 271 25.39 44.38 4.96
C LEU E 271 25.05 42.97 4.47
N GLN E 272 23.81 42.82 4.01
CA GLN E 272 23.28 41.52 3.63
C GLN E 272 23.64 41.13 2.20
N ASN E 273 23.90 42.10 1.33
CA ASN E 273 24.28 41.80 -0.04
C ASN E 273 25.78 42.02 -0.21
N VAL E 274 26.28 41.79 -1.42
CA VAL E 274 27.68 42.02 -1.73
C VAL E 274 27.92 43.53 -1.76
N PRO E 275 28.75 44.08 -0.84
CA PRO E 275 29.04 45.51 -0.88
C PRO E 275 29.91 45.89 -2.07
N VAL E 276 29.53 46.97 -2.78
CA VAL E 276 30.34 47.43 -3.88
C VAL E 276 30.67 48.90 -3.68
N LEU E 277 31.94 49.23 -3.92
CA LEU E 277 32.42 50.60 -3.84
C LEU E 277 33.00 50.96 -5.20
N ARG E 278 32.39 51.93 -5.89
CA ARG E 278 32.76 52.27 -7.26
C ARG E 278 33.30 53.69 -7.29
N ASN E 279 34.39 53.92 -8.04
CA ASN E 279 34.91 55.28 -8.09
C ASN E 279 34.16 56.13 -9.10
N ILE E 280 34.45 57.43 -9.09
CA ILE E 280 33.73 58.39 -9.91
C ILE E 280 33.89 58.09 -11.39
N PHE E 281 35.05 57.61 -11.82
CA PHE E 281 35.25 57.27 -13.23
C PHE E 281 34.29 56.16 -13.64
N MET E 282 34.15 55.14 -12.79
N MET E 282 34.15 55.14 -12.79
CA MET E 282 33.29 54.02 -13.12
CA MET E 282 33.29 54.02 -13.12
C MET E 282 31.82 54.47 -13.24
C MET E 282 31.82 54.46 -13.23
N ASP E 283 31.37 55.29 -12.29
CA ASP E 283 29.98 55.76 -12.28
C ASP E 283 29.73 56.78 -13.39
N ALA E 284 30.70 57.65 -13.68
CA ALA E 284 30.57 58.59 -14.77
C ALA E 284 30.45 57.85 -16.10
N ALA E 285 31.23 56.79 -16.28
CA ALA E 285 31.25 56.08 -17.56
C ALA E 285 29.91 55.43 -17.86
N ALA E 286 29.16 55.10 -16.79
CA ALA E 286 27.86 54.49 -16.97
C ALA E 286 26.84 55.46 -17.57
N VAL E 287 27.11 56.77 -17.51
CA VAL E 287 26.10 57.77 -17.84
C VAL E 287 26.61 58.85 -18.78
N SER E 288 27.89 58.82 -19.17
CA SER E 288 28.50 59.94 -19.89
C SER E 288 29.73 59.46 -20.66
N LYS E 289 30.19 60.28 -21.62
CA LYS E 289 31.43 60.04 -22.33
C LYS E 289 32.58 60.80 -21.72
N ARG E 290 33.81 60.27 -21.88
CA ARG E 290 35.00 60.86 -21.26
C ARG E 290 35.15 62.31 -21.69
N THR E 291 34.88 62.58 -22.97
CA THR E 291 35.03 63.90 -23.56
C THR E 291 34.09 64.94 -22.97
N GLU E 292 33.00 64.54 -22.32
CA GLU E 292 32.16 65.50 -21.60
C GLU E 292 32.99 66.23 -20.55
N TRP E 293 33.99 65.54 -19.99
CA TRP E 293 34.73 66.00 -18.83
C TRP E 293 36.13 66.47 -19.20
N PHE E 294 36.74 65.80 -20.17
CA PHE E 294 38.09 66.13 -20.59
C PHE E 294 38.31 65.63 -22.02
N ASP E 295 38.79 66.53 -22.88
CA ASP E 295 38.98 66.15 -24.27
C ASP E 295 40.45 66.37 -24.68
N GLY E 296 41.33 66.43 -23.69
CA GLY E 296 42.74 66.65 -23.95
C GLY E 296 43.55 65.36 -23.98
N ASP E 297 44.87 65.51 -23.89
CA ASP E 297 45.78 64.39 -23.89
C ASP E 297 46.14 64.06 -22.46
N GLY E 298 46.37 62.78 -22.21
CA GLY E 298 46.90 62.36 -20.93
C GLY E 298 45.80 62.00 -19.93
N PRO E 299 46.24 61.70 -18.69
CA PRO E 299 45.31 61.44 -17.60
C PRO E 299 44.34 62.60 -17.36
N MET E 300 43.16 62.28 -16.84
CA MET E 300 42.22 63.35 -16.55
C MET E 300 42.77 64.21 -15.42
N PRO E 301 42.78 65.56 -15.55
CA PRO E 301 43.26 66.42 -14.49
C PRO E 301 42.30 66.53 -13.32
N ALA E 302 42.83 66.98 -12.18
CA ALA E 302 42.07 67.11 -10.96
C ALA E 302 40.79 67.93 -11.17
N GLU E 303 40.87 69.00 -11.97
CA GLU E 303 39.75 69.91 -12.15
C GLU E 303 38.62 69.21 -12.87
N ALA E 304 38.95 68.32 -13.82
CA ALA E 304 37.93 67.58 -14.54
C ALA E 304 37.25 66.54 -13.63
N ILE E 305 38.04 65.91 -12.73
CA ILE E 305 37.47 64.95 -11.80
C ILE E 305 36.49 65.69 -10.86
N GLU E 306 36.87 66.88 -10.39
CA GLU E 306 35.95 67.65 -9.56
C GLU E 306 34.66 67.98 -10.29
N ARG E 307 34.76 68.28 -11.59
CA ARG E 307 33.58 68.59 -12.39
C ARG E 307 32.66 67.37 -12.52
N MET E 308 33.24 66.16 -12.73
CA MET E 308 32.44 64.96 -12.76
C MET E 308 31.64 64.80 -11.46
N LYS E 309 32.34 64.93 -10.32
CA LYS E 309 31.69 64.79 -9.03
C LYS E 309 30.56 65.80 -8.86
N LYS E 310 30.83 67.08 -9.20
CA LYS E 310 29.83 68.11 -8.95
C LYS E 310 28.63 67.96 -9.89
N ASP E 311 28.88 67.71 -11.17
CA ASP E 311 27.80 67.63 -12.13
C ASP E 311 26.93 66.39 -11.90
N LEU E 312 27.54 65.27 -11.46
CA LEU E 312 26.79 64.05 -11.20
C LEU E 312 26.31 63.94 -9.75
N ASP E 313 26.75 64.88 -8.89
CA ASP E 313 26.41 64.84 -7.47
C ASP E 313 26.83 63.48 -6.88
N LEU E 314 28.07 63.08 -7.18
CA LEU E 314 28.64 61.85 -6.65
C LEU E 314 29.97 62.16 -5.97
N GLY E 315 30.45 61.16 -5.22
CA GLY E 315 31.74 61.27 -4.56
C GLY E 315 32.85 60.68 -5.44
N PHE E 316 34.10 60.75 -4.96
CA PHE E 316 35.16 60.00 -5.57
C PHE E 316 34.92 58.50 -5.42
N TRP E 317 34.39 58.11 -4.26
CA TRP E 317 34.02 56.74 -3.97
C TRP E 317 32.53 56.67 -3.66
N ASN E 318 31.84 55.71 -4.29
CA ASN E 318 30.39 55.60 -4.19
C ASN E 318 30.02 54.17 -3.79
N PHE E 319 29.45 54.04 -2.59
CA PHE E 319 29.10 52.74 -2.04
C PHE E 319 27.64 52.41 -2.38
N TYR E 320 27.40 51.18 -2.85
CA TYR E 320 26.07 50.72 -3.18
C TYR E 320 25.76 49.43 -2.42
N GLY E 321 24.59 49.40 -1.78
CA GLY E 321 24.16 48.22 -1.06
C GLY E 321 22.64 48.04 -1.18
N THR E 322 22.20 46.83 -0.85
CA THR E 322 20.78 46.52 -0.82
C THR E 322 20.48 45.75 0.46
N LEU E 323 19.32 46.07 1.04
CA LEU E 323 18.83 45.43 2.25
C LEU E 323 17.56 44.67 1.92
N TYR E 324 17.33 43.59 2.67
CA TYR E 324 16.20 42.73 2.40
C TYR E 324 15.51 42.33 3.69
N GLY E 325 14.19 42.18 3.63
CA GLY E 325 13.44 41.63 4.72
C GLY E 325 12.20 42.46 5.00
N PRO E 326 11.53 42.19 6.13
CA PRO E 326 10.44 43.04 6.56
C PRO E 326 10.91 44.48 6.75
N PRO E 327 10.06 45.49 6.49
CA PRO E 327 10.42 46.89 6.69
C PRO E 327 11.16 47.19 7.99
N PRO E 328 10.75 46.69 9.18
CA PRO E 328 11.49 46.98 10.41
C PRO E 328 12.94 46.51 10.42
N LEU E 329 13.21 45.38 9.77
CA LEU E 329 14.57 44.86 9.68
C LEU E 329 15.41 45.78 8.80
N ILE E 330 14.87 46.15 7.63
CA ILE E 330 15.54 47.06 6.72
C ILE E 330 15.85 48.38 7.45
N GLU E 331 14.88 48.92 8.19
CA GLU E 331 15.07 50.17 8.90
C GLU E 331 16.21 50.06 9.91
N MET E 332 16.24 48.98 10.68
CA MET E 332 17.27 48.77 11.68
C MET E 332 18.64 48.69 11.03
N TYR E 333 18.78 47.89 9.98
CA TYR E 333 20.07 47.71 9.32
C TYR E 333 20.53 49.02 8.69
N TYR E 334 19.62 49.76 8.04
CA TYR E 334 19.97 51.01 7.40
C TYR E 334 20.47 52.00 8.45
N GLY E 335 19.80 52.03 9.61
CA GLY E 335 20.23 52.89 10.70
C GLY E 335 21.66 52.57 11.16
N MET E 336 21.99 51.27 11.26
CA MET E 336 23.33 50.84 11.65
C MET E 336 24.36 51.29 10.61
N ILE E 337 24.03 51.12 9.34
CA ILE E 337 24.92 51.48 8.24
C ILE E 337 25.19 52.99 8.22
N LYS E 338 24.13 53.78 8.40
CA LYS E 338 24.28 55.22 8.43
C LYS E 338 25.14 55.67 9.62
N GLU E 339 24.94 55.04 10.77
CA GLU E 339 25.69 55.38 11.97
C GLU E 339 27.18 55.10 11.76
N ALA E 340 27.49 53.97 11.11
CA ALA E 340 28.88 53.54 10.98
C ALA E 340 29.59 54.38 9.91
N PHE E 341 29.03 54.47 8.71
CA PHE E 341 29.70 55.19 7.63
C PHE E 341 29.63 56.70 7.83
N GLY E 342 28.63 57.15 8.59
CA GLY E 342 28.49 58.57 8.92
C GLY E 342 29.63 59.11 9.76
N LYS E 343 30.53 58.25 10.26
CA LYS E 343 31.72 58.71 10.97
C LYS E 343 32.75 59.28 10.00
N ILE E 344 32.60 59.04 8.68
CA ILE E 344 33.53 59.59 7.71
C ILE E 344 33.02 60.98 7.31
N PRO E 345 33.78 62.06 7.58
CA PRO E 345 33.33 63.40 7.19
C PRO E 345 33.01 63.48 5.69
N GLY E 346 31.85 64.08 5.38
CA GLY E 346 31.51 64.33 3.99
C GLY E 346 30.65 63.24 3.36
N ALA E 347 30.42 62.13 4.07
CA ALA E 347 29.55 61.07 3.59
C ALA E 347 28.11 61.59 3.44
N ARG E 348 27.45 61.21 2.34
CA ARG E 348 26.04 61.52 2.15
C ARG E 348 25.31 60.25 1.71
N PHE E 349 24.06 60.12 2.15
CA PHE E 349 23.26 58.92 1.96
C PHE E 349 22.04 59.20 1.09
N PHE E 350 21.73 58.24 0.19
CA PHE E 350 20.56 58.31 -0.66
C PHE E 350 19.94 56.92 -0.81
N THR E 351 18.61 56.81 -0.67
CA THR E 351 17.94 55.55 -0.98
C THR E 351 17.55 55.55 -2.45
N HIS E 352 17.11 54.39 -2.95
CA HIS E 352 16.78 54.26 -4.36
C HIS E 352 15.54 55.07 -4.68
N GLU E 353 14.82 55.55 -3.65
CA GLU E 353 13.69 56.44 -3.87
C GLU E 353 14.11 57.91 -3.94
N GLU E 354 15.38 58.26 -3.72
CA GLU E 354 15.74 59.66 -3.51
C GLU E 354 16.67 60.22 -4.59
N ARG E 355 16.91 59.47 -5.66
CA ARG E 355 17.79 59.94 -6.74
C ARG E 355 17.21 59.57 -8.11
N ASP E 356 16.61 60.55 -8.79
CA ASP E 356 16.10 60.32 -10.14
C ASP E 356 16.94 61.06 -11.19
N ASP E 357 18.13 61.53 -10.81
CA ASP E 357 18.96 62.35 -11.67
C ASP E 357 19.92 61.44 -12.43
N ARG E 358 20.70 62.03 -13.34
CA ARG E 358 21.64 61.27 -14.15
C ARG E 358 22.61 60.51 -13.25
N GLY E 359 23.11 61.17 -12.22
CA GLY E 359 24.11 60.56 -11.33
C GLY E 359 23.54 59.37 -10.58
N GLY E 360 22.20 59.34 -10.38
CA GLY E 360 21.53 58.25 -9.70
C GLY E 360 21.24 57.04 -10.60
N HIS E 361 21.63 57.10 -11.87
CA HIS E 361 21.34 56.00 -12.79
C HIS E 361 22.00 54.69 -12.34
N VAL E 362 23.22 54.79 -11.80
CA VAL E 362 23.90 53.60 -11.33
C VAL E 362 23.15 53.01 -10.14
N LEU E 363 22.73 53.84 -9.17
CA LEU E 363 21.95 53.35 -8.05
C LEU E 363 20.73 52.56 -8.54
N GLN E 364 20.03 53.08 -9.57
CA GLN E 364 18.82 52.41 -10.07
C GLN E 364 19.18 51.06 -10.69
N ASP E 365 20.35 51.00 -11.36
CA ASP E 365 20.80 49.76 -11.97
C ASP E 365 21.19 48.75 -10.89
N ARG E 366 21.89 49.20 -9.84
CA ARG E 366 22.28 48.28 -8.77
C ARG E 366 21.03 47.75 -8.06
N HIS E 367 20.00 48.60 -7.92
CA HIS E 367 18.76 48.14 -7.29
C HIS E 367 18.16 46.98 -8.07
N LYS E 368 18.20 47.03 -9.40
CA LYS E 368 17.77 45.92 -10.23
C LYS E 368 18.64 44.69 -10.01
N ILE E 369 19.97 44.86 -10.25
CA ILE E 369 20.90 43.74 -10.20
C ILE E 369 20.87 43.04 -8.83
N ASN E 370 20.83 43.84 -7.76
CA ASN E 370 20.86 43.33 -6.39
C ASN E 370 19.55 42.63 -6.01
N ASN E 371 18.52 42.78 -6.85
CA ASN E 371 17.24 42.13 -6.67
C ASN E 371 17.00 41.05 -7.72
N GLY E 372 18.04 40.62 -8.41
CA GLY E 372 17.92 39.55 -9.40
C GLY E 372 17.04 39.95 -10.60
N ILE E 373 17.02 41.24 -10.92
CA ILE E 373 16.36 41.75 -12.09
C ILE E 373 17.43 42.05 -13.14
N PRO E 374 17.54 41.24 -14.20
CA PRO E 374 18.61 41.43 -15.16
C PRO E 374 18.48 42.72 -15.95
N SER E 375 19.65 43.22 -16.39
CA SER E 375 19.76 44.54 -16.98
C SER E 375 20.86 44.52 -18.04
N LEU E 376 20.77 45.45 -19.01
CA LEU E 376 21.86 45.74 -19.93
C LEU E 376 22.29 47.20 -19.83
N ASP E 377 21.89 47.90 -18.75
CA ASP E 377 22.21 49.31 -18.65
C ASP E 377 23.72 49.55 -18.68
N GLU E 378 24.49 48.62 -18.14
CA GLU E 378 25.93 48.82 -18.02
C GLU E 378 26.65 48.76 -19.37
N LEU E 379 25.99 48.34 -20.45
CA LEU E 379 26.60 48.45 -21.77
C LEU E 379 26.95 49.90 -22.11
N GLN E 380 26.29 50.87 -21.47
CA GLN E 380 26.60 52.27 -21.71
C GLN E 380 28.05 52.61 -21.33
N LEU E 381 28.65 51.87 -20.41
CA LEU E 381 30.06 52.05 -20.04
C LEU E 381 30.94 52.07 -21.28
N LEU E 382 30.62 51.25 -22.29
CA LEU E 382 31.47 51.14 -23.46
C LEU E 382 31.40 52.37 -24.36
N ASP E 383 30.47 53.30 -24.10
CA ASP E 383 30.45 54.57 -24.81
C ASP E 383 31.41 55.60 -24.21
N TRP E 384 32.18 55.24 -23.19
CA TRP E 384 33.09 56.18 -22.53
C TRP E 384 34.10 56.73 -23.54
N VAL E 385 34.53 55.88 -24.48
CA VAL E 385 35.44 56.29 -25.54
C VAL E 385 34.97 55.67 -26.83
N PRO E 386 35.41 56.18 -28.00
CA PRO E 386 34.96 55.63 -29.27
C PRO E 386 35.30 54.16 -29.45
N ASN E 387 34.39 53.40 -30.04
CA ASN E 387 34.60 51.99 -30.35
C ASN E 387 34.98 51.22 -29.09
N GLY E 388 34.29 51.57 -27.98
CA GLY E 388 34.70 51.15 -26.65
C GLY E 388 34.70 49.64 -26.46
N GLY E 389 35.78 49.18 -25.85
CA GLY E 389 35.89 47.84 -25.28
C GLY E 389 36.53 47.92 -23.90
N HIS E 390 36.50 46.82 -23.14
CA HIS E 390 37.15 46.81 -21.86
C HIS E 390 37.89 45.48 -21.65
N ILE E 391 38.87 45.53 -20.75
CA ILE E 391 39.47 44.34 -20.18
C ILE E 391 39.32 44.43 -18.67
N GLY E 392 39.08 43.27 -18.03
CA GLY E 392 38.95 43.26 -16.58
C GLY E 392 40.27 42.85 -15.92
N PHE E 393 40.63 43.56 -14.86
CA PHE E 393 41.82 43.24 -14.09
C PHE E 393 41.40 43.23 -12.64
N VAL E 394 41.40 42.06 -12.00
CA VAL E 394 40.77 41.91 -10.70
C VAL E 394 41.62 41.13 -9.71
N PRO E 395 42.59 41.80 -9.04
CA PRO E 395 43.36 41.19 -7.95
C PRO E 395 42.57 40.97 -6.67
N VAL E 396 42.97 39.92 -5.94
CA VAL E 396 42.42 39.53 -4.65
C VAL E 396 43.40 39.82 -3.52
N SER E 397 42.86 40.32 -2.40
CA SER E 397 43.68 40.77 -1.27
C SER E 397 42.86 40.67 0.01
N ALA E 398 43.48 41.02 1.15
CA ALA E 398 42.76 41.15 2.42
C ALA E 398 41.91 42.42 2.46
N PRO E 399 40.71 42.38 3.07
CA PRO E 399 39.83 43.53 3.22
C PRO E 399 40.30 44.51 4.29
N ASP E 400 41.38 45.19 3.93
CA ASP E 400 42.10 46.09 4.81
C ASP E 400 42.25 47.43 4.10
N GLY E 401 41.96 48.54 4.81
CA GLY E 401 41.98 49.84 4.18
C GLY E 401 43.36 50.27 3.65
N ARG E 402 44.42 49.92 4.38
CA ARG E 402 45.76 50.27 3.93
C ARG E 402 46.12 49.44 2.68
N GLU E 403 45.72 48.17 2.64
CA GLU E 403 45.92 47.36 1.45
C GLU E 403 45.16 47.93 0.26
N ALA E 404 43.94 48.44 0.49
CA ALA E 404 43.17 49.08 -0.55
C ALA E 404 43.88 50.31 -1.09
N MET E 405 44.36 51.18 -0.20
CA MET E 405 45.08 52.37 -0.60
C MET E 405 46.31 52.00 -1.42
N LYS E 406 47.02 50.95 -1.02
CA LYS E 406 48.25 50.56 -1.73
C LYS E 406 47.89 50.16 -3.17
N GLN E 407 46.81 49.39 -3.31
CA GLN E 407 46.38 48.91 -4.62
C GLN E 407 45.90 50.05 -5.50
N PHE E 408 45.06 50.93 -4.92
CA PHE E 408 44.60 52.14 -5.61
C PHE E 408 45.80 52.90 -6.19
N GLU E 409 46.80 53.19 -5.37
CA GLU E 409 47.91 54.01 -5.76
C GLU E 409 48.76 53.33 -6.82
N MET E 410 49.02 52.04 -6.67
CA MET E 410 49.90 51.35 -7.60
C MET E 410 49.25 51.14 -8.96
N VAL E 411 47.94 50.88 -8.98
CA VAL E 411 47.24 50.69 -10.24
C VAL E 411 47.10 52.04 -10.94
N ARG E 412 46.76 53.08 -10.16
CA ARG E 412 46.59 54.41 -10.76
C ARG E 412 47.92 54.87 -11.37
N ASN E 413 49.03 54.68 -10.65
CA ASN E 413 50.35 55.08 -11.14
C ASN E 413 50.60 54.46 -12.52
N ARG E 414 50.35 53.14 -12.65
CA ARG E 414 50.64 52.44 -13.88
C ARG E 414 49.69 52.87 -14.99
N ALA E 415 48.40 53.00 -14.66
CA ALA E 415 47.41 53.42 -15.65
C ALA E 415 47.82 54.79 -16.22
N ASN E 416 48.20 55.72 -15.34
CA ASN E 416 48.62 57.04 -15.74
C ASN E 416 49.75 57.01 -16.76
N GLU E 417 50.70 56.10 -16.66
CA GLU E 417 51.78 55.99 -17.64
C GLU E 417 51.26 55.74 -19.06
N TYR E 418 50.12 55.06 -19.18
CA TYR E 418 49.52 54.76 -20.47
C TYR E 418 48.37 55.71 -20.80
N ASN E 419 48.26 56.84 -20.10
CA ASN E 419 47.19 57.81 -20.30
C ASN E 419 45.84 57.10 -20.19
N LYS E 420 45.65 56.29 -19.16
CA LYS E 420 44.37 55.64 -18.96
C LYS E 420 43.91 56.03 -17.55
N ASP E 421 42.61 56.22 -17.46
CA ASP E 421 41.96 56.56 -16.21
C ASP E 421 42.01 55.32 -15.33
N TYR E 422 42.15 55.58 -14.02
CA TYR E 422 41.87 54.62 -12.97
C TYR E 422 40.36 54.42 -12.80
N MET E 423 39.82 53.45 -13.51
N MET E 423 39.82 53.44 -13.50
CA MET E 423 38.41 53.11 -13.37
CA MET E 423 38.40 53.13 -13.39
C MET E 423 38.28 51.83 -12.59
C MET E 423 38.28 51.83 -12.60
N ALA E 424 37.84 51.95 -11.35
CA ALA E 424 37.93 50.84 -10.44
C ALA E 424 36.87 50.91 -9.36
N GLY E 425 36.65 49.76 -8.75
CA GLY E 425 35.86 49.63 -7.54
C GLY E 425 36.53 48.59 -6.64
N PHE E 426 35.99 48.48 -5.42
CA PHE E 426 36.39 47.46 -4.47
C PHE E 426 35.12 46.77 -4.02
N THR E 427 35.18 45.43 -3.89
CA THR E 427 34.09 44.65 -3.34
C THR E 427 34.68 43.70 -2.30
N ILE E 428 33.83 43.26 -1.37
CA ILE E 428 34.21 42.24 -0.41
C ILE E 428 33.18 41.12 -0.47
N GLY E 429 33.65 39.89 -0.29
CA GLY E 429 32.81 38.72 -0.11
C GLY E 429 32.27 38.58 1.32
N LEU E 430 33.04 37.87 2.16
CA LEU E 430 32.95 37.95 3.61
C LEU E 430 34.30 38.36 4.16
N ARG E 431 35.36 37.75 3.65
CA ARG E 431 36.69 37.88 4.24
C ARG E 431 37.75 38.25 3.22
N GLU E 432 37.35 38.43 1.96
CA GLU E 432 38.29 38.72 0.91
C GLU E 432 37.86 39.98 0.18
N MET E 433 38.86 40.63 -0.43
CA MET E 433 38.64 41.86 -1.16
C MET E 433 39.07 41.69 -2.62
N TYR E 434 38.26 42.27 -3.50
CA TYR E 434 38.56 42.32 -4.92
C TYR E 434 38.71 43.78 -5.34
N HIS E 435 39.78 44.03 -6.12
CA HIS E 435 40.01 45.34 -6.73
C HIS E 435 39.57 45.22 -8.18
N VAL E 436 38.34 45.66 -8.48
CA VAL E 436 37.77 45.48 -9.80
C VAL E 436 38.17 46.65 -10.69
N CYS E 437 39.19 46.47 -11.54
CA CYS E 437 39.66 47.49 -12.45
C CYS E 437 39.15 47.20 -13.86
N LEU E 438 38.52 48.21 -14.46
CA LEU E 438 37.98 48.10 -15.82
C LEU E 438 38.77 49.10 -16.64
N PHE E 439 39.44 48.64 -17.70
CA PHE E 439 40.13 49.60 -18.55
C PHE E 439 39.36 49.65 -19.86
N ILE E 440 38.82 50.84 -20.17
CA ILE E 440 38.00 51.04 -21.37
C ILE E 440 38.88 51.72 -22.41
N TYR E 441 38.83 51.27 -23.66
CA TYR E 441 39.77 51.74 -24.66
C TYR E 441 39.12 51.61 -26.05
N ASP E 442 39.74 52.28 -27.03
CA ASP E 442 39.28 52.29 -28.40
C ASP E 442 39.74 51.01 -29.13
N THR E 443 38.83 50.08 -29.36
CA THR E 443 39.16 48.78 -29.95
C THR E 443 39.56 48.92 -31.42
N ALA E 444 39.31 50.06 -32.05
CA ALA E 444 39.63 50.23 -33.46
C ALA E 444 41.06 50.76 -33.63
N ASP E 445 41.71 51.15 -32.51
CA ASP E 445 43.01 51.80 -32.57
C ASP E 445 44.08 50.76 -32.22
N PRO E 446 44.94 50.32 -33.17
CA PRO E 446 45.96 49.32 -32.86
C PRO E 446 46.90 49.74 -31.73
N GLU E 447 47.21 51.03 -31.64
CA GLU E 447 48.06 51.54 -30.58
C GLU E 447 47.39 51.35 -29.22
N ALA E 448 46.09 51.64 -29.12
CA ALA E 448 45.37 51.49 -27.86
C ALA E 448 45.31 50.02 -27.47
N ARG E 449 45.09 49.13 -28.45
CA ARG E 449 45.03 47.71 -28.20
C ARG E 449 46.36 47.20 -27.65
N GLU E 450 47.46 47.67 -28.25
CA GLU E 450 48.77 47.22 -27.82
C GLU E 450 49.11 47.78 -26.44
N GLU E 451 48.77 49.06 -26.23
CA GLU E 451 48.99 49.66 -24.91
C GLU E 451 48.25 48.88 -23.83
N ILE E 452 46.99 48.50 -24.09
CA ILE E 452 46.22 47.76 -23.08
C ILE E 452 46.92 46.45 -22.74
N LEU E 453 47.37 45.73 -23.77
CA LEU E 453 48.08 44.46 -23.55
C LEU E 453 49.32 44.70 -22.70
N GLN E 454 50.16 45.67 -23.07
CA GLN E 454 51.42 45.84 -22.38
C GLN E 454 51.20 46.36 -20.96
N MET E 455 50.21 47.26 -20.78
CA MET E 455 49.89 47.79 -19.47
C MET E 455 49.39 46.66 -18.55
N THR E 456 48.49 45.82 -19.05
CA THR E 456 47.91 44.81 -18.17
C THR E 456 48.97 43.76 -17.80
N LYS E 457 49.92 43.47 -18.70
CA LYS E 457 51.01 42.57 -18.36
C LYS E 457 51.81 43.13 -17.17
N VAL E 458 52.07 44.43 -17.21
CA VAL E 458 52.79 45.08 -16.12
C VAL E 458 51.95 45.07 -14.85
N LEU E 459 50.65 45.36 -14.94
CA LEU E 459 49.79 45.32 -13.76
C LEU E 459 49.82 43.95 -13.09
N VAL E 460 49.77 42.87 -13.90
CA VAL E 460 49.79 41.52 -13.36
C VAL E 460 51.08 41.28 -12.58
N ARG E 461 52.21 41.66 -13.18
CA ARG E 461 53.52 41.50 -12.54
C ARG E 461 53.58 42.31 -11.23
N GLU E 462 53.20 43.59 -11.28
CA GLU E 462 53.35 44.47 -10.12
C GLU E 462 52.46 43.98 -8.98
N ALA E 463 51.24 43.55 -9.31
CA ALA E 463 50.33 43.01 -8.31
C ALA E 463 50.96 41.78 -7.67
N ALA E 464 51.48 40.85 -8.49
CA ALA E 464 52.08 39.62 -7.95
C ALA E 464 53.28 39.95 -7.06
N GLU E 465 54.09 40.94 -7.43
CA GLU E 465 55.25 41.34 -6.64
C GLU E 465 54.81 41.80 -5.23
N ALA E 466 53.59 42.34 -5.14
CA ALA E 466 53.03 42.81 -3.89
C ALA E 466 52.17 41.75 -3.20
N GLY E 467 52.06 40.55 -3.78
CA GLY E 467 51.38 39.43 -3.15
C GLY E 467 49.89 39.35 -3.52
N TYR E 468 49.51 39.97 -4.64
CA TYR E 468 48.13 39.96 -5.09
C TYR E 468 48.02 39.16 -6.39
N GLY E 469 47.05 38.25 -6.42
CA GLY E 469 46.84 37.42 -7.61
C GLY E 469 45.43 37.65 -8.13
N GLU E 470 45.17 37.39 -9.42
CA GLU E 470 43.87 37.69 -10.01
C GLU E 470 42.97 36.44 -9.96
N TYR E 471 41.65 36.65 -9.82
CA TYR E 471 40.71 35.57 -9.65
C TYR E 471 40.26 35.01 -11.01
N ARG E 472 40.48 35.77 -12.08
CA ARG E 472 39.94 35.50 -13.40
C ARG E 472 40.66 36.45 -14.37
N THR E 473 40.85 36.04 -15.63
CA THR E 473 41.54 36.91 -16.55
C THR E 473 41.22 36.59 -18.01
N HIS E 474 41.74 37.47 -18.86
CA HIS E 474 41.55 37.43 -20.30
C HIS E 474 42.48 36.40 -20.92
N ASN E 475 42.04 35.83 -22.05
CA ASN E 475 42.87 34.98 -22.87
C ASN E 475 44.34 35.44 -22.95
N ALA E 476 44.55 36.74 -23.26
CA ALA E 476 45.88 37.28 -23.51
C ALA E 476 46.77 37.28 -22.27
N LEU E 477 46.18 37.11 -21.07
CA LEU E 477 46.89 37.19 -19.81
C LEU E 477 46.93 35.84 -19.07
N MET E 478 46.34 34.79 -19.62
CA MET E 478 46.20 33.54 -18.87
C MET E 478 47.56 32.94 -18.54
N ASP E 479 48.49 32.94 -19.49
CA ASP E 479 49.84 32.40 -19.22
C ASP E 479 50.52 33.21 -18.12
N ASP E 480 50.46 34.53 -18.26
CA ASP E 480 51.07 35.44 -17.29
C ASP E 480 50.47 35.25 -15.91
N VAL E 481 49.14 35.18 -15.80
CA VAL E 481 48.53 35.04 -14.49
C VAL E 481 48.86 33.68 -13.87
N MET E 482 48.77 32.59 -14.63
CA MET E 482 49.07 31.29 -14.04
C MET E 482 50.53 31.24 -13.58
N ALA E 483 51.42 31.96 -14.29
CA ALA E 483 52.83 32.00 -13.92
C ALA E 483 53.05 32.64 -12.55
N THR E 484 52.12 33.49 -12.07
CA THR E 484 52.27 34.15 -10.77
C THR E 484 51.92 33.17 -9.64
N PHE E 485 51.14 32.11 -9.93
CA PHE E 485 50.73 31.17 -8.89
C PHE E 485 51.76 30.04 -8.77
N ASN E 486 53.05 30.44 -8.62
CA ASN E 486 54.13 29.49 -8.83
C ASN E 486 54.82 29.05 -7.54
N TRP E 487 54.11 29.08 -6.39
CA TRP E 487 54.68 28.49 -5.18
C TRP E 487 55.19 27.09 -5.45
N GLY E 488 56.35 26.76 -4.84
CA GLY E 488 56.90 25.42 -4.90
C GLY E 488 57.32 25.06 -6.32
N ASP E 489 57.93 26.05 -6.98
CA ASP E 489 58.48 25.90 -8.32
C ASP E 489 57.39 25.45 -9.29
N GLY E 490 56.25 26.16 -9.26
CA GLY E 490 55.19 25.95 -10.23
C GLY E 490 54.43 24.64 -9.98
N ALA E 491 54.27 24.27 -8.71
CA ALA E 491 53.64 23.00 -8.35
C ALA E 491 52.17 22.94 -8.80
N LEU E 492 51.44 24.05 -8.66
CA LEU E 492 50.00 24.03 -8.97
C LEU E 492 49.80 23.74 -10.46
N LEU E 493 50.54 24.45 -11.31
CA LEU E 493 50.43 24.21 -12.74
C LEU E 493 50.83 22.78 -13.12
N LYS E 494 51.89 22.26 -12.50
CA LYS E 494 52.34 20.90 -12.81
C LYS E 494 51.25 19.89 -12.48
N PHE E 495 50.58 20.10 -11.35
CA PHE E 495 49.43 19.26 -10.96
C PHE E 495 48.34 19.36 -12.03
N HIS E 496 47.96 20.58 -12.43
CA HIS E 496 46.90 20.73 -13.42
C HIS E 496 47.27 20.03 -14.73
N GLU E 497 48.56 20.13 -15.12
CA GLU E 497 49.03 19.54 -16.37
C GLU E 497 48.90 18.02 -16.34
N LYS E 498 49.20 17.40 -15.20
CA LYS E 498 49.14 15.94 -15.09
C LYS E 498 47.70 15.46 -15.27
N ILE E 499 46.77 16.18 -14.63
CA ILE E 499 45.36 15.87 -14.77
C ILE E 499 44.89 16.10 -16.20
N LYS E 500 45.28 17.23 -16.81
CA LYS E 500 44.90 17.51 -18.19
C LYS E 500 45.36 16.41 -19.12
N ASP E 501 46.63 15.98 -18.99
CA ASP E 501 47.17 15.01 -19.93
C ASP E 501 46.50 13.64 -19.76
N ALA E 502 46.12 13.31 -18.52
CA ALA E 502 45.48 12.04 -18.23
C ALA E 502 44.07 12.00 -18.85
N LEU E 503 43.31 13.10 -18.72
CA LEU E 503 41.93 13.12 -19.18
C LEU E 503 41.84 13.44 -20.67
N ASP E 504 42.88 14.12 -21.20
CA ASP E 504 42.87 14.65 -22.56
C ASP E 504 44.19 14.30 -23.24
N PRO E 505 44.46 13.01 -23.51
CA PRO E 505 45.74 12.59 -24.07
C PRO E 505 46.00 13.12 -25.49
N ASN E 506 44.93 13.47 -26.22
CA ASN E 506 45.07 14.04 -27.57
C ASN E 506 45.11 15.57 -27.55
N GLY E 507 44.95 16.21 -26.37
CA GLY E 507 45.09 17.63 -26.26
C GLY E 507 44.08 18.44 -27.08
N ILE E 508 42.79 18.17 -26.85
CA ILE E 508 41.69 18.66 -27.65
C ILE E 508 40.98 19.84 -26.98
N ILE E 509 40.69 19.77 -25.69
CA ILE E 509 39.77 20.74 -25.11
C ILE E 509 40.51 22.03 -24.70
N ALA E 510 40.01 23.17 -25.21
CA ALA E 510 40.46 24.55 -24.92
C ALA E 510 41.91 24.60 -24.43
N PRO E 511 42.87 24.22 -25.27
CA PRO E 511 44.27 24.27 -24.89
C PRO E 511 44.68 25.69 -24.46
N GLY E 512 45.31 25.77 -23.29
CA GLY E 512 45.81 27.03 -22.80
C GLY E 512 44.86 27.77 -21.88
N LYS E 513 43.61 27.28 -21.71
CA LYS E 513 42.73 27.89 -20.75
C LYS E 513 43.42 27.91 -19.40
N SER E 514 43.35 29.05 -18.70
CA SER E 514 43.94 29.18 -17.36
C SER E 514 45.45 28.87 -17.38
N GLY E 515 46.09 28.98 -18.56
CA GLY E 515 47.50 28.70 -18.69
C GLY E 515 47.84 27.19 -18.71
N ILE E 516 46.83 26.33 -18.86
CA ILE E 516 47.01 24.89 -18.78
C ILE E 516 47.03 24.30 -20.19
N TRP E 517 48.24 23.91 -20.63
CA TRP E 517 48.42 23.40 -21.99
C TRP E 517 48.65 21.90 -21.91
N PRO E 518 48.01 21.13 -22.82
CA PRO E 518 48.34 19.72 -22.96
C PRO E 518 49.72 19.55 -23.56
N GLN E 519 50.29 18.37 -23.36
CA GLN E 519 51.66 18.04 -23.73
C GLN E 519 52.01 18.47 -25.14
N ARG E 520 51.12 18.28 -26.11
CA ARG E 520 51.49 18.51 -27.51
C ARG E 520 51.72 19.99 -27.83
N PHE E 521 51.23 20.90 -26.99
CA PHE E 521 51.33 22.33 -27.21
C PHE E 521 52.28 22.99 -26.21
N ARG E 522 52.76 22.23 -25.22
CA ARG E 522 53.51 22.84 -24.14
C ARG E 522 54.85 23.37 -24.63
N GLY E 523 55.18 24.61 -24.23
CA GLY E 523 56.44 25.25 -24.57
C GLY E 523 56.54 25.64 -26.05
N GLN E 524 55.44 26.11 -26.65
CA GLN E 524 55.45 26.43 -28.07
C GLN E 524 55.05 27.87 -28.38
N ASN E 525 54.87 28.73 -27.37
CA ASN E 525 54.67 30.15 -27.64
C ASN E 525 53.45 30.35 -28.54
N LEU E 526 52.34 29.72 -28.17
CA LEU E 526 51.07 29.92 -28.87
C LEU E 526 50.22 30.94 -28.11
N THR F 2 50.38 -14.18 12.31
CA THR F 2 51.41 -13.89 11.30
C THR F 2 51.66 -12.39 11.30
N ARG F 3 52.91 -11.98 11.02
CA ARG F 3 53.23 -10.57 10.88
C ARG F 3 52.50 -9.94 9.70
N THR F 4 51.91 -8.76 9.92
CA THR F 4 51.18 -8.09 8.85
C THR F 4 52.17 -7.40 7.92
N LEU F 5 52.17 -7.75 6.62
CA LEU F 5 53.07 -7.19 5.65
C LEU F 5 52.31 -6.45 4.55
N PRO F 6 52.90 -5.43 3.92
CA PRO F 6 52.28 -4.85 2.72
C PRO F 6 52.16 -5.88 1.60
N PRO F 7 51.08 -5.86 0.81
CA PRO F 7 50.95 -6.81 -0.30
C PRO F 7 52.16 -6.84 -1.22
N GLY F 8 52.72 -8.03 -1.44
CA GLY F 8 53.82 -8.18 -2.37
C GLY F 8 55.19 -7.78 -1.79
N VAL F 9 55.22 -7.41 -0.50
CA VAL F 9 56.46 -6.95 0.12
C VAL F 9 56.93 -8.00 1.11
N SER F 10 58.15 -8.49 0.93
CA SER F 10 58.72 -9.51 1.81
C SER F 10 59.03 -8.92 3.18
N ASP F 11 59.20 -9.81 4.16
CA ASP F 11 59.67 -9.43 5.47
C ASP F 11 60.95 -8.58 5.37
N GLU F 12 61.89 -9.03 4.56
CA GLU F 12 63.21 -8.39 4.47
C GLU F 12 63.10 -7.01 3.82
N ARG F 13 62.31 -6.89 2.75
CA ARG F 13 62.12 -5.59 2.09
C ARG F 13 61.37 -4.62 3.01
N PHE F 14 60.41 -5.16 3.76
CA PHE F 14 59.66 -4.33 4.68
C PHE F 14 60.59 -3.82 5.79
N ASP F 15 61.43 -4.68 6.34
CA ASP F 15 62.39 -4.27 7.36
C ASP F 15 63.31 -3.18 6.83
N ALA F 16 63.73 -3.28 5.57
CA ALA F 16 64.59 -2.26 4.96
C ALA F 16 63.85 -0.94 4.88
N ALA F 17 62.57 -0.99 4.45
CA ALA F 17 61.75 0.21 4.39
C ALA F 17 61.57 0.81 5.76
N LEU F 18 61.33 -0.01 6.78
CA LEU F 18 61.15 0.51 8.14
C LEU F 18 62.37 1.29 8.59
N GLN F 19 63.57 0.77 8.30
CA GLN F 19 64.80 1.45 8.69
C GLN F 19 64.92 2.78 7.96
N ARG F 20 64.56 2.82 6.68
CA ARG F 20 64.56 4.07 5.93
C ARG F 20 63.58 5.06 6.57
N PHE F 21 62.39 4.60 6.98
CA PHE F 21 61.44 5.48 7.64
C PHE F 21 62.03 5.99 8.95
N ARG F 22 62.70 5.12 9.73
CA ARG F 22 63.31 5.55 10.98
C ARG F 22 64.39 6.60 10.73
N ASP F 23 65.13 6.48 9.63
CA ASP F 23 66.15 7.46 9.30
C ASP F 23 65.53 8.84 9.04
N VAL F 24 64.27 8.86 8.60
CA VAL F 24 63.56 10.11 8.31
C VAL F 24 62.97 10.72 9.60
N VAL F 25 62.21 9.93 10.37
CA VAL F 25 61.38 10.47 11.44
C VAL F 25 61.98 10.24 12.82
N GLY F 26 62.94 9.31 12.93
CA GLY F 26 63.52 8.93 14.21
C GLY F 26 62.99 7.57 14.69
N ASP F 27 63.81 6.84 15.44
CA ASP F 27 63.51 5.46 15.81
C ASP F 27 62.18 5.32 16.55
N LYS F 28 61.90 6.23 17.48
CA LYS F 28 60.75 6.03 18.34
C LYS F 28 59.44 6.39 17.64
N TRP F 29 59.54 6.93 16.41
CA TRP F 29 58.35 7.41 15.69
C TRP F 29 57.96 6.47 14.54
N VAL F 30 58.49 5.25 14.57
CA VAL F 30 58.04 4.15 13.73
C VAL F 30 57.65 3.00 14.63
N LEU F 31 56.37 2.60 14.57
CA LEU F 31 55.83 1.49 15.36
C LEU F 31 55.58 0.30 14.45
N SER F 32 56.02 -0.90 14.84
CA SER F 32 55.84 -2.06 13.98
C SER F 32 55.76 -3.38 14.74
N THR F 33 55.59 -3.39 16.07
CA THR F 33 55.38 -4.65 16.77
C THR F 33 53.87 -4.92 16.86
N ALA F 34 53.51 -6.20 16.93
CA ALA F 34 52.11 -6.62 17.01
C ALA F 34 51.40 -5.89 18.15
N ASP F 35 52.02 -5.83 19.33
CA ASP F 35 51.43 -5.18 20.49
C ASP F 35 51.23 -3.68 20.26
N GLU F 36 52.22 -3.01 19.65
CA GLU F 36 52.11 -1.58 19.35
C GLU F 36 50.95 -1.32 18.39
N LEU F 37 50.75 -2.23 17.42
CA LEU F 37 49.81 -2.01 16.33
C LEU F 37 48.36 -2.29 16.75
N GLU F 38 48.17 -3.02 17.85
CA GLU F 38 46.83 -3.40 18.29
C GLU F 38 45.95 -2.15 18.45
N ALA F 39 46.54 -1.07 18.97
CA ALA F 39 45.79 0.15 19.25
C ALA F 39 45.38 0.88 17.98
N PHE F 40 45.91 0.47 16.81
CA PHE F 40 45.60 1.15 15.57
C PHE F 40 44.64 0.33 14.70
N ARG F 41 44.25 -0.83 15.19
CA ARG F 41 43.20 -1.61 14.55
C ARG F 41 41.89 -0.86 14.76
N ASP F 42 40.97 -1.07 13.83
CA ASP F 42 39.63 -0.48 13.93
C ASP F 42 39.05 -0.83 15.29
N PRO F 43 38.68 0.15 16.14
CA PRO F 43 38.09 -0.21 17.43
C PRO F 43 36.69 -0.83 17.28
N TYR F 44 36.02 -0.54 16.16
CA TYR F 44 34.65 -1.00 15.91
C TYR F 44 34.67 -1.85 14.64
N PRO F 45 35.32 -3.04 14.67
CA PRO F 45 35.49 -3.83 13.45
C PRO F 45 34.19 -4.29 12.85
N VAL F 46 34.18 -4.39 11.51
CA VAL F 46 33.03 -4.85 10.76
C VAL F 46 33.44 -6.10 10.00
N GLY F 47 32.59 -7.13 10.00
CA GLY F 47 32.89 -8.41 9.40
C GLY F 47 33.60 -9.31 10.43
N ALA F 48 33.33 -10.62 10.35
CA ALA F 48 33.96 -11.56 11.25
C ALA F 48 35.44 -11.71 10.94
N ALA F 49 35.78 -11.78 9.64
CA ALA F 49 37.16 -12.03 9.23
C ALA F 49 38.01 -10.80 9.54
N GLU F 50 39.28 -11.02 9.89
CA GLU F 50 40.17 -9.91 10.14
C GLU F 50 40.38 -9.17 8.83
N ALA F 51 40.46 -7.85 8.95
CA ALA F 51 40.56 -6.97 7.81
C ALA F 51 41.15 -5.66 8.30
N ASN F 52 41.63 -4.87 7.34
CA ASN F 52 42.08 -3.51 7.61
C ASN F 52 43.22 -3.51 8.61
N LEU F 53 44.21 -4.37 8.41
CA LEU F 53 45.30 -4.52 9.36
C LEU F 53 46.44 -3.58 8.96
N PRO F 54 46.90 -2.67 9.86
CA PRO F 54 48.09 -1.86 9.56
C PRO F 54 49.37 -2.66 9.76
N SER F 55 50.38 -2.39 8.93
CA SER F 55 51.68 -3.04 9.03
C SER F 55 52.65 -2.25 9.90
N ALA F 56 52.44 -0.95 9.99
CA ALA F 56 53.27 -0.05 10.78
C ALA F 56 52.57 1.28 10.93
N VAL F 57 53.09 2.12 11.85
CA VAL F 57 52.66 3.50 11.99
C VAL F 57 53.91 4.37 11.94
N VAL F 58 53.88 5.44 11.12
CA VAL F 58 54.98 6.38 11.00
C VAL F 58 54.43 7.77 11.36
N SER F 59 55.13 8.47 12.27
CA SER F 59 54.72 9.76 12.80
C SER F 59 55.70 10.85 12.38
N PRO F 60 55.46 11.54 11.24
CA PRO F 60 56.37 12.59 10.78
C PRO F 60 56.19 13.90 11.55
N GLU F 61 57.24 14.72 11.56
CA GLU F 61 57.24 15.99 12.28
C GLU F 61 57.06 17.20 11.36
N SER F 62 57.18 17.02 10.04
CA SER F 62 57.24 18.13 9.12
C SER F 62 56.79 17.72 7.72
N THR F 63 56.49 18.74 6.90
CA THR F 63 56.14 18.51 5.51
C THR F 63 57.27 17.76 4.79
N GLU F 64 58.52 18.17 5.02
CA GLU F 64 59.64 17.52 4.34
C GLU F 64 59.71 16.03 4.72
N GLN F 65 59.46 15.71 5.98
CA GLN F 65 59.44 14.32 6.41
C GLN F 65 58.33 13.55 5.70
N VAL F 66 57.14 14.15 5.55
CA VAL F 66 56.07 13.52 4.81
C VAL F 66 56.50 13.23 3.37
N GLN F 67 57.17 14.20 2.74
CA GLN F 67 57.65 14.02 1.38
C GLN F 67 58.60 12.82 1.31
N ASP F 68 59.53 12.74 2.25
CA ASP F 68 60.50 11.66 2.25
C ASP F 68 59.85 10.31 2.52
N ILE F 69 58.84 10.24 3.40
CA ILE F 69 58.10 9.00 3.64
C ILE F 69 57.42 8.53 2.36
N VAL F 70 56.79 9.47 1.67
CA VAL F 70 56.13 9.15 0.40
C VAL F 70 57.15 8.65 -0.62
N ARG F 71 58.31 9.29 -0.71
CA ARG F 71 59.35 8.85 -1.66
C ARG F 71 59.79 7.42 -1.34
N ILE F 72 60.02 7.13 -0.07
CA ILE F 72 60.42 5.78 0.33
C ILE F 72 59.34 4.78 -0.05
N ALA F 73 58.08 5.12 0.22
CA ALA F 73 56.98 4.20 -0.06
C ALA F 73 56.92 3.89 -1.56
N ASN F 74 57.17 4.91 -2.41
CA ASN F 74 57.18 4.70 -3.85
C ASN F 74 58.31 3.73 -4.23
N GLU F 75 59.49 3.88 -3.62
CA GLU F 75 60.62 3.04 -3.98
C GLU F 75 60.35 1.58 -3.61
N TYR F 76 59.66 1.32 -2.50
CA TYR F 76 59.42 -0.05 -2.03
C TYR F 76 58.04 -0.61 -2.42
N GLY F 77 57.17 0.21 -3.01
CA GLY F 77 55.80 -0.17 -3.30
C GLY F 77 54.96 -0.43 -2.06
N ILE F 78 55.15 0.38 -1.01
CA ILE F 78 54.44 0.22 0.25
C ILE F 78 53.24 1.18 0.26
N PRO F 79 52.00 0.69 0.47
CA PRO F 79 50.85 1.60 0.55
C PRO F 79 50.85 2.36 1.87
N LEU F 80 50.38 3.61 1.79
CA LEU F 80 50.34 4.52 2.93
C LEU F 80 48.90 4.97 3.13
N HIS F 81 48.43 4.89 4.38
CA HIS F 81 47.14 5.43 4.76
C HIS F 81 47.34 6.63 5.65
N PRO F 82 47.20 7.87 5.11
CA PRO F 82 47.35 9.07 5.93
C PRO F 82 46.15 9.34 6.79
N VAL F 83 46.41 9.68 8.06
CA VAL F 83 45.38 10.12 8.99
C VAL F 83 45.94 11.37 9.70
N SER F 84 45.05 12.04 10.39
CA SER F 84 45.38 13.19 11.21
C SER F 84 45.48 12.70 12.66
N THR F 85 44.34 12.53 13.33
CA THR F 85 44.30 11.94 14.66
C THR F 85 43.81 10.49 14.65
N GLY F 86 43.25 10.02 13.53
CA GLY F 86 42.90 8.62 13.42
C GLY F 86 41.72 8.19 14.29
N LYS F 87 40.75 9.09 14.49
CA LYS F 87 39.59 8.84 15.33
C LYS F 87 38.33 8.75 14.49
N ASN F 88 38.45 8.22 13.24
CA ASN F 88 37.34 8.09 12.30
C ASN F 88 36.46 6.90 12.66
N ASN F 89 36.07 6.87 13.93
CA ASN F 89 35.38 5.73 14.52
C ASN F 89 33.95 5.71 14.00
N GLY F 90 33.50 4.53 13.55
CA GLY F 90 32.26 4.38 12.81
C GLY F 90 32.53 4.16 11.32
N TYR F 91 33.71 4.52 10.85
CA TYR F 91 34.07 4.42 9.44
C TYR F 91 35.42 3.72 9.26
N GLY F 92 35.98 3.16 10.34
CA GLY F 92 37.22 2.40 10.24
C GLY F 92 38.29 2.81 11.25
N GLY F 93 38.07 3.90 12.00
CA GLY F 93 39.07 4.35 12.96
C GLY F 93 40.29 4.86 12.20
N ALA F 94 41.49 4.43 12.63
CA ALA F 94 42.72 4.75 11.94
C ALA F 94 43.10 3.68 10.93
N ALA F 95 42.30 2.60 10.85
CA ALA F 95 42.73 1.42 10.10
C ALA F 95 42.61 1.66 8.58
N PRO F 96 43.58 1.13 7.80
CA PRO F 96 43.58 1.32 6.35
C PRO F 96 42.53 0.44 5.66
N ARG F 97 41.97 0.94 4.57
CA ARG F 97 41.11 0.11 3.73
C ARG F 97 41.87 -1.14 3.27
N LEU F 98 43.11 -0.93 2.81
CA LEU F 98 43.94 -2.01 2.30
C LEU F 98 44.81 -2.57 3.43
N SER F 99 44.57 -3.84 3.79
CA SER F 99 45.42 -4.51 4.77
C SER F 99 46.88 -4.50 4.35
N GLY F 100 47.75 -4.27 5.35
CA GLY F 100 49.18 -4.25 5.14
C GLY F 100 49.73 -2.85 4.86
N SER F 101 48.83 -1.85 4.77
CA SER F 101 49.26 -0.48 4.58
C SER F 101 49.91 0.05 5.86
N VAL F 102 50.84 0.99 5.68
CA VAL F 102 51.44 1.74 6.77
C VAL F 102 50.59 2.98 7.03
N ILE F 103 50.25 3.20 8.29
CA ILE F 103 49.51 4.40 8.67
C ILE F 103 50.52 5.53 8.81
N VAL F 104 50.23 6.68 8.19
CA VAL F 104 51.03 7.86 8.38
C VAL F 104 50.25 8.77 9.29
N LYS F 105 50.60 8.79 10.58
CA LYS F 105 49.86 9.53 11.58
C LYS F 105 50.42 10.94 11.67
N THR F 106 49.92 11.83 10.80
CA THR F 106 50.48 13.17 10.66
C THR F 106 50.29 13.95 11.96
N GLY F 107 49.23 13.65 12.69
CA GLY F 107 48.81 14.54 13.78
C GLY F 107 49.58 14.33 15.07
N GLU F 108 50.31 13.21 15.19
CA GLU F 108 51.05 12.95 16.41
C GLU F 108 52.03 14.08 16.71
N ARG F 109 52.79 14.50 15.68
CA ARG F 109 53.82 15.50 15.86
C ARG F 109 53.56 16.76 15.02
N MET F 110 52.71 16.69 14.00
CA MET F 110 52.36 17.88 13.21
C MET F 110 51.07 18.41 13.82
N ASN F 111 51.22 19.09 14.97
CA ASN F 111 50.07 19.41 15.80
C ASN F 111 50.02 20.87 16.22
N ARG F 112 50.62 21.77 15.41
CA ARG F 112 50.67 23.18 15.75
C ARG F 112 49.48 23.94 15.20
N ILE F 113 49.00 24.88 16.00
CA ILE F 113 48.18 25.97 15.52
C ILE F 113 49.12 27.01 14.90
N LEU F 114 49.11 27.13 13.58
CA LEU F 114 50.06 28.00 12.89
C LEU F 114 49.64 29.47 12.95
N GLU F 115 48.34 29.74 12.86
CA GLU F 115 47.84 31.11 12.95
C GLU F 115 46.37 31.07 13.34
N VAL F 116 45.97 31.96 14.25
CA VAL F 116 44.57 32.30 14.41
C VAL F 116 44.42 33.81 14.20
N ASN F 117 43.66 34.21 13.20
CA ASN F 117 43.49 35.59 12.84
C ASN F 117 42.12 36.07 13.35
N GLU F 118 42.13 36.97 14.35
CA GLU F 118 40.94 37.46 14.98
C GLU F 118 40.13 38.38 14.07
N LYS F 119 40.82 39.25 13.32
CA LYS F 119 40.16 40.29 12.53
C LYS F 119 39.40 39.69 11.35
N TYR F 120 40.05 38.77 10.61
CA TYR F 120 39.41 38.17 9.44
C TYR F 120 38.69 36.86 9.79
N GLY F 121 38.99 36.27 10.95
CA GLY F 121 38.25 35.10 11.44
C GLY F 121 38.65 33.81 10.72
N TYR F 122 39.87 33.34 11.02
CA TYR F 122 40.31 32.07 10.46
C TYR F 122 41.42 31.45 11.30
N ALA F 123 41.67 30.18 11.05
CA ALA F 123 42.83 29.49 11.59
C ALA F 123 43.57 28.79 10.46
N LEU F 124 44.91 28.71 10.62
CA LEU F 124 45.71 27.84 9.78
C LEU F 124 46.31 26.77 10.69
N LEU F 125 46.10 25.50 10.35
CA LEU F 125 46.26 24.40 11.28
C LEU F 125 47.06 23.27 10.65
N GLU F 126 47.88 22.61 11.49
CA GLU F 126 48.38 21.29 11.17
C GLU F 126 47.38 20.21 11.59
N PRO F 127 47.53 18.97 11.07
CA PRO F 127 46.50 17.94 11.27
C PRO F 127 46.28 17.49 12.71
N GLY F 128 47.27 17.67 13.60
CA GLY F 128 47.16 17.17 14.96
C GLY F 128 46.39 18.08 15.91
N VAL F 129 45.91 19.23 15.41
CA VAL F 129 45.13 20.12 16.26
C VAL F 129 43.74 19.53 16.43
N THR F 130 43.40 19.12 17.65
CA THR F 130 42.06 18.63 17.92
C THR F 130 41.11 19.79 18.17
N TYR F 131 39.79 19.48 18.22
CA TYR F 131 38.82 20.49 18.57
C TYR F 131 39.10 20.99 19.99
N PHE F 132 39.44 20.07 20.92
CA PHE F 132 39.80 20.50 22.27
C PHE F 132 41.00 21.46 22.24
N ASP F 133 42.01 21.15 21.44
CA ASP F 133 43.21 21.99 21.33
C ASP F 133 42.85 23.39 20.85
N LEU F 134 42.03 23.46 19.79
CA LEU F 134 41.70 24.77 19.22
C LEU F 134 40.84 25.56 20.21
N TYR F 135 39.88 24.89 20.88
CA TYR F 135 39.07 25.56 21.86
C TYR F 135 39.91 26.13 23.00
N GLU F 136 40.87 25.34 23.49
CA GLU F 136 41.77 25.78 24.56
C GLU F 136 42.54 27.03 24.11
N TYR F 137 43.00 27.04 22.87
CA TYR F 137 43.70 28.20 22.33
C TYR F 137 42.78 29.42 22.33
N LEU F 138 41.57 29.26 21.81
CA LEU F 138 40.65 30.38 21.68
C LEU F 138 40.32 30.94 23.05
N GLN F 139 40.07 30.06 24.02
CA GLN F 139 39.68 30.48 25.35
C GLN F 139 40.83 31.21 26.03
N SER F 140 42.05 30.65 25.93
CA SER F 140 43.19 31.18 26.65
C SER F 140 43.66 32.51 26.06
N HIS F 141 43.33 32.78 24.78
CA HIS F 141 43.71 34.03 24.13
C HIS F 141 42.54 35.03 24.10
N ASP F 142 41.44 34.74 24.83
CA ASP F 142 40.30 35.63 24.90
C ASP F 142 39.77 35.97 23.51
N SER F 143 39.69 34.96 22.65
CA SER F 143 39.18 35.15 21.30
C SER F 143 37.70 35.52 21.28
N GLY F 144 37.29 36.29 20.27
CA GLY F 144 35.88 36.52 19.97
C GLY F 144 35.36 35.54 18.92
N LEU F 145 36.17 34.55 18.53
CA LEU F 145 35.77 33.54 17.57
C LEU F 145 35.25 32.28 18.27
N MET F 146 34.58 31.43 17.50
CA MET F 146 34.17 30.12 17.97
C MET F 146 34.44 29.10 16.87
N LEU F 147 34.68 27.86 17.28
CA LEU F 147 34.86 26.78 16.31
C LEU F 147 33.52 26.09 16.07
N ASP F 148 33.52 25.17 15.12
CA ASP F 148 32.42 24.28 14.83
C ASP F 148 32.92 22.85 14.97
N CYS F 149 32.34 22.10 15.90
CA CYS F 149 32.84 20.77 16.22
C CYS F 149 31.80 19.71 15.93
N PRO F 150 32.26 18.49 15.57
CA PRO F 150 31.41 17.32 15.59
C PRO F 150 31.02 16.93 17.02
N ASP F 151 30.29 15.84 17.18
CA ASP F 151 29.85 15.40 18.49
C ASP F 151 31.00 15.12 19.46
N LEU F 152 32.13 14.60 18.96
CA LEU F 152 33.24 14.23 19.82
C LEU F 152 34.43 15.16 19.55
N GLY F 153 35.00 15.73 20.61
CA GLY F 153 35.97 16.82 20.43
C GLY F 153 37.40 16.33 20.23
N TRP F 154 37.63 15.01 20.27
CA TRP F 154 39.00 14.49 20.25
C TRP F 154 39.53 14.27 18.84
N GLY F 155 38.70 14.51 17.84
CA GLY F 155 39.09 14.42 16.45
C GLY F 155 39.83 15.69 16.03
N SER F 156 40.21 15.66 14.75
CA SER F 156 41.06 16.67 14.13
C SER F 156 40.23 17.67 13.33
N VAL F 157 40.48 18.97 13.52
CA VAL F 157 39.82 19.97 12.71
C VAL F 157 40.07 19.66 11.24
N VAL F 158 41.30 19.28 10.91
CA VAL F 158 41.71 18.96 9.55
C VAL F 158 41.16 17.61 9.09
N GLY F 159 41.44 16.54 9.85
CA GLY F 159 41.09 15.20 9.42
C GLY F 159 39.58 15.06 9.22
N ASN F 160 38.82 15.66 10.14
CA ASN F 160 37.36 15.63 10.02
C ASN F 160 36.94 16.26 8.69
N THR F 161 37.50 17.44 8.38
CA THR F 161 37.15 18.15 7.15
C THR F 161 37.50 17.27 5.96
N LEU F 162 38.65 16.57 6.03
CA LEU F 162 39.10 15.77 4.90
C LEU F 162 38.21 14.57 4.61
N ASP F 163 37.33 14.16 5.55
CA ASP F 163 36.34 13.15 5.25
C ASP F 163 34.95 13.76 5.04
N ARG F 164 34.91 15.10 4.88
CA ARG F 164 33.70 15.90 4.77
C ARG F 164 32.79 15.69 5.97
N GLY F 165 33.42 15.65 7.15
CA GLY F 165 32.74 15.69 8.42
C GLY F 165 32.02 17.03 8.64
N VAL F 166 31.15 17.02 9.65
CA VAL F 166 30.19 18.08 9.87
C VAL F 166 30.03 18.34 11.37
N GLY F 167 29.61 19.58 11.63
CA GLY F 167 29.15 20.03 12.94
C GLY F 167 27.78 20.69 12.80
N TYR F 168 27.41 21.52 13.79
CA TYR F 168 26.03 21.88 14.00
C TYR F 168 25.82 23.38 14.22
N THR F 169 26.88 24.20 14.15
CA THR F 169 26.72 25.65 14.20
C THR F 169 26.35 26.12 12.80
N PRO F 170 26.17 27.42 12.55
CA PRO F 170 26.03 27.92 11.18
C PRO F 170 27.19 27.58 10.26
N TYR F 171 28.36 27.25 10.84
CA TYR F 171 29.55 26.87 10.08
C TYR F 171 29.74 25.34 10.07
N GLY F 172 28.63 24.61 10.13
CA GLY F 172 28.62 23.17 10.25
C GLY F 172 29.13 22.40 9.05
N ASP F 173 29.07 23.00 7.86
CA ASP F 173 29.67 22.37 6.67
C ASP F 173 31.17 22.67 6.64
N HIS F 174 31.97 21.78 7.22
CA HIS F 174 33.40 22.04 7.40
C HIS F 174 34.07 22.31 6.07
N PHE F 175 33.84 21.46 5.05
CA PHE F 175 34.47 21.65 3.76
C PHE F 175 34.15 23.02 3.16
N MET F 176 32.93 23.50 3.34
CA MET F 176 32.55 24.81 2.81
C MET F 176 33.49 25.90 3.37
N TRP F 177 33.85 25.80 4.64
CA TRP F 177 34.62 26.84 5.29
C TRP F 177 36.13 26.60 5.23
N GLN F 178 36.53 25.41 4.77
CA GLN F 178 37.92 25.14 4.52
C GLN F 178 38.41 26.13 3.46
N THR F 179 39.57 26.73 3.70
CA THR F 179 40.13 27.76 2.83
C THR F 179 41.65 27.58 2.82
N GLY F 180 42.14 27.00 1.73
CA GLY F 180 43.57 26.75 1.51
C GLY F 180 43.99 25.41 2.12
N LEU F 181 44.87 24.71 1.41
CA LEU F 181 45.57 23.58 2.00
C LEU F 181 46.93 23.41 1.36
N GLU F 182 47.78 22.70 2.09
CA GLU F 182 49.08 22.24 1.59
C GLU F 182 49.04 20.72 1.59
N VAL F 183 49.46 20.13 0.47
CA VAL F 183 49.35 18.69 0.28
C VAL F 183 50.63 18.15 -0.39
N VAL F 184 51.06 17.00 0.11
CA VAL F 184 52.08 16.21 -0.54
C VAL F 184 51.39 15.23 -1.48
N LEU F 185 51.71 15.36 -2.75
CA LEU F 185 51.13 14.52 -3.80
C LEU F 185 51.78 13.15 -3.82
N PRO F 186 51.20 12.18 -4.54
CA PRO F 186 51.52 10.76 -4.30
C PRO F 186 52.95 10.32 -4.64
N GLN F 187 53.72 11.12 -5.37
CA GLN F 187 55.13 10.83 -5.58
C GLN F 187 56.05 11.73 -4.78
N GLY F 188 55.49 12.56 -3.91
CA GLY F 188 56.29 13.27 -2.92
C GLY F 188 56.45 14.76 -3.19
N GLU F 189 55.87 15.29 -4.26
CA GLU F 189 55.91 16.73 -4.51
C GLU F 189 54.89 17.46 -3.66
N VAL F 190 55.18 18.71 -3.30
CA VAL F 190 54.32 19.48 -2.41
C VAL F 190 53.70 20.64 -3.18
N MET F 191 52.43 20.94 -2.84
CA MET F 191 51.64 21.95 -3.53
C MET F 191 50.75 22.67 -2.51
N ARG F 192 50.54 23.96 -2.72
CA ARG F 192 49.57 24.73 -1.98
C ARG F 192 48.40 25.12 -2.91
N THR F 193 47.18 25.06 -2.39
CA THR F 193 46.01 25.44 -3.17
C THR F 193 45.67 26.91 -2.98
N GLY F 194 44.81 27.40 -3.88
CA GLY F 194 44.19 28.72 -3.75
C GLY F 194 45.22 29.83 -3.79
N MET F 195 45.06 30.81 -2.89
CA MET F 195 45.94 31.94 -2.86
C MET F 195 47.27 31.54 -2.21
N GLY F 196 47.37 30.34 -1.62
CA GLY F 196 48.63 29.83 -1.13
C GLY F 196 49.62 29.57 -2.25
N ALA F 197 49.12 29.40 -3.48
CA ALA F 197 49.99 29.19 -4.64
C ALA F 197 50.63 30.50 -5.11
N LEU F 198 50.16 31.65 -4.60
CA LEU F 198 50.67 32.97 -4.97
C LEU F 198 51.61 33.43 -3.87
N PRO F 199 52.96 33.36 -4.08
CA PRO F 199 53.88 33.68 -3.01
C PRO F 199 53.63 35.06 -2.41
N GLY F 200 53.56 35.14 -1.08
CA GLY F 200 53.44 36.42 -0.41
C GLY F 200 51.97 36.86 -0.23
N SER F 201 51.01 36.14 -0.81
CA SER F 201 49.60 36.48 -0.60
C SER F 201 49.23 36.28 0.87
N ASP F 202 48.48 37.25 1.41
CA ASP F 202 47.90 37.15 2.75
C ASP F 202 46.49 36.58 2.70
N ALA F 203 46.08 36.01 1.54
CA ALA F 203 44.70 35.64 1.33
C ALA F 203 44.50 34.12 1.23
N TRP F 204 45.47 33.34 1.67
CA TRP F 204 45.34 31.88 1.65
C TRP F 204 44.09 31.41 2.40
N GLN F 205 43.81 32.05 3.56
CA GLN F 205 42.66 31.68 4.37
C GLN F 205 41.46 32.64 4.18
N LEU F 206 41.51 33.49 3.14
CA LEU F 206 40.49 34.47 2.87
C LEU F 206 39.67 34.15 1.61
N PHE F 207 40.32 33.59 0.59
CA PHE F 207 39.67 33.36 -0.68
C PHE F 207 40.00 31.96 -1.16
N PRO F 208 39.03 31.02 -1.17
CA PRO F 208 39.34 29.62 -1.37
C PRO F 208 39.79 29.23 -2.77
N TYR F 209 39.33 29.94 -3.81
CA TYR F 209 39.41 29.36 -5.15
C TYR F 209 40.77 29.56 -5.82
N GLY F 210 41.41 30.69 -5.58
CA GLY F 210 42.63 31.07 -6.32
C GLY F 210 42.31 31.30 -7.80
N PHE F 211 43.13 30.74 -8.69
CA PHE F 211 42.96 30.91 -10.12
C PHE F 211 42.99 29.54 -10.79
N GLY F 212 42.15 29.39 -11.83
CA GLY F 212 42.14 28.13 -12.59
C GLY F 212 41.26 27.08 -11.90
N PRO F 213 41.31 25.81 -12.35
CA PRO F 213 40.41 24.80 -11.81
C PRO F 213 40.58 24.67 -10.31
N PHE F 214 39.46 24.51 -9.59
CA PHE F 214 39.45 24.50 -8.12
C PHE F 214 39.59 23.07 -7.62
N PRO F 215 40.74 22.71 -7.00
CA PRO F 215 41.05 21.32 -6.71
C PRO F 215 40.78 20.83 -5.29
N ASP F 216 40.52 21.70 -4.32
CA ASP F 216 40.57 21.28 -2.93
C ASP F 216 39.60 20.14 -2.61
N GLY F 217 38.43 20.12 -3.27
CA GLY F 217 37.46 19.07 -3.01
C GLY F 217 37.96 17.69 -3.44
N MET F 218 38.96 17.66 -4.34
CA MET F 218 39.54 16.42 -4.81
C MET F 218 40.44 15.77 -3.75
N PHE F 219 40.73 16.49 -2.64
CA PHE F 219 41.49 15.95 -1.54
C PHE F 219 40.60 15.57 -0.35
N THR F 220 39.27 15.61 -0.55
CA THR F 220 38.35 15.15 0.48
C THR F 220 37.76 13.80 0.07
N GLN F 221 37.63 12.91 1.08
CA GLN F 221 37.24 11.53 0.84
C GLN F 221 38.05 10.95 -0.31
N SER F 222 39.38 11.14 -0.22
CA SER F 222 40.25 11.02 -1.37
C SER F 222 41.49 10.22 -1.03
N ASN F 223 42.20 9.75 -2.06
CA ASN F 223 43.52 9.17 -1.85
C ASN F 223 44.52 9.82 -2.80
N LEU F 224 44.44 11.15 -2.93
CA LEU F 224 45.31 11.83 -3.89
C LEU F 224 46.49 12.56 -3.23
N GLY F 225 46.63 12.43 -1.91
CA GLY F 225 47.76 13.07 -1.25
C GLY F 225 47.69 13.01 0.25
N ILE F 226 48.73 13.55 0.87
CA ILE F 226 48.83 13.67 2.31
C ILE F 226 48.84 15.16 2.66
N VAL F 227 47.78 15.61 3.31
CA VAL F 227 47.60 17.00 3.64
C VAL F 227 48.44 17.32 4.87
N THR F 228 49.18 18.45 4.79
CA THR F 228 50.09 18.85 5.85
C THR F 228 49.68 20.14 6.55
N LYS F 229 48.84 20.96 5.90
CA LYS F 229 48.32 22.18 6.48
C LYS F 229 46.92 22.41 5.89
N MET F 230 46.07 23.07 6.63
CA MET F 230 44.72 23.40 6.14
C MET F 230 44.22 24.62 6.88
N GLY F 231 43.60 25.54 6.12
CA GLY F 231 42.96 26.69 6.74
C GLY F 231 41.45 26.48 6.85
N ILE F 232 40.87 27.16 7.83
CA ILE F 232 39.43 27.14 7.97
C ILE F 232 38.95 28.47 8.53
N ALA F 233 37.83 28.94 7.97
CA ALA F 233 37.19 30.12 8.52
C ALA F 233 36.56 29.82 9.87
N LEU F 234 36.55 30.83 10.76
CA LEU F 234 35.94 30.73 12.08
C LEU F 234 34.94 31.88 12.24
N MET F 235 33.75 31.54 12.71
CA MET F 235 32.66 32.46 12.90
C MET F 235 32.90 33.26 14.19
N GLN F 236 32.48 34.53 14.21
CA GLN F 236 32.45 35.30 15.45
C GLN F 236 31.37 34.75 16.37
N ARG F 237 31.70 34.64 17.66
CA ARG F 237 30.73 34.19 18.64
C ARG F 237 29.64 35.25 18.80
N PRO F 238 28.34 34.87 18.68
CA PRO F 238 27.24 35.81 18.90
C PRO F 238 27.18 36.29 20.33
N PRO F 239 26.44 37.38 20.61
CA PRO F 239 26.39 37.90 21.97
C PRO F 239 25.64 37.01 22.97
N ALA F 240 24.73 36.17 22.49
CA ALA F 240 23.96 35.26 23.35
C ALA F 240 23.51 34.07 22.54
N SER F 241 23.12 33.00 23.23
CA SER F 241 22.53 31.84 22.56
C SER F 241 21.55 31.14 23.49
N GLN F 242 20.62 30.39 22.91
CA GLN F 242 19.67 29.58 23.68
C GLN F 242 19.44 28.29 22.91
N SER F 243 19.48 27.16 23.61
CA SER F 243 19.19 25.89 22.97
C SER F 243 17.82 25.39 23.43
N PHE F 244 17.22 24.52 22.62
CA PHE F 244 15.91 24.01 22.97
C PHE F 244 15.75 22.57 22.47
N LEU F 245 14.82 21.87 23.12
CA LEU F 245 14.38 20.53 22.80
C LEU F 245 12.87 20.58 22.55
N ILE F 246 12.44 19.89 21.49
CA ILE F 246 11.05 19.61 21.24
C ILE F 246 10.90 18.11 21.27
N THR F 247 10.04 17.60 22.17
CA THR F 247 9.71 16.19 22.19
C THR F 247 8.42 15.97 21.39
N PHE F 248 8.42 14.93 20.54
CA PHE F 248 7.26 14.51 19.78
C PHE F 248 6.96 13.06 20.15
N ASP F 249 5.70 12.81 20.51
CA ASP F 249 5.34 11.58 21.17
C ASP F 249 5.28 10.38 20.22
N LYS F 250 4.89 10.60 18.95
CA LYS F 250 4.54 9.49 18.09
C LYS F 250 5.60 9.24 17.02
N GLU F 251 5.85 7.96 16.73
CA GLU F 251 6.69 7.56 15.62
C GLU F 251 6.27 8.26 14.33
N GLU F 252 4.95 8.33 14.10
CA GLU F 252 4.43 8.80 12.83
C GLU F 252 4.52 10.32 12.70
N ASP F 253 4.88 11.03 13.78
CA ASP F 253 5.04 12.46 13.72
C ASP F 253 6.21 12.88 12.79
N LEU F 254 7.13 11.95 12.47
CA LEU F 254 8.29 12.27 11.65
C LEU F 254 7.88 13.03 10.38
N GLU F 255 6.80 12.56 9.72
CA GLU F 255 6.43 13.15 8.42
C GLU F 255 6.16 14.64 8.58
N GLN F 256 5.34 14.99 9.59
CA GLN F 256 4.99 16.38 9.80
C GLN F 256 6.20 17.20 10.29
N ILE F 257 7.05 16.59 11.13
CA ILE F 257 8.22 17.28 11.66
C ILE F 257 9.13 17.75 10.52
N VAL F 258 9.43 16.84 9.59
CA VAL F 258 10.31 17.16 8.48
C VAL F 258 9.67 18.23 7.59
N ASP F 259 8.35 18.13 7.35
CA ASP F 259 7.69 19.08 6.46
C ASP F 259 7.65 20.49 7.06
N ILE F 260 7.71 20.60 8.39
CA ILE F 260 7.84 21.89 9.06
C ILE F 260 9.32 22.33 9.13
N MET F 261 10.24 21.40 9.39
CA MET F 261 11.67 21.71 9.51
C MET F 261 12.17 22.45 8.27
N LEU F 262 11.90 21.93 7.07
CA LEU F 262 12.47 22.48 5.84
C LEU F 262 12.17 23.99 5.69
N PRO F 263 10.91 24.46 5.66
CA PRO F 263 10.65 25.89 5.50
C PRO F 263 11.19 26.80 6.59
N LEU F 264 11.43 26.26 7.78
CA LEU F 264 11.99 27.04 8.89
C LEU F 264 13.51 27.13 8.76
N ARG F 265 14.11 26.27 7.93
CA ARG F 265 15.57 26.20 7.83
C ARG F 265 16.10 26.81 6.51
N ILE F 266 15.35 26.72 5.40
CA ILE F 266 15.93 26.99 4.08
C ILE F 266 16.46 28.42 3.93
N ASN F 267 15.87 29.39 4.66
CA ASN F 267 16.36 30.76 4.64
C ASN F 267 17.31 31.06 5.80
N MET F 268 17.73 30.03 6.55
CA MET F 268 18.71 30.12 7.65
C MET F 268 18.12 30.85 8.85
N ALA F 269 16.80 30.96 8.88
CA ALA F 269 16.07 31.56 9.98
C ALA F 269 14.60 31.19 9.87
N PRO F 270 13.87 30.91 10.97
CA PRO F 270 14.36 31.01 12.34
C PRO F 270 15.29 29.89 12.81
N LEU F 271 15.44 28.80 12.03
CA LEU F 271 16.37 27.75 12.41
C LEU F 271 17.76 28.14 11.91
N GLN F 272 18.53 28.76 12.81
CA GLN F 272 19.83 29.31 12.47
C GLN F 272 20.94 28.28 12.50
N ASN F 273 20.77 27.21 13.29
CA ASN F 273 21.81 26.18 13.36
C ASN F 273 21.33 24.96 12.58
N VAL F 274 22.15 23.91 12.58
CA VAL F 274 21.78 22.69 11.89
C VAL F 274 20.69 21.99 12.71
N PRO F 275 19.47 21.82 12.18
CA PRO F 275 18.44 21.10 12.91
C PRO F 275 18.73 19.61 13.02
N VAL F 276 18.57 19.04 14.22
CA VAL F 276 18.76 17.61 14.38
C VAL F 276 17.53 17.02 15.08
N LEU F 277 17.08 15.89 14.54
CA LEU F 277 15.97 15.15 15.12
C LEU F 277 16.46 13.75 15.47
N ARG F 278 16.48 13.40 16.76
CA ARG F 278 17.05 12.18 17.24
C ARG F 278 15.95 11.28 17.84
N ASN F 279 15.99 9.98 17.56
CA ASN F 279 14.97 9.10 18.12
C ASN F 279 15.32 8.71 19.55
N ILE F 280 14.32 8.07 20.20
CA ILE F 280 14.42 7.75 21.61
C ILE F 280 15.58 6.80 21.88
N PHE F 281 15.86 5.85 20.95
CA PHE F 281 16.99 4.94 21.15
C PHE F 281 18.31 5.69 21.23
N MET F 282 18.48 6.67 20.36
CA MET F 282 19.72 7.42 20.32
C MET F 282 19.90 8.22 21.62
N ASP F 283 18.82 8.88 22.08
CA ASP F 283 18.89 9.70 23.28
C ASP F 283 19.01 8.82 24.53
N ALA F 284 18.32 7.67 24.57
CA ALA F 284 18.44 6.77 25.71
C ALA F 284 19.87 6.24 25.83
N ALA F 285 20.47 5.89 24.68
CA ALA F 285 21.80 5.28 24.72
C ALA F 285 22.85 6.25 25.25
N ALA F 286 22.59 7.56 25.10
CA ALA F 286 23.51 8.56 25.57
C ALA F 286 23.57 8.64 27.10
N VAL F 287 22.55 8.09 27.79
CA VAL F 287 22.41 8.29 29.22
C VAL F 287 22.15 6.99 29.99
N SER F 288 22.07 5.84 29.29
CA SER F 288 21.61 4.62 29.93
C SER F 288 22.09 3.42 29.14
N LYS F 289 22.07 2.24 29.79
CA LYS F 289 22.40 0.97 29.13
C LYS F 289 21.13 0.27 28.69
N ARG F 290 21.24 -0.57 27.65
CA ARG F 290 20.07 -1.24 27.09
C ARG F 290 19.40 -2.10 28.18
N THR F 291 20.21 -2.74 29.03
CA THR F 291 19.66 -3.64 30.06
C THR F 291 18.85 -2.91 31.13
N GLU F 292 18.98 -1.58 31.24
CA GLU F 292 18.07 -0.84 32.11
C GLU F 292 16.62 -1.03 31.66
N TRP F 293 16.41 -1.24 30.36
CA TRP F 293 15.10 -1.21 29.74
C TRP F 293 14.64 -2.62 29.36
N PHE F 294 15.57 -3.48 28.95
CA PHE F 294 15.23 -4.79 28.41
C PHE F 294 16.46 -5.69 28.47
N ASP F 295 16.32 -6.92 29.01
CA ASP F 295 17.47 -7.80 29.12
C ASP F 295 17.22 -9.10 28.37
N GLY F 296 16.26 -9.10 27.43
CA GLY F 296 15.91 -10.29 26.69
C GLY F 296 16.65 -10.35 25.35
N ASP F 297 16.21 -11.30 24.52
CA ASP F 297 16.77 -11.45 23.19
C ASP F 297 15.86 -10.72 22.22
N GLY F 298 16.47 -10.20 21.15
CA GLY F 298 15.73 -9.70 20.02
C GLY F 298 15.42 -8.22 20.17
N PRO F 299 14.64 -7.64 19.24
CA PRO F 299 14.31 -6.23 19.29
C PRO F 299 13.64 -5.83 20.59
N MET F 300 13.82 -4.57 20.99
CA MET F 300 13.22 -4.11 22.21
C MET F 300 11.69 -4.06 22.02
N PRO F 301 10.89 -4.60 22.94
CA PRO F 301 9.44 -4.53 22.82
C PRO F 301 8.85 -3.14 23.05
N ALA F 302 7.64 -2.94 22.54
CA ALA F 302 6.97 -1.65 22.56
C ALA F 302 6.88 -1.10 23.99
N GLU F 303 6.64 -1.98 24.97
CA GLU F 303 6.42 -1.56 26.34
C GLU F 303 7.71 -0.97 26.90
N ALA F 304 8.86 -1.53 26.52
CA ALA F 304 10.14 -1.01 26.98
C ALA F 304 10.45 0.35 26.34
N ILE F 305 10.06 0.55 25.07
CA ILE F 305 10.24 1.81 24.41
C ILE F 305 9.42 2.88 25.14
N GLU F 306 8.17 2.55 25.50
CA GLU F 306 7.34 3.50 26.22
C GLU F 306 7.96 3.85 27.57
N ARG F 307 8.59 2.86 28.24
CA ARG F 307 9.26 3.11 29.51
C ARG F 307 10.46 4.05 29.33
N MET F 308 11.25 3.88 28.27
CA MET F 308 12.34 4.81 27.99
C MET F 308 11.81 6.24 27.87
N LYS F 309 10.74 6.42 27.08
CA LYS F 309 10.15 7.73 26.89
C LYS F 309 9.69 8.32 28.22
N LYS F 310 8.98 7.52 29.02
CA LYS F 310 8.39 8.04 30.25
C LYS F 310 9.46 8.36 31.28
N ASP F 311 10.42 7.46 31.46
CA ASP F 311 11.45 7.62 32.48
C ASP F 311 12.37 8.80 32.13
N LEU F 312 12.67 8.98 30.85
CA LEU F 312 13.55 10.07 30.43
C LEU F 312 12.79 11.34 30.09
N ASP F 313 11.45 11.31 30.09
CA ASP F 313 10.62 12.45 29.73
C ASP F 313 11.00 12.94 28.34
N LEU F 314 11.10 12.00 27.39
CA LEU F 314 11.40 12.31 26.01
C LEU F 314 10.31 11.74 25.10
N GLY F 315 10.34 12.15 23.83
CA GLY F 315 9.43 11.63 22.82
C GLY F 315 10.10 10.51 22.04
N PHE F 316 9.35 9.94 21.07
CA PHE F 316 9.97 9.03 20.12
C PHE F 316 10.96 9.79 19.24
N TRP F 317 10.61 11.03 18.90
CA TRP F 317 11.46 11.91 18.12
C TRP F 317 11.73 13.17 18.95
N ASN F 318 13.01 13.57 18.99
CA ASN F 318 13.46 14.67 19.85
C ASN F 318 14.26 15.65 19.00
N PHE F 319 13.74 16.87 18.87
CA PHE F 319 14.32 17.90 18.03
C PHE F 319 15.20 18.80 18.89
N TYR F 320 16.43 19.07 18.42
CA TYR F 320 17.35 19.93 19.13
C TYR F 320 17.81 21.05 18.20
N GLY F 321 17.78 22.28 18.72
CA GLY F 321 18.21 23.43 17.98
C GLY F 321 18.82 24.48 18.90
N THR F 322 19.54 25.42 18.29
CA THR F 322 20.16 26.53 19.01
C THR F 322 19.91 27.81 18.22
N LEU F 323 19.65 28.88 18.96
CA LEU F 323 19.40 30.20 18.42
C LEU F 323 20.51 31.12 18.92
N TYR F 324 20.82 32.14 18.12
CA TYR F 324 21.93 33.02 18.41
C TYR F 324 21.53 34.46 18.11
N GLY F 325 22.06 35.37 18.94
CA GLY F 325 21.93 36.78 18.65
C GLY F 325 21.53 37.52 19.91
N PRO F 326 21.15 38.81 19.75
CA PRO F 326 20.57 39.55 20.85
C PRO F 326 19.31 38.87 21.39
N PRO F 327 19.03 38.97 22.70
CA PRO F 327 17.83 38.37 23.28
C PRO F 327 16.55 38.60 22.51
N PRO F 328 16.22 39.82 21.98
CA PRO F 328 14.98 40.00 21.24
C PRO F 328 14.88 39.14 19.98
N LEU F 329 16.01 38.92 19.30
CA LEU F 329 16.01 38.10 18.11
C LEU F 329 15.75 36.64 18.48
N ILE F 330 16.44 36.16 19.52
CA ILE F 330 16.24 34.80 20.03
C ILE F 330 14.76 34.59 20.37
N GLU F 331 14.17 35.56 21.10
CA GLU F 331 12.78 35.46 21.51
C GLU F 331 11.86 35.34 20.30
N MET F 332 12.07 36.18 19.29
CA MET F 332 11.24 36.18 18.11
C MET F 332 11.34 34.84 17.38
N TYR F 333 12.55 34.35 17.17
CA TYR F 333 12.74 33.08 16.45
C TYR F 333 12.14 31.93 17.24
N TYR F 334 12.34 31.90 18.55
CA TYR F 334 11.80 30.82 19.35
C TYR F 334 10.27 30.83 19.29
N GLY F 335 9.66 32.02 19.30
CA GLY F 335 8.23 32.14 19.14
C GLY F 335 7.73 31.54 17.82
N MET F 336 8.47 31.81 16.73
CA MET F 336 8.12 31.28 15.41
C MET F 336 8.22 29.76 15.41
N ILE F 337 9.28 29.23 16.02
CA ILE F 337 9.51 27.79 16.07
C ILE F 337 8.39 27.11 16.87
N LYS F 338 8.04 27.68 18.01
CA LYS F 338 6.98 27.11 18.85
C LYS F 338 5.64 27.13 18.12
N GLU F 339 5.35 28.23 17.40
CA GLU F 339 4.10 28.36 16.68
C GLU F 339 4.02 27.28 15.60
N ALA F 340 5.12 27.03 14.90
CA ALA F 340 5.10 26.13 13.75
C ALA F 340 5.06 24.68 14.21
N PHE F 341 5.97 24.27 15.10
CA PHE F 341 6.01 22.87 15.52
C PHE F 341 4.87 22.54 16.48
N GLY F 342 4.33 23.56 17.15
CA GLY F 342 3.20 23.39 18.04
C GLY F 342 1.92 22.97 17.30
N LYS F 343 1.91 22.97 15.97
CA LYS F 343 0.79 22.42 15.22
C LYS F 343 0.74 20.90 15.28
N ILE F 344 1.82 20.24 15.72
CA ILE F 344 1.83 18.80 15.89
C ILE F 344 1.29 18.49 17.27
N PRO F 345 0.15 17.77 17.40
CA PRO F 345 -0.38 17.41 18.71
C PRO F 345 0.66 16.66 19.55
N GLY F 346 0.81 17.10 20.82
CA GLY F 346 1.66 16.38 21.76
C GLY F 346 3.10 16.89 21.80
N ALA F 347 3.45 17.86 20.93
CA ALA F 347 4.76 18.49 20.98
C ALA F 347 4.95 19.24 22.30
N ARG F 348 6.14 19.07 22.92
CA ARG F 348 6.47 19.82 24.12
C ARG F 348 7.83 20.46 23.96
N PHE F 349 8.00 21.66 24.52
CA PHE F 349 9.17 22.50 24.34
C PHE F 349 9.90 22.70 25.66
N PHE F 350 11.25 22.66 25.60
CA PHE F 350 12.09 22.90 26.74
C PHE F 350 13.33 23.66 26.31
N THR F 351 13.72 24.70 27.08
CA THR F 351 14.98 25.39 26.82
C THR F 351 16.06 24.70 27.64
N HIS F 352 17.32 25.07 27.36
CA HIS F 352 18.45 24.46 28.03
C HIS F 352 18.47 24.86 29.50
N GLU F 353 17.66 25.84 29.89
CA GLU F 353 17.53 26.21 31.30
C GLU F 353 16.46 25.40 32.03
N GLU F 354 15.71 24.53 31.33
CA GLU F 354 14.52 23.94 31.94
C GLU F 354 14.63 22.42 32.14
N ARG F 355 15.79 21.84 31.84
CA ARG F 355 15.96 20.40 31.92
C ARG F 355 17.33 20.03 32.51
N ASP F 356 17.39 19.68 33.81
CA ASP F 356 18.67 19.19 34.42
C ASP F 356 18.45 17.75 34.90
N ASP F 357 17.49 17.09 34.32
CA ASP F 357 17.27 15.69 34.61
C ASP F 357 18.13 14.85 33.67
N ARG F 358 18.13 13.54 33.89
CA ARG F 358 18.96 12.65 33.10
C ARG F 358 18.54 12.74 31.62
N GLY F 359 17.24 12.84 31.35
CA GLY F 359 16.76 12.90 29.97
C GLY F 359 17.24 14.17 29.25
N GLY F 360 17.49 15.23 30.02
CA GLY F 360 17.94 16.50 29.51
C GLY F 360 19.45 16.54 29.26
N HIS F 361 20.17 15.44 29.53
CA HIS F 361 21.61 15.40 29.34
C HIS F 361 21.98 15.60 27.87
N VAL F 362 21.18 15.06 26.94
CA VAL F 362 21.45 15.27 25.52
C VAL F 362 21.28 16.74 25.17
N LEU F 363 20.19 17.38 25.63
CA LEU F 363 20.00 18.80 25.40
C LEU F 363 21.24 19.59 25.87
N GLN F 364 21.78 19.27 27.05
CA GLN F 364 22.93 20.00 27.59
C GLN F 364 24.16 19.77 26.71
N ASP F 365 24.30 18.57 26.16
CA ASP F 365 25.41 18.26 25.27
C ASP F 365 25.27 19.02 23.96
N ARG F 366 24.07 19.06 23.39
CA ARG F 366 23.84 19.79 22.15
C ARG F 366 24.09 21.28 22.37
N HIS F 367 23.76 21.80 23.54
CA HIS F 367 23.99 23.20 23.83
C HIS F 367 25.49 23.52 23.78
N LYS F 368 26.32 22.58 24.28
CA LYS F 368 27.76 22.73 24.15
C LYS F 368 28.18 22.67 22.68
N ILE F 369 27.85 21.57 22.00
CA ILE F 369 28.28 21.33 20.63
C ILE F 369 27.86 22.48 19.72
N ASN F 370 26.62 22.94 19.86
CA ASN F 370 26.05 23.98 19.00
C ASN F 370 26.65 25.34 19.27
N ASN F 371 27.40 25.46 20.37
CA ASN F 371 28.10 26.68 20.73
C ASN F 371 29.62 26.53 20.58
N GLY F 372 30.06 25.49 19.85
CA GLY F 372 31.47 25.28 19.60
C GLY F 372 32.26 24.96 20.87
N ILE F 373 31.59 24.31 21.83
CA ILE F 373 32.24 23.85 23.04
C ILE F 373 32.40 22.34 22.93
N PRO F 374 33.62 21.83 22.70
CA PRO F 374 33.79 20.40 22.46
C PRO F 374 33.48 19.55 23.68
N SER F 375 33.09 18.31 23.40
CA SER F 375 32.57 17.39 24.41
C SER F 375 32.96 15.96 24.05
N LEU F 376 33.04 15.10 25.07
CA LEU F 376 33.12 13.66 24.87
C LEU F 376 31.95 12.95 25.54
N ASP F 377 30.89 13.67 25.89
CA ASP F 377 29.76 13.06 26.59
C ASP F 377 29.16 11.92 25.77
N GLU F 378 29.16 12.07 24.46
CA GLU F 378 28.53 11.09 23.58
C GLU F 378 29.25 9.75 23.55
N LEU F 379 30.48 9.64 24.09
CA LEU F 379 31.11 8.34 24.20
C LEU F 379 30.26 7.38 25.04
N GLN F 380 29.39 7.92 25.91
CA GLN F 380 28.54 7.06 26.73
C GLN F 380 27.64 6.16 25.87
N LEU F 381 27.32 6.57 24.64
CA LEU F 381 26.52 5.76 23.73
C LEU F 381 27.10 4.35 23.63
N LEU F 382 28.42 4.22 23.63
CA LEU F 382 29.05 2.92 23.41
C LEU F 382 28.89 1.97 24.59
N ASP F 383 28.42 2.48 25.74
CA ASP F 383 28.08 1.62 26.87
C ASP F 383 26.69 1.01 26.77
N TRP F 384 25.97 1.25 25.66
CA TRP F 384 24.63 0.71 25.51
C TRP F 384 24.63 -0.81 25.67
N VAL F 385 25.68 -1.45 25.13
CA VAL F 385 25.89 -2.88 25.30
C VAL F 385 27.39 -3.07 25.54
N PRO F 386 27.82 -4.18 26.17
CA PRO F 386 29.25 -4.37 26.43
C PRO F 386 30.05 -4.51 25.15
N ASN F 387 31.34 -4.14 25.23
CA ASN F 387 32.23 -4.12 24.09
C ASN F 387 31.61 -3.32 22.94
N GLY F 388 30.93 -2.23 23.28
CA GLY F 388 30.13 -1.51 22.31
C GLY F 388 30.97 -0.84 21.25
N GLY F 389 30.54 -1.01 20.00
CA GLY F 389 31.03 -0.23 18.87
C GLY F 389 29.85 0.21 18.01
N HIS F 390 30.12 1.12 17.05
CA HIS F 390 29.10 1.50 16.12
C HIS F 390 29.66 1.59 14.70
N ILE F 391 28.75 1.47 13.73
CA ILE F 391 29.02 1.81 12.34
C ILE F 391 28.02 2.88 11.94
N GLY F 392 28.48 3.83 11.14
CA GLY F 392 27.68 4.93 10.63
C GLY F 392 27.08 4.60 9.26
N PHE F 393 25.80 4.88 9.10
CA PHE F 393 25.11 4.59 7.87
C PHE F 393 24.28 5.83 7.59
N VAL F 394 24.62 6.61 6.54
CA VAL F 394 24.02 7.92 6.39
C VAL F 394 23.62 8.20 4.95
N PRO F 395 22.42 7.75 4.53
CA PRO F 395 21.84 8.14 3.24
C PRO F 395 21.39 9.59 3.15
N VAL F 396 21.52 10.14 1.94
CA VAL F 396 21.13 11.50 1.61
C VAL F 396 19.91 11.43 0.69
N SER F 397 18.96 12.33 0.97
CA SER F 397 17.68 12.35 0.28
C SER F 397 17.16 13.77 0.24
N ALA F 398 15.98 13.94 -0.37
CA ALA F 398 15.26 15.21 -0.33
C ALA F 398 14.60 15.39 1.04
N PRO F 399 14.55 16.64 1.56
CA PRO F 399 13.93 16.94 2.85
C PRO F 399 12.41 16.96 2.78
N ASP F 400 11.89 15.74 2.66
CA ASP F 400 10.48 15.50 2.43
C ASP F 400 10.00 14.50 3.48
N GLY F 401 8.85 14.78 4.11
CA GLY F 401 8.36 13.94 5.22
C GLY F 401 8.04 12.52 4.79
N ARG F 402 7.45 12.35 3.59
CA ARG F 402 7.13 11.02 3.11
C ARG F 402 8.41 10.24 2.85
N GLU F 403 9.43 10.89 2.27
CA GLU F 403 10.72 10.23 2.08
C GLU F 403 11.34 9.84 3.42
N ALA F 404 11.21 10.69 4.45
CA ALA F 404 11.72 10.38 5.78
C ALA F 404 11.03 9.16 6.36
N MET F 405 9.69 9.10 6.26
CA MET F 405 8.94 7.97 6.76
C MET F 405 9.40 6.69 6.07
N LYS F 406 9.61 6.77 4.76
CA LYS F 406 10.00 5.58 3.99
C LYS F 406 11.34 5.04 4.50
N GLN F 407 12.29 5.97 4.71
CA GLN F 407 13.62 5.60 5.16
C GLN F 407 13.60 5.03 6.58
N PHE F 408 12.90 5.72 7.48
CA PHE F 408 12.74 5.27 8.86
C PHE F 408 12.29 3.80 8.87
N GLU F 409 11.20 3.53 8.15
CA GLU F 409 10.55 2.22 8.23
C GLU F 409 11.46 1.16 7.60
N MET F 410 12.10 1.46 6.47
CA MET F 410 12.83 0.43 5.75
C MET F 410 14.15 0.12 6.45
N VAL F 411 14.76 1.11 7.09
CA VAL F 411 16.00 0.87 7.82
C VAL F 411 15.67 0.11 9.11
N ARG F 412 14.61 0.53 9.79
CA ARG F 412 14.24 -0.15 11.03
C ARG F 412 13.89 -1.61 10.77
N ASN F 413 13.17 -1.90 9.69
CA ASN F 413 12.84 -3.25 9.28
C ASN F 413 14.09 -4.11 9.21
N ARG F 414 15.12 -3.62 8.52
CA ARG F 414 16.36 -4.38 8.34
C ARG F 414 17.12 -4.48 9.65
N ALA F 415 17.16 -3.42 10.45
CA ALA F 415 17.77 -3.47 11.76
C ALA F 415 17.17 -4.60 12.60
N ASN F 416 15.83 -4.63 12.67
CA ASN F 416 15.11 -5.63 13.43
C ASN F 416 15.50 -7.03 12.99
N GLU F 417 15.58 -7.23 11.67
CA GLU F 417 15.85 -8.54 11.08
C GLU F 417 17.23 -9.03 11.49
N TYR F 418 18.20 -8.10 11.68
CA TYR F 418 19.55 -8.49 12.07
C TYR F 418 19.79 -8.26 13.57
N ASN F 419 18.72 -8.11 14.35
CA ASN F 419 18.83 -7.95 15.80
C ASN F 419 19.78 -6.82 16.15
N LYS F 420 19.58 -5.65 15.55
CA LYS F 420 20.34 -4.46 15.91
C LYS F 420 19.33 -3.34 16.20
N ASP F 421 19.58 -2.51 17.22
CA ASP F 421 18.69 -1.44 17.56
C ASP F 421 18.75 -0.34 16.48
N TYR F 422 17.57 0.22 16.16
CA TYR F 422 17.43 1.35 15.24
C TYR F 422 17.72 2.64 16.02
N MET F 423 18.98 3.04 16.02
CA MET F 423 19.39 4.31 16.61
C MET F 423 19.65 5.31 15.49
N ALA F 424 18.79 6.29 15.36
CA ALA F 424 18.87 7.16 14.20
C ALA F 424 18.34 8.54 14.51
N GLY F 425 18.75 9.46 13.63
CA GLY F 425 18.15 10.77 13.57
C GLY F 425 18.07 11.25 12.13
N PHE F 426 17.43 12.39 11.95
CA PHE F 426 17.34 13.07 10.67
C PHE F 426 17.85 14.50 10.86
N THR F 427 18.66 14.96 9.91
CA THR F 427 19.13 16.35 9.90
C THR F 427 18.92 16.92 8.51
N ILE F 428 18.80 18.24 8.43
CA ILE F 428 18.76 18.96 7.15
C ILE F 428 19.86 20.01 7.14
N GLY F 429 20.48 20.19 5.97
CA GLY F 429 21.38 21.29 5.70
C GLY F 429 20.66 22.60 5.40
N LEU F 430 20.36 22.84 4.12
CA LEU F 430 19.40 23.85 3.65
C LEU F 430 18.39 23.14 2.77
N ARG F 431 18.87 22.28 1.87
CA ARG F 431 18.06 21.68 0.84
C ARG F 431 18.12 20.16 0.82
N GLU F 432 18.91 19.57 1.72
CA GLU F 432 19.17 18.14 1.67
C GLU F 432 18.93 17.55 3.05
N MET F 433 18.63 16.26 3.06
CA MET F 433 18.31 15.53 4.27
C MET F 433 19.26 14.37 4.43
N TYR F 434 19.68 14.15 5.68
CA TYR F 434 20.50 13.01 6.06
C TYR F 434 19.74 12.15 7.08
N HIS F 435 19.79 10.85 6.84
CA HIS F 435 19.28 9.86 7.77
C HIS F 435 20.48 9.27 8.50
N VAL F 436 20.78 9.82 9.69
CA VAL F 436 21.98 9.47 10.40
C VAL F 436 21.71 8.26 11.30
N CYS F 437 22.14 7.08 10.84
CA CYS F 437 21.96 5.84 11.57
C CYS F 437 23.28 5.43 12.21
N LEU F 438 23.20 5.10 13.51
CA LEU F 438 24.32 4.50 14.22
C LEU F 438 23.84 3.10 14.60
N PHE F 439 24.56 2.07 14.23
CA PHE F 439 24.19 0.74 14.72
C PHE F 439 25.22 0.29 15.74
N ILE F 440 24.76 0.03 16.96
CA ILE F 440 25.62 -0.32 18.08
C ILE F 440 25.60 -1.84 18.23
N TYR F 441 26.78 -2.43 18.46
CA TYR F 441 26.87 -3.89 18.49
C TYR F 441 28.05 -4.30 19.35
N ASP F 442 28.08 -5.61 19.67
CA ASP F 442 29.14 -6.21 20.43
C ASP F 442 30.36 -6.49 19.54
N THR F 443 31.41 -5.68 19.67
CA THR F 443 32.59 -5.80 18.81
C THR F 443 33.39 -7.07 19.10
N ALA F 444 33.12 -7.73 20.24
CA ALA F 444 33.87 -8.93 20.61
C ALA F 444 33.26 -10.18 20.00
N ASP F 445 32.05 -10.05 19.40
CA ASP F 445 31.31 -11.19 18.90
C ASP F 445 31.48 -11.29 17.39
N PRO F 446 32.19 -12.30 16.84
CA PRO F 446 32.35 -12.42 15.39
C PRO F 446 31.02 -12.46 14.64
N GLU F 447 30.01 -13.11 15.22
CA GLU F 447 28.69 -13.19 14.62
C GLU F 447 28.08 -11.80 14.49
N ALA F 448 28.19 -10.97 15.53
CA ALA F 448 27.65 -9.62 15.51
C ALA F 448 28.37 -8.78 14.47
N ARG F 449 29.70 -8.94 14.38
CA ARG F 449 30.49 -8.22 13.40
C ARG F 449 30.03 -8.57 11.99
N GLU F 450 29.79 -9.85 11.73
CA GLU F 450 29.38 -10.29 10.40
C GLU F 450 27.94 -9.86 10.13
N GLU F 451 27.06 -9.89 11.11
CA GLU F 451 25.72 -9.38 10.96
C GLU F 451 25.74 -7.91 10.56
N ILE F 452 26.59 -7.10 11.23
CA ILE F 452 26.69 -5.68 10.89
C ILE F 452 27.07 -5.52 9.43
N LEU F 453 28.07 -6.28 8.98
CA LEU F 453 28.54 -6.22 7.60
C LEU F 453 27.39 -6.58 6.65
N GLN F 454 26.74 -7.70 6.89
CA GLN F 454 25.72 -8.18 5.95
C GLN F 454 24.49 -7.27 5.97
N MET F 455 24.12 -6.76 7.14
CA MET F 455 22.99 -5.85 7.25
C MET F 455 23.28 -4.56 6.49
N THR F 456 24.48 -3.99 6.70
CA THR F 456 24.77 -2.71 6.07
C THR F 456 24.89 -2.86 4.56
N LYS F 457 25.35 -4.02 4.07
CA LYS F 457 25.37 -4.25 2.63
C LYS F 457 23.97 -4.21 2.06
N VAL F 458 23.01 -4.83 2.76
CA VAL F 458 21.63 -4.78 2.34
C VAL F 458 21.08 -3.34 2.40
N LEU F 459 21.37 -2.62 3.49
CA LEU F 459 20.88 -1.26 3.65
C LEU F 459 21.39 -0.38 2.50
N VAL F 460 22.67 -0.53 2.12
CA VAL F 460 23.26 0.27 1.05
C VAL F 460 22.53 0.01 -0.24
N ARG F 461 22.32 -1.28 -0.56
CA ARG F 461 21.64 -1.66 -1.79
C ARG F 461 20.20 -1.13 -1.81
N GLU F 462 19.48 -1.34 -0.72
CA GLU F 462 18.06 -0.97 -0.67
C GLU F 462 17.89 0.54 -0.75
N ALA F 463 18.80 1.29 -0.10
CA ALA F 463 18.79 2.74 -0.17
C ALA F 463 19.00 3.17 -1.62
N ALA F 464 20.00 2.58 -2.30
CA ALA F 464 20.28 2.95 -3.68
C ALA F 464 19.07 2.64 -4.59
N GLU F 465 18.41 1.51 -4.34
CA GLU F 465 17.23 1.11 -5.12
C GLU F 465 16.11 2.13 -4.96
N ALA F 466 16.08 2.83 -3.82
CA ALA F 466 15.10 3.87 -3.54
C ALA F 466 15.57 5.26 -3.96
N GLY F 467 16.78 5.37 -4.51
CA GLY F 467 17.29 6.62 -5.01
C GLY F 467 18.08 7.42 -3.97
N TYR F 468 18.61 6.74 -2.94
CA TYR F 468 19.39 7.40 -1.93
C TYR F 468 20.84 6.89 -2.03
N GLY F 469 21.80 7.81 -1.93
CA GLY F 469 23.19 7.40 -1.77
C GLY F 469 23.77 7.91 -0.45
N GLU F 470 24.90 7.34 0.01
CA GLU F 470 25.46 7.74 1.29
C GLU F 470 26.50 8.85 1.07
N TYR F 471 26.62 9.70 2.10
CA TYR F 471 27.50 10.84 2.03
C TYR F 471 28.91 10.42 2.48
N ARG F 472 29.00 9.30 3.20
CA ARG F 472 30.25 8.89 3.85
C ARG F 472 30.06 7.44 4.28
N THR F 473 31.12 6.63 4.33
CA THR F 473 30.93 5.25 4.76
C THR F 473 32.21 4.64 5.31
N HIS F 474 32.02 3.44 5.86
CA HIS F 474 33.09 2.66 6.47
C HIS F 474 33.93 1.95 5.40
N ASN F 475 35.19 1.70 5.73
CA ASN F 475 36.09 0.91 4.91
C ASN F 475 35.39 -0.28 4.24
N ALA F 476 34.65 -1.07 5.05
CA ALA F 476 34.08 -2.34 4.60
C ALA F 476 32.99 -2.16 3.54
N LEU F 477 32.46 -0.93 3.41
CA LEU F 477 31.38 -0.66 2.49
C LEU F 477 31.78 0.27 1.33
N MET F 478 33.03 0.68 1.27
CA MET F 478 33.40 1.69 0.29
C MET F 478 33.22 1.18 -1.15
N ASP F 479 33.59 -0.07 -1.42
CA ASP F 479 33.39 -0.62 -2.76
C ASP F 479 31.90 -0.66 -3.10
N ASP F 480 31.09 -1.15 -2.16
CA ASP F 480 29.65 -1.25 -2.37
C ASP F 480 29.02 0.13 -2.59
N VAL F 481 29.40 1.14 -1.79
CA VAL F 481 28.78 2.45 -1.95
C VAL F 481 29.20 3.08 -3.28
N MET F 482 30.48 3.02 -3.63
CA MET F 482 30.90 3.63 -4.89
C MET F 482 30.20 2.95 -6.07
N ALA F 483 29.92 1.64 -5.94
CA ALA F 483 29.26 0.88 -6.98
C ALA F 483 27.83 1.40 -7.23
N THR F 484 27.19 2.06 -6.25
CA THR F 484 25.84 2.57 -6.41
C THR F 484 25.84 3.86 -7.25
N PHE F 485 26.97 4.57 -7.30
CA PHE F 485 27.01 5.84 -8.03
C PHE F 485 27.44 5.58 -9.47
N ASN F 486 26.72 4.68 -10.14
CA ASN F 486 27.16 4.11 -11.40
C ASN F 486 26.39 4.63 -12.61
N TRP F 487 25.81 5.83 -12.55
CA TRP F 487 25.26 6.44 -13.75
C TRP F 487 26.26 6.37 -14.90
N GLY F 488 25.74 6.11 -16.11
CA GLY F 488 26.55 6.13 -17.31
C GLY F 488 27.61 5.01 -17.31
N ASP F 489 27.19 3.84 -16.83
CA ASP F 489 28.04 2.65 -16.77
C ASP F 489 29.31 2.93 -15.96
N GLY F 490 29.14 3.53 -14.78
CA GLY F 490 30.24 3.71 -13.85
C GLY F 490 31.21 4.81 -14.29
N ALA F 491 30.67 5.88 -14.90
CA ALA F 491 31.48 6.95 -15.43
C ALA F 491 32.24 7.68 -14.32
N LEU F 492 31.60 7.90 -13.16
CA LEU F 492 32.24 8.69 -12.12
C LEU F 492 33.49 7.97 -11.60
N LEU F 493 33.35 6.68 -11.31
CA LEU F 493 34.51 5.90 -10.84
C LEU F 493 35.61 5.86 -11.90
N LYS F 494 35.26 5.71 -13.17
CA LYS F 494 36.26 5.67 -14.23
C LYS F 494 37.06 6.96 -14.27
N PHE F 495 36.36 8.09 -14.09
CA PHE F 495 37.03 9.39 -14.04
C PHE F 495 37.98 9.43 -12.84
N HIS F 496 37.50 9.02 -11.66
CA HIS F 496 38.36 9.05 -10.48
C HIS F 496 39.60 8.18 -10.67
N GLU F 497 39.42 7.01 -11.31
CA GLU F 497 40.53 6.08 -11.53
C GLU F 497 41.60 6.69 -12.44
N LYS F 498 41.19 7.42 -13.47
CA LYS F 498 42.13 8.04 -14.40
C LYS F 498 42.99 9.07 -13.67
N ILE F 499 42.34 9.87 -12.83
CA ILE F 499 43.05 10.86 -12.03
C ILE F 499 43.98 10.18 -11.03
N LYS F 500 43.50 9.14 -10.33
CA LYS F 500 44.33 8.41 -9.39
C LYS F 500 45.58 7.85 -10.06
N ASP F 501 45.43 7.23 -11.23
CA ASP F 501 46.57 6.59 -11.88
C ASP F 501 47.58 7.62 -12.36
N ALA F 502 47.10 8.79 -12.78
CA ALA F 502 47.95 9.85 -13.28
C ALA F 502 48.79 10.44 -12.15
N LEU F 503 48.16 10.70 -10.98
CA LEU F 503 48.86 11.32 -9.88
C LEU F 503 49.67 10.29 -9.07
N ASP F 504 49.27 9.01 -9.12
CA ASP F 504 49.81 7.96 -8.27
C ASP F 504 50.13 6.74 -9.12
N PRO F 505 51.14 6.84 -10.02
CA PRO F 505 51.43 5.74 -10.95
C PRO F 505 51.93 4.48 -10.27
N ASN F 506 52.50 4.61 -9.06
CA ASN F 506 52.99 3.47 -8.30
C ASN F 506 51.93 2.93 -7.32
N GLY F 507 50.76 3.56 -7.24
CA GLY F 507 49.65 3.03 -6.46
C GLY F 507 49.95 2.94 -4.96
N ILE F 508 50.31 4.08 -4.36
CA ILE F 508 50.83 4.16 -3.00
C ILE F 508 49.76 4.64 -2.01
N ILE F 509 49.02 5.69 -2.35
CA ILE F 509 48.24 6.39 -1.33
C ILE F 509 46.87 5.71 -1.14
N ALA F 510 46.56 5.32 0.11
CA ALA F 510 45.28 4.76 0.58
C ALA F 510 44.51 4.06 -0.53
N PRO F 511 45.06 2.97 -1.09
CA PRO F 511 44.36 2.24 -2.15
C PRO F 511 42.99 1.79 -1.68
N GLY F 512 41.96 2.09 -2.48
CA GLY F 512 40.62 1.63 -2.19
C GLY F 512 39.75 2.62 -1.43
N LYS F 513 40.33 3.72 -0.94
CA LYS F 513 39.53 4.76 -0.31
C LYS F 513 38.41 5.19 -1.28
N SER F 514 37.17 5.27 -0.77
CA SER F 514 36.02 5.66 -1.57
C SER F 514 35.83 4.73 -2.79
N GLY F 515 36.37 3.52 -2.70
CA GLY F 515 36.25 2.56 -3.80
C GLY F 515 37.18 2.83 -4.97
N ILE F 516 38.18 3.72 -4.78
CA ILE F 516 39.05 4.12 -5.87
C ILE F 516 40.39 3.40 -5.73
N TRP F 517 40.63 2.43 -6.59
CA TRP F 517 41.84 1.61 -6.55
C TRP F 517 42.78 1.99 -7.68
N PRO F 518 44.09 2.11 -7.41
CA PRO F 518 45.06 2.27 -8.49
C PRO F 518 45.16 0.99 -9.29
N GLN F 519 45.70 1.10 -10.50
CA GLN F 519 45.74 0.03 -11.48
C GLN F 519 46.31 -1.26 -10.88
N ARG F 520 47.38 -1.19 -10.07
CA ARG F 520 48.06 -2.41 -9.64
C ARG F 520 47.21 -3.25 -8.68
N PHE F 521 46.17 -2.67 -8.07
CA PHE F 521 45.31 -3.39 -7.13
C PHE F 521 43.90 -3.60 -7.69
N ARG F 522 43.62 -3.05 -8.87
CA ARG F 522 42.26 -3.08 -9.38
C ARG F 522 41.86 -4.51 -9.74
N GLY F 523 40.65 -4.90 -9.33
CA GLY F 523 40.08 -6.20 -9.65
C GLY F 523 40.77 -7.35 -8.92
N GLN F 524 41.18 -7.14 -7.65
CA GLN F 524 41.91 -8.18 -6.94
C GLN F 524 41.25 -8.62 -5.64
N ASN F 525 40.03 -8.15 -5.34
CA ASN F 525 39.31 -8.66 -4.19
C ASN F 525 40.13 -8.43 -2.91
N LEU F 526 40.64 -7.21 -2.74
CA LEU F 526 41.34 -6.82 -1.53
C LEU F 526 40.38 -6.02 -0.64
N THR G 2 -21.70 37.56 -7.08
CA THR G 2 -21.70 36.10 -7.26
C THR G 2 -22.55 35.47 -6.16
N ARG G 3 -23.26 34.38 -6.50
CA ARG G 3 -24.15 33.73 -5.55
C ARG G 3 -23.37 33.13 -4.38
N THR G 4 -23.86 33.37 -3.16
CA THR G 4 -23.21 32.84 -1.97
C THR G 4 -23.63 31.38 -1.82
N LEU G 5 -22.62 30.47 -1.79
CA LEU G 5 -22.88 29.05 -1.67
C LEU G 5 -22.25 28.50 -0.39
N PRO G 6 -22.80 27.42 0.20
CA PRO G 6 -22.11 26.74 1.27
C PRO G 6 -20.76 26.21 0.80
N PRO G 7 -19.73 26.23 1.67
CA PRO G 7 -18.40 25.76 1.25
C PRO G 7 -18.43 24.34 0.69
N GLY G 8 -17.91 24.14 -0.51
CA GLY G 8 -17.84 22.81 -1.09
C GLY G 8 -19.12 22.33 -1.73
N VAL G 9 -20.19 23.15 -1.74
CA VAL G 9 -21.49 22.72 -2.24
C VAL G 9 -21.77 23.43 -3.56
N SER G 10 -22.02 22.64 -4.61
CA SER G 10 -22.24 23.16 -5.94
C SER G 10 -23.58 23.88 -6.03
N ASP G 11 -23.71 24.73 -7.06
CA ASP G 11 -24.98 25.35 -7.37
C ASP G 11 -26.11 24.31 -7.44
N GLU G 12 -25.85 23.20 -8.13
CA GLU G 12 -26.89 22.19 -8.39
C GLU G 12 -27.29 21.49 -7.09
N ARG G 13 -26.31 21.14 -6.27
CA ARG G 13 -26.58 20.48 -4.99
C ARG G 13 -27.30 21.45 -4.05
N PHE G 14 -26.91 22.72 -4.07
CA PHE G 14 -27.54 23.70 -3.20
C PHE G 14 -29.00 23.88 -3.61
N ASP G 15 -29.28 23.98 -4.92
CA ASP G 15 -30.66 24.08 -5.39
C ASP G 15 -31.49 22.89 -4.94
N ALA G 16 -30.91 21.68 -4.99
CA ALA G 16 -31.62 20.49 -4.54
C ALA G 16 -31.92 20.57 -3.05
N ALA G 17 -30.94 21.01 -2.25
CA ALA G 17 -31.13 21.17 -0.82
C ALA G 17 -32.21 22.22 -0.53
N LEU G 18 -32.21 23.35 -1.27
CA LEU G 18 -33.22 24.37 -1.08
C LEU G 18 -34.63 23.81 -1.27
N GLN G 19 -34.80 22.97 -2.31
CA GLN G 19 -36.10 22.40 -2.57
C GLN G 19 -36.50 21.45 -1.43
N ARG G 20 -35.54 20.67 -0.89
CA ARG G 20 -35.82 19.83 0.25
C ARG G 20 -36.28 20.68 1.44
N PHE G 21 -35.61 21.82 1.68
CA PHE G 21 -36.01 22.69 2.78
C PHE G 21 -37.42 23.23 2.52
N ARG G 22 -37.74 23.61 1.28
CA ARG G 22 -39.07 24.11 0.97
C ARG G 22 -40.14 23.03 1.22
N ASP G 23 -39.79 21.77 0.94
CA ASP G 23 -40.73 20.67 1.17
C ASP G 23 -41.04 20.54 2.65
N VAL G 24 -40.12 20.97 3.53
CA VAL G 24 -40.31 20.86 4.98
C VAL G 24 -41.10 22.06 5.49
N VAL G 25 -40.69 23.29 5.16
CA VAL G 25 -41.20 24.48 5.84
C VAL G 25 -42.22 25.24 4.99
N GLY G 26 -42.29 24.94 3.69
CA GLY G 26 -43.14 25.69 2.76
C GLY G 26 -42.31 26.67 1.90
N ASP G 27 -42.76 26.91 0.67
CA ASP G 27 -42.00 27.70 -0.30
C ASP G 27 -41.71 29.11 0.22
N LYS G 28 -42.66 29.76 0.89
CA LYS G 28 -42.45 31.15 1.24
C LYS G 28 -41.50 31.32 2.42
N TRP G 29 -41.13 30.20 3.07
CA TRP G 29 -40.33 30.25 4.29
C TRP G 29 -38.87 29.82 4.06
N VAL G 30 -38.45 29.83 2.79
CA VAL G 30 -37.07 29.68 2.38
C VAL G 30 -36.71 30.87 1.52
N LEU G 31 -35.74 31.67 1.97
CA LEU G 31 -35.27 32.86 1.27
C LEU G 31 -33.89 32.57 0.70
N SER G 32 -33.66 32.87 -0.58
CA SER G 32 -32.36 32.59 -1.19
C SER G 32 -31.97 33.54 -2.32
N THR G 33 -32.66 34.68 -2.50
CA THR G 33 -32.21 35.65 -3.49
C THR G 33 -31.30 36.67 -2.82
N ALA G 34 -30.37 37.23 -3.61
CA ALA G 34 -29.45 38.24 -3.13
C ALA G 34 -30.17 39.36 -2.40
N ASP G 35 -31.24 39.88 -3.00
CA ASP G 35 -32.02 40.98 -2.42
C ASP G 35 -32.66 40.57 -1.10
N GLU G 36 -33.21 39.36 -1.01
CA GLU G 36 -33.83 38.88 0.22
C GLU G 36 -32.78 38.76 1.34
N LEU G 37 -31.55 38.35 0.98
CA LEU G 37 -30.54 38.02 1.97
C LEU G 37 -29.85 39.27 2.52
N GLU G 38 -29.97 40.41 1.81
CA GLU G 38 -29.32 41.65 2.21
C GLU G 38 -29.68 42.01 3.65
N ALA G 39 -30.94 41.79 4.03
CA ALA G 39 -31.45 42.18 5.33
C ALA G 39 -30.89 41.30 6.45
N PHE G 40 -30.20 40.20 6.10
CA PHE G 40 -29.69 39.29 7.11
C PHE G 40 -28.18 39.44 7.26
N ARG G 41 -27.58 40.36 6.49
CA ARG G 41 -26.18 40.69 6.70
C ARG G 41 -26.07 41.43 8.02
N ASP G 42 -24.88 41.35 8.62
CA ASP G 42 -24.57 42.09 9.83
C ASP G 42 -24.89 43.57 9.60
N PRO G 43 -25.77 44.20 10.39
CA PRO G 43 -26.04 45.63 10.19
C PRO G 43 -24.86 46.52 10.59
N TYR G 44 -23.96 46.00 11.44
CA TYR G 44 -22.81 46.73 11.93
C TYR G 44 -21.55 45.99 11.51
N PRO G 45 -21.24 45.93 10.20
CA PRO G 45 -20.14 45.12 9.72
C PRO G 45 -18.79 45.60 10.24
N VAL G 46 -17.90 44.63 10.46
CA VAL G 46 -16.57 44.86 10.96
C VAL G 46 -15.60 44.38 9.88
N GLY G 47 -14.54 45.17 9.62
CA GLY G 47 -13.62 44.88 8.53
C GLY G 47 -14.12 45.48 7.23
N ALA G 48 -13.18 45.91 6.38
CA ALA G 48 -13.52 46.45 5.08
C ALA G 48 -14.09 45.35 4.17
N ALA G 49 -13.46 44.17 4.17
CA ALA G 49 -13.85 43.10 3.27
C ALA G 49 -15.21 42.53 3.67
N GLU G 50 -15.96 42.08 2.67
CA GLU G 50 -17.22 41.39 2.93
C GLU G 50 -16.94 40.12 3.70
N ALA G 51 -17.83 39.80 4.65
CA ALA G 51 -17.66 38.63 5.48
C ALA G 51 -19.02 38.15 5.98
N ASN G 52 -19.09 36.94 6.50
CA ASN G 52 -20.28 36.49 7.22
C ASN G 52 -21.52 36.52 6.33
N LEU G 53 -21.40 35.95 5.13
CA LEU G 53 -22.48 36.02 4.15
C LEU G 53 -23.37 34.80 4.28
N PRO G 54 -24.70 34.97 4.51
CA PRO G 54 -25.62 33.84 4.49
C PRO G 54 -25.95 33.39 3.07
N SER G 55 -26.15 32.08 2.88
CA SER G 55 -26.55 31.53 1.59
C SER G 55 -28.07 31.43 1.46
N ALA G 56 -28.76 31.33 2.58
CA ALA G 56 -30.22 31.24 2.60
C ALA G 56 -30.71 31.46 4.01
N VAL G 57 -32.02 31.66 4.15
CA VAL G 57 -32.68 31.73 5.45
C VAL G 57 -33.86 30.76 5.41
N VAL G 58 -33.95 29.90 6.44
CA VAL G 58 -35.06 28.95 6.56
C VAL G 58 -35.79 29.24 7.88
N SER G 59 -37.12 29.34 7.80
CA SER G 59 -37.98 29.70 8.93
C SER G 59 -38.89 28.54 9.27
N PRO G 60 -38.48 27.63 10.19
CA PRO G 60 -39.33 26.51 10.59
C PRO G 60 -40.44 26.91 11.53
N GLU G 61 -41.51 26.10 11.57
CA GLU G 61 -42.68 26.36 12.39
C GLU G 61 -42.73 25.50 13.64
N SER G 62 -41.93 24.43 13.71
CA SER G 62 -42.07 23.43 14.76
C SER G 62 -40.72 22.72 15.01
N THR G 63 -40.64 22.05 16.17
CA THR G 63 -39.50 21.23 16.49
C THR G 63 -39.28 20.16 15.41
N GLU G 64 -40.35 19.51 14.96
CA GLU G 64 -40.18 18.48 13.95
C GLU G 64 -39.57 19.05 12.66
N GLN G 65 -40.02 20.26 12.27
CA GLN G 65 -39.44 20.90 11.09
C GLN G 65 -37.95 21.18 11.31
N VAL G 66 -37.57 21.65 12.51
CA VAL G 66 -36.15 21.87 12.81
C VAL G 66 -35.38 20.56 12.63
N GLN G 67 -35.93 19.45 13.14
CA GLN G 67 -35.27 18.17 13.03
C GLN G 67 -35.05 17.81 11.56
N ASP G 68 -36.08 18.01 10.73
CA ASP G 68 -35.97 17.68 9.31
C ASP G 68 -34.97 18.57 8.59
N ILE G 69 -34.91 19.87 8.93
CA ILE G 69 -33.93 20.78 8.35
C ILE G 69 -32.52 20.31 8.70
N VAL G 70 -32.31 19.93 9.96
CA VAL G 70 -31.00 19.45 10.39
C VAL G 70 -30.64 18.17 9.63
N ARG G 71 -31.59 17.26 9.43
CA ARG G 71 -31.32 16.03 8.71
C ARG G 71 -30.91 16.31 7.27
N ILE G 72 -31.60 17.24 6.61
CA ILE G 72 -31.26 17.63 5.25
C ILE G 72 -29.84 18.22 5.23
N ALA G 73 -29.52 19.08 6.18
CA ALA G 73 -28.23 19.73 6.21
C ALA G 73 -27.12 18.69 6.36
N ASN G 74 -27.36 17.65 7.19
CA ASN G 74 -26.40 16.57 7.34
C ASN G 74 -26.20 15.83 6.02
N GLU G 75 -27.29 15.58 5.29
CA GLU G 75 -27.19 14.82 4.05
C GLU G 75 -26.35 15.60 3.01
N TYR G 76 -26.51 16.93 2.96
CA TYR G 76 -25.85 17.76 1.95
C TYR G 76 -24.55 18.41 2.42
N GLY G 77 -24.23 18.31 3.72
CA GLY G 77 -23.09 19.01 4.29
C GLY G 77 -23.25 20.54 4.27
N ILE G 78 -24.47 21.02 4.53
CA ILE G 78 -24.74 22.45 4.56
C ILE G 78 -24.67 22.97 5.99
N PRO G 79 -23.82 23.97 6.30
CA PRO G 79 -23.78 24.51 7.66
C PRO G 79 -25.02 25.35 7.97
N LEU G 80 -25.46 25.25 9.24
CA LEU G 80 -26.64 25.95 9.71
C LEU G 80 -26.24 26.89 10.84
N HIS G 81 -26.71 28.14 10.77
CA HIS G 81 -26.53 29.10 11.85
C HIS G 81 -27.88 29.37 12.49
N PRO G 82 -28.19 28.77 13.65
CA PRO G 82 -29.46 29.02 14.28
C PRO G 82 -29.50 30.34 15.03
N VAL G 83 -30.59 31.09 14.83
CA VAL G 83 -30.87 32.29 15.59
C VAL G 83 -32.31 32.22 16.07
N SER G 84 -32.63 33.12 17.00
CA SER G 84 -34.00 33.27 17.49
C SER G 84 -34.62 34.45 16.76
N THR G 85 -34.32 35.69 17.17
CA THR G 85 -34.73 36.88 16.47
C THR G 85 -33.61 37.50 15.62
N GLY G 86 -32.36 37.07 15.81
CA GLY G 86 -31.30 37.55 14.94
C GLY G 86 -30.95 39.02 15.15
N LYS G 87 -31.07 39.52 16.38
CA LYS G 87 -30.79 40.90 16.71
C LYS G 87 -29.53 41.03 17.56
N ASN G 88 -28.54 40.14 17.34
CA ASN G 88 -27.31 40.11 18.12
C ASN G 88 -26.34 41.20 17.63
N ASN G 89 -26.88 42.41 17.57
CA ASN G 89 -26.19 43.55 17.00
C ASN G 89 -25.10 44.00 17.95
N GLY G 90 -23.89 44.22 17.38
CA GLY G 90 -22.68 44.43 18.14
C GLY G 90 -21.79 43.18 18.17
N TYR G 91 -22.36 42.01 17.83
CA TYR G 91 -21.66 40.75 17.84
C TYR G 91 -21.87 39.99 16.53
N GLY G 92 -22.51 40.60 15.55
CA GLY G 92 -22.67 39.99 14.22
C GLY G 92 -24.11 40.02 13.69
N GLY G 93 -25.06 40.48 14.48
CA GLY G 93 -26.46 40.49 14.05
C GLY G 93 -26.97 39.06 13.87
N ALA G 94 -27.60 38.79 12.73
CA ALA G 94 -28.04 37.44 12.39
C ALA G 94 -27.00 36.69 11.58
N ALA G 95 -25.90 37.36 11.22
CA ALA G 95 -25.00 36.83 10.20
C ALA G 95 -24.18 35.67 10.74
N PRO G 96 -23.90 34.63 9.92
CA PRO G 96 -23.17 33.46 10.36
C PRO G 96 -21.69 33.74 10.48
N ARG G 97 -21.02 33.12 11.45
CA ARG G 97 -19.57 33.20 11.51
C ARG G 97 -18.99 32.70 10.19
N LEU G 98 -19.48 31.54 9.73
CA LEU G 98 -18.99 30.91 8.52
C LEU G 98 -19.82 31.35 7.32
N SER G 99 -19.18 32.06 6.39
CA SER G 99 -19.82 32.44 5.16
C SER G 99 -20.32 31.23 4.41
N GLY G 100 -21.52 31.37 3.83
CA GLY G 100 -22.14 30.31 3.05
C GLY G 100 -23.11 29.46 3.87
N SER G 101 -23.19 29.74 5.18
CA SER G 101 -24.11 29.04 6.06
C SER G 101 -25.53 29.48 5.78
N VAL G 102 -26.48 28.56 6.02
CA VAL G 102 -27.90 28.85 6.01
C VAL G 102 -28.31 29.31 7.42
N ILE G 103 -29.01 30.44 7.50
CA ILE G 103 -29.53 30.91 8.78
C ILE G 103 -30.83 30.14 9.03
N VAL G 104 -30.98 29.58 10.23
CA VAL G 104 -32.22 28.95 10.63
C VAL G 104 -32.88 29.92 11.60
N LYS G 105 -33.86 30.68 11.09
CA LYS G 105 -34.46 31.74 11.88
C LYS G 105 -35.65 31.16 12.63
N THR G 106 -35.39 30.60 13.82
CA THR G 106 -36.41 29.86 14.55
C THR G 106 -37.54 30.77 14.97
N GLY G 107 -37.23 32.04 15.24
CA GLY G 107 -38.16 32.92 15.93
C GLY G 107 -39.26 33.50 15.03
N GLU G 108 -39.07 33.41 13.70
CA GLU G 108 -40.05 33.96 12.79
C GLU G 108 -41.43 33.34 13.02
N ARG G 109 -41.48 32.01 13.10
CA ARG G 109 -42.73 31.28 13.24
C ARG G 109 -42.81 30.51 14.56
N MET G 110 -41.68 30.24 15.22
CA MET G 110 -41.70 29.57 16.51
C MET G 110 -41.68 30.68 17.56
N ASN G 111 -42.84 31.32 17.76
CA ASN G 111 -42.89 32.56 18.50
C ASN G 111 -43.99 32.56 19.57
N ARG G 112 -44.38 31.37 20.05
CA ARG G 112 -45.42 31.28 21.06
C ARG G 112 -44.90 31.39 22.49
N ILE G 113 -45.67 32.09 23.32
CA ILE G 113 -45.57 31.91 24.75
C ILE G 113 -46.33 30.64 25.12
N LEU G 114 -45.61 29.61 25.56
CA LEU G 114 -46.22 28.31 25.82
C LEU G 114 -46.89 28.26 27.18
N GLU G 115 -46.32 28.96 28.18
CA GLU G 115 -46.92 29.01 29.50
C GLU G 115 -46.28 30.20 30.25
N VAL G 116 -47.13 30.90 31.01
CA VAL G 116 -46.66 31.79 32.06
C VAL G 116 -47.37 31.34 33.33
N ASN G 117 -46.58 30.91 34.32
CA ASN G 117 -47.11 30.38 35.56
C ASN G 117 -46.99 31.45 36.64
N GLU G 118 -48.12 31.97 37.12
CA GLU G 118 -48.13 33.07 38.07
C GLU G 118 -47.70 32.62 39.45
N LYS G 119 -48.15 31.42 39.86
CA LYS G 119 -47.90 30.95 41.21
C LYS G 119 -46.44 30.63 41.46
N TYR G 120 -45.83 29.88 40.53
CA TYR G 120 -44.42 29.49 40.70
C TYR G 120 -43.46 30.48 40.04
N GLY G 121 -43.95 31.37 39.16
CA GLY G 121 -43.17 32.47 38.63
C GLY G 121 -42.18 32.01 37.56
N TYR G 122 -42.71 31.64 36.39
CA TYR G 122 -41.86 31.25 35.28
C TYR G 122 -42.61 31.40 33.96
N ALA G 123 -41.82 31.38 32.87
CA ALA G 123 -42.36 31.27 31.53
C ALA G 123 -41.69 30.14 30.79
N LEU G 124 -42.43 29.50 29.89
CA LEU G 124 -41.89 28.55 28.95
C LEU G 124 -42.14 29.14 27.57
N LEU G 125 -41.06 29.31 26.78
CA LEU G 125 -41.07 30.18 25.61
C LEU G 125 -40.50 29.48 24.40
N GLU G 126 -41.06 29.80 23.23
CA GLU G 126 -40.35 29.55 21.98
C GLU G 126 -39.40 30.71 21.66
N PRO G 127 -38.47 30.54 20.71
CA PRO G 127 -37.42 31.52 20.48
C PRO G 127 -37.87 32.88 19.96
N GLY G 128 -39.05 32.93 19.30
CA GLY G 128 -39.53 34.17 18.70
C GLY G 128 -40.19 35.15 19.66
N VAL G 129 -40.30 34.78 20.94
CA VAL G 129 -40.90 35.68 21.93
C VAL G 129 -39.91 36.77 22.26
N THR G 130 -40.21 38.02 21.89
CA THR G 130 -39.37 39.14 22.23
C THR G 130 -39.68 39.62 23.65
N TYR G 131 -38.81 40.49 24.17
CA TYR G 131 -39.11 41.12 25.45
C TYR G 131 -40.39 41.94 25.35
N PHE G 132 -40.60 42.64 24.24
CA PHE G 132 -41.84 43.37 24.04
C PHE G 132 -43.04 42.43 24.09
N ASP G 133 -42.92 41.27 23.43
CA ASP G 133 -44.00 40.30 23.40
C ASP G 133 -44.35 39.80 24.80
N LEU G 134 -43.33 39.47 25.59
CA LEU G 134 -43.58 38.92 26.92
C LEU G 134 -44.15 40.01 27.83
N TYR G 135 -43.63 41.24 27.72
CA TYR G 135 -44.15 42.34 28.50
C TYR G 135 -45.63 42.58 28.18
N GLU G 136 -45.99 42.56 26.89
CA GLU G 136 -47.38 42.74 26.47
C GLU G 136 -48.28 41.66 27.07
N TYR G 137 -47.78 40.41 27.08
CA TYR G 137 -48.52 39.32 27.69
C TYR G 137 -48.73 39.59 29.19
N LEU G 138 -47.67 39.96 29.89
CA LEU G 138 -47.75 40.15 31.33
C LEU G 138 -48.71 41.29 31.64
N GLN G 139 -48.63 42.38 30.89
CA GLN G 139 -49.49 43.53 31.14
C GLN G 139 -50.95 43.20 30.86
N SER G 140 -51.20 42.50 29.75
CA SER G 140 -52.57 42.24 29.34
C SER G 140 -53.25 41.19 30.23
N HIS G 141 -52.46 40.36 30.93
CA HIS G 141 -52.98 39.35 31.82
C HIS G 141 -52.91 39.80 33.28
N ASP G 142 -52.59 41.09 33.52
CA ASP G 142 -52.56 41.65 34.88
C ASP G 142 -51.65 40.81 35.77
N SER G 143 -50.49 40.42 35.22
CA SER G 143 -49.53 39.60 35.95
C SER G 143 -48.94 40.35 37.13
N GLY G 144 -48.59 39.59 38.18
CA GLY G 144 -47.80 40.11 39.28
C GLY G 144 -46.29 39.91 39.06
N LEU G 145 -45.92 39.36 37.89
CA LEU G 145 -44.51 39.08 37.58
C LEU G 145 -43.91 40.20 36.75
N MET G 146 -42.59 40.19 36.66
CA MET G 146 -41.87 41.12 35.79
C MET G 146 -40.76 40.35 35.09
N LEU G 147 -40.41 40.83 33.89
CA LEU G 147 -39.31 40.23 33.15
C LEU G 147 -38.03 41.00 33.45
N ASP G 148 -36.92 40.46 32.94
CA ASP G 148 -35.62 41.12 33.00
C ASP G 148 -35.13 41.28 31.56
N CYS G 149 -34.96 42.51 31.11
CA CYS G 149 -34.64 42.78 29.72
C CYS G 149 -33.26 43.43 29.59
N PRO G 150 -32.59 43.19 28.45
CA PRO G 150 -31.43 43.99 28.07
C PRO G 150 -31.87 45.40 27.67
N ASP G 151 -30.93 46.23 27.23
CA ASP G 151 -31.23 47.62 26.88
C ASP G 151 -32.28 47.75 25.79
N LEU G 152 -32.30 46.83 24.82
CA LEU G 152 -33.19 46.90 23.68
C LEU G 152 -34.22 45.77 23.77
N GLY G 153 -35.50 46.09 23.65
CA GLY G 153 -36.54 45.10 23.91
C GLY G 153 -36.88 44.22 22.72
N TRP G 154 -36.26 44.43 21.56
CA TRP G 154 -36.67 43.74 20.35
C TRP G 154 -35.97 42.39 20.17
N GLY G 155 -35.05 42.08 21.07
CA GLY G 155 -34.43 40.76 21.11
C GLY G 155 -35.31 39.69 21.72
N SER G 156 -34.75 38.49 21.76
CA SER G 156 -35.45 37.28 22.17
C SER G 156 -35.08 36.92 23.59
N VAL G 157 -36.09 36.59 24.41
CA VAL G 157 -35.82 36.12 25.75
C VAL G 157 -34.90 34.92 25.69
N VAL G 158 -35.16 34.02 24.72
CA VAL G 158 -34.37 32.82 24.52
C VAL G 158 -33.00 33.12 23.90
N GLY G 159 -32.98 33.79 22.74
CA GLY G 159 -31.73 33.99 22.00
C GLY G 159 -30.72 34.77 22.84
N ASN G 160 -31.20 35.78 23.57
CA ASN G 160 -30.33 36.55 24.44
C ASN G 160 -29.67 35.64 25.45
N THR G 161 -30.47 34.78 26.11
CA THR G 161 -29.97 33.88 27.12
C THR G 161 -28.92 32.95 26.49
N LEU G 162 -29.17 32.49 25.27
CA LEU G 162 -28.28 31.54 24.62
C LEU G 162 -26.91 32.14 24.29
N ASP G 163 -26.77 33.47 24.27
CA ASP G 163 -25.45 34.08 24.15
C ASP G 163 -24.94 34.61 25.50
N ARG G 164 -25.60 34.19 26.58
CA ARG G 164 -25.33 34.62 27.95
C ARG G 164 -25.44 36.15 28.07
N GLY G 165 -26.49 36.67 27.43
CA GLY G 165 -26.88 38.06 27.60
C GLY G 165 -27.39 38.36 29.00
N VAL G 166 -27.50 39.66 29.30
CA VAL G 166 -27.77 40.15 30.63
C VAL G 166 -28.73 41.33 30.61
N GLY G 167 -29.42 41.48 31.75
CA GLY G 167 -30.22 42.64 32.07
C GLY G 167 -29.82 43.19 33.43
N TYR G 168 -30.70 43.97 34.06
CA TYR G 168 -30.28 44.87 35.13
C TYR G 168 -31.16 44.80 36.38
N THR G 169 -32.17 43.92 36.40
CA THR G 169 -32.97 43.72 37.60
C THR G 169 -32.21 42.72 38.48
N PRO G 170 -32.73 42.34 39.66
CA PRO G 170 -32.14 41.26 40.42
C PRO G 170 -32.01 39.94 39.68
N TYR G 171 -32.79 39.77 38.61
CA TYR G 171 -32.77 38.58 37.77
C TYR G 171 -31.95 38.83 36.49
N GLY G 172 -30.96 39.70 36.57
CA GLY G 172 -30.17 40.16 35.43
C GLY G 172 -29.28 39.09 34.79
N ASP G 173 -28.92 38.03 35.54
CA ASP G 173 -28.16 36.93 34.97
C ASP G 173 -29.10 35.95 34.28
N HIS G 174 -29.33 36.13 33.00
CA HIS G 174 -30.36 35.37 32.30
C HIS G 174 -30.10 33.87 32.40
N PHE G 175 -28.89 33.42 32.11
CA PHE G 175 -28.55 32.00 32.16
C PHE G 175 -28.80 31.42 33.54
N MET G 176 -28.55 32.16 34.59
CA MET G 176 -28.79 31.69 35.95
C MET G 176 -30.28 31.31 36.11
N TRP G 177 -31.17 32.11 35.53
CA TRP G 177 -32.59 31.90 35.75
C TRP G 177 -33.23 31.00 34.68
N GLN G 178 -32.48 30.71 33.63
CA GLN G 178 -32.92 29.73 32.64
C GLN G 178 -33.12 28.40 33.34
N THR G 179 -34.27 27.76 33.07
CA THR G 179 -34.65 26.53 33.74
C THR G 179 -35.36 25.63 32.71
N GLY G 180 -34.61 24.65 32.21
CA GLY G 180 -35.08 23.71 31.21
C GLY G 180 -34.93 24.22 29.79
N LEU G 181 -34.59 23.32 28.88
CA LEU G 181 -34.65 23.64 27.47
C LEU G 181 -34.89 22.36 26.67
N GLU G 182 -35.38 22.58 25.46
CA GLU G 182 -35.50 21.54 24.44
C GLU G 182 -34.58 21.92 23.28
N VAL G 183 -33.81 20.93 22.80
CA VAL G 183 -32.79 21.18 21.80
C VAL G 183 -32.76 20.04 20.79
N VAL G 184 -32.62 20.43 19.52
CA VAL G 184 -32.34 19.51 18.45
C VAL G 184 -30.82 19.44 18.30
N LEU G 185 -30.29 18.24 18.52
CA LEU G 185 -28.87 18.01 18.46
C LEU G 185 -28.41 17.90 17.01
N PRO G 186 -27.09 17.96 16.76
CA PRO G 186 -26.59 18.24 15.41
C PRO G 186 -26.92 17.21 14.34
N GLN G 187 -27.36 15.99 14.70
CA GLN G 187 -27.81 15.05 13.68
C GLN G 187 -29.33 14.90 13.63
N GLY G 188 -30.04 15.73 14.40
CA GLY G 188 -31.48 15.85 14.25
C GLY G 188 -32.29 15.19 15.36
N GLU G 189 -31.64 14.61 16.36
CA GLU G 189 -32.34 14.04 17.50
C GLU G 189 -32.74 15.17 18.45
N VAL G 190 -33.85 14.98 19.18
CA VAL G 190 -34.35 16.00 20.08
C VAL G 190 -34.22 15.51 21.52
N MET G 191 -33.91 16.46 22.43
CA MET G 191 -33.66 16.16 23.82
C MET G 191 -34.20 17.30 24.68
N ARG G 192 -34.74 16.94 25.84
CA ARG G 192 -35.09 17.91 26.87
C ARG G 192 -34.13 17.78 28.05
N THR G 193 -33.74 18.92 28.61
CA THR G 193 -32.85 18.93 29.75
C THR G 193 -33.66 18.93 31.05
N GLY G 194 -32.96 18.61 32.13
CA GLY G 194 -33.47 18.79 33.47
C GLY G 194 -34.66 17.90 33.75
N MET G 195 -35.67 18.46 34.41
CA MET G 195 -36.84 17.68 34.76
C MET G 195 -37.73 17.50 33.53
N GLY G 196 -37.42 18.17 32.42
CA GLY G 196 -38.10 17.91 31.16
C GLY G 196 -37.81 16.53 30.60
N ALA G 197 -36.69 15.92 31.04
CA ALA G 197 -36.35 14.57 30.61
C ALA G 197 -37.17 13.52 31.36
N LEU G 198 -37.87 13.91 32.43
CA LEU G 198 -38.74 13.01 33.20
C LEU G 198 -40.17 13.20 32.72
N PRO G 199 -40.72 12.33 31.86
CA PRO G 199 -42.06 12.51 31.33
C PRO G 199 -43.09 12.78 32.40
N GLY G 200 -43.88 13.82 32.21
CA GLY G 200 -45.00 14.12 33.11
C GLY G 200 -44.58 14.97 34.30
N SER G 201 -43.28 15.33 34.41
CA SER G 201 -42.87 16.20 35.51
C SER G 201 -43.44 17.60 35.27
N ASP G 202 -43.91 18.22 36.35
CA ASP G 202 -44.33 19.63 36.34
C ASP G 202 -43.19 20.54 36.77
N ALA G 203 -41.96 20.02 36.86
CA ALA G 203 -40.85 20.75 37.45
C ALA G 203 -39.80 21.19 36.42
N TRP G 204 -40.12 21.13 35.13
CA TRP G 204 -39.17 21.55 34.09
C TRP G 204 -38.68 22.97 34.30
N GLN G 205 -39.56 23.88 34.71
CA GLN G 205 -39.24 25.27 34.94
C GLN G 205 -39.04 25.61 36.41
N LEU G 206 -38.97 24.58 37.27
CA LEU G 206 -38.83 24.76 38.71
C LEU G 206 -37.43 24.37 39.21
N PHE G 207 -36.85 23.31 38.64
CA PHE G 207 -35.60 22.75 39.14
C PHE G 207 -34.68 22.54 37.95
N PRO G 208 -33.58 23.30 37.81
CA PRO G 208 -32.82 23.30 36.56
C PRO G 208 -32.00 22.04 36.30
N TYR G 209 -31.56 21.34 37.33
CA TYR G 209 -30.46 20.39 37.14
C TYR G 209 -30.91 19.03 36.63
N GLY G 210 -32.08 18.56 37.06
CA GLY G 210 -32.46 17.18 36.79
C GLY G 210 -31.52 16.19 37.47
N PHE G 211 -31.13 15.15 36.75
CA PHE G 211 -30.30 14.06 37.28
C PHE G 211 -29.09 13.87 36.37
N GLY G 212 -27.93 13.61 36.97
CA GLY G 212 -26.70 13.37 36.23
C GLY G 212 -26.03 14.66 35.79
N PRO G 213 -25.03 14.60 34.88
CA PRO G 213 -24.28 15.77 34.49
C PRO G 213 -25.18 16.87 33.95
N PHE G 214 -24.93 18.11 34.35
CA PHE G 214 -25.77 19.25 34.04
C PHE G 214 -25.32 19.92 32.75
N PRO G 215 -26.10 19.77 31.64
CA PRO G 215 -25.62 20.14 30.32
C PRO G 215 -26.04 21.51 29.78
N ASP G 216 -26.99 22.20 30.40
CA ASP G 216 -27.61 23.35 29.75
C ASP G 216 -26.61 24.43 29.35
N GLY G 217 -25.59 24.63 30.18
CA GLY G 217 -24.58 25.63 29.90
C GLY G 217 -23.79 25.35 28.62
N MET G 218 -23.76 24.09 28.21
CA MET G 218 -23.07 23.67 27.00
C MET G 218 -23.81 24.10 25.73
N PHE G 219 -25.05 24.60 25.87
CA PHE G 219 -25.82 25.12 24.76
C PHE G 219 -25.82 26.65 24.73
N THR G 220 -25.01 27.29 25.59
CA THR G 220 -24.88 28.74 25.56
C THR G 220 -23.51 29.09 24.96
N GLN G 221 -23.50 30.16 24.15
CA GLN G 221 -22.35 30.55 23.34
C GLN G 221 -21.79 29.31 22.65
N SER G 222 -22.68 28.54 22.00
CA SER G 222 -22.38 27.16 21.63
C SER G 222 -22.81 26.87 20.20
N ASN G 223 -22.33 25.77 19.65
CA ASN G 223 -22.79 25.26 18.37
C ASN G 223 -23.12 23.78 18.49
N LEU G 224 -23.77 23.39 19.59
CA LEU G 224 -24.09 21.99 19.82
C LEU G 224 -25.56 21.65 19.56
N GLY G 225 -26.36 22.61 19.07
CA GLY G 225 -27.72 22.28 18.75
C GLY G 225 -28.56 23.50 18.38
N ILE G 226 -29.83 23.23 18.02
CA ILE G 226 -30.81 24.26 17.76
C ILE G 226 -31.90 24.16 18.84
N VAL G 227 -31.95 25.17 19.70
CA VAL G 227 -32.88 25.20 20.79
C VAL G 227 -34.26 25.58 20.28
N THR G 228 -35.28 24.84 20.75
CA THR G 228 -36.65 25.01 20.26
C THR G 228 -37.61 25.48 21.36
N LYS G 229 -37.24 25.28 22.64
CA LYS G 229 -38.02 25.77 23.77
C LYS G 229 -37.06 26.07 24.89
N MET G 230 -37.40 27.09 25.71
CA MET G 230 -36.59 27.37 26.89
C MET G 230 -37.47 27.96 27.97
N GLY G 231 -37.21 27.52 29.22
CA GLY G 231 -37.91 28.10 30.35
C GLY G 231 -37.04 29.13 31.07
N ILE G 232 -37.71 30.05 31.76
CA ILE G 232 -36.99 31.03 32.55
C ILE G 232 -37.84 31.42 33.75
N ALA G 233 -37.18 31.56 34.90
CA ALA G 233 -37.85 32.06 36.09
C ALA G 233 -38.16 33.54 35.92
N LEU G 234 -39.28 33.99 36.53
CA LEU G 234 -39.66 35.39 36.53
C LEU G 234 -39.89 35.83 37.97
N MET G 235 -39.33 36.98 38.32
CA MET G 235 -39.42 37.54 39.65
C MET G 235 -40.80 38.22 39.83
N GLN G 236 -41.34 38.20 41.04
CA GLN G 236 -42.51 38.99 41.40
C GLN G 236 -42.14 40.46 41.40
N ARG G 237 -43.04 41.30 40.83
CA ARG G 237 -42.82 42.73 40.84
C ARG G 237 -42.94 43.25 42.27
N PRO G 238 -41.94 44.00 42.77
CA PRO G 238 -42.03 44.62 44.10
C PRO G 238 -43.13 45.66 44.21
N PRO G 239 -43.53 46.03 45.44
CA PRO G 239 -44.61 46.99 45.61
C PRO G 239 -44.30 48.41 45.13
N ALA G 240 -43.02 48.78 45.09
CA ALA G 240 -42.60 50.11 44.64
C ALA G 240 -41.14 50.04 44.18
N SER G 241 -40.72 51.07 43.44
CA SER G 241 -39.33 51.18 43.04
C SER G 241 -38.96 52.65 42.87
N GLN G 242 -37.66 52.94 42.94
CA GLN G 242 -37.15 54.26 42.70
C GLN G 242 -35.79 54.12 42.03
N SER G 243 -35.55 54.90 40.99
CA SER G 243 -34.27 54.90 40.33
C SER G 243 -33.52 56.19 40.67
N PHE G 244 -32.18 56.14 40.55
CA PHE G 244 -31.38 57.31 40.85
C PHE G 244 -30.16 57.36 39.93
N LEU G 245 -29.64 58.58 39.80
CA LEU G 245 -28.41 58.92 39.10
C LEU G 245 -27.47 59.59 40.09
N ILE G 246 -26.20 59.18 40.05
CA ILE G 246 -25.15 59.90 40.74
C ILE G 246 -24.18 60.36 39.66
N THR G 247 -23.95 61.68 39.58
CA THR G 247 -22.97 62.22 38.67
C THR G 247 -21.66 62.43 39.43
N PHE G 248 -20.54 62.02 38.81
CA PHE G 248 -19.21 62.23 39.33
C PHE G 248 -18.41 63.04 38.31
N ASP G 249 -17.77 64.10 38.78
CA ASP G 249 -17.24 65.12 37.90
C ASP G 249 -15.95 64.70 37.21
N LYS G 250 -15.10 63.88 37.87
CA LYS G 250 -13.74 63.69 37.41
C LYS G 250 -13.54 62.30 36.81
N GLU G 251 -12.75 62.23 35.73
CA GLU G 251 -12.33 60.97 35.16
C GLU G 251 -11.75 60.03 36.22
N GLU G 252 -10.94 60.59 37.13
CA GLU G 252 -10.20 59.75 38.07
C GLU G 252 -11.08 59.28 39.22
N ASP G 253 -12.34 59.76 39.30
CA ASP G 253 -13.25 59.29 40.33
C ASP G 253 -13.58 57.80 40.16
N LEU G 254 -13.36 57.22 38.98
CA LEU G 254 -13.67 55.82 38.72
C LEU G 254 -13.13 54.92 39.85
N GLU G 255 -11.87 55.17 40.26
CA GLU G 255 -11.23 54.31 41.24
C GLU G 255 -12.07 54.24 42.52
N GLN G 256 -12.45 55.42 43.03
CA GLN G 256 -13.19 55.47 44.29
C GLN G 256 -14.61 54.92 44.10
N ILE G 257 -15.23 55.18 42.94
CA ILE G 257 -16.59 54.73 42.68
C ILE G 257 -16.64 53.21 42.77
N VAL G 258 -15.72 52.53 42.08
CA VAL G 258 -15.72 51.07 42.06
C VAL G 258 -15.45 50.52 43.47
N ASP G 259 -14.53 51.15 44.22
CA ASP G 259 -14.19 50.64 45.53
C ASP G 259 -15.36 50.79 46.53
N ILE G 260 -16.24 51.75 46.29
CA ILE G 260 -17.47 51.90 47.08
C ILE G 260 -18.58 51.00 46.54
N MET G 261 -18.70 50.86 45.21
CA MET G 261 -19.72 50.01 44.60
C MET G 261 -19.68 48.59 45.18
N LEU G 262 -18.49 47.97 45.23
CA LEU G 262 -18.39 46.56 45.59
C LEU G 262 -19.02 46.26 46.95
N PRO G 263 -18.61 46.89 48.07
CA PRO G 263 -19.22 46.57 49.36
C PRO G 263 -20.71 46.84 49.49
N LEU G 264 -21.24 47.75 48.68
CA LEU G 264 -22.66 48.05 48.70
C LEU G 264 -23.44 47.05 47.85
N ARG G 265 -22.76 46.26 47.01
CA ARG G 265 -23.42 45.33 46.09
C ARG G 265 -23.28 43.87 46.51
N ILE G 266 -22.17 43.48 47.15
CA ILE G 266 -21.82 42.06 47.26
C ILE G 266 -22.87 41.27 48.07
N ASN G 267 -23.56 41.93 49.00
CA ASN G 267 -24.64 41.32 49.78
C ASN G 267 -26.02 41.54 49.16
N MET G 268 -26.08 42.13 47.95
CA MET G 268 -27.30 42.38 47.20
C MET G 268 -28.14 43.46 47.88
N ALA G 269 -27.51 44.23 48.76
CA ALA G 269 -28.15 45.36 49.41
C ALA G 269 -27.08 46.25 50.02
N PRO G 270 -27.19 47.58 50.00
CA PRO G 270 -28.35 48.32 49.48
C PRO G 270 -28.47 48.39 47.97
N LEU G 271 -27.43 47.99 47.22
CA LEU G 271 -27.53 47.96 45.76
C LEU G 271 -28.18 46.66 45.34
N GLN G 272 -29.50 46.72 45.15
CA GLN G 272 -30.32 45.55 44.87
C GLN G 272 -30.33 45.17 43.40
N ASN G 273 -30.10 46.13 42.51
CA ASN G 273 -30.10 45.84 41.09
C ASN G 273 -28.65 45.83 40.61
N VAL G 274 -28.47 45.58 39.32
CA VAL G 274 -27.16 45.57 38.70
C VAL G 274 -26.68 47.01 38.61
N PRO G 275 -25.60 47.40 39.33
CA PRO G 275 -25.10 48.77 39.22
C PRO G 275 -24.45 49.00 37.86
N VAL G 276 -24.77 50.14 37.24
CA VAL G 276 -24.12 50.52 35.99
C VAL G 276 -23.50 51.92 36.12
N LEU G 277 -22.27 52.03 35.62
CA LEU G 277 -21.54 53.28 35.64
C LEU G 277 -21.17 53.61 34.20
N ARG G 278 -21.74 54.69 33.66
CA ARG G 278 -21.61 55.03 32.24
C ARG G 278 -20.85 56.34 32.10
N ASN G 279 -19.94 56.41 31.13
CA ASN G 279 -19.18 57.65 30.95
C ASN G 279 -19.98 58.66 30.13
N ILE G 280 -19.48 59.89 30.09
CA ILE G 280 -20.18 60.99 29.47
C ILE G 280 -20.39 60.73 27.98
N PHE G 281 -19.43 60.08 27.31
CA PHE G 281 -19.59 59.77 25.90
C PHE G 281 -20.81 58.87 25.69
N MET G 282 -20.97 57.85 26.54
CA MET G 282 -22.06 56.92 26.39
C MET G 282 -23.41 57.63 26.60
N ASP G 283 -23.50 58.48 27.63
CA ASP G 283 -24.74 59.16 27.95
C ASP G 283 -25.04 60.28 26.95
N ALA G 284 -24.00 60.97 26.46
CA ALA G 284 -24.20 61.97 25.43
C ALA G 284 -24.73 61.32 24.15
N ALA G 285 -24.18 60.17 23.78
CA ALA G 285 -24.56 59.53 22.52
C ALA G 285 -26.03 59.12 22.54
N ALA G 286 -26.57 58.86 23.73
CA ALA G 286 -27.95 58.45 23.85
C ALA G 286 -28.93 59.59 23.53
N VAL G 287 -28.45 60.85 23.54
CA VAL G 287 -29.33 61.99 23.47
C VAL G 287 -28.87 63.03 22.44
N SER G 288 -27.74 62.80 21.77
CA SER G 288 -27.15 63.84 20.94
C SER G 288 -26.22 63.22 19.90
N LYS G 289 -25.90 64.00 18.85
CA LYS G 289 -24.92 63.61 17.85
C LYS G 289 -23.55 64.18 18.20
N ARG G 290 -22.50 63.49 17.74
CA ARG G 290 -21.13 63.88 18.05
C ARG G 290 -20.88 65.31 17.59
N THR G 291 -21.42 65.66 16.43
CA THR G 291 -21.20 66.97 15.82
C THR G 291 -21.79 68.11 16.64
N GLU G 292 -22.74 67.84 17.56
CA GLU G 292 -23.20 68.87 18.47
C GLU G 292 -22.03 69.41 19.30
N TRP G 293 -21.04 68.56 19.56
CA TRP G 293 -19.98 68.84 20.51
C TRP G 293 -18.66 69.13 19.81
N PHE G 294 -18.41 68.43 18.69
CA PHE G 294 -17.17 68.58 17.97
C PHE G 294 -17.34 68.07 16.54
N ASP G 295 -16.94 68.88 15.55
CA ASP G 295 -17.14 68.47 14.17
C ASP G 295 -15.80 68.48 13.43
N GLY G 296 -14.70 68.37 14.19
CA GLY G 296 -13.37 68.28 13.62
C GLY G 296 -12.93 66.84 13.40
N ASP G 297 -11.64 66.69 13.09
CA ASP G 297 -11.04 65.38 12.91
C ASP G 297 -10.36 65.00 14.21
N GLY G 298 -10.27 63.69 14.45
CA GLY G 298 -9.50 63.16 15.57
C GLY G 298 -10.32 63.05 16.85
N PRO G 299 -9.68 62.62 17.95
CA PRO G 299 -10.38 62.47 19.22
C PRO G 299 -11.05 63.76 19.68
N MET G 300 -12.14 63.64 20.44
CA MET G 300 -12.82 64.81 20.93
C MET G 300 -11.92 65.50 21.95
N PRO G 301 -11.70 66.83 21.83
CA PRO G 301 -10.87 67.55 22.79
C PRO G 301 -11.51 67.72 24.16
N ALA G 302 -10.66 67.99 25.16
CA ALA G 302 -11.08 68.13 26.54
C ALA G 302 -12.19 69.18 26.67
N GLU G 303 -12.10 70.27 25.90
CA GLU G 303 -13.04 71.37 26.01
C GLU G 303 -14.43 70.92 25.60
N ALA G 304 -14.50 70.06 24.57
CA ALA G 304 -15.77 69.54 24.10
C ALA G 304 -16.39 68.57 25.11
N ILE G 305 -15.56 67.77 25.79
CA ILE G 305 -16.03 66.88 26.84
C ILE G 305 -16.65 67.70 27.96
N GLU G 306 -15.99 68.81 28.35
CA GLU G 306 -16.53 69.64 29.41
C GLU G 306 -17.87 70.25 28.98
N ARG G 307 -18.01 70.59 27.70
CA ARG G 307 -19.26 71.14 27.18
C ARG G 307 -20.39 70.11 27.25
N MET G 308 -20.10 68.83 26.91
CA MET G 308 -21.08 67.77 27.06
C MET G 308 -21.58 67.70 28.50
N LYS G 309 -20.65 67.67 29.45
CA LYS G 309 -20.99 67.60 30.86
C LYS G 309 -21.87 68.78 31.28
N LYS G 310 -21.48 69.99 30.88
CA LYS G 310 -22.19 71.18 31.33
C LYS G 310 -23.58 71.24 30.72
N ASP G 311 -23.67 71.00 29.41
CA ASP G 311 -24.92 71.16 28.70
C ASP G 311 -25.92 70.08 29.13
N LEU G 312 -25.44 68.86 29.41
CA LEU G 312 -26.31 67.77 29.82
C LEU G 312 -26.47 67.68 31.34
N ASP G 313 -25.70 68.48 32.09
CA ASP G 313 -25.71 68.42 33.55
C ASP G 313 -25.40 67.00 34.02
N LEU G 314 -24.34 66.43 33.43
CA LEU G 314 -23.87 65.11 33.82
C LEU G 314 -22.39 65.17 34.20
N GLY G 315 -21.91 64.08 34.81
CA GLY G 315 -20.51 63.95 35.17
C GLY G 315 -19.73 63.22 34.07
N PHE G 316 -18.42 63.05 34.28
CA PHE G 316 -17.65 62.18 33.42
C PHE G 316 -18.11 60.74 33.62
N TRP G 317 -18.43 60.38 34.86
CA TRP G 317 -18.97 59.07 35.20
C TRP G 317 -20.34 59.25 35.83
N ASN G 318 -21.30 58.44 35.36
CA ASN G 318 -22.69 58.55 35.76
C ASN G 318 -23.21 57.20 36.23
N PHE G 319 -23.54 57.14 37.52
CA PHE G 319 -23.99 55.88 38.13
C PHE G 319 -25.51 55.82 38.13
N TYR G 320 -26.05 54.67 37.70
CA TYR G 320 -27.48 54.46 37.66
C TYR G 320 -27.83 53.22 38.46
N GLY G 321 -28.83 53.36 39.33
CA GLY G 321 -29.29 52.23 40.13
C GLY G 321 -30.79 52.33 40.36
N THR G 322 -31.37 51.20 40.77
CA THR G 322 -32.79 51.14 41.10
C THR G 322 -32.94 50.37 42.40
N LEU G 323 -33.87 50.85 43.24
CA LEU G 323 -34.19 50.25 44.52
C LEU G 323 -35.63 49.75 44.46
N TYR G 324 -35.91 48.71 45.24
CA TYR G 324 -37.20 48.05 45.22
C TYR G 324 -37.66 47.73 46.63
N GLY G 325 -38.96 47.82 46.84
CA GLY G 325 -39.58 47.34 48.05
C GLY G 325 -40.54 48.38 48.60
N PRO G 326 -41.01 48.19 49.84
CA PRO G 326 -41.82 49.21 50.51
C PRO G 326 -41.07 50.54 50.58
N PRO G 327 -41.77 51.69 50.52
CA PRO G 327 -41.12 52.99 50.64
C PRO G 327 -40.09 53.11 51.76
N PRO G 328 -40.33 52.63 53.01
CA PRO G 328 -39.31 52.74 54.06
C PRO G 328 -38.00 52.02 53.75
N LEU G 329 -38.08 50.87 53.05
CA LEU G 329 -36.89 50.12 52.69
C LEU G 329 -36.09 50.92 51.65
N ILE G 330 -36.80 51.43 50.62
CA ILE G 330 -36.17 52.25 49.60
C ILE G 330 -35.46 53.44 50.24
N GLU G 331 -36.15 54.12 51.17
CA GLU G 331 -35.58 55.28 51.83
C GLU G 331 -34.29 54.93 52.57
N MET G 332 -34.31 53.82 53.31
CA MET G 332 -33.15 53.38 54.06
C MET G 332 -31.97 53.09 53.13
N TYR G 333 -32.21 52.33 52.07
CA TYR G 333 -31.15 51.96 51.14
C TYR G 333 -30.58 53.19 50.44
N TYR G 334 -31.47 54.10 50.01
CA TYR G 334 -31.01 55.29 49.31
C TYR G 334 -30.15 56.14 50.25
N GLY G 335 -30.54 56.23 51.53
CA GLY G 335 -29.75 56.95 52.51
C GLY G 335 -28.36 56.36 52.66
N MET G 336 -28.25 55.02 52.66
CA MET G 336 -26.95 54.35 52.76
C MET G 336 -26.10 54.66 51.54
N ILE G 337 -26.71 54.63 50.35
CA ILE G 337 -26.02 54.88 49.10
C ILE G 337 -25.51 56.32 49.06
N LYS G 338 -26.35 57.28 49.48
CA LYS G 338 -25.96 58.68 49.48
C LYS G 338 -24.81 58.91 50.45
N GLU G 339 -24.87 58.26 51.62
CA GLU G 339 -23.84 58.41 52.64
C GLU G 339 -22.49 57.92 52.11
N ALA G 340 -22.52 56.78 51.41
CA ALA G 340 -21.30 56.13 50.96
C ALA G 340 -20.69 56.88 49.78
N PHE G 341 -21.47 57.12 48.72
CA PHE G 341 -20.92 57.74 47.53
C PHE G 341 -20.69 59.24 47.75
N GLY G 342 -21.40 59.82 48.71
CA GLY G 342 -21.24 61.22 49.07
C GLY G 342 -19.86 61.56 49.61
N LYS G 343 -19.04 60.54 49.91
CA LYS G 343 -17.66 60.77 50.33
C LYS G 343 -16.78 61.19 49.15
N ILE G 344 -17.24 61.02 47.90
CA ILE G 344 -16.49 61.45 46.74
C ILE G 344 -16.81 62.91 46.49
N PRO G 345 -15.83 63.85 46.59
CA PRO G 345 -16.09 65.26 46.30
C PRO G 345 -16.71 65.45 44.93
N GLY G 346 -17.78 66.26 44.86
CA GLY G 346 -18.39 66.65 43.59
C GLY G 346 -19.52 65.71 43.14
N ALA G 347 -19.78 64.65 43.90
CA ALA G 347 -20.89 63.74 43.60
C ALA G 347 -22.21 64.51 43.77
N ARG G 348 -23.13 64.29 42.84
CA ARG G 348 -24.48 64.84 42.96
C ARG G 348 -25.50 63.74 42.69
N PHE G 349 -26.64 63.80 43.40
CA PHE G 349 -27.66 62.75 43.38
C PHE G 349 -28.97 63.29 42.81
N PHE G 350 -29.63 62.45 42.00
CA PHE G 350 -30.93 62.75 41.42
C PHE G 350 -31.78 61.49 41.39
N THR G 351 -33.05 61.58 41.81
CA THR G 351 -33.98 60.48 41.63
C THR G 351 -34.68 60.64 40.29
N HIS G 352 -35.39 59.60 39.87
CA HIS G 352 -36.07 59.59 38.58
C HIS G 352 -37.20 60.61 38.57
N GLU G 353 -37.57 61.15 39.74
CA GLU G 353 -38.55 62.24 39.78
C GLU G 353 -37.92 63.63 39.65
N GLU G 354 -36.58 63.75 39.58
CA GLU G 354 -35.94 65.04 39.74
C GLU G 354 -35.21 65.50 38.48
N ARG G 355 -35.34 64.78 37.37
CA ARG G 355 -34.66 65.13 36.13
C ARG G 355 -35.57 64.94 34.92
N ASP G 356 -36.13 66.04 34.39
CA ASP G 356 -36.94 65.98 33.19
C ASP G 356 -36.23 66.61 31.99
N ASP G 357 -34.92 66.83 32.10
CA ASP G 357 -34.15 67.51 31.08
C ASP G 357 -33.58 66.46 30.12
N ARG G 358 -32.94 66.94 29.06
CA ARG G 358 -32.38 66.06 28.06
C ARG G 358 -31.36 65.12 28.69
N GLY G 359 -30.53 65.64 29.60
CA GLY G 359 -29.48 64.85 30.23
C GLY G 359 -30.06 63.72 31.08
N GLY G 360 -31.29 63.92 31.59
CA GLY G 360 -31.98 62.94 32.41
C GLY G 360 -32.66 61.83 31.60
N HIS G 361 -32.57 61.88 30.27
CA HIS G 361 -33.22 60.88 29.42
C HIS G 361 -32.68 59.48 29.69
N VAL G 362 -31.38 59.36 29.95
CA VAL G 362 -30.81 58.04 30.23
C VAL G 362 -31.37 57.53 31.55
N LEU G 363 -31.43 58.37 32.59
CA LEU G 363 -32.02 57.96 33.86
C LEU G 363 -33.44 57.41 33.64
N GLN G 364 -34.24 58.08 32.81
CA GLN G 364 -35.61 57.64 32.58
C GLN G 364 -35.63 56.29 31.86
N ASP G 365 -34.67 56.08 30.96
CA ASP G 365 -34.57 54.81 30.24
C ASP G 365 -34.15 53.69 31.20
N ARG G 366 -33.16 53.96 32.07
CA ARG G 366 -32.72 52.96 33.03
C ARG G 366 -33.87 52.60 34.00
N HIS G 367 -34.70 53.59 34.34
CA HIS G 367 -35.82 53.33 35.23
C HIS G 367 -36.79 52.34 34.59
N LYS G 368 -37.00 52.44 33.28
CA LYS G 368 -37.78 51.44 32.55
C LYS G 368 -37.09 50.08 32.58
N ILE G 369 -35.86 50.03 32.07
CA ILE G 369 -35.14 48.76 31.91
C ILE G 369 -35.04 48.03 33.26
N ASN G 370 -34.72 48.77 34.32
CA ASN G 370 -34.49 48.20 35.64
C ASN G 370 -35.78 47.73 36.28
N ASN G 371 -36.92 48.09 35.70
CA ASN G 371 -38.24 47.67 36.14
C ASN G 371 -38.88 46.69 35.16
N GLY G 372 -38.09 46.12 34.25
CA GLY G 372 -38.60 45.14 33.31
C GLY G 372 -39.57 45.73 32.30
N ILE G 373 -39.42 47.04 32.00
CA ILE G 373 -40.22 47.69 30.98
C ILE G 373 -39.35 47.88 29.74
N PRO G 374 -39.56 47.08 28.68
CA PRO G 374 -38.69 47.14 27.52
C PRO G 374 -38.76 48.46 26.78
N SER G 375 -37.65 48.76 26.11
CA SER G 375 -37.44 50.06 25.50
C SER G 375 -36.59 49.90 24.25
N LEU G 376 -36.71 50.85 23.32
CA LEU G 376 -35.79 50.98 22.21
C LEU G 376 -35.15 52.37 22.22
N ASP G 377 -35.22 53.08 23.35
CA ASP G 377 -34.68 54.44 23.39
C ASP G 377 -33.18 54.44 23.07
N GLU G 378 -32.48 53.37 23.45
CA GLU G 378 -31.04 53.33 23.27
C GLU G 378 -30.62 53.20 21.81
N LEU G 379 -31.53 52.91 20.88
CA LEU G 379 -31.17 52.94 19.47
C LEU G 379 -30.67 54.33 19.06
N GLN G 380 -31.02 55.37 19.81
CA GLN G 380 -30.54 56.72 19.49
C GLN G 380 -29.01 56.79 19.56
N LEU G 381 -28.34 55.91 20.33
CA LEU G 381 -26.88 55.84 20.37
C LEU G 381 -26.29 55.77 18.97
N LEU G 382 -26.96 55.05 18.06
N LEU G 382 -26.95 55.03 18.06
CA LEU G 382 -26.40 54.82 16.74
CA LEU G 382 -26.40 54.80 16.74
C LEU G 382 -26.49 56.06 15.86
C LEU G 382 -26.48 56.06 15.86
N ASP G 383 -27.18 57.11 16.31
CA ASP G 383 -27.19 58.38 15.60
C ASP G 383 -25.97 59.24 15.96
N TRP G 384 -25.06 58.75 16.79
CA TRP G 384 -23.89 59.52 17.22
C TRP G 384 -23.08 60.01 16.01
N VAL G 385 -22.99 59.14 15.00
CA VAL G 385 -22.31 59.45 13.76
C VAL G 385 -23.16 58.91 12.61
N PRO G 386 -22.96 59.38 11.37
CA PRO G 386 -23.70 58.88 10.24
C PRO G 386 -23.54 57.37 10.04
N ASN G 387 -24.63 56.71 9.66
CA ASN G 387 -24.64 55.29 9.35
C ASN G 387 -24.09 54.50 10.53
N GLY G 388 -24.48 54.91 11.73
CA GLY G 388 -23.88 54.42 12.96
C GLY G 388 -24.10 52.93 13.16
N GLY G 389 -23.02 52.26 13.55
CA GLY G 389 -23.05 50.92 14.10
C GLY G 389 -22.12 50.85 15.31
N HIS G 390 -22.20 49.74 16.05
CA HIS G 390 -21.26 49.55 17.14
C HIS G 390 -20.74 48.11 17.16
N ILE G 391 -19.60 47.93 17.82
CA ILE G 391 -19.10 46.62 18.20
C ILE G 391 -18.92 46.65 19.73
N GLY G 392 -19.23 45.51 20.38
CA GLY G 392 -19.05 45.42 21.82
C GLY G 392 -17.71 44.78 22.15
N PHE G 393 -17.02 45.36 23.12
CA PHE G 393 -15.75 44.84 23.60
C PHE G 393 -15.86 44.86 25.12
N VAL G 394 -15.92 43.67 25.75
CA VAL G 394 -16.30 43.60 27.15
C VAL G 394 -15.40 42.65 27.93
N PRO G 395 -14.23 43.13 28.40
CA PRO G 395 -13.40 42.38 29.33
C PRO G 395 -13.98 42.24 30.74
N VAL G 396 -13.63 41.12 31.36
CA VAL G 396 -13.98 40.78 32.73
C VAL G 396 -12.73 40.86 33.61
N SER G 397 -12.94 41.41 34.81
CA SER G 397 -11.87 41.63 35.76
C SER G 397 -12.42 41.63 37.18
N ALA G 398 -11.55 41.84 38.17
CA ALA G 398 -11.95 42.02 39.55
C ALA G 398 -12.55 43.40 39.77
N PRO G 399 -13.58 43.54 40.65
CA PRO G 399 -14.18 44.82 41.01
C PRO G 399 -13.30 45.61 41.98
N ASP G 400 -12.23 46.11 41.39
CA ASP G 400 -11.18 46.82 42.08
C ASP G 400 -10.95 48.14 41.33
N GLY G 401 -10.89 49.25 42.08
CA GLY G 401 -10.78 50.55 41.46
C GLY G 401 -9.47 50.75 40.65
N ARG G 402 -8.36 50.20 41.14
CA ARG G 402 -7.11 50.31 40.42
C ARG G 402 -7.18 49.49 39.13
N GLU G 403 -7.80 48.31 39.16
CA GLU G 403 -8.00 47.53 37.95
C GLU G 403 -8.87 48.28 36.95
N ALA G 404 -9.90 48.97 37.44
CA ALA G 404 -10.78 49.77 36.60
C ALA G 404 -9.98 50.89 35.91
N MET G 405 -9.19 51.62 36.70
CA MET G 405 -8.38 52.69 36.15
C MET G 405 -7.42 52.16 35.09
N LYS G 406 -6.82 50.99 35.32
CA LYS G 406 -5.86 50.44 34.37
C LYS G 406 -6.55 50.16 33.03
N GLN G 407 -7.75 49.59 33.11
CA GLN G 407 -8.49 49.24 31.92
C GLN G 407 -8.98 50.48 31.17
N PHE G 408 -9.52 51.44 31.91
CA PHE G 408 -9.93 52.72 31.36
C PHE G 408 -8.78 53.32 30.54
N GLU G 409 -7.60 53.42 31.15
CA GLU G 409 -6.45 54.06 30.54
C GLU G 409 -6.00 53.31 29.29
N MET G 410 -5.91 51.99 29.37
CA MET G 410 -5.34 51.23 28.27
C MET G 410 -6.29 51.17 27.07
N VAL G 411 -7.60 51.11 27.34
CA VAL G 411 -8.56 51.06 26.25
C VAL G 411 -8.66 52.45 25.63
N ARG G 412 -8.69 53.49 26.45
CA ARG G 412 -8.81 54.84 25.91
C ARG G 412 -7.59 55.18 25.05
N ASN G 413 -6.39 54.81 25.52
CA ASN G 413 -5.16 55.03 24.76
C ASN G 413 -5.27 54.46 23.36
N ARG G 414 -5.72 53.19 23.27
CA ARG G 414 -5.81 52.52 21.98
C ARG G 414 -6.93 53.12 21.13
N ALA G 415 -8.06 53.44 21.74
CA ALA G 415 -9.15 54.07 21.02
C ALA G 415 -8.69 55.38 20.36
N ASN G 416 -7.98 56.20 21.13
CA ASN G 416 -7.44 57.46 20.63
C ASN G 416 -6.57 57.23 19.40
N GLU G 417 -5.72 56.20 19.44
CA GLU G 417 -4.80 55.90 18.36
C GLU G 417 -5.56 55.56 17.07
N TYR G 418 -6.76 54.95 17.19
CA TYR G 418 -7.54 54.61 16.01
C TYR G 418 -8.67 55.61 15.75
N ASN G 419 -8.62 56.78 16.38
CA ASN G 419 -9.65 57.80 16.21
C ASN G 419 -11.05 57.22 16.43
N LYS G 420 -11.22 56.54 17.57
CA LYS G 420 -12.53 56.07 17.98
C LYS G 420 -12.80 56.63 19.37
N ASP G 421 -14.05 57.07 19.61
CA ASP G 421 -14.43 57.58 20.91
C ASP G 421 -14.44 56.45 21.93
N TYR G 422 -13.97 56.76 23.15
CA TYR G 422 -14.03 55.85 24.29
C TYR G 422 -15.41 55.96 24.92
N MET G 423 -16.34 55.12 24.44
CA MET G 423 -17.66 55.03 25.01
C MET G 423 -17.74 53.78 25.85
N ALA G 424 -17.81 53.96 27.15
CA ALA G 424 -17.67 52.83 28.03
C ALA G 424 -18.43 53.05 29.31
N GLY G 425 -18.67 51.91 29.95
CA GLY G 425 -19.18 51.88 31.29
C GLY G 425 -18.56 50.69 32.01
N PHE G 426 -18.83 50.65 33.31
CA PHE G 426 -18.43 49.54 34.15
C PHE G 426 -19.69 49.05 34.85
N THR G 427 -19.84 47.73 34.93
CA THR G 427 -20.89 47.13 35.74
C THR G 427 -20.25 46.07 36.64
N ILE G 428 -20.94 45.78 37.75
CA ILE G 428 -20.57 44.67 38.61
C ILE G 428 -21.78 43.75 38.76
N GLY G 429 -21.49 42.45 38.81
CA GLY G 429 -22.46 41.43 39.19
C GLY G 429 -22.63 41.35 40.71
N LEU G 430 -21.82 40.50 41.36
CA LEU G 430 -21.62 40.50 42.81
C LEU G 430 -20.13 40.64 43.08
N ARG G 431 -19.34 39.86 42.33
CA ARG G 431 -17.92 39.73 42.61
C ARG G 431 -17.07 39.97 41.38
N GLU G 432 -17.69 40.30 40.24
CA GLU G 432 -16.98 40.44 39.00
C GLU G 432 -17.33 41.78 38.39
N MET G 433 -16.39 42.27 37.58
CA MET G 433 -16.54 43.55 36.92
C MET G 433 -16.44 43.35 35.41
N TYR G 434 -17.31 44.09 34.72
CA TYR G 434 -17.30 44.16 33.26
C TYR G 434 -16.98 45.59 32.82
N HIS G 435 -16.10 45.69 31.83
CA HIS G 435 -15.75 46.95 31.22
C HIS G 435 -16.45 46.97 29.87
N VAL G 436 -17.64 47.59 29.83
CA VAL G 436 -18.49 47.53 28.64
C VAL G 436 -18.10 48.67 27.71
N CYS G 437 -17.34 48.32 26.65
CA CYS G 437 -16.92 49.31 25.66
C CYS G 437 -17.75 49.13 24.40
N LEU G 438 -18.35 50.24 23.93
CA LEU G 438 -19.07 50.28 22.69
C LEU G 438 -18.27 51.21 21.80
N PHE G 439 -17.87 50.72 20.62
CA PHE G 439 -17.20 51.62 19.70
C PHE G 439 -18.18 51.87 18.56
N ILE G 440 -18.57 53.15 18.39
CA ILE G 440 -19.57 53.55 17.42
C ILE G 440 -18.81 54.10 16.21
N TYR G 441 -19.26 53.74 15.01
CA TYR G 441 -18.49 54.07 13.82
C TYR G 441 -19.44 54.13 12.63
N ASP G 442 -18.94 54.73 11.53
CA ASP G 442 -19.66 54.84 10.28
C ASP G 442 -19.56 53.53 9.50
N THR G 443 -20.65 52.75 9.48
CA THR G 443 -20.66 51.44 8.85
C THR G 443 -20.53 51.53 7.33
N ALA G 444 -20.73 52.71 6.74
CA ALA G 444 -20.64 52.87 5.29
C ALA G 444 -19.21 53.17 4.85
N ASP G 445 -18.29 53.41 5.80
CA ASP G 445 -16.93 53.80 5.49
C ASP G 445 -16.01 52.60 5.64
N PRO G 446 -15.46 52.04 4.52
CA PRO G 446 -14.60 50.87 4.62
C PRO G 446 -13.40 51.06 5.53
N GLU G 447 -12.84 52.27 5.53
CA GLU G 447 -11.70 52.59 6.38
C GLU G 447 -12.07 52.47 7.86
N ALA G 448 -13.25 53.02 8.23
CA ALA G 448 -13.70 52.96 9.61
C ALA G 448 -13.93 51.51 10.02
N ARG G 449 -14.51 50.71 9.12
CA ARG G 449 -14.79 49.31 9.40
C ARG G 449 -13.48 48.55 9.65
N GLU G 450 -12.46 48.83 8.84
CA GLU G 450 -11.18 48.14 8.99
C GLU G 450 -10.47 48.61 10.24
N GLU G 451 -10.54 49.90 10.55
CA GLU G 451 -9.97 50.42 11.79
C GLU G 451 -10.58 49.73 13.00
N ILE G 452 -11.92 49.57 13.00
CA ILE G 452 -12.59 48.90 14.11
C ILE G 452 -12.03 47.49 14.29
N LEU G 453 -11.91 46.76 13.19
CA LEU G 453 -11.42 45.39 13.23
C LEU G 453 -10.00 45.37 13.80
N GLN G 454 -9.12 46.21 13.27
CA GLN G 454 -7.72 46.15 13.69
C GLN G 454 -7.56 46.63 15.13
N MET G 455 -8.32 47.66 15.53
CA MET G 455 -8.26 48.17 16.89
C MET G 455 -8.72 47.08 17.87
N THR G 456 -9.84 46.44 17.56
CA THR G 456 -10.39 45.48 18.52
C THR G 456 -9.47 44.25 18.63
N LYS G 457 -8.79 43.85 17.55
CA LYS G 457 -7.82 42.77 17.64
C LYS G 457 -6.69 43.12 18.60
N VAL G 458 -6.23 44.36 18.55
CA VAL G 458 -5.21 44.83 19.47
C VAL G 458 -5.76 44.84 20.90
N LEU G 459 -6.99 45.36 21.10
CA LEU G 459 -7.57 45.44 22.43
C LEU G 459 -7.67 44.04 23.05
N VAL G 460 -8.08 43.05 22.26
CA VAL G 460 -8.21 41.69 22.75
C VAL G 460 -6.86 41.16 23.25
N ARG G 461 -5.83 41.35 22.42
CA ARG G 461 -4.50 40.87 22.76
C ARG G 461 -3.98 41.59 24.02
N GLU G 462 -4.11 42.92 24.05
CA GLU G 462 -3.53 43.70 25.14
C GLU G 462 -4.24 43.39 26.46
N ALA G 463 -5.58 43.20 26.38
CA ALA G 463 -6.35 42.84 27.55
C ALA G 463 -5.84 41.49 28.07
N ALA G 464 -5.68 40.50 27.17
CA ALA G 464 -5.25 39.18 27.58
C ALA G 464 -3.86 39.23 28.22
N GLU G 465 -2.96 40.05 27.66
CA GLU G 465 -1.61 40.19 28.20
C GLU G 465 -1.65 40.75 29.63
N ALA G 466 -2.69 41.50 29.96
CA ALA G 466 -2.89 42.06 31.30
C ALA G 466 -3.74 41.15 32.19
N GLY G 467 -4.17 40.00 31.67
CA GLY G 467 -4.90 39.02 32.46
C GLY G 467 -6.43 39.20 32.41
N TYR G 468 -6.93 39.88 31.37
CA TYR G 468 -8.35 40.11 31.23
C TYR G 468 -8.86 39.36 29.98
N GLY G 469 -9.98 38.65 30.13
CA GLY G 469 -10.60 38.00 28.98
C GLY G 469 -12.03 38.52 28.78
N GLU G 470 -12.59 38.34 27.58
CA GLU G 470 -13.90 38.87 27.27
C GLU G 470 -14.98 37.83 27.53
N TYR G 471 -16.18 38.31 27.91
CA TYR G 471 -17.28 37.44 28.28
C TYR G 471 -18.07 37.00 27.03
N ARG G 472 -17.93 37.77 25.96
CA ARG G 472 -18.77 37.62 24.77
C ARG G 472 -18.11 38.45 23.67
N THR G 473 -18.24 38.05 22.40
CA THR G 473 -17.60 38.81 21.35
C THR G 473 -18.29 38.61 20.00
N HIS G 474 -17.82 39.44 19.06
CA HIS G 474 -18.30 39.47 17.69
C HIS G 474 -17.73 38.33 16.89
N ASN G 475 -18.47 37.90 15.86
CA ASN G 475 -18.00 36.92 14.88
C ASN G 475 -16.52 37.13 14.51
N ALA G 476 -16.15 38.38 14.17
CA ALA G 476 -14.83 38.68 13.64
C ALA G 476 -13.70 38.45 14.67
N LEU G 477 -14.05 38.34 15.95
CA LEU G 477 -13.09 38.24 17.04
C LEU G 477 -13.13 36.89 17.74
N MET G 478 -14.04 35.98 17.33
CA MET G 478 -14.24 34.76 18.09
C MET G 478 -12.96 33.91 18.15
N ASP G 479 -12.26 33.79 17.04
CA ASP G 479 -11.03 32.98 17.02
C ASP G 479 -9.98 33.62 17.93
N ASP G 480 -9.84 34.95 17.82
CA ASP G 480 -8.88 35.68 18.62
C ASP G 480 -9.19 35.56 20.12
N VAL G 481 -10.45 35.70 20.50
CA VAL G 481 -10.80 35.65 21.92
C VAL G 481 -10.60 34.22 22.45
N MET G 482 -11.04 33.20 21.72
CA MET G 482 -10.89 31.84 22.24
C MET G 482 -9.38 31.51 22.39
N ALA G 483 -8.55 32.08 21.51
CA ALA G 483 -7.12 31.83 21.56
C ALA G 483 -6.49 32.37 22.85
N THR G 484 -7.11 33.36 23.51
CA THR G 484 -6.61 33.90 24.77
C THR G 484 -6.87 32.95 25.94
N PHE G 485 -7.88 32.08 25.83
CA PHE G 485 -8.21 31.19 26.94
C PHE G 485 -7.42 29.89 26.82
N ASN G 486 -6.09 30.02 26.73
CA ASN G 486 -5.25 28.91 26.30
C ASN G 486 -4.40 28.31 27.42
N TRP G 487 -4.83 28.43 28.67
CA TRP G 487 -4.15 27.71 29.76
C TRP G 487 -3.96 26.25 29.39
N GLY G 488 -2.83 25.67 29.77
CA GLY G 488 -2.60 24.25 29.57
C GLY G 488 -2.48 23.90 28.09
N ASP G 489 -1.84 24.78 27.33
CA ASP G 489 -1.60 24.60 25.90
C ASP G 489 -2.93 24.40 25.15
N GLY G 490 -3.90 25.28 25.44
CA GLY G 490 -5.15 25.29 24.71
C GLY G 490 -6.08 24.13 25.10
N ALA G 491 -6.06 23.74 26.38
CA ALA G 491 -6.82 22.60 26.86
C ALA G 491 -8.32 22.80 26.71
N LEU G 492 -8.81 24.01 26.98
CA LEU G 492 -10.24 24.28 26.97
C LEU G 492 -10.79 24.07 25.56
N LEU G 493 -10.13 24.68 24.58
CA LEU G 493 -10.56 24.55 23.19
C LEU G 493 -10.52 23.10 22.74
N LYS G 494 -9.47 22.35 23.12
CA LYS G 494 -9.34 20.96 22.73
C LYS G 494 -10.53 20.14 23.27
N PHE G 495 -10.93 20.43 24.50
CA PHE G 495 -12.06 19.78 25.11
C PHE G 495 -13.34 20.11 24.31
N HIS G 496 -13.56 21.39 24.01
CA HIS G 496 -14.74 21.78 23.26
C HIS G 496 -14.77 21.10 21.89
N GLU G 497 -13.60 20.98 21.24
CA GLU G 497 -13.51 20.37 19.91
C GLU G 497 -13.90 18.89 19.95
N LYS G 498 -13.48 18.19 21.01
CA LYS G 498 -13.79 16.77 21.12
C LYS G 498 -15.31 16.57 21.24
N ILE G 499 -15.94 17.40 22.07
CA ILE G 499 -17.38 17.35 22.24
C ILE G 499 -18.09 17.73 20.94
N LYS G 500 -17.63 18.78 20.27
CA LYS G 500 -18.24 19.20 19.01
C LYS G 500 -18.20 18.07 17.99
N ASP G 501 -17.04 17.42 17.84
CA ASP G 501 -16.90 16.41 16.81
C ASP G 501 -17.74 15.17 17.12
N ALA G 502 -17.90 14.86 18.41
CA ALA G 502 -18.68 13.71 18.83
C ALA G 502 -20.16 13.93 18.54
N LEU G 503 -20.67 15.13 18.86
CA LEU G 503 -22.09 15.42 18.69
C LEU G 503 -22.42 15.82 17.25
N ASP G 504 -21.42 16.31 16.50
CA ASP G 504 -21.61 16.90 15.18
C ASP G 504 -20.58 16.32 14.21
N PRO G 505 -20.65 15.01 13.91
CA PRO G 505 -19.65 14.37 13.07
C PRO G 505 -19.61 14.89 11.62
N ASN G 506 -20.72 15.48 11.15
CA ASN G 506 -20.75 16.06 9.79
C ASN G 506 -20.42 17.56 9.78
N GLY G 507 -20.18 18.16 10.95
CA GLY G 507 -19.74 19.55 11.03
C GLY G 507 -20.75 20.54 10.46
N ILE G 508 -21.99 20.50 11.00
CA ILE G 508 -23.14 21.22 10.45
C ILE G 508 -23.42 22.50 11.24
N ILE G 509 -23.45 22.44 12.58
CA ILE G 509 -24.03 23.54 13.34
C ILE G 509 -23.00 24.65 13.56
N ALA G 510 -23.36 25.89 13.15
CA ALA G 510 -22.64 27.15 13.36
C ALA G 510 -21.14 26.95 13.53
N PRO G 511 -20.45 26.43 12.50
CA PRO G 511 -19.00 26.25 12.58
C PRO G 511 -18.30 27.55 12.94
N GLY G 512 -17.43 27.48 13.95
CA GLY G 512 -16.61 28.61 14.31
C GLY G 512 -17.18 29.47 15.44
N LYS G 513 -18.44 29.23 15.83
CA LYS G 513 -18.98 29.94 16.97
C LYS G 513 -18.04 29.75 18.16
N SER G 514 -17.75 30.85 18.86
CA SER G 514 -16.87 30.83 20.03
C SER G 514 -15.48 30.24 19.70
N GLY G 515 -15.10 30.28 18.43
CA GLY G 515 -13.82 29.75 18.00
C GLY G 515 -13.78 28.23 17.90
N ILE G 516 -14.94 27.56 17.96
CA ILE G 516 -15.00 26.11 17.98
C ILE G 516 -15.40 25.61 16.60
N TRP G 517 -14.42 25.03 15.91
CA TRP G 517 -14.61 24.56 14.55
C TRP G 517 -14.66 23.04 14.53
N PRO G 518 -15.62 22.44 13.80
CA PRO G 518 -15.60 21.00 13.60
C PRO G 518 -14.42 20.61 12.72
N GLN G 519 -14.06 19.34 12.76
CA GLN G 519 -12.87 18.80 12.11
C GLN G 519 -12.77 19.25 10.65
N ARG G 520 -13.86 19.23 9.89
CA ARG G 520 -13.75 19.43 8.45
C ARG G 520 -13.37 20.88 8.09
N PHE G 521 -13.51 21.83 9.02
CA PHE G 521 -13.20 23.23 8.77
C PHE G 521 -11.97 23.67 9.57
N ARG G 522 -11.44 22.81 10.44
CA ARG G 522 -10.37 23.24 11.34
C ARG G 522 -9.09 23.52 10.56
N GLY G 523 -8.46 24.65 10.88
CA GLY G 523 -7.19 25.05 10.29
C GLY G 523 -7.32 25.47 8.83
N GLN G 524 -8.41 26.16 8.47
CA GLN G 524 -8.62 26.52 7.07
C GLN G 524 -8.79 28.03 6.86
N ASN G 525 -8.60 28.86 7.89
CA ASN G 525 -8.60 30.30 7.68
C ASN G 525 -9.93 30.76 7.06
N LEU G 526 -11.04 30.30 7.66
CA LEU G 526 -12.37 30.72 7.24
C LEU G 526 -12.87 31.85 8.17
N THR H 2 -12.48 -14.26 47.42
CA THR H 2 -11.62 -14.13 46.22
C THR H 2 -11.08 -12.71 46.19
N ARG H 3 -9.85 -12.54 45.67
CA ARG H 3 -9.26 -11.21 45.48
C ARG H 3 -10.08 -10.40 44.47
N THR H 4 -10.38 -9.14 44.81
CA THR H 4 -11.16 -8.30 43.93
C THR H 4 -10.25 -7.76 42.83
N LEU H 5 -10.59 -8.05 41.56
CA LEU H 5 -9.82 -7.60 40.42
C LEU H 5 -10.67 -6.69 39.54
N PRO H 6 -10.06 -5.74 38.81
CA PRO H 6 -10.77 -5.02 37.76
C PRO H 6 -11.31 -5.98 36.69
N PRO H 7 -12.50 -5.72 36.14
CA PRO H 7 -13.05 -6.60 35.10
C PRO H 7 -12.08 -6.82 33.94
N GLY H 8 -11.81 -8.09 33.62
CA GLY H 8 -10.98 -8.40 32.47
C GLY H 8 -9.47 -8.28 32.74
N VAL H 9 -9.07 -7.94 33.96
CA VAL H 9 -7.67 -7.71 34.29
C VAL H 9 -7.17 -8.86 35.16
N SER H 10 -6.13 -9.55 34.69
CA SER H 10 -5.58 -10.71 35.37
C SER H 10 -4.89 -10.28 36.66
N ASP H 11 -4.70 -11.26 37.55
CA ASP H 11 -3.90 -11.06 38.76
C ASP H 11 -2.54 -10.44 38.43
N GLU H 12 -1.88 -10.98 37.40
CA GLU H 12 -0.52 -10.56 37.06
C GLU H 12 -0.50 -9.13 36.52
N ARG H 13 -1.46 -8.81 35.65
CA ARG H 13 -1.55 -7.47 35.09
C ARG H 13 -1.92 -6.46 36.18
N PHE H 14 -2.79 -6.87 37.10
CA PHE H 14 -3.20 -5.97 38.18
C PHE H 14 -1.99 -5.69 39.08
N ASP H 15 -1.22 -6.73 39.42
CA ASP H 15 0.00 -6.55 40.21
C ASP H 15 0.94 -5.55 39.54
N ALA H 16 1.10 -5.66 38.21
CA ALA H 16 1.97 -4.75 37.47
C ALA H 16 1.44 -3.32 37.55
N ALA H 17 0.11 -3.14 37.40
CA ALA H 17 -0.49 -1.82 37.50
C ALA H 17 -0.30 -1.25 38.90
N LEU H 18 -0.49 -2.08 39.94
CA LEU H 18 -0.30 -1.61 41.31
C LEU H 18 1.12 -1.08 41.52
N GLN H 19 2.11 -1.77 40.95
CA GLN H 19 3.49 -1.33 41.12
C GLN H 19 3.69 0.02 40.43
N ARG H 20 3.09 0.20 39.23
CA ARG H 20 3.15 1.48 38.55
C ARG H 20 2.54 2.58 39.42
N PHE H 21 1.39 2.30 40.05
CA PHE H 21 0.74 3.27 40.92
C PHE H 21 1.67 3.59 42.09
N ARG H 22 2.31 2.57 42.70
CA ARG H 22 3.22 2.82 43.81
C ARG H 22 4.40 3.71 43.38
N ASP H 23 4.88 3.51 42.16
CA ASP H 23 5.98 4.31 41.63
C ASP H 23 5.60 5.78 41.51
N VAL H 24 4.30 6.07 41.35
CA VAL H 24 3.82 7.44 41.24
C VAL H 24 3.65 8.06 42.62
N VAL H 25 2.92 7.38 43.52
CA VAL H 25 2.44 8.02 44.74
C VAL H 25 3.21 7.61 45.99
N GLY H 26 4.00 6.52 45.90
CA GLY H 26 4.69 5.96 47.04
C GLY H 26 4.01 4.70 47.58
N ASP H 27 4.80 3.83 48.19
CA ASP H 27 4.32 2.55 48.69
C ASP H 27 3.18 2.67 49.69
N LYS H 28 3.26 3.67 50.58
CA LYS H 28 2.30 3.78 51.67
C LYS H 28 0.90 4.18 51.17
N TRP H 29 0.86 4.71 49.92
CA TRP H 29 -0.30 5.41 49.43
C TRP H 29 -1.05 4.58 48.37
N VAL H 30 -0.75 3.28 48.33
CA VAL H 30 -1.51 2.32 47.54
C VAL H 30 -1.94 1.20 48.49
N LEU H 31 -3.26 1.03 48.64
CA LEU H 31 -3.85 0.01 49.49
C LEU H 31 -4.43 -1.08 48.59
N SER H 32 -4.12 -2.36 48.87
CA SER H 32 -4.68 -3.42 48.05
C SER H 32 -4.86 -4.76 48.79
N THR H 33 -4.80 -4.78 50.12
CA THR H 33 -5.08 -6.04 50.82
C THR H 33 -6.56 -6.05 51.22
N ALA H 34 -7.13 -7.25 51.32
CA ALA H 34 -8.53 -7.44 51.70
C ALA H 34 -8.86 -6.65 52.96
N ASP H 35 -8.02 -6.76 53.99
CA ASP H 35 -8.25 -6.09 55.26
C ASP H 35 -8.20 -4.57 55.10
N GLU H 36 -7.24 -4.04 54.32
CA GLU H 36 -7.16 -2.61 54.09
C GLU H 36 -8.41 -2.08 53.37
N LEU H 37 -8.96 -2.88 52.45
CA LEU H 37 -10.04 -2.44 51.58
C LEU H 37 -11.40 -2.47 52.28
N GLU H 38 -11.49 -3.22 53.40
CA GLU H 38 -12.74 -3.37 54.12
C GLU H 38 -13.34 -2.01 54.47
N ALA H 39 -12.48 -1.06 54.84
CA ALA H 39 -12.90 0.26 55.30
C ALA H 39 -13.45 1.10 54.16
N PHE H 40 -13.28 0.66 52.90
CA PHE H 40 -13.69 1.45 51.76
C PHE H 40 -14.93 0.85 51.11
N ARG H 41 -15.43 -0.25 51.68
CA ARG H 41 -16.72 -0.76 51.28
C ARG H 41 -17.79 0.25 51.73
N ASP H 42 -18.91 0.23 51.02
CA ASP H 42 -20.06 1.06 51.39
C ASP H 42 -20.41 0.78 52.84
N PRO H 43 -20.41 1.78 53.76
CA PRO H 43 -20.77 1.51 55.14
C PRO H 43 -22.25 1.15 55.31
N TYR H 44 -23.07 1.58 54.35
CA TYR H 44 -24.52 1.34 54.40
C TYR H 44 -24.91 0.53 53.16
N PRO H 45 -24.49 -0.73 53.07
CA PRO H 45 -24.69 -1.49 51.84
C PRO H 45 -26.16 -1.75 51.56
N VAL H 46 -26.48 -1.81 50.27
CA VAL H 46 -27.82 -2.02 49.78
C VAL H 46 -27.79 -3.30 48.95
N GLY H 47 -28.81 -4.16 49.12
CA GLY H 47 -28.84 -5.47 48.49
C GLY H 47 -28.11 -6.50 49.36
N ALA H 48 -28.61 -7.73 49.33
CA ALA H 48 -27.99 -8.82 50.08
C ALA H 48 -26.63 -9.18 49.50
N ALA H 49 -26.53 -9.26 48.17
CA ALA H 49 -25.30 -9.73 47.53
C ALA H 49 -24.22 -8.66 47.65
N GLU H 50 -22.96 -9.10 47.71
CA GLU H 50 -21.86 -8.17 47.70
C GLU H 50 -21.85 -7.43 46.36
N ALA H 51 -21.53 -6.15 46.44
CA ALA H 51 -21.51 -5.28 45.29
C ALA H 51 -20.55 -4.13 45.60
N ASN H 52 -20.17 -3.41 44.55
CA ASN H 52 -19.43 -2.17 44.69
C ASN H 52 -18.11 -2.40 45.43
N LEU H 53 -17.36 -3.41 45.02
CA LEU H 53 -16.14 -3.77 45.72
C LEU H 53 -14.94 -3.05 45.09
N PRO H 54 -14.17 -2.26 45.86
CA PRO H 54 -12.94 -1.67 45.34
C PRO H 54 -11.81 -2.69 45.26
N SER H 55 -10.96 -2.58 44.21
CA SER H 55 -9.80 -3.44 44.05
C SER H 55 -8.56 -2.85 44.70
N ALA H 56 -8.53 -1.53 44.84
CA ALA H 56 -7.42 -0.82 45.48
C ALA H 56 -7.85 0.61 45.78
N VAL H 57 -7.03 1.29 46.60
CA VAL H 57 -7.17 2.71 46.85
C VAL H 57 -5.81 3.36 46.59
N VAL H 58 -5.80 4.44 45.80
CA VAL H 58 -4.58 5.18 45.47
C VAL H 58 -4.79 6.62 45.92
N SER H 59 -3.82 7.15 46.67
CA SER H 59 -3.89 8.47 47.28
C SER H 59 -2.82 9.37 46.68
N PRO H 60 -3.13 10.15 45.62
CA PRO H 60 -2.17 11.05 45.02
C PRO H 60 -1.97 12.33 45.84
N GLU H 61 -0.79 12.95 45.66
CA GLU H 61 -0.42 14.16 46.38
C GLU H 61 -0.58 15.43 45.54
N SER H 62 -0.74 15.29 44.22
CA SER H 62 -0.74 16.44 43.32
C SER H 62 -1.51 16.17 42.04
N THR H 63 -1.81 17.23 41.30
CA THR H 63 -2.45 17.12 40.00
C THR H 63 -1.61 16.26 39.07
N GLU H 64 -0.27 16.46 39.05
CA GLU H 64 0.57 15.67 38.16
C GLU H 64 0.45 14.18 38.49
N GLN H 65 0.40 13.85 39.77
CA GLN H 65 0.23 12.44 40.16
C GLN H 65 -1.12 11.89 39.69
N VAL H 66 -2.18 12.70 39.78
CA VAL H 66 -3.48 12.28 39.27
C VAL H 66 -3.38 12.00 37.76
N GLN H 67 -2.67 12.88 37.02
CA GLN H 67 -2.51 12.67 35.59
C GLN H 67 -1.83 11.34 35.32
N ASP H 68 -0.75 11.05 36.07
CA ASP H 68 -0.01 9.81 35.88
C ASP H 68 -0.85 8.59 36.23
N ILE H 69 -1.65 8.65 37.29
CA ILE H 69 -2.55 7.57 37.67
C ILE H 69 -3.54 7.29 36.52
N VAL H 70 -4.14 8.36 35.98
CA VAL H 70 -5.05 8.21 34.88
C VAL H 70 -4.38 7.59 33.67
N ARG H 71 -3.15 8.01 33.35
CA ARG H 71 -2.44 7.45 32.21
C ARG H 71 -2.19 5.95 32.40
N ILE H 72 -1.79 5.56 33.61
CA ILE H 72 -1.58 4.14 33.91
C ILE H 72 -2.89 3.37 33.73
N ALA H 73 -3.98 3.93 34.26
CA ALA H 73 -5.28 3.24 34.19
C ALA H 73 -5.67 3.02 32.73
N ASN H 74 -5.40 4.02 31.87
CA ASN H 74 -5.70 3.87 30.44
C ASN H 74 -4.88 2.73 29.84
N GLU H 75 -3.60 2.65 30.20
CA GLU H 75 -2.73 1.63 29.62
C GLU H 75 -3.20 0.23 29.99
N TYR H 76 -3.66 0.05 31.24
CA TYR H 76 -4.05 -1.28 31.73
C TYR H 76 -5.54 -1.57 31.68
N GLY H 77 -6.35 -0.58 31.28
CA GLY H 77 -7.81 -0.72 31.25
C GLY H 77 -8.42 -0.89 32.64
N ILE H 78 -7.88 -0.17 33.63
CA ILE H 78 -8.36 -0.24 35.00
C ILE H 78 -9.34 0.89 35.26
N PRO H 79 -10.59 0.60 35.70
CA PRO H 79 -11.52 1.70 36.00
C PRO H 79 -11.14 2.40 37.30
N LEU H 80 -11.36 3.71 37.33
CA LEU H 80 -11.01 4.58 38.44
C LEU H 80 -12.26 5.26 38.96
N HIS H 81 -12.47 5.20 40.28
CA HIS H 81 -13.54 5.93 40.92
C HIS H 81 -12.95 7.04 41.76
N PRO H 82 -12.98 8.30 41.29
CA PRO H 82 -12.46 9.41 42.06
C PRO H 82 -13.40 9.85 43.17
N VAL H 83 -12.82 10.08 44.33
CA VAL H 83 -13.53 10.66 45.45
C VAL H 83 -12.66 11.75 46.04
N SER H 84 -13.27 12.54 46.90
CA SER H 84 -12.58 13.59 47.65
C SER H 84 -12.29 13.04 49.04
N THR H 85 -13.27 13.05 49.92
CA THR H 85 -13.17 12.42 51.24
C THR H 85 -13.93 11.09 51.31
N GLY H 86 -14.76 10.76 50.32
CA GLY H 86 -15.39 9.46 50.25
C GLY H 86 -16.41 9.20 51.37
N LYS H 87 -17.15 10.25 51.75
CA LYS H 87 -18.16 10.17 52.80
C LYS H 87 -19.55 10.32 52.23
N ASN H 88 -19.78 9.82 51.01
CA ASN H 88 -21.06 9.92 50.31
C ASN H 88 -22.06 8.89 50.85
N ASN H 89 -22.18 8.88 52.17
CA ASN H 89 -22.94 7.86 52.88
C ASN H 89 -24.42 8.11 52.68
N GLY H 90 -25.15 7.04 52.32
CA GLY H 90 -26.53 7.14 51.83
C GLY H 90 -26.62 6.93 50.32
N TYR H 91 -25.48 7.12 49.62
CA TYR H 91 -25.44 7.02 48.17
C TYR H 91 -24.29 6.11 47.72
N GLY H 92 -23.62 5.43 48.66
CA GLY H 92 -22.59 4.47 48.29
C GLY H 92 -21.27 4.63 49.06
N GLY H 93 -21.14 5.69 49.87
CA GLY H 93 -19.90 5.94 50.59
C GLY H 93 -18.78 6.24 49.61
N ALA H 94 -17.62 5.58 49.78
CA ALA H 94 -16.52 5.72 48.84
C ALA H 94 -16.56 4.64 47.78
N ALA H 95 -17.52 3.71 47.85
CA ALA H 95 -17.47 2.52 47.01
C ALA H 95 -17.82 2.82 45.57
N PRO H 96 -17.14 2.17 44.60
CA PRO H 96 -17.40 2.41 43.18
C PRO H 96 -18.69 1.75 42.73
N ARG H 97 -19.38 2.37 41.77
CA ARG H 97 -20.52 1.75 41.13
C ARG H 97 -20.10 0.41 40.52
N LEU H 98 -18.96 0.42 39.82
CA LEU H 98 -18.47 -0.78 39.14
C LEU H 98 -17.50 -1.52 40.05
N SER H 99 -17.88 -2.75 40.44
CA SER H 99 -16.96 -3.60 41.21
C SER H 99 -15.64 -3.79 40.48
N GLY H 100 -14.55 -3.79 41.26
CA GLY H 100 -13.21 -3.99 40.74
C GLY H 100 -12.50 -2.69 40.37
N SER H 101 -13.19 -1.55 40.50
CA SER H 101 -12.61 -0.25 40.25
C SER H 101 -11.62 0.09 41.37
N VAL H 102 -10.61 0.89 41.01
CA VAL H 102 -9.70 1.48 41.96
C VAL H 102 -10.24 2.82 42.41
N ILE H 103 -10.27 3.04 43.72
CA ILE H 103 -10.67 4.33 44.26
C ILE H 103 -9.46 5.25 44.20
N VAL H 104 -9.66 6.46 43.65
CA VAL H 104 -8.60 7.46 43.68
C VAL H 104 -9.03 8.47 44.74
N LYS H 105 -8.43 8.37 45.92
CA LYS H 105 -8.82 9.19 47.05
C LYS H 105 -8.02 10.48 47.04
N THR H 106 -8.53 11.48 46.31
CA THR H 106 -7.80 12.71 46.08
C THR H 106 -7.59 13.46 47.38
N GLY H 107 -8.50 13.33 48.32
CA GLY H 107 -8.56 14.21 49.48
C GLY H 107 -7.61 13.83 50.60
N GLU H 108 -7.09 12.60 50.55
CA GLU H 108 -6.20 12.13 51.60
C GLU H 108 -4.99 13.06 51.70
N ARG H 109 -4.38 13.37 50.56
CA ARG H 109 -3.16 14.19 50.55
C ARG H 109 -3.36 15.52 49.81
N MET H 110 -4.38 15.62 48.96
CA MET H 110 -4.66 16.89 48.29
C MET H 110 -5.70 17.61 49.13
N ASN H 111 -5.22 18.22 50.23
CA ASN H 111 -6.12 18.69 51.26
C ASN H 111 -5.86 20.13 51.68
N ARG H 112 -5.24 20.93 50.79
CA ARG H 112 -4.84 22.29 51.12
C ARG H 112 -5.96 23.29 50.80
N ILE H 113 -6.13 24.26 51.70
CA ILE H 113 -6.80 25.50 51.37
C ILE H 113 -5.83 26.39 50.60
N LEU H 114 -6.06 26.58 49.30
CA LEU H 114 -5.14 27.30 48.45
C LEU H 114 -5.29 28.81 48.60
N GLU H 115 -6.52 29.31 48.79
CA GLU H 115 -6.74 30.74 48.99
C GLU H 115 -8.11 30.93 49.65
N VAL H 116 -8.17 31.83 50.63
CA VAL H 116 -9.45 32.40 51.06
C VAL H 116 -9.33 33.91 50.91
N ASN H 117 -10.18 34.49 50.06
CA ASN H 117 -10.16 35.90 49.78
C ASN H 117 -11.27 36.61 50.55
N GLU H 118 -10.87 37.44 51.54
CA GLU H 118 -11.81 38.11 52.41
C GLU H 118 -12.60 39.20 51.68
N LYS H 119 -11.92 39.94 50.81
CA LYS H 119 -12.52 41.11 50.17
C LYS H 119 -13.59 40.70 49.16
N TYR H 120 -13.27 39.73 48.29
CA TYR H 120 -14.22 39.30 47.27
C TYR H 120 -15.09 38.13 47.73
N GLY H 121 -14.71 37.44 48.82
CA GLY H 121 -15.57 36.42 49.42
C GLY H 121 -15.54 35.10 48.65
N TYR H 122 -14.40 34.40 48.65
CA TYR H 122 -14.33 33.11 48.01
C TYR H 122 -13.22 32.28 48.62
N ALA H 123 -13.25 30.98 48.31
CA ALA H 123 -12.15 30.07 48.62
C ALA H 123 -11.77 29.28 47.38
N LEU H 124 -10.49 28.95 47.28
CA LEU H 124 -9.98 28.03 46.26
C LEU H 124 -9.41 26.85 47.05
N LEU H 125 -9.90 25.64 46.73
CA LEU H 125 -9.74 24.47 47.62
C LEU H 125 -9.27 23.27 46.83
N GLU H 126 -8.49 22.43 47.51
CA GLU H 126 -8.30 21.05 47.08
C GLU H 126 -9.37 20.13 47.66
N PRO H 127 -9.55 18.92 47.10
CA PRO H 127 -10.66 18.06 47.48
C PRO H 127 -10.69 17.60 48.95
N GLY H 128 -9.56 17.56 49.62
CA GLY H 128 -9.49 17.05 50.99
C GLY H 128 -9.86 18.07 52.06
N VAL H 129 -10.23 19.29 51.67
CA VAL H 129 -10.64 20.28 52.66
C VAL H 129 -12.05 19.92 53.11
N THR H 130 -12.21 19.55 54.39
CA THR H 130 -13.53 19.27 54.92
C THR H 130 -14.22 20.57 55.35
N TYR H 131 -15.52 20.46 55.65
CA TYR H 131 -16.23 21.61 56.20
C TYR H 131 -15.61 22.00 57.55
N PHE H 132 -15.25 21.01 58.36
CA PHE H 132 -14.56 21.31 59.61
C PHE H 132 -13.25 22.08 59.36
N ASP H 133 -12.49 21.65 58.38
CA ASP H 133 -11.22 22.28 58.05
C ASP H 133 -11.42 23.74 57.63
N LEU H 134 -12.40 23.99 56.78
CA LEU H 134 -12.62 25.36 56.28
C LEU H 134 -13.13 26.24 57.43
N TYR H 135 -14.02 25.70 58.26
CA TYR H 135 -14.52 26.44 59.41
C TYR H 135 -13.38 26.82 60.35
N GLU H 136 -12.48 25.87 60.63
CA GLU H 136 -11.31 26.13 61.49
C GLU H 136 -10.46 27.24 60.91
N TYR H 137 -10.26 27.23 59.58
CA TYR H 137 -9.49 28.29 58.93
C TYR H 137 -10.19 29.64 59.14
N LEU H 138 -11.51 29.69 58.88
CA LEU H 138 -12.23 30.95 58.96
C LEU H 138 -12.17 31.49 60.40
N GLN H 139 -12.37 30.60 61.38
CA GLN H 139 -12.38 31.01 62.77
C GLN H 139 -11.00 31.51 63.21
N SER H 140 -9.96 30.79 62.82
CA SER H 140 -8.61 31.10 63.29
C SER H 140 -8.07 32.37 62.64
N HIS H 141 -8.62 32.77 61.48
CA HIS H 141 -8.21 33.99 60.80
C HIS H 141 -9.19 35.15 61.09
N ASP H 142 -10.15 34.97 62.00
CA ASP H 142 -11.14 35.97 62.33
C ASP H 142 -11.84 36.50 61.07
N SER H 143 -12.19 35.57 60.16
CA SER H 143 -12.87 35.92 58.93
C SER H 143 -14.25 36.51 59.19
N GLY H 144 -14.69 37.39 58.28
CA GLY H 144 -16.06 37.86 58.25
C GLY H 144 -16.93 37.02 57.32
N LEU H 145 -16.39 35.92 56.79
CA LEU H 145 -17.12 35.01 55.90
C LEU H 145 -17.66 33.81 56.68
N MET H 146 -18.63 33.13 56.06
CA MET H 146 -19.16 31.88 56.60
C MET H 146 -19.29 30.88 55.46
N LEU H 147 -19.21 29.60 55.78
CA LEU H 147 -19.39 28.56 54.78
C LEU H 147 -20.86 28.12 54.79
N ASP H 148 -21.20 27.25 53.83
CA ASP H 148 -22.49 26.58 53.78
C ASP H 148 -22.24 25.07 53.82
N CYS H 149 -22.74 24.40 54.87
CA CYS H 149 -22.42 22.99 55.07
C CYS H 149 -23.67 22.12 54.96
N PRO H 150 -23.49 20.86 54.55
CA PRO H 150 -24.52 19.86 54.74
C PRO H 150 -24.65 19.49 56.21
N ASP H 151 -25.55 18.55 56.51
CA ASP H 151 -25.79 18.12 57.88
C ASP H 151 -24.54 17.63 58.60
N LEU H 152 -23.65 16.94 57.88
CA LEU H 152 -22.45 16.35 58.49
C LEU H 152 -21.20 17.08 58.01
N GLY H 153 -20.35 17.52 58.92
CA GLY H 153 -19.24 18.38 58.57
C GLY H 153 -17.99 17.67 58.08
N TRP H 154 -17.99 16.33 58.07
CA TRP H 154 -16.78 15.59 57.78
C TRP H 154 -16.57 15.35 56.28
N GLY H 155 -17.52 15.78 55.48
CA GLY H 155 -17.39 15.69 54.03
C GLY H 155 -16.55 16.83 53.48
N SER H 156 -16.42 16.80 52.15
CA SER H 156 -15.58 17.69 51.37
C SER H 156 -16.36 18.82 50.75
N VAL H 157 -15.84 20.04 50.87
CA VAL H 157 -16.49 21.18 50.23
C VAL H 157 -16.57 20.90 48.72
N VAL H 158 -15.51 20.33 48.16
CA VAL H 158 -15.45 19.98 46.75
C VAL H 158 -16.31 18.76 46.42
N GLY H 159 -16.07 17.63 47.09
CA GLY H 159 -16.76 16.38 46.77
C GLY H 159 -18.27 16.52 46.86
N ASN H 160 -18.74 17.22 47.90
CA ASN H 160 -20.16 17.44 48.07
C ASN H 160 -20.71 18.20 46.86
N THR H 161 -20.02 19.27 46.45
CA THR H 161 -20.46 20.07 45.32
C THR H 161 -20.53 19.18 44.08
N LEU H 162 -19.54 18.30 43.93
CA LEU H 162 -19.46 17.48 42.72
C LEU H 162 -20.58 16.45 42.62
N ASP H 163 -21.30 16.14 43.72
CA ASP H 163 -22.50 15.33 43.62
C ASP H 163 -23.77 16.17 43.69
N ARG H 164 -23.62 17.50 43.53
CA ARG H 164 -24.67 18.49 43.67
C ARG H 164 -25.36 18.37 45.03
N GLY H 165 -24.52 18.22 46.06
CA GLY H 165 -24.94 18.32 47.44
C GLY H 165 -25.37 19.75 47.80
N VAL H 166 -26.01 19.85 48.95
CA VAL H 166 -26.71 21.05 49.36
C VAL H 166 -26.53 21.29 50.85
N GLY H 167 -26.68 22.57 51.20
CA GLY H 167 -26.77 23.04 52.57
C GLY H 167 -27.99 23.94 52.73
N TYR H 168 -28.00 24.77 53.79
CA TYR H 168 -29.26 25.35 54.25
C TYR H 168 -29.16 26.85 54.54
N THR H 169 -28.02 27.48 54.25
CA THR H 169 -27.89 28.93 54.36
C THR H 169 -28.42 29.50 53.05
N PRO H 170 -28.42 30.83 52.86
CA PRO H 170 -28.75 31.41 51.56
C PRO H 170 -27.85 30.93 50.42
N TYR H 171 -26.65 30.39 50.76
CA TYR H 171 -25.73 29.84 49.77
C TYR H 171 -25.84 28.30 49.70
N GLY H 172 -27.04 27.77 49.95
CA GLY H 172 -27.25 26.34 50.08
C GLY H 172 -27.12 25.54 48.78
N ASP H 173 -27.26 26.19 47.62
CA ASP H 173 -27.04 25.54 46.34
C ASP H 173 -25.54 25.58 46.02
N HIS H 174 -24.83 24.52 46.42
CA HIS H 174 -23.36 24.53 46.31
C HIS H 174 -22.91 24.76 44.89
N PHE H 175 -23.47 24.02 43.92
CA PHE H 175 -23.06 24.15 42.54
C PHE H 175 -23.25 25.58 42.04
N MET H 176 -24.30 26.26 42.46
CA MET H 176 -24.54 27.63 42.05
C MET H 176 -23.34 28.51 42.41
N TRP H 177 -22.75 28.29 43.60
CA TRP H 177 -21.71 29.17 44.08
C TRP H 177 -20.30 28.69 43.70
N GLN H 178 -20.21 27.46 43.17
CA GLN H 178 -18.96 26.98 42.61
C GLN H 178 -18.54 27.91 41.48
N THR H 179 -17.26 28.29 41.49
CA THR H 179 -16.71 29.25 40.56
C THR H 179 -15.27 28.82 40.24
N GLY H 180 -15.10 28.19 39.07
CA GLY H 180 -13.84 27.69 38.57
C GLY H 180 -13.53 26.28 39.08
N LEU H 181 -12.96 25.45 38.20
CA LEU H 181 -12.38 24.21 38.65
C LEU H 181 -11.21 23.82 37.74
N GLU H 182 -10.38 22.93 38.29
CA GLU H 182 -9.32 22.25 37.55
C GLU H 182 -9.64 20.77 37.54
N VAL H 183 -9.52 20.16 36.36
CA VAL H 183 -9.96 18.78 36.18
C VAL H 183 -8.96 18.06 35.27
N VAL H 184 -8.66 16.82 35.66
CA VAL H 184 -7.92 15.89 34.83
C VAL H 184 -8.94 15.09 34.04
N LEU H 185 -8.85 15.23 32.72
CA LEU H 185 -9.78 14.59 31.82
C LEU H 185 -9.40 13.12 31.64
N PRO H 186 -10.29 12.29 31.06
CA PRO H 186 -10.15 10.84 31.20
C PRO H 186 -8.92 10.19 30.56
N GLN H 187 -8.19 10.91 29.69
CA GLN H 187 -6.91 10.37 29.20
C GLN H 187 -5.70 11.04 29.83
N GLY H 188 -5.93 11.90 30.81
CA GLY H 188 -4.83 12.39 31.64
C GLY H 188 -4.45 13.86 31.37
N GLU H 189 -5.13 14.53 30.44
CA GLU H 189 -4.87 15.94 30.19
C GLU H 189 -5.55 16.79 31.26
N VAL H 190 -4.96 17.95 31.55
CA VAL H 190 -5.48 18.82 32.59
C VAL H 190 -6.05 20.11 31.97
N MET H 191 -7.19 20.56 32.54
CA MET H 191 -7.90 21.73 32.03
C MET H 191 -8.41 22.55 33.19
N ARG H 192 -8.41 23.88 33.03
CA ARG H 192 -9.10 24.78 33.95
C ARG H 192 -10.31 25.42 33.28
N THR H 193 -11.42 25.52 34.02
CA THR H 193 -12.62 26.14 33.48
C THR H 193 -12.64 27.64 33.76
N GLY H 194 -13.55 28.32 33.04
CA GLY H 194 -13.89 29.71 33.33
C GLY H 194 -12.70 30.65 33.09
N MET H 195 -12.50 31.59 34.02
CA MET H 195 -11.42 32.53 33.86
C MET H 195 -10.09 31.89 34.22
N GLY H 196 -10.12 30.66 34.77
CA GLY H 196 -8.90 29.90 34.98
C GLY H 196 -8.21 29.51 33.67
N ALA H 197 -8.98 29.49 32.57
CA ALA H 197 -8.43 29.18 31.26
C ALA H 197 -7.68 30.38 30.65
N LEU H 198 -7.80 31.57 31.26
CA LEU H 198 -7.12 32.78 30.83
C LEU H 198 -5.88 32.95 31.70
N PRO H 199 -4.67 32.64 31.22
CA PRO H 199 -3.48 32.72 32.05
C PRO H 199 -3.33 34.08 32.72
N GLY H 200 -3.10 34.08 34.04
CA GLY H 200 -2.86 35.28 34.80
C GLY H 200 -4.12 36.02 35.23
N SER H 201 -5.32 35.50 34.89
CA SER H 201 -6.54 36.16 35.33
C SER H 201 -6.68 36.01 36.84
N ASP H 202 -7.11 37.11 37.49
CA ASP H 202 -7.44 37.09 38.91
C ASP H 202 -8.92 36.77 39.16
N ALA H 203 -9.63 36.33 38.11
CA ALA H 203 -11.08 36.24 38.18
C ALA H 203 -11.57 34.79 38.15
N TRP H 204 -10.69 33.81 38.40
CA TRP H 204 -11.13 32.42 38.38
C TRP H 204 -12.28 32.15 39.36
N GLN H 205 -12.22 32.77 40.54
CA GLN H 205 -13.24 32.60 41.56
C GLN H 205 -14.22 33.76 41.63
N LEU H 206 -14.19 34.65 40.62
CA LEU H 206 -15.04 35.82 40.57
C LEU H 206 -16.15 35.70 39.51
N PHE H 207 -15.84 35.07 38.38
CA PHE H 207 -16.76 35.03 37.26
C PHE H 207 -16.80 33.61 36.73
N PRO H 208 -17.91 32.88 36.91
CA PRO H 208 -17.90 31.44 36.65
C PRO H 208 -17.81 31.02 35.19
N TYR H 209 -18.31 31.85 34.26
CA TYR H 209 -18.63 31.33 32.93
C TYR H 209 -17.42 31.31 32.01
N GLY H 210 -16.51 32.29 32.11
CA GLY H 210 -15.44 32.45 31.14
C GLY H 210 -15.99 32.81 29.75
N PHE H 211 -15.51 32.12 28.71
CA PHE H 211 -15.94 32.37 27.33
C PHE H 211 -16.31 31.05 26.68
N GLY H 212 -17.38 31.07 25.87
CA GLY H 212 -17.75 29.88 25.10
C GLY H 212 -18.67 28.99 25.93
N PRO H 213 -18.96 27.76 25.46
CA PRO H 213 -19.86 26.86 26.16
C PRO H 213 -19.41 26.64 27.61
N PHE H 214 -20.37 26.67 28.54
CA PHE H 214 -20.10 26.63 29.96
C PHE H 214 -20.13 25.17 30.45
N PRO H 215 -18.97 24.58 30.81
CA PRO H 215 -18.85 23.14 31.00
C PRO H 215 -18.91 22.65 32.44
N ASP H 216 -18.84 23.54 33.45
CA ASP H 216 -18.61 23.08 34.80
C ASP H 216 -19.66 22.08 35.28
N GLY H 217 -20.92 22.29 34.87
CA GLY H 217 -21.99 21.40 35.32
C GLY H 217 -21.82 19.97 34.80
N MET H 218 -21.04 19.81 33.72
CA MET H 218 -20.80 18.51 33.14
C MET H 218 -19.85 17.67 34.00
N PHE H 219 -19.23 18.29 35.02
CA PHE H 219 -18.35 17.58 35.95
C PHE H 219 -19.04 17.32 37.28
N THR H 220 -20.35 17.57 37.36
CA THR H 220 -21.11 17.21 38.55
C THR H 220 -22.01 16.01 38.25
N GLN H 221 -22.13 15.12 39.24
CA GLN H 221 -22.79 13.83 39.10
C GLN H 221 -22.29 13.16 37.80
N SER H 222 -20.97 13.13 37.65
CA SER H 222 -20.37 12.91 36.34
C SER H 222 -19.23 11.90 36.41
N ASN H 223 -18.86 11.36 35.25
CA ASN H 223 -17.66 10.54 35.17
C ASN H 223 -16.76 11.03 34.03
N LEU H 224 -16.63 12.36 33.91
CA LEU H 224 -15.86 12.95 32.83
C LEU H 224 -14.49 13.44 33.28
N GLY H 225 -14.10 13.21 34.53
CA GLY H 225 -12.76 13.60 34.95
C GLY H 225 -12.54 13.48 36.45
N ILE H 226 -11.32 13.81 36.86
CA ILE H 226 -10.94 13.88 38.25
C ILE H 226 -10.61 15.32 38.59
N VAL H 227 -11.45 15.92 39.44
CA VAL H 227 -11.28 17.31 39.82
C VAL H 227 -10.17 17.41 40.87
N THR H 228 -9.29 18.41 40.66
CA THR H 228 -8.13 18.59 41.52
C THR H 228 -8.15 19.91 42.29
N LYS H 229 -8.92 20.88 41.82
CA LYS H 229 -9.08 22.18 42.49
C LYS H 229 -10.48 22.68 42.17
N MET H 230 -11.07 23.41 43.12
CA MET H 230 -12.39 23.99 42.89
C MET H 230 -12.51 25.25 43.71
N GLY H 231 -13.08 26.30 43.08
CA GLY H 231 -13.40 27.52 43.81
C GLY H 231 -14.87 27.58 44.21
N ILE H 232 -15.15 28.31 45.29
CA ILE H 232 -16.51 28.51 45.72
C ILE H 232 -16.65 29.87 46.39
N ALA H 233 -17.75 30.56 46.07
CA ALA H 233 -18.06 31.81 46.73
C ALA H 233 -18.46 31.57 48.17
N LEU H 234 -18.12 32.54 49.05
CA LEU H 234 -18.48 32.49 50.47
C LEU H 234 -19.21 33.76 50.85
N MET H 235 -20.34 33.58 51.54
CA MET H 235 -21.19 34.69 51.96
C MET H 235 -20.59 35.37 53.19
N GLN H 236 -20.77 36.69 53.30
CA GLN H 236 -20.45 37.40 54.53
C GLN H 236 -21.41 36.99 55.64
N ARG H 237 -20.87 36.79 56.84
CA ARG H 237 -21.70 36.45 57.99
C ARG H 237 -22.54 37.67 58.38
N PRO H 238 -23.88 37.53 58.50
CA PRO H 238 -24.75 38.61 58.95
C PRO H 238 -24.45 39.02 60.39
N PRO H 239 -24.92 40.20 60.83
CA PRO H 239 -24.60 40.68 62.18
C PRO H 239 -25.23 39.88 63.30
N ALA H 240 -26.37 39.23 63.03
CA ALA H 240 -27.08 38.41 64.02
C ALA H 240 -27.89 37.34 63.28
N SER H 241 -28.31 36.32 64.04
CA SER H 241 -29.18 35.30 63.49
C SER H 241 -30.05 34.72 64.60
N GLN H 242 -31.17 34.13 64.21
CA GLN H 242 -32.10 33.50 65.14
C GLN H 242 -32.72 32.33 64.43
N SER H 243 -32.75 31.17 65.09
CA SER H 243 -33.39 30.00 64.51
C SER H 243 -34.69 29.72 65.24
N PHE H 244 -35.58 28.99 64.58
CA PHE H 244 -36.88 28.72 65.18
C PHE H 244 -37.38 27.36 64.71
N LEU H 245 -38.26 26.79 65.53
CA LEU H 245 -38.99 25.56 65.29
C LEU H 245 -40.48 25.86 65.36
N ILE H 246 -41.22 25.31 64.40
CA ILE H 246 -42.67 25.30 64.48
C ILE H 246 -43.09 23.83 64.50
N THR H 247 -43.80 23.41 65.55
CA THR H 247 -44.38 22.08 65.60
C THR H 247 -45.83 22.12 65.12
N PHE H 248 -46.19 21.15 64.27
CA PHE H 248 -47.55 20.97 63.77
C PHE H 248 -48.02 19.57 64.16
N ASP H 249 -49.20 19.49 64.75
CA ASP H 249 -49.64 18.30 65.46
C ASP H 249 -50.10 17.19 64.50
N LYS H 250 -50.68 17.53 63.36
CA LYS H 250 -51.40 16.54 62.57
C LYS H 250 -50.65 16.19 61.29
N GLU H 251 -50.70 14.90 60.94
CA GLU H 251 -50.19 14.43 59.66
C GLU H 251 -50.70 15.27 58.51
N GLU H 252 -52.00 15.60 58.54
CA GLU H 252 -52.65 16.22 57.39
C GLU H 252 -52.32 17.71 57.32
N ASP H 253 -51.63 18.27 58.33
CA ASP H 253 -51.24 19.67 58.29
C ASP H 253 -50.26 19.95 57.15
N LEU H 254 -49.57 18.91 56.64
CA LEU H 254 -48.55 19.09 55.61
C LEU H 254 -49.09 19.95 54.46
N GLU H 255 -50.33 19.71 54.02
CA GLU H 255 -50.87 20.43 52.87
C GLU H 255 -50.82 21.94 53.10
N GLN H 256 -51.34 22.36 54.26
CA GLN H 256 -51.37 23.78 54.56
C GLN H 256 -49.97 24.35 54.82
N ILE H 257 -49.10 23.56 55.44
CA ILE H 257 -47.74 24.03 55.74
C ILE H 257 -47.02 24.37 54.44
N VAL H 258 -47.07 23.48 53.44
CA VAL H 258 -46.38 23.69 52.19
C VAL H 258 -46.97 24.89 51.46
N ASP H 259 -48.31 25.03 51.48
CA ASP H 259 -48.91 26.11 50.75
C ASP H 259 -48.60 27.48 51.36
N ILE H 260 -48.27 27.52 52.66
CA ILE H 260 -47.80 28.74 53.30
C ILE H 260 -46.28 28.92 53.09
N MET H 261 -45.50 27.84 53.17
CA MET H 261 -44.06 27.89 52.97
C MET H 261 -43.69 28.60 51.65
N LEU H 262 -44.30 28.20 50.53
CA LEU H 262 -43.88 28.69 49.21
C LEU H 262 -43.93 30.22 49.13
N PRO H 263 -45.06 30.91 49.38
CA PRO H 263 -45.09 32.36 49.25
C PRO H 263 -44.16 33.12 50.22
N LEU H 264 -43.81 32.49 51.35
CA LEU H 264 -42.91 33.11 52.30
C LEU H 264 -41.45 32.92 51.87
N ARG H 265 -41.18 32.01 50.91
CA ARG H 265 -39.82 31.68 50.50
C ARG H 265 -39.46 32.26 49.13
N ILE H 266 -40.42 32.36 48.21
CA ILE H 266 -40.10 32.57 46.79
C ILE H 266 -39.34 33.87 46.54
N ASN H 267 -39.56 34.90 47.37
CA ASN H 267 -38.86 36.17 47.26
C ASN H 267 -37.65 36.24 48.20
N MET H 268 -37.28 35.13 48.84
CA MET H 268 -36.13 35.00 49.74
C MET H 268 -36.34 35.79 51.03
N ALA H 269 -37.61 36.09 51.31
CA ALA H 269 -37.97 36.75 52.56
C ALA H 269 -39.46 36.63 52.76
N PRO H 270 -39.99 36.44 53.99
CA PRO H 270 -39.23 36.38 55.24
C PRO H 270 -38.44 35.10 55.49
N LEU H 271 -38.64 34.05 54.69
CA LEU H 271 -37.85 32.83 54.83
C LEU H 271 -36.56 33.01 54.04
N GLN H 272 -35.53 33.42 54.77
CA GLN H 272 -34.24 33.78 54.16
C GLN H 272 -33.34 32.56 53.96
N ASN H 273 -33.53 31.51 54.74
CA ASN H 273 -32.73 30.29 54.59
C ASN H 273 -33.57 29.23 53.91
N VAL H 274 -32.97 28.06 53.71
CA VAL H 274 -33.69 26.94 53.12
C VAL H 274 -34.67 26.39 54.14
N PRO H 275 -36.00 26.48 53.89
CA PRO H 275 -36.96 25.91 54.83
C PRO H 275 -36.94 24.39 54.85
N VAL H 276 -36.93 23.79 56.05
CA VAL H 276 -36.97 22.35 56.16
C VAL H 276 -38.12 21.93 57.10
N LEU H 277 -38.87 20.93 56.64
CA LEU H 277 -39.96 20.35 57.43
C LEU H 277 -39.68 18.87 57.64
N ARG H 278 -39.46 18.48 58.89
CA ARG H 278 -39.01 17.13 59.23
C ARG H 278 -40.13 16.42 60.03
N ASN H 279 -40.38 15.15 59.74
CA ASN H 279 -41.44 14.45 60.47
C ASN H 279 -40.90 13.90 61.80
N ILE H 280 -41.84 13.43 62.63
CA ILE H 280 -41.52 13.01 63.98
C ILE H 280 -40.53 11.85 63.98
N PHE H 281 -40.63 10.94 63.00
CA PHE H 281 -39.69 9.83 62.93
C PHE H 281 -38.26 10.32 62.76
N MET H 282 -38.09 11.31 61.88
CA MET H 282 -36.76 11.82 61.59
C MET H 282 -36.19 12.50 62.83
N ASP H 283 -37.00 13.32 63.52
CA ASP H 283 -36.52 14.04 64.69
C ASP H 283 -36.32 13.11 65.87
N ALA H 284 -37.21 12.10 66.05
CA ALA H 284 -37.03 11.14 67.12
C ALA H 284 -35.72 10.36 66.93
N ALA H 285 -35.42 9.97 65.69
CA ALA H 285 -34.27 9.13 65.46
C ALA H 285 -32.97 9.88 65.78
N ALA H 286 -33.00 11.21 65.67
CA ALA H 286 -31.84 12.03 65.97
C ALA H 286 -31.47 12.02 67.45
N VAL H 287 -32.42 11.61 68.33
CA VAL H 287 -32.25 11.79 69.76
C VAL H 287 -32.59 10.53 70.55
N SER H 288 -33.00 9.43 69.90
CA SER H 288 -33.54 8.29 70.61
C SER H 288 -33.46 7.04 69.74
N LYS H 289 -33.57 5.86 70.38
CA LYS H 289 -33.62 4.59 69.67
C LYS H 289 -35.06 4.14 69.49
N ARG H 290 -35.30 3.34 68.43
CA ARG H 290 -36.64 2.91 68.08
C ARG H 290 -37.29 2.18 69.25
N THR H 291 -36.50 1.35 69.93
CA THR H 291 -37.00 0.51 71.02
C THR H 291 -37.46 1.34 72.23
N GLU H 292 -37.05 2.61 72.34
CA GLU H 292 -37.61 3.46 73.38
C GLU H 292 -39.13 3.57 73.22
N TRP H 293 -39.60 3.48 71.98
CA TRP H 293 -40.99 3.78 71.64
C TRP H 293 -41.77 2.51 71.33
N PHE H 294 -41.12 1.52 70.71
CA PHE H 294 -41.81 0.33 70.25
C PHE H 294 -40.80 -0.79 70.05
N ASP H 295 -41.08 -1.98 70.60
CA ASP H 295 -40.13 -3.08 70.49
C ASP H 295 -40.79 -4.28 69.81
N GLY H 296 -41.87 -4.03 69.07
CA GLY H 296 -42.59 -5.10 68.40
C GLY H 296 -42.15 -5.26 66.95
N ASP H 297 -42.91 -6.05 66.20
CA ASP H 297 -42.66 -6.25 64.79
C ASP H 297 -43.57 -5.29 64.02
N GLY H 298 -43.06 -4.87 62.85
CA GLY H 298 -43.86 -4.15 61.88
C GLY H 298 -43.84 -2.65 62.13
N PRO H 299 -44.66 -1.88 61.37
CA PRO H 299 -44.68 -0.44 61.50
C PRO H 299 -45.01 0.01 62.92
N MET H 300 -44.52 1.18 63.30
CA MET H 300 -44.81 1.69 64.62
C MET H 300 -46.29 2.04 64.70
N PRO H 301 -47.02 1.60 65.75
CA PRO H 301 -48.44 1.94 65.89
C PRO H 301 -48.69 3.40 66.27
N ALA H 302 -49.92 3.85 66.01
CA ALA H 302 -50.32 5.23 66.24
C ALA H 302 -50.02 5.66 67.68
N GLU H 303 -50.24 4.77 68.64
CA GLU H 303 -50.09 5.11 70.05
C GLU H 303 -48.62 5.42 70.37
N ALA H 304 -47.71 4.70 69.72
CA ALA H 304 -46.28 4.93 69.92
C ALA H 304 -45.85 6.26 69.28
N ILE H 305 -46.44 6.61 68.13
CA ILE H 305 -46.16 7.89 67.48
C ILE H 305 -46.61 9.01 68.40
N GLU H 306 -47.78 8.89 69.02
CA GLU H 306 -48.27 9.92 69.93
C GLU H 306 -47.31 10.05 71.12
N ARG H 307 -46.76 8.93 71.60
CA ARG H 307 -45.80 8.97 72.71
C ARG H 307 -44.51 9.71 72.33
N MET H 308 -44.00 9.46 71.10
CA MET H 308 -42.84 10.20 70.62
C MET H 308 -43.13 11.71 70.65
N LYS H 309 -44.27 12.11 70.09
CA LYS H 309 -44.65 13.51 70.05
C LYS H 309 -44.72 14.11 71.45
N LYS H 310 -45.37 13.41 72.38
CA LYS H 310 -45.60 13.96 73.70
C LYS H 310 -44.29 14.05 74.49
N ASP H 311 -43.50 12.98 74.45
CA ASP H 311 -42.28 12.92 75.24
C ASP H 311 -41.25 13.92 74.72
N LEU H 312 -41.18 14.11 73.39
CA LEU H 312 -40.21 15.03 72.81
C LEU H 312 -40.78 16.44 72.65
N ASP H 313 -42.07 16.62 72.91
CA ASP H 313 -42.74 17.91 72.72
C ASP H 313 -42.54 18.39 71.29
N LEU H 314 -42.79 17.48 70.35
CA LEU H 314 -42.71 17.77 68.92
C LEU H 314 -44.04 17.43 68.25
N GLY H 315 -44.19 17.92 67.01
CA GLY H 315 -45.36 17.60 66.21
C GLY H 315 -45.08 16.43 65.29
N PHE H 316 -46.08 16.04 64.49
CA PHE H 316 -45.86 15.11 63.40
C PHE H 316 -44.93 15.74 62.36
N TRP H 317 -45.11 17.03 62.12
CA TRP H 317 -44.29 17.81 61.21
C TRP H 317 -43.63 18.95 61.96
N ASN H 318 -42.31 19.11 61.78
CA ASN H 318 -41.52 20.07 62.53
C ASN H 318 -40.73 20.96 61.57
N PHE H 319 -41.08 22.25 61.54
CA PHE H 319 -40.48 23.21 60.63
C PHE H 319 -39.30 23.90 61.30
N TYR H 320 -38.18 23.98 60.59
CA TYR H 320 -36.98 24.64 61.10
C TYR H 320 -36.53 25.70 60.12
N GLY H 321 -36.28 26.91 60.64
CA GLY H 321 -35.79 28.00 59.82
C GLY H 321 -34.81 28.87 60.59
N THR H 322 -34.07 29.70 59.86
CA THR H 322 -33.13 30.64 60.44
C THR H 322 -33.30 31.98 59.75
N LEU H 323 -33.24 33.04 60.54
CA LEU H 323 -33.33 34.41 60.08
C LEU H 323 -31.99 35.09 60.33
N TYR H 324 -31.70 36.08 59.49
CA TYR H 324 -30.42 36.76 59.55
C TYR H 324 -30.59 38.26 59.37
N GLY H 325 -29.78 39.03 60.07
CA GLY H 325 -29.72 40.46 59.84
C GLY H 325 -29.71 41.19 61.17
N PRO H 326 -29.91 42.52 61.12
CA PRO H 326 -30.11 43.29 62.32
C PRO H 326 -31.28 42.78 63.13
N PRO H 327 -31.25 42.84 64.48
CA PRO H 327 -32.36 42.40 65.30
C PRO H 327 -33.74 42.88 64.84
N PRO H 328 -33.95 44.16 64.44
CA PRO H 328 -35.26 44.61 63.98
C PRO H 328 -35.78 43.87 62.74
N LEU H 329 -34.87 43.51 61.83
CA LEU H 329 -35.24 42.77 60.63
C LEU H 329 -35.68 41.37 61.01
N ILE H 330 -34.90 40.70 61.87
CA ILE H 330 -35.24 39.37 62.37
C ILE H 330 -36.63 39.42 63.02
N GLU H 331 -36.87 40.42 63.88
CA GLU H 331 -38.15 40.52 64.58
C GLU H 331 -39.30 40.65 63.59
N MET H 332 -39.14 41.49 62.57
CA MET H 332 -40.18 41.72 61.59
C MET H 332 -40.49 40.42 60.83
N TYR H 333 -39.44 39.73 60.36
CA TYR H 333 -39.63 38.51 59.59
C TYR H 333 -40.28 37.42 60.46
N TYR H 334 -39.82 37.30 61.71
CA TYR H 334 -40.35 36.29 62.61
C TYR H 334 -41.84 36.55 62.85
N GLY H 335 -42.21 37.82 63.03
CA GLY H 335 -43.61 38.19 63.20
C GLY H 335 -44.46 37.78 62.01
N MET H 336 -43.95 37.96 60.80
CA MET H 336 -44.67 37.58 59.58
C MET H 336 -44.86 36.06 59.52
N ILE H 337 -43.80 35.33 59.87
CA ILE H 337 -43.82 33.87 59.83
C ILE H 337 -44.82 33.34 60.86
N LYS H 338 -44.82 33.92 62.08
CA LYS H 338 -45.74 33.49 63.12
C LYS H 338 -47.18 33.76 62.71
N GLU H 339 -47.43 34.92 62.10
CA GLU H 339 -48.77 35.30 61.68
C GLU H 339 -49.29 34.31 60.64
N ALA H 340 -48.42 33.92 59.70
CA ALA H 340 -48.84 33.07 58.59
C ALA H 340 -49.05 31.63 59.04
N PHE H 341 -48.05 31.03 59.70
CA PHE H 341 -48.16 29.62 60.08
C PHE H 341 -49.12 29.44 61.26
N GLY H 342 -49.31 30.50 62.05
CA GLY H 342 -50.21 30.48 63.18
C GLY H 342 -51.68 30.31 62.78
N LYS H 343 -51.99 30.37 61.48
CA LYS H 343 -53.34 30.08 61.01
C LYS H 343 -53.65 28.59 61.08
N ILE H 344 -52.63 27.73 61.23
CA ILE H 344 -52.86 26.31 61.36
C ILE H 344 -53.11 26.01 62.84
N PRO H 345 -54.31 25.51 63.22
CA PRO H 345 -54.55 25.21 64.63
C PRO H 345 -53.53 24.22 65.19
N GLY H 346 -53.01 24.54 66.37
CA GLY H 346 -52.08 23.65 67.06
C GLY H 346 -50.62 23.95 66.76
N ALA H 347 -50.32 24.92 65.88
CA ALA H 347 -48.93 25.28 65.60
C ALA H 347 -48.31 25.90 66.85
N ARG H 348 -47.07 25.48 67.19
CA ARG H 348 -46.37 26.05 68.33
C ARG H 348 -44.98 26.49 67.88
N PHE H 349 -44.54 27.62 68.41
CA PHE H 349 -43.32 28.27 67.95
C PHE H 349 -42.30 28.32 69.09
N PHE H 350 -41.04 28.07 68.72
CA PHE H 350 -39.93 28.11 69.67
C PHE H 350 -38.70 28.67 68.97
N THR H 351 -38.00 29.60 69.64
CA THR H 351 -36.70 30.05 69.13
C THR H 351 -35.62 29.14 69.70
N HIS H 352 -34.41 29.27 69.16
CA HIS H 352 -33.30 28.44 69.57
C HIS H 352 -32.91 28.74 71.01
N GLU H 353 -33.42 29.82 71.58
CA GLU H 353 -33.18 30.14 72.99
C GLU H 353 -34.22 29.49 73.91
N GLU H 354 -35.25 28.82 73.37
CA GLU H 354 -36.40 28.43 74.19
C GLU H 354 -36.55 26.91 74.32
N ARG H 355 -35.58 26.13 73.81
CA ARG H 355 -35.68 24.68 73.87
C ARG H 355 -34.33 24.04 74.25
N ASP H 356 -34.16 23.67 75.52
CA ASP H 356 -32.94 22.98 75.94
C ASP H 356 -33.21 21.51 76.28
N ASP H 357 -34.38 20.99 75.87
CA ASP H 357 -34.79 19.65 76.20
C ASP H 357 -34.30 18.73 75.08
N ARG H 358 -34.49 17.42 75.29
CA ARG H 358 -34.03 16.44 74.33
C ARG H 358 -34.67 16.69 72.96
N GLY H 359 -35.98 17.01 72.96
CA GLY H 359 -36.69 17.24 71.72
C GLY H 359 -36.15 18.44 70.93
N GLY H 360 -35.56 19.40 71.65
CA GLY H 360 -35.00 20.59 71.05
C GLY H 360 -33.59 20.39 70.49
N HIS H 361 -33.04 19.17 70.60
CA HIS H 361 -31.69 18.92 70.12
C HIS H 361 -31.58 19.12 68.60
N VAL H 362 -32.63 18.78 67.85
CA VAL H 362 -32.58 19.00 66.41
C VAL H 362 -32.56 20.50 66.12
N LEU H 363 -33.41 21.28 66.79
CA LEU H 363 -33.39 22.73 66.64
C LEU H 363 -31.96 23.28 66.85
N GLN H 364 -31.27 22.81 67.89
CA GLN H 364 -29.94 23.30 68.20
C GLN H 364 -28.95 22.95 67.09
N ASP H 365 -29.14 21.75 66.51
CA ASP H 365 -28.28 21.32 65.42
C ASP H 365 -28.55 22.16 64.16
N ARG H 366 -29.82 22.41 63.85
CA ARG H 366 -30.15 23.23 62.68
C ARG H 366 -29.60 24.63 62.85
N HIS H 367 -29.63 25.16 64.08
CA HIS H 367 -29.10 26.49 64.31
C HIS H 367 -27.61 26.55 63.95
N LYS H 368 -26.85 25.50 64.26
CA LYS H 368 -25.47 25.40 63.86
C LYS H 368 -25.35 25.33 62.34
N ILE H 369 -26.00 24.33 61.73
CA ILE H 369 -25.86 24.07 60.31
C ILE H 369 -26.27 25.33 59.49
N ASN H 370 -27.37 25.97 59.88
CA ASN H 370 -27.90 27.13 59.16
C ASN H 370 -27.03 28.37 59.33
N ASN H 371 -26.05 28.30 60.25
CA ASN H 371 -25.10 29.36 60.49
C ASN H 371 -23.70 28.96 60.03
N GLY H 372 -23.59 27.90 59.21
CA GLY H 372 -22.29 27.49 58.70
C GLY H 372 -21.35 26.96 59.78
N ILE H 373 -21.93 26.38 60.86
CA ILE H 373 -21.15 25.79 61.92
C ILE H 373 -21.28 24.28 61.77
N PRO H 374 -20.22 23.59 61.30
CA PRO H 374 -20.34 22.17 61.01
C PRO H 374 -20.55 21.33 62.26
N SER H 375 -21.19 20.18 62.05
CA SER H 375 -21.67 19.33 63.13
C SER H 375 -21.61 17.88 62.71
N LEU H 376 -21.50 16.96 63.69
CA LEU H 376 -21.72 15.55 63.46
C LEU H 376 -22.87 15.02 64.31
N ASP H 377 -23.70 15.91 64.86
CA ASP H 377 -24.77 15.47 65.75
C ASP H 377 -25.70 14.49 65.06
N GLU H 378 -25.92 14.68 63.75
CA GLU H 378 -26.89 13.86 63.04
C GLU H 378 -26.44 12.41 62.86
N LEU H 379 -25.18 12.07 63.15
CA LEU H 379 -24.77 10.68 63.13
C LEU H 379 -25.60 9.85 64.12
N GLN H 380 -26.16 10.49 65.15
CA GLN H 380 -26.97 9.78 66.13
C GLN H 380 -28.19 9.10 65.47
N LEU H 381 -28.67 9.62 64.33
CA LEU H 381 -29.75 8.98 63.57
C LEU H 381 -29.48 7.49 63.38
N LEU H 382 -28.22 7.12 63.15
CA LEU H 382 -27.90 5.74 62.80
C LEU H 382 -28.00 4.81 64.01
N ASP H 383 -28.15 5.37 65.23
CA ASP H 383 -28.38 4.54 66.40
C ASP H 383 -29.86 4.17 66.57
N TRP H 384 -30.73 4.55 65.63
CA TRP H 384 -32.15 4.22 65.71
C TRP H 384 -32.37 2.72 65.85
N VAL H 385 -31.53 1.94 65.14
CA VAL H 385 -31.53 0.49 65.22
C VAL H 385 -30.08 0.04 65.22
N PRO H 386 -29.76 -1.17 65.72
CA PRO H 386 -28.38 -1.64 65.72
C PRO H 386 -27.83 -1.77 64.30
N ASN H 387 -26.51 -1.54 64.18
CA ASN H 387 -25.82 -1.59 62.92
C ASN H 387 -26.50 -0.68 61.90
N GLY H 388 -26.94 0.49 62.37
CA GLY H 388 -27.79 1.34 61.54
C GLY H 388 -27.05 1.89 60.34
N GLY H 389 -27.73 1.87 59.18
CA GLY H 389 -27.34 2.59 57.98
C GLY H 389 -28.57 3.24 57.36
N HIS H 390 -28.34 4.12 56.38
CA HIS H 390 -29.47 4.71 55.68
C HIS H 390 -29.21 4.75 54.17
N ILE H 391 -30.30 4.85 53.42
CA ILE H 391 -30.26 5.20 52.02
C ILE H 391 -31.12 6.44 51.82
N GLY H 392 -30.68 7.33 50.93
CA GLY H 392 -31.43 8.53 50.64
C GLY H 392 -32.29 8.37 49.39
N PHE H 393 -33.53 8.84 49.47
CA PHE H 393 -34.46 8.78 48.36
C PHE H 393 -35.10 10.16 48.29
N VAL H 394 -34.82 10.92 47.23
CA VAL H 394 -35.21 12.33 47.21
C VAL H 394 -35.82 12.75 45.87
N PRO H 395 -37.13 12.53 45.68
CA PRO H 395 -37.86 13.05 44.53
C PRO H 395 -38.07 14.57 44.55
N VAL H 396 -38.09 15.13 43.33
CA VAL H 396 -38.33 16.57 43.10
C VAL H 396 -39.72 16.77 42.48
N SER H 397 -40.40 17.81 42.96
CA SER H 397 -41.78 18.08 42.55
C SER H 397 -42.07 19.57 42.67
N ALA H 398 -43.32 19.97 42.35
CA ALA H 398 -43.74 21.35 42.57
C ALA H 398 -44.06 21.56 44.05
N PRO H 399 -43.79 22.78 44.59
CA PRO H 399 -44.09 23.12 45.98
C PRO H 399 -45.58 23.42 46.20
N ASP H 400 -46.34 22.35 46.16
CA ASP H 400 -47.78 22.37 46.25
C ASP H 400 -48.22 21.42 47.35
N GLY H 401 -49.13 21.86 48.23
CA GLY H 401 -49.55 21.05 49.37
C GLY H 401 -50.19 19.73 48.99
N ARG H 402 -51.01 19.73 47.95
CA ARG H 402 -51.65 18.51 47.50
C ARG H 402 -50.62 17.55 46.93
N GLU H 403 -49.63 18.05 46.19
CA GLU H 403 -48.55 17.21 45.71
C GLU H 403 -47.73 16.62 46.89
N ALA H 404 -47.53 17.42 47.95
CA ALA H 404 -46.84 16.94 49.13
C ALA H 404 -47.62 15.81 49.79
N MET H 405 -48.95 16.01 49.97
CA MET H 405 -49.77 14.97 50.57
C MET H 405 -49.72 13.69 49.74
N LYS H 406 -49.74 13.82 48.42
CA LYS H 406 -49.72 12.64 47.54
C LYS H 406 -48.42 11.85 47.76
N GLN H 407 -47.31 12.58 47.83
CA GLN H 407 -46.01 11.95 48.00
C GLN H 407 -45.87 11.29 49.37
N PHE H 408 -46.24 12.04 50.41
CA PHE H 408 -46.27 11.50 51.77
C PHE H 408 -47.01 10.16 51.81
N GLU H 409 -48.24 10.15 51.28
CA GLU H 409 -49.10 8.98 51.35
C GLU H 409 -48.50 7.81 50.58
N MET H 410 -47.99 8.06 49.37
CA MET H 410 -47.55 6.97 48.52
C MET H 410 -46.24 6.37 49.03
N VAL H 411 -45.36 7.20 49.56
CA VAL H 411 -44.09 6.70 50.08
C VAL H 411 -44.34 5.95 51.38
N ARG H 412 -45.19 6.52 52.24
CA ARG H 412 -45.48 5.87 53.52
C ARG H 412 -46.13 4.50 53.30
N ASN H 413 -47.08 4.42 52.37
CA ASN H 413 -47.74 3.18 52.03
C ASN H 413 -46.71 2.09 51.70
N ARG H 414 -45.75 2.43 50.83
CA ARG H 414 -44.77 1.47 50.37
C ARG H 414 -43.78 1.12 51.49
N ALA H 415 -43.37 2.12 52.26
CA ALA H 415 -42.47 1.86 53.40
C ALA H 415 -43.11 0.86 54.37
N ASN H 416 -44.38 1.06 54.67
CA ASN H 416 -45.13 0.18 55.57
C ASN H 416 -45.09 -1.25 55.07
N GLU H 417 -45.26 -1.45 53.76
CA GLU H 417 -45.25 -2.77 53.17
C GLU H 417 -43.93 -3.50 53.42
N TYR H 418 -42.81 -2.77 53.47
CA TYR H 418 -41.49 -3.37 53.69
C TYR H 418 -41.04 -3.26 55.14
N ASN H 419 -41.94 -2.88 56.06
CA ASN H 419 -41.58 -2.68 57.46
C ASN H 419 -40.34 -1.78 57.57
N LYS H 420 -40.42 -0.62 56.92
CA LYS H 420 -39.41 0.40 57.08
C LYS H 420 -40.10 1.66 57.54
N ASP H 421 -39.49 2.34 58.54
CA ASP H 421 -40.07 3.55 59.08
C ASP H 421 -40.00 4.65 58.02
N TYR H 422 -41.08 5.44 57.92
CA TYR H 422 -41.17 6.59 57.02
C TYR H 422 -40.50 7.76 57.72
N MET H 423 -39.20 7.91 57.47
CA MET H 423 -38.45 9.04 57.99
C MET H 423 -38.24 10.02 56.85
N ALA H 424 -38.93 11.15 56.92
CA ALA H 424 -38.93 12.03 55.78
C ALA H 424 -39.12 13.46 56.22
N GLY H 425 -38.73 14.34 55.31
CA GLY H 425 -39.04 15.74 55.41
C GLY H 425 -39.33 16.28 54.02
N PHE H 426 -39.73 17.55 54.00
CA PHE H 426 -39.91 18.29 52.77
C PHE H 426 -39.09 19.56 52.90
N THR H 427 -38.43 19.95 51.81
CA THR H 427 -37.74 21.23 51.73
C THR H 427 -38.14 21.91 50.43
N ILE H 428 -38.01 23.25 50.40
CA ILE H 428 -38.15 24.02 49.18
C ILE H 428 -36.87 24.81 48.95
N GLY H 429 -36.50 24.94 47.68
CA GLY H 429 -35.45 25.86 47.25
C GLY H 429 -35.93 27.31 47.12
N LEU H 430 -36.44 27.66 45.94
CA LEU H 430 -37.26 28.85 45.71
C LEU H 430 -38.58 28.41 45.11
N ARG H 431 -38.51 27.53 44.12
CA ARG H 431 -39.66 27.18 43.31
C ARG H 431 -39.85 25.67 43.20
N GLU H 432 -38.96 24.89 43.83
CA GLU H 432 -39.03 23.45 43.72
C GLU H 432 -39.11 22.84 45.11
N MET H 433 -39.64 21.63 45.16
CA MET H 433 -39.82 20.90 46.40
C MET H 433 -39.08 19.57 46.32
N TYR H 434 -38.46 19.22 47.44
CA TYR H 434 -37.81 17.95 47.63
C TYR H 434 -38.50 17.18 48.74
N HIS H 435 -38.74 15.90 48.48
CA HIS H 435 -39.23 14.96 49.47
C HIS H 435 -38.03 14.15 49.94
N VAL H 436 -37.44 14.56 51.08
CA VAL H 436 -36.21 13.98 51.54
C VAL H 436 -36.51 12.77 52.43
N CYS H 437 -36.40 11.55 51.87
CA CYS H 437 -36.65 10.33 52.60
C CYS H 437 -35.32 9.68 52.99
N LEU H 438 -35.18 9.33 54.27
CA LEU H 438 -34.06 8.54 54.76
C LEU H 438 -34.66 7.23 55.26
N PHE H 439 -34.20 6.09 54.78
CA PHE H 439 -34.66 4.83 55.32
C PHE H 439 -33.51 4.22 56.11
N ILE H 440 -33.73 4.01 57.41
CA ILE H 440 -32.74 3.45 58.31
C ILE H 440 -32.99 1.96 58.47
N TYR H 441 -31.91 1.16 58.46
CA TYR H 441 -32.06 -0.28 58.48
C TYR H 441 -30.82 -0.91 59.08
N ASP H 442 -30.94 -2.18 59.44
CA ASP H 442 -29.85 -2.96 59.99
C ASP H 442 -28.93 -3.46 58.86
N THR H 443 -27.74 -2.84 58.75
CA THR H 443 -26.80 -3.15 57.68
C THR H 443 -26.21 -4.55 57.79
N ALA H 444 -26.34 -5.18 58.97
CA ALA H 444 -25.76 -6.50 59.19
C ALA H 444 -26.71 -7.60 58.74
N ASP H 445 -27.98 -7.25 58.41
CA ASP H 445 -28.99 -8.22 58.08
C ASP H 445 -29.16 -8.31 56.57
N PRO H 446 -28.78 -9.41 55.90
CA PRO H 446 -28.93 -9.52 54.45
C PRO H 446 -30.35 -9.31 53.97
N GLU H 447 -31.33 -9.79 54.76
CA GLU H 447 -32.74 -9.62 54.40
C GLU H 447 -33.12 -8.14 54.40
N ALA H 448 -32.67 -7.39 55.41
CA ALA H 448 -32.98 -5.97 55.49
C ALA H 448 -32.32 -5.22 54.33
N ARG H 449 -31.10 -5.60 53.98
CA ARG H 449 -30.39 -4.98 52.85
C ARG H 449 -31.15 -5.21 51.55
N GLU H 450 -31.66 -6.44 51.36
CA GLU H 450 -32.37 -6.76 50.14
C GLU H 450 -33.73 -6.06 50.12
N GLU H 451 -34.41 -6.00 51.27
CA GLU H 451 -35.66 -5.27 51.37
C GLU H 451 -35.46 -3.81 50.99
N ILE H 452 -34.39 -3.17 51.47
CA ILE H 452 -34.13 -1.77 51.15
C ILE H 452 -33.98 -1.61 49.65
N LEU H 453 -33.20 -2.49 49.01
CA LEU H 453 -33.00 -2.44 47.57
C LEU H 453 -34.34 -2.57 46.85
N GLN H 454 -35.13 -3.58 47.20
CA GLN H 454 -36.36 -3.83 46.46
C GLN H 454 -37.39 -2.73 46.71
N MET H 455 -37.47 -2.22 47.94
CA MET H 455 -38.37 -1.15 48.28
C MET H 455 -38.01 0.12 47.50
N THR H 456 -36.72 0.47 47.47
CA THR H 456 -36.36 1.72 46.82
C THR H 456 -36.55 1.61 45.30
N LYS H 457 -36.39 0.44 44.71
CA LYS H 457 -36.67 0.27 43.29
C LYS H 457 -38.14 0.54 43.01
N VAL H 458 -39.01 0.06 43.90
CA VAL H 458 -40.44 0.35 43.74
C VAL H 458 -40.73 1.82 43.95
N LEU H 459 -40.13 2.45 44.96
CA LEU H 459 -40.33 3.88 45.19
C LEU H 459 -39.92 4.70 43.97
N VAL H 460 -38.80 4.36 43.33
CA VAL H 460 -38.33 5.07 42.15
C VAL H 460 -39.37 4.96 41.03
N ARG H 461 -39.86 3.75 40.80
CA ARG H 461 -40.87 3.50 39.76
C ARG H 461 -42.15 4.27 40.05
N GLU H 462 -42.66 4.18 41.30
CA GLU H 462 -43.94 4.78 41.63
C GLU H 462 -43.85 6.31 41.51
N ALA H 463 -42.72 6.86 41.97
CA ALA H 463 -42.48 8.29 41.88
C ALA H 463 -42.50 8.71 40.39
N ALA H 464 -41.77 7.98 39.55
CA ALA H 464 -41.68 8.31 38.13
C ALA H 464 -43.06 8.23 37.47
N GLU H 465 -43.86 7.23 37.83
CA GLU H 465 -45.21 7.08 37.29
C GLU H 465 -46.06 8.31 37.60
N ALA H 466 -45.78 8.97 38.73
CA ALA H 466 -46.49 10.15 39.17
C ALA H 466 -45.83 11.45 38.70
N GLY H 467 -44.72 11.35 37.96
CA GLY H 467 -44.06 12.51 37.37
C GLY H 467 -42.99 13.12 38.27
N TYR H 468 -42.46 12.33 39.21
CA TYR H 468 -41.41 12.78 40.11
C TYR H 468 -40.10 12.03 39.82
N GLY H 469 -39.03 12.79 39.67
CA GLY H 469 -37.72 12.21 39.45
C GLY H 469 -36.78 12.57 40.59
N GLU H 470 -35.72 11.77 40.82
CA GLU H 470 -34.83 12.04 41.94
C GLU H 470 -33.65 12.92 41.51
N TYR H 471 -33.16 13.75 42.43
CA TYR H 471 -32.12 14.71 42.15
C TYR H 471 -30.73 14.05 42.29
N ARG H 472 -30.67 12.92 43.02
CA ARG H 472 -29.42 12.28 43.38
C ARG H 472 -29.76 10.88 43.89
N THR H 473 -28.86 9.90 43.73
CA THR H 473 -29.18 8.56 44.16
C THR H 473 -27.95 7.73 44.46
N HIS H 474 -28.23 6.56 45.06
CA HIS H 474 -27.26 5.57 45.43
C HIS H 474 -26.78 4.78 44.22
N ASN H 475 -25.53 4.30 44.30
CA ASN H 475 -24.97 3.38 43.31
C ASN H 475 -25.99 2.36 42.82
N ALA H 476 -26.68 1.68 43.76
CA ALA H 476 -27.55 0.55 43.44
C ALA H 476 -28.79 0.98 42.63
N LEU H 477 -29.10 2.27 42.59
CA LEU H 477 -30.29 2.78 41.94
C LEU H 477 -29.96 3.64 40.71
N MET H 478 -28.69 3.83 40.38
CA MET H 478 -28.34 4.81 39.35
C MET H 478 -28.91 4.39 38.00
N ASP H 479 -28.84 3.12 37.64
CA ASP H 479 -29.39 2.67 36.37
C ASP H 479 -30.90 2.88 36.35
N ASP H 480 -31.56 2.51 37.44
CA ASP H 480 -33.01 2.69 37.53
C ASP H 480 -33.41 4.15 37.44
N VAL H 481 -32.72 5.04 38.16
CA VAL H 481 -33.10 6.44 38.15
C VAL H 481 -32.84 7.05 36.77
N MET H 482 -31.68 6.79 36.15
CA MET H 482 -31.43 7.37 34.84
C MET H 482 -32.47 6.88 33.83
N ALA H 483 -32.93 5.63 34.00
CA ALA H 483 -33.94 5.06 33.11
C ALA H 483 -35.27 5.83 33.18
N THR H 484 -35.57 6.54 34.29
CA THR H 484 -36.80 7.29 34.43
C THR H 484 -36.74 8.59 33.63
N PHE H 485 -35.53 9.10 33.35
CA PHE H 485 -35.39 10.38 32.64
C PHE H 485 -35.32 10.13 31.13
N ASN H 486 -36.31 9.40 30.63
CA ASN H 486 -36.24 8.82 29.30
C ASN H 486 -37.12 9.51 28.27
N TRP H 487 -37.44 10.80 28.46
CA TRP H 487 -38.14 11.55 27.43
C TRP H 487 -37.45 11.35 26.08
N GLY H 488 -38.26 11.24 25.02
CA GLY H 488 -37.74 11.16 23.66
C GLY H 488 -36.89 9.90 23.43
N ASP H 489 -37.38 8.80 23.97
CA ASP H 489 -36.79 7.50 23.86
C ASP H 489 -35.36 7.49 24.38
N GLY H 490 -35.15 8.04 25.57
CA GLY H 490 -33.87 7.98 26.25
C GLY H 490 -32.84 8.92 25.65
N ALA H 491 -33.30 10.10 25.16
CA ALA H 491 -32.42 11.04 24.49
C ALA H 491 -31.31 11.54 25.41
N LEU H 492 -31.64 11.83 26.69
CA LEU H 492 -30.67 12.44 27.59
C LEU H 492 -29.49 11.49 27.81
N LEU H 493 -29.79 10.23 28.11
CA LEU H 493 -28.72 9.25 28.32
C LEU H 493 -27.89 9.06 27.05
N LYS H 494 -28.54 9.04 25.87
CA LYS H 494 -27.79 8.87 24.63
C LYS H 494 -26.80 10.01 24.42
N PHE H 495 -27.24 11.23 24.76
CA PHE H 495 -26.36 12.40 24.71
C PHE H 495 -25.18 12.21 25.66
N HIS H 496 -25.45 11.84 26.91
CA HIS H 496 -24.39 11.66 27.88
C HIS H 496 -23.38 10.60 27.43
N GLU H 497 -23.90 9.52 26.83
CA GLU H 497 -23.03 8.43 26.38
C GLU H 497 -22.08 8.89 25.27
N LYS H 498 -22.57 9.72 24.35
CA LYS H 498 -21.75 10.21 23.25
C LYS H 498 -20.59 11.05 23.78
N ILE H 499 -20.89 11.92 24.74
CA ILE H 499 -19.87 12.74 25.36
C ILE H 499 -18.89 11.88 26.14
N LYS H 500 -19.39 10.91 26.91
CA LYS H 500 -18.52 10.02 27.67
C LYS H 500 -17.55 9.28 26.75
N ASP H 501 -18.05 8.75 25.65
CA ASP H 501 -17.20 7.95 24.78
C ASP H 501 -16.14 8.80 24.09
N ALA H 502 -16.49 10.06 23.78
CA ALA H 502 -15.57 10.98 23.14
C ALA H 502 -14.42 11.36 24.06
N LEU H 503 -14.73 11.65 25.34
CA LEU H 503 -13.72 12.09 26.28
C LEU H 503 -12.98 10.91 26.90
N ASP H 504 -13.60 9.72 26.93
CA ASP H 504 -13.10 8.54 27.64
C ASP H 504 -13.18 7.32 26.74
N PRO H 505 -12.39 7.29 25.65
CA PRO H 505 -12.46 6.20 24.68
C PRO H 505 -12.06 4.83 25.24
N ASN H 506 -11.27 4.81 26.33
CA ASN H 506 -10.87 3.56 26.96
C ASN H 506 -11.80 3.16 28.12
N GLY H 507 -12.79 4.00 28.43
CA GLY H 507 -13.81 3.64 29.42
C GLY H 507 -13.24 3.43 30.81
N ILE H 508 -12.55 4.45 31.33
CA ILE H 508 -11.76 4.36 32.56
C ILE H 508 -12.50 5.00 33.74
N ILE H 509 -13.08 6.20 33.57
CA ILE H 509 -13.52 6.96 34.74
C ILE H 509 -14.92 6.50 35.18
N ALA H 510 -15.04 6.11 36.48
CA ALA H 510 -16.26 5.74 37.19
C ALA H 510 -17.38 5.26 36.25
N PRO H 511 -17.15 4.11 35.57
CA PRO H 511 -18.19 3.58 34.69
C PRO H 511 -19.49 3.32 35.45
N GLY H 512 -20.58 3.84 34.87
CA GLY H 512 -21.90 3.60 35.44
C GLY H 512 -22.38 4.70 36.38
N LYS H 513 -21.54 5.66 36.72
CA LYS H 513 -21.98 6.81 37.51
C LYS H 513 -23.17 7.44 36.80
N SER H 514 -24.23 7.73 37.55
CA SER H 514 -25.44 8.35 37.02
C SER H 514 -26.04 7.53 35.86
N GLY H 515 -25.74 6.24 35.82
CA GLY H 515 -26.24 5.35 34.78
C GLY H 515 -25.53 5.50 33.44
N ILE H 516 -24.39 6.18 33.40
CA ILE H 516 -23.67 6.47 32.16
C ILE H 516 -22.50 5.51 32.02
N TRP H 517 -22.65 4.55 31.11
CA TRP H 517 -21.65 3.54 30.89
C TRP H 517 -20.89 3.80 29.59
N PRO H 518 -19.53 3.67 29.61
CA PRO H 518 -18.79 3.77 28.38
C PRO H 518 -19.02 2.53 27.52
N GLN H 519 -18.72 2.64 26.24
CA GLN H 519 -18.97 1.62 25.23
C GLN H 519 -18.57 0.23 25.69
N ARG H 520 -17.39 0.07 26.31
CA ARG H 520 -16.90 -1.28 26.56
C ARG H 520 -17.71 -2.02 27.62
N PHE H 521 -18.50 -1.30 28.43
CA PHE H 521 -19.30 -1.89 29.49
C PHE H 521 -20.79 -1.86 29.18
N ARG H 522 -21.18 -1.23 28.07
CA ARG H 522 -22.59 -1.02 27.82
C ARG H 522 -23.30 -2.34 27.54
N GLY H 523 -24.46 -2.53 28.18
CA GLY H 523 -25.28 -3.73 28.00
C GLY H 523 -24.68 -4.98 28.62
N GLN H 524 -24.02 -4.87 29.79
CA GLN H 524 -23.36 -6.03 30.36
C GLN H 524 -23.85 -6.39 31.77
N ASN H 525 -24.88 -5.74 32.30
CA ASN H 525 -25.46 -6.19 33.56
C ASN H 525 -24.40 -6.17 34.67
N LEU H 526 -23.69 -5.06 34.79
CA LEU H 526 -22.71 -4.89 35.86
C LEU H 526 -23.35 -4.03 36.99
#